data_8PU0
#
_entry.id   8PU0
#
_cell.length_a   1.00
_cell.length_b   1.00
_cell.length_c   1.00
_cell.angle_alpha   90.00
_cell.angle_beta   90.00
_cell.angle_gamma   90.00
#
_symmetry.space_group_name_H-M   'P 1'
#
loop_
_entity.id
_entity.type
_entity.pdbx_description
1 polymer 'Elongator complex protein 1'
2 polymer 'Elongator complex protein 2'
3 polymer 'Elongator complex protein 3'
4 polymer 'tRNA Gln'
5 non-polymer 'DESULFO-COENZYME A'
6 non-polymer 'IRON/SULFUR CLUSTER'
7 non-polymer "5'-DEOXYADENOSINE"
8 non-polymer METHIONINE
#
loop_
_entity_poly.entity_id
_entity_poly.type
_entity_poly.pdbx_seq_one_letter_code
_entity_poly.pdbx_strand_id
1 'polypeptide(L)'
;MRNLKLFRTLEFRDIQGPGNPQCFSLRTEQGTVLIGSEHGLIEVDPVSREVKNEVSLVAEGFLPEDGSGRIVGVQDLLDQ
ESVCVATASGDVILCSLSTQQLECVGSVASGISVMSWSPDQELVLLATGQQTLIMMTKDFEPILEQQIHQDDFGESKFIT
VGWGRKETQFHGSEGRQAAFQMQMHESALPWDDHRPQVTWRGDGQFFAVSVVCPETGARKVRVWNREFALQSTSEPVAGL
GPALAWKPSGSLIASTQDKPNQQDIVFFEKNGLLHGHFTLPFLKDEVKVNDLLWNADSSVLAVWLEDLQREESSIPKTCV
QLWTVGNYHWYLKQSLSFSTCGKSKIVSLMWDPVTPYRLHVLCQGWHYLAYDWHWTTDRSVGDNSSDLSNVAVIDGNRVL
VTVFRQTVVPPPMCTYQLLFPHPVNQVTFLAHPQKSNDLAVLDASNQISVYKCGDCPSADPTVKLGAVGGSGFKVCLRTP
HLEKRYKIQFENNEDQDVNPLKLGLLTWIEEDVFLAVSHSEFSPRSVIHHLTAASSEMDEEHGQLNVSSSAAVDGVIISL
CCNSKTKSVVLQLADGQIFKYLWESPSLAIKPWKNSGGFPVRFPYPCTQTELAMIGEEECVLGLTDRCRFFINDIEVASN
ITSFAVYDEFLLLTTHSHTCQCFCLRDASFKTLQAGLSSNHVSHGEVLRKVERGSRIVTVVPQDTKLVLQMPRGNLEVVH
HRALVLAQIRKWLDKLMFKEAFECMRKLRINLNLIYDHNPKVFLGNVETFIKQIDSVNHINLFFTELKEEDVTKTMYPAP
VTSSVYLSRDPDGNKIDLVCDAMRAVMESINPHKYCLSILTSHVKKTTPELEIVLQKVHELQGNAPSDPDAVSAEEALKY
LLHLVDVNELYDHSLGTYDFDLVLMVAEKSQKDPKEYLPFLNTLKKMETNYQRFTIDKYLKRYEKAIGHLSKCGPEYFPE
CLNLIKDKNLYNEALKLYSPSSQQYQDISIAYGEHLMQEHMYEPAGLMFARCGAHEKALSAFLTCGNWKQALCVAAQLNF
TKDQLVGLGRTLAGKLVEQRKHIDAAMVLEECAQDYEEAVLLLLEGAAWEEALRLVYKYNRLDIIETNVKPSILEAQKNY
MAFLDSQTATFSRHKKRLLVVRELKEQAQQAGLDDEVPHGQESDLFSETSSVVSGSEMSGKYSHSNSRISARSSKNRRKA
ERKKHSLKEGSPLEDLALLEALSEVVQNTENLKDEVYHILKVLFLFEFDEQGRELQKAFEDTLQLMERSLPEIWTLTYQQ
NSATPVLGPNSTANSIMASYQQQKTSVPVLDAELFIPPKINRRTQWKLSLLD
;
A,E
2 'polypeptide(L)'
;MVAPVLETSHVFCCPNRVRGVLNWSSGPRGLLAFGTSCSVVLYDPLKRVVVTNLNGHTARVNCIQWICKQDGSPSTELVS
GGSDNQVIHWEIEDNQLLKAVHLQGHEGPVYAVHAVYQRRTSDPALCTLIVSAAADSAVRLWSKKGPEVMCLQTLNFGNG
FALALCLSFLPNTDVPILACGNDDCRIHIFAQQNDQFQKVLSLCGHEDWIRGVEWAAFGRDLFLASCSQDCLIRIWKLYI
KSTSLETQDDDNIRLKENTFTIENESVKIAFAVTLETVLAGHENWVNAVHWQPVFYKDGVLQQPVRLLSASMDKTMILWA
PDEESGVWLEQVRVGEVGGNTLGFYDCQFNEDGSMIIAHAFHGALHLWKQNTVNPREWTPEIVISGHFDGVQDLVWDPEG
EFIITVGTDQTTRLFAPWKRKDQSQVTWHEIARPQIHGYDLKCLAMINRFQFVSGADEKVLRVFSAPRNFVENFCAITGQ
SLNHVLCNQDSDLPEGATVPALGLSNKAVFQGDIASQPSDEEELLTSTGFEYQQVAFQPSILTEPPTEDHLLQNTLWPEV
QKLYGHGYEIFCVTCNSSKTLLASACKAAKKEHAAIILWNTTSWKQVQNLVFHSLTVTQMAFSPNEKFLLAVSRDRTWSL
WKKQDTISPEFEPVFSLFAFTNKITSVHSRIIWSCDWSPDSKYFFTGSRDKKVVVWGECDSTDDCIEHNIGPCSSVLDVG
GAVTAVSVCPVLHPSQRYVVAVGLECGKICLYTWKKTDQVPEINDWTHCVETSQSQSHTLAIRKLCWKNCSGKTEQKEAE
GAEWLHFASCGEDHTVKIHRVNKCAL
;
B
3 'polypeptide(L)'
;MRQKRKGDLSPAELMMLTIGDVIKQLIEAHEQGKDIDLNKVKTKTAAKYGLSAQPRLVDIIAAVPPQYRKVLMPKLKAKP
IRTASGIAVVAVMCKPHRCPHISFTGNICVYCPGGPDSDFEYSTQSYTGYEPTSMRAIRARYDPFLQTRHRIEQLKQLGH
SVDKVEFIVMGGTFMALPEEYRDYFIRNLHDALSGHTSNNIYEAVKYSERSLTKCIGITIETRPDYCMKRHLSDMLTYGC
TRLEIGVQSVYEDVARDTNRGHTVKAVCESFHLAKDSGFKVVAHMMPDLPNVGLERDIEQFTEFFENPAFRPDGLKLYPT
LVIRGTGLYELWKSGRYKSYSPSDLVELVARILALVPPWTRVYRVQRDIPMPLVSSGVEHGNLRELALARMKDLGIQCRD
VRTREVGIQEIHHKVRPYQVELVRRDYVANGGWETFLSYEDPDQDILIGLLRLRKCSEETFRFELGGGVSIVRELHVYGS
VVPVSSRDPTKFQHQGFGMLLMEEAERIAREEHGSGKIAVISGVGTRNYYRKIGYRLQGPYMVKMLKGLEGSAWSHPQFE
KGGGSGGGSGGSAWSHPQFEK
;
C
4 'polyribonucleotide' GGCCCCAUGGUGUAAUGGUUAGCACUCUGGACUUUGAAUCCAGCGAUCCGAGUUCAAAUCUCGGUGGGACCUCCA X
#
loop_
_chem_comp.id
_chem_comp.type
_chem_comp.name
_chem_comp.formula
5AD non-polymer 5'-DEOXYADENOSINE 'C10 H13 N5 O3'
A RNA linking ADENOSINE-5'-MONOPHOSPHATE 'C10 H14 N5 O7 P'
C RNA linking CYTIDINE-5'-MONOPHOSPHATE 'C9 H14 N3 O8 P'
DCA non-polymer 'DESULFO-COENZYME A' 'C21 H36 N7 O16 P3'
G RNA linking GUANOSINE-5'-MONOPHOSPHATE 'C10 H14 N5 O8 P'
SF4 non-polymer 'IRON/SULFUR CLUSTER' 'Fe4 S4'
U RNA linking URIDINE-5'-MONOPHOSPHATE 'C9 H13 N2 O9 P'
#
# COMPACT_ATOMS: atom_id res chain seq x y z
N MET A 1 -26.61 12.30 17.80
CA MET A 1 -26.98 13.10 18.97
C MET A 1 -28.12 14.02 18.60
N ARG A 2 -29.21 13.92 19.36
CA ARG A 2 -30.37 14.78 19.18
C ARG A 2 -31.11 14.86 20.51
N ASN A 3 -32.23 15.59 20.51
CA ASN A 3 -33.11 15.64 21.66
C ASN A 3 -34.54 15.69 21.19
N LEU A 4 -35.41 14.97 21.89
CA LEU A 4 -36.82 14.91 21.51
C LEU A 4 -37.52 16.22 21.84
N LYS A 5 -38.49 16.57 21.00
CA LYS A 5 -39.33 17.74 21.25
C LYS A 5 -40.78 17.36 21.06
N LEU A 6 -41.63 17.82 21.97
CA LEU A 6 -43.05 17.50 21.89
C LEU A 6 -43.67 18.21 20.71
N PHE A 7 -44.43 17.46 19.91
CA PHE A 7 -45.02 17.96 18.69
C PHE A 7 -46.48 18.37 18.88
N ARG A 8 -47.31 17.44 19.36
CA ARG A 8 -48.73 17.73 19.51
C ARG A 8 -49.32 16.74 20.50
N THR A 9 -50.42 17.14 21.14
CA THR A 9 -51.08 16.33 22.14
C THR A 9 -52.59 16.37 21.92
N LEU A 10 -53.26 15.35 22.46
CA LEU A 10 -54.71 15.22 22.32
C LEU A 10 -55.27 14.66 23.61
N GLU A 11 -56.10 15.45 24.28
CA GLU A 11 -56.66 15.11 25.59
C GLU A 11 -58.17 14.94 25.47
N PHE A 12 -58.70 13.97 26.21
CA PHE A 12 -60.13 13.65 26.12
C PHE A 12 -60.61 13.11 27.45
N ARG A 13 -61.48 13.86 28.12
CA ARG A 13 -62.03 13.46 29.41
C ARG A 13 -63.51 13.12 29.26
N ASP A 14 -64.12 12.85 30.41
CA ASP A 14 -65.58 12.72 30.52
C ASP A 14 -66.12 11.63 29.60
N ILE A 15 -65.73 10.41 29.91
CA ILE A 15 -66.26 9.22 29.25
C ILE A 15 -67.24 8.54 30.20
N GLN A 16 -68.45 8.31 29.70
CA GLN A 16 -69.57 7.86 30.52
C GLN A 16 -69.67 6.35 30.63
N GLY A 17 -68.55 5.64 30.49
CA GLY A 17 -68.54 4.21 30.59
C GLY A 17 -69.04 3.74 31.94
N PRO A 18 -69.87 2.70 31.94
CA PRO A 18 -70.38 2.15 33.19
C PRO A 18 -69.26 1.65 34.07
N GLY A 19 -69.42 1.86 35.37
CA GLY A 19 -68.36 1.47 36.30
C GLY A 19 -67.08 2.23 36.02
N ASN A 20 -65.97 1.51 35.99
CA ASN A 20 -64.66 2.11 35.81
C ASN A 20 -63.86 1.33 34.78
N PRO A 21 -62.90 1.99 34.14
CA PRO A 21 -62.07 1.27 33.16
C PRO A 21 -61.25 0.19 33.82
N GLN A 22 -60.99 -0.88 33.06
CA GLN A 22 -60.19 -2.00 33.54
C GLN A 22 -59.00 -2.22 32.62
N CYS A 23 -59.23 -2.10 31.31
CA CYS A 23 -58.19 -2.26 30.30
C CYS A 23 -58.73 -1.61 29.03
N PHE A 24 -57.93 -1.68 27.96
CA PHE A 24 -58.36 -1.09 26.69
C PHE A 24 -57.42 -1.54 25.59
N SER A 25 -57.90 -1.46 24.36
CA SER A 25 -57.10 -1.69 23.17
C SER A 25 -57.39 -0.57 22.19
N LEU A 26 -56.73 -0.63 21.03
CA LEU A 26 -56.79 0.44 20.06
C LEU A 26 -57.22 -0.10 18.70
N ARG A 27 -58.05 0.68 18.00
CA ARG A 27 -58.49 0.35 16.65
C ARG A 27 -57.62 1.14 15.67
N THR A 28 -56.64 0.45 15.09
CA THR A 28 -55.63 1.09 14.26
C THR A 28 -56.24 1.76 13.03
N GLU A 29 -56.80 0.96 12.13
CA GLU A 29 -57.40 1.52 10.92
C GLU A 29 -58.59 2.39 11.26
N GLN A 30 -59.44 1.93 12.18
CA GLN A 30 -60.66 2.66 12.52
C GLN A 30 -60.35 3.99 13.19
N GLY A 31 -59.19 4.11 13.82
CA GLY A 31 -58.84 5.33 14.51
C GLY A 31 -59.55 5.52 15.83
N THR A 32 -60.25 4.51 16.33
CA THR A 32 -60.95 4.59 17.59
C THR A 32 -60.21 3.76 18.63
N VAL A 33 -60.76 3.74 19.84
CA VAL A 33 -60.12 3.10 20.98
C VAL A 33 -61.14 2.23 21.70
N LEU A 34 -60.68 1.07 22.15
CA LEU A 34 -61.52 0.17 22.94
C LEU A 34 -61.46 0.56 24.41
N ILE A 35 -62.38 0.00 25.19
CA ILE A 35 -62.48 0.30 26.61
C ILE A 35 -62.91 -0.97 27.34
N GLY A 36 -62.17 -1.34 28.38
CA GLY A 36 -62.59 -2.44 29.23
C GLY A 36 -63.18 -1.94 30.53
N SER A 37 -64.49 -2.10 30.66
CA SER A 37 -65.18 -1.57 31.86
C SER A 37 -65.71 -2.71 32.73
N GLU A 38 -66.33 -2.35 33.85
CA GLU A 38 -66.89 -3.30 34.79
C GLU A 38 -68.20 -3.90 34.30
N HIS A 39 -68.79 -3.34 33.26
CA HIS A 39 -70.09 -3.79 32.77
C HIS A 39 -70.06 -4.25 31.33
N GLY A 40 -69.35 -3.54 30.46
CA GLY A 40 -69.30 -3.92 29.07
C GLY A 40 -68.26 -3.14 28.32
N LEU A 41 -68.22 -3.36 27.01
CA LEU A 41 -67.24 -2.72 26.15
C LEU A 41 -67.77 -1.40 25.60
N ILE A 42 -66.86 -0.46 25.41
CA ILE A 42 -67.16 0.84 24.85
C ILE A 42 -66.09 1.17 23.82
N GLU A 43 -66.51 1.67 22.67
CA GLU A 43 -65.58 2.13 21.64
C GLU A 43 -65.89 3.58 21.30
N VAL A 44 -64.83 4.37 21.16
CA VAL A 44 -64.96 5.80 20.94
C VAL A 44 -63.82 6.27 20.05
N ASP A 45 -64.13 7.17 19.14
CA ASP A 45 -63.06 7.84 18.42
C ASP A 45 -62.64 9.10 19.17
N PRO A 46 -61.35 9.32 19.37
CA PRO A 46 -60.90 10.48 20.15
C PRO A 46 -61.34 11.81 19.57
N VAL A 47 -60.96 12.11 18.33
CA VAL A 47 -61.26 13.42 17.77
C VAL A 47 -62.77 13.59 17.63
N SER A 48 -63.50 12.50 17.39
CA SER A 48 -64.95 12.57 17.45
C SER A 48 -65.43 12.89 18.86
N ARG A 49 -64.89 12.18 19.86
CA ARG A 49 -65.43 12.18 21.21
C ARG A 49 -66.86 11.63 21.23
N GLU A 50 -67.09 10.57 20.47
CA GLU A 50 -68.39 9.91 20.42
C GLU A 50 -68.23 8.40 20.55
N VAL A 51 -69.06 7.81 21.39
CA VAL A 51 -69.07 6.36 21.54
C VAL A 51 -69.82 5.76 20.35
N LYS A 52 -69.36 4.59 19.90
CA LYS A 52 -69.95 3.94 18.74
C LYS A 52 -70.79 2.73 19.11
N ASN A 53 -70.28 1.84 19.95
CA ASN A 53 -71.01 0.64 20.31
C ASN A 53 -70.94 0.42 21.81
N GLU A 54 -71.94 -0.26 22.33
CA GLU A 54 -72.03 -0.59 23.75
C GLU A 54 -72.55 -2.00 23.89
N VAL A 55 -72.13 -2.67 24.96
CA VAL A 55 -72.56 -4.02 25.26
C VAL A 55 -72.47 -4.20 26.78
N SER A 56 -73.04 -5.29 27.28
CA SER A 56 -72.95 -5.60 28.71
C SER A 56 -73.10 -7.10 28.89
N LEU A 57 -72.00 -7.77 29.23
CA LEU A 57 -72.11 -9.18 29.61
C LEU A 57 -72.84 -9.33 30.93
N VAL A 58 -72.90 -8.27 31.74
CA VAL A 58 -73.85 -8.22 32.84
C VAL A 58 -75.27 -8.37 32.31
N ALA A 59 -75.60 -7.61 31.27
CA ALA A 59 -76.91 -7.76 30.64
C ALA A 59 -77.05 -9.15 30.04
N GLU A 60 -76.00 -9.65 29.38
CA GLU A 60 -76.03 -11.01 28.87
C GLU A 60 -76.12 -12.02 30.01
N GLY A 61 -75.23 -11.91 30.99
CA GLY A 61 -75.25 -12.83 32.11
C GLY A 61 -73.87 -13.31 32.55
N PHE A 62 -72.90 -13.32 31.63
CA PHE A 62 -71.58 -13.84 31.97
C PHE A 62 -70.91 -12.98 33.02
N LEU A 63 -70.91 -11.67 32.83
CA LEU A 63 -70.27 -10.77 33.77
C LEU A 63 -71.11 -10.64 35.03
N PRO A 64 -70.51 -10.76 36.23
CA PRO A 64 -71.29 -10.63 37.47
C PRO A 64 -72.18 -9.40 37.48
N GLU A 65 -73.49 -9.62 37.65
CA GLU A 65 -74.45 -8.53 37.51
C GLU A 65 -74.27 -7.49 38.61
N ASP A 66 -74.03 -7.93 39.84
CA ASP A 66 -73.64 -7.00 40.89
C ASP A 66 -72.34 -6.29 40.53
N GLY A 67 -71.43 -7.00 39.87
CA GLY A 67 -70.13 -6.47 39.48
C GLY A 67 -69.06 -6.95 40.41
N SER A 68 -68.41 -8.05 40.05
CA SER A 68 -67.30 -8.58 40.84
C SER A 68 -66.11 -9.02 40.00
N GLY A 69 -66.27 -9.33 38.72
CA GLY A 69 -65.18 -9.75 37.88
C GLY A 69 -64.63 -8.58 37.07
N ARG A 70 -63.54 -8.85 36.36
CA ARG A 70 -62.89 -7.85 35.55
C ARG A 70 -62.44 -8.47 34.23
N ILE A 71 -62.25 -7.61 33.24
CA ILE A 71 -61.74 -8.03 31.94
C ILE A 71 -60.23 -8.19 32.05
N VAL A 72 -59.77 -9.44 32.01
CA VAL A 72 -58.34 -9.69 32.10
C VAL A 72 -57.61 -9.08 30.91
N GLY A 73 -58.18 -9.20 29.72
CA GLY A 73 -57.55 -8.64 28.54
C GLY A 73 -58.49 -8.39 27.38
N VAL A 74 -58.23 -7.31 26.66
CA VAL A 74 -58.95 -6.98 25.43
C VAL A 74 -57.92 -6.75 24.33
N GLN A 75 -58.13 -7.36 23.17
CA GLN A 75 -57.17 -7.29 22.08
C GLN A 75 -57.91 -7.12 20.77
N ASP A 76 -57.61 -6.04 20.06
CA ASP A 76 -58.25 -5.76 18.78
C ASP A 76 -57.82 -6.78 17.74
N LEU A 77 -58.77 -7.18 16.90
CA LEU A 77 -58.51 -8.06 15.78
C LEU A 77 -59.07 -7.43 14.51
N LEU A 78 -58.29 -7.50 13.44
CA LEU A 78 -58.65 -6.82 12.20
C LEU A 78 -59.13 -7.77 11.11
N ASP A 79 -58.67 -9.02 11.12
CA ASP A 79 -59.10 -9.96 10.09
C ASP A 79 -60.60 -10.20 10.15
N GLN A 80 -61.14 -10.37 11.35
CA GLN A 80 -62.55 -10.67 11.53
C GLN A 80 -63.35 -9.48 12.07
N GLU A 81 -62.69 -8.37 12.38
CA GLU A 81 -63.33 -7.18 12.95
C GLU A 81 -64.11 -7.51 14.21
N SER A 82 -63.74 -8.59 14.88
CA SER A 82 -64.36 -9.00 16.13
C SER A 82 -63.27 -9.09 17.20
N VAL A 83 -63.55 -8.54 18.37
CA VAL A 83 -62.55 -8.40 19.42
C VAL A 83 -62.73 -9.52 20.43
N CYS A 84 -61.66 -10.26 20.68
CA CYS A 84 -61.67 -11.24 21.74
C CYS A 84 -61.71 -10.56 23.10
N VAL A 85 -62.10 -11.32 24.12
CA VAL A 85 -62.20 -10.76 25.46
C VAL A 85 -62.01 -11.89 26.47
N ALA A 86 -61.35 -11.55 27.59
CA ALA A 86 -61.05 -12.47 28.66
C ALA A 86 -61.77 -12.04 29.94
N THR A 87 -62.13 -13.04 30.75
CA THR A 87 -62.91 -12.83 31.95
C THR A 87 -62.09 -13.21 33.18
N ALA A 88 -62.24 -12.42 34.25
CA ALA A 88 -61.62 -12.79 35.52
C ALA A 88 -62.07 -14.16 35.98
N SER A 89 -63.30 -14.54 35.66
CA SER A 89 -63.80 -15.87 35.98
C SER A 89 -63.15 -16.96 35.14
N GLY A 90 -62.39 -16.59 34.11
CA GLY A 90 -61.77 -17.58 33.26
C GLY A 90 -62.63 -17.95 32.08
N ASP A 91 -63.11 -16.95 31.36
CA ASP A 91 -64.00 -17.16 30.23
C ASP A 91 -63.47 -16.37 29.05
N VAL A 92 -63.27 -17.04 27.92
CA VAL A 92 -62.84 -16.37 26.69
C VAL A 92 -64.03 -16.29 25.76
N ILE A 93 -64.31 -15.07 25.27
CA ILE A 93 -65.51 -14.78 24.51
C ILE A 93 -65.11 -13.95 23.30
N LEU A 94 -65.92 -14.03 22.25
CA LEU A 94 -65.70 -13.24 21.05
C LEU A 94 -66.99 -12.51 20.68
N CYS A 95 -66.85 -11.27 20.20
CA CYS A 95 -68.00 -10.51 19.75
C CYS A 95 -67.54 -9.49 18.71
N SER A 96 -68.50 -9.01 17.93
CA SER A 96 -68.27 -7.92 16.99
C SER A 96 -69.25 -6.80 17.29
N LEU A 97 -68.72 -5.57 17.34
CA LEU A 97 -69.57 -4.42 17.62
C LEU A 97 -70.58 -4.15 16.53
N SER A 98 -70.38 -4.73 15.35
CA SER A 98 -71.27 -4.44 14.22
C SER A 98 -72.70 -4.86 14.53
N THR A 99 -72.89 -6.06 15.07
CA THR A 99 -74.22 -6.57 15.33
C THR A 99 -74.37 -7.26 16.68
N GLN A 100 -73.38 -7.12 17.57
CA GLN A 100 -73.45 -7.69 18.91
C GLN A 100 -73.62 -9.21 18.85
N GLN A 101 -72.60 -9.87 18.31
CA GLN A 101 -72.58 -11.32 18.16
C GLN A 101 -71.84 -11.99 19.30
N LEU A 102 -72.00 -11.44 20.50
CA LEU A 102 -71.35 -11.99 21.68
C LEU A 102 -71.75 -13.45 21.88
N GLU A 103 -70.75 -14.29 22.17
CA GLU A 103 -70.94 -15.71 22.41
C GLU A 103 -69.66 -16.27 22.99
N CYS A 104 -69.81 -17.10 24.03
CA CYS A 104 -68.65 -17.69 24.66
C CYS A 104 -67.93 -18.61 23.68
N VAL A 105 -66.62 -18.45 23.57
CA VAL A 105 -65.81 -19.31 22.73
C VAL A 105 -64.98 -20.30 23.53
N GLY A 106 -64.94 -20.17 24.85
CA GLY A 106 -64.30 -21.18 25.66
C GLY A 106 -64.21 -20.71 27.10
N SER A 107 -63.73 -21.63 27.94
CA SER A 107 -63.57 -21.32 29.35
C SER A 107 -62.65 -22.36 29.98
N VAL A 108 -62.22 -22.06 31.20
CA VAL A 108 -61.40 -22.96 31.99
C VAL A 108 -61.96 -23.01 33.40
N ALA A 109 -61.64 -24.07 34.13
CA ALA A 109 -62.08 -24.21 35.50
C ALA A 109 -61.16 -23.43 36.43
N SER A 110 -60.96 -22.15 36.11
CA SER A 110 -60.12 -21.24 36.88
C SER A 110 -60.31 -19.86 36.28
N GLY A 111 -59.63 -18.88 36.86
CA GLY A 111 -59.62 -17.56 36.30
C GLY A 111 -58.49 -17.38 35.30
N ILE A 112 -58.72 -16.48 34.34
CA ILE A 112 -57.70 -16.15 33.35
C ILE A 112 -56.66 -15.27 34.03
N SER A 113 -55.48 -15.82 34.31
CA SER A 113 -54.44 -15.03 34.94
C SER A 113 -54.01 -13.87 34.04
N VAL A 114 -53.82 -14.14 32.75
CA VAL A 114 -53.40 -13.13 31.80
C VAL A 114 -53.67 -13.64 30.39
N MET A 115 -53.85 -12.71 29.46
CA MET A 115 -54.08 -13.04 28.06
C MET A 115 -52.96 -12.44 27.22
N SER A 116 -52.33 -13.28 26.39
CA SER A 116 -51.24 -12.85 25.53
C SER A 116 -51.56 -13.17 24.09
N TRP A 117 -51.22 -12.25 23.20
CA TRP A 117 -51.46 -12.39 21.78
C TRP A 117 -50.14 -12.33 21.02
N SER A 118 -49.98 -13.23 20.05
CA SER A 118 -48.76 -13.24 19.27
C SER A 118 -48.64 -11.94 18.49
N PRO A 119 -47.42 -11.40 18.35
CA PRO A 119 -47.27 -10.10 17.67
C PRO A 119 -47.77 -10.10 16.24
N ASP A 120 -47.76 -11.25 15.58
CA ASP A 120 -48.27 -11.38 14.22
C ASP A 120 -49.75 -11.72 14.19
N GLN A 121 -50.42 -11.67 15.34
CA GLN A 121 -51.81 -12.09 15.50
C GLN A 121 -52.02 -13.56 15.14
N GLU A 122 -50.93 -14.32 15.04
CA GLU A 122 -51.05 -15.72 14.64
C GLU A 122 -51.60 -16.57 15.77
N LEU A 123 -51.12 -16.35 16.99
CA LEU A 123 -51.38 -17.29 18.08
C LEU A 123 -51.74 -16.54 19.35
N VAL A 124 -52.25 -17.31 20.32
CA VAL A 124 -52.64 -16.81 21.62
C VAL A 124 -52.03 -17.74 22.66
N LEU A 125 -51.82 -17.20 23.86
CA LEU A 125 -51.24 -17.98 24.95
C LEU A 125 -51.73 -17.40 26.26
N LEU A 126 -52.23 -18.26 27.15
CA LEU A 126 -52.86 -17.79 28.37
C LEU A 126 -52.35 -18.56 29.57
N ALA A 127 -52.55 -17.97 30.74
CA ALA A 127 -52.16 -18.57 32.01
C ALA A 127 -53.40 -18.88 32.84
N THR A 128 -53.39 -20.03 33.49
CA THR A 128 -54.54 -20.46 34.28
C THR A 128 -54.40 -20.03 35.73
N GLY A 129 -55.45 -20.28 36.50
CA GLY A 129 -55.40 -20.03 37.92
C GLY A 129 -54.73 -21.10 38.74
N GLN A 130 -54.47 -22.27 38.15
CA GLN A 130 -53.85 -23.39 38.86
C GLN A 130 -52.38 -23.55 38.49
N GLN A 131 -51.72 -22.44 38.14
CA GLN A 131 -50.29 -22.41 37.90
C GLN A 131 -49.89 -23.33 36.74
N THR A 132 -50.52 -23.12 35.60
CA THR A 132 -50.11 -23.79 34.37
C THR A 132 -50.44 -22.89 33.19
N LEU A 133 -49.92 -23.27 32.04
CA LEU A 133 -49.94 -22.46 30.84
C LEU A 133 -50.68 -23.20 29.73
N ILE A 134 -51.51 -22.48 28.99
CA ILE A 134 -52.33 -23.06 27.94
C ILE A 134 -52.00 -22.36 26.63
N MET A 135 -51.54 -23.15 25.66
CA MET A 135 -51.26 -22.69 24.31
C MET A 135 -52.33 -23.24 23.38
N MET A 136 -52.83 -22.39 22.49
CA MET A 136 -53.89 -22.78 21.57
C MET A 136 -53.65 -22.13 20.22
N THR A 137 -54.31 -22.69 19.20
CA THR A 137 -54.07 -22.19 17.83
C THR A 137 -54.76 -20.84 17.63
N LYS A 138 -54.79 -20.37 16.39
CA LYS A 138 -55.37 -19.08 16.08
C LYS A 138 -56.84 -19.00 16.44
N ASP A 139 -57.55 -20.13 16.36
CA ASP A 139 -58.99 -20.16 16.61
C ASP A 139 -59.31 -21.00 17.84
N PHE A 140 -58.53 -20.80 18.90
CA PHE A 140 -58.81 -21.30 20.25
C PHE A 140 -58.73 -22.82 20.36
N GLU A 141 -58.28 -23.50 19.29
CA GLU A 141 -58.07 -24.97 19.37
C GLU A 141 -56.87 -25.20 20.29
N PRO A 142 -57.01 -25.91 21.43
CA PRO A 142 -55.90 -26.01 22.40
C PRO A 142 -54.70 -26.74 21.79
N ILE A 143 -53.61 -26.00 21.63
CA ILE A 143 -52.37 -26.60 21.14
C ILE A 143 -51.82 -27.58 22.16
N LEU A 144 -51.72 -27.14 23.42
CA LEU A 144 -51.08 -27.91 24.48
C LEU A 144 -51.27 -27.15 25.78
N GLU A 145 -50.99 -27.85 26.89
CA GLU A 145 -50.96 -27.22 28.20
C GLU A 145 -49.79 -27.82 28.98
N GLN A 146 -49.09 -26.98 29.74
CA GLN A 146 -47.93 -27.45 30.48
C GLN A 146 -47.82 -26.72 31.80
N GLN A 147 -47.35 -27.44 32.82
CA GLN A 147 -47.19 -26.86 34.14
C GLN A 147 -46.04 -25.88 34.16
N ILE A 148 -46.22 -24.80 34.92
CA ILE A 148 -45.29 -23.68 34.88
C ILE A 148 -43.98 -24.00 35.59
N HIS A 149 -44.05 -24.66 36.74
CA HIS A 149 -42.87 -24.83 37.59
C HIS A 149 -42.26 -26.21 37.38
N GLN A 150 -41.63 -26.39 36.22
CA GLN A 150 -40.81 -27.58 36.02
C GLN A 150 -39.42 -27.34 36.60
N ASP A 151 -38.54 -28.33 36.45
CA ASP A 151 -37.23 -28.33 37.09
C ASP A 151 -36.15 -28.59 36.05
N ASP A 152 -35.70 -27.52 35.41
CA ASP A 152 -34.59 -27.56 34.46
C ASP A 152 -34.23 -26.13 34.09
N PHE A 153 -32.94 -25.91 33.80
CA PHE A 153 -32.51 -24.63 33.27
C PHE A 153 -33.11 -24.37 31.89
N GLY A 154 -33.59 -25.41 31.21
CA GLY A 154 -34.12 -25.29 29.87
C GLY A 154 -33.43 -26.26 28.93
N GLU A 155 -34.05 -26.40 27.75
CA GLU A 155 -33.44 -27.25 26.72
C GLU A 155 -32.07 -26.72 26.32
N SER A 156 -31.97 -25.41 26.12
CA SER A 156 -30.68 -24.78 25.84
C SER A 156 -29.85 -24.81 27.11
N LYS A 157 -28.83 -25.66 27.12
CA LYS A 157 -27.99 -25.87 28.30
C LYS A 157 -26.56 -25.43 28.01
N PHE A 158 -25.69 -25.67 28.98
CA PHE A 158 -24.29 -25.26 28.90
C PHE A 158 -23.39 -26.49 28.91
N ILE A 159 -22.32 -26.42 28.14
CA ILE A 159 -21.31 -27.48 28.08
C ILE A 159 -19.99 -26.93 28.60
N THR A 160 -19.35 -27.70 29.47
CA THR A 160 -18.10 -27.28 30.08
C THR A 160 -17.24 -28.52 30.33
N VAL A 161 -15.93 -28.32 30.38
CA VAL A 161 -15.01 -29.41 30.66
C VAL A 161 -15.24 -29.99 32.05
N GLU A 186 -33.14 -11.72 49.03
CA GLU A 186 -33.29 -13.16 49.23
C GLU A 186 -34.73 -13.59 49.00
N SER A 187 -35.66 -12.68 49.22
CA SER A 187 -37.08 -12.94 49.03
C SER A 187 -37.69 -11.82 48.21
N ALA A 188 -38.93 -12.05 47.77
CA ALA A 188 -39.61 -11.08 46.94
C ALA A 188 -39.87 -9.80 47.71
N LEU A 189 -39.99 -8.69 46.97
CA LEU A 189 -40.23 -7.41 47.60
C LEU A 189 -41.59 -7.38 48.27
N PRO A 190 -41.73 -6.65 49.38
CA PRO A 190 -43.04 -6.60 50.05
C PRO A 190 -44.15 -6.07 49.16
N TRP A 191 -43.85 -5.11 48.30
CA TRP A 191 -44.84 -4.53 47.41
C TRP A 191 -45.01 -5.33 46.13
N ASP A 192 -44.41 -6.52 46.04
CA ASP A 192 -44.61 -7.37 44.88
C ASP A 192 -46.06 -7.88 44.84
N ASP A 193 -46.63 -7.88 43.64
CA ASP A 193 -47.99 -8.37 43.44
C ASP A 193 -48.06 -9.88 43.31
N HIS A 194 -46.92 -10.56 43.11
CA HIS A 194 -46.85 -11.99 42.83
C HIS A 194 -47.57 -12.38 41.56
N ARG A 195 -47.99 -11.41 40.75
CA ARG A 195 -48.67 -11.70 39.51
C ARG A 195 -47.65 -12.10 38.45
N PRO A 196 -47.77 -13.26 37.84
CA PRO A 196 -46.82 -13.64 36.77
C PRO A 196 -46.97 -12.74 35.57
N GLN A 197 -45.87 -12.59 34.83
CA GLN A 197 -45.85 -11.78 33.63
C GLN A 197 -45.17 -12.55 32.51
N VAL A 198 -45.64 -12.30 31.29
CA VAL A 198 -45.13 -12.95 30.09
C VAL A 198 -44.96 -11.90 29.00
N THR A 199 -44.07 -12.19 28.06
CA THR A 199 -43.85 -11.32 26.92
C THR A 199 -43.38 -12.15 25.74
N TRP A 200 -43.56 -11.59 24.55
CA TRP A 200 -43.10 -12.21 23.32
C TRP A 200 -41.69 -11.76 22.98
N ARG A 201 -41.17 -12.26 21.88
CA ARG A 201 -40.02 -11.67 21.24
C ARG A 201 -40.48 -10.71 20.14
N GLY A 202 -39.55 -9.96 19.58
CA GLY A 202 -39.91 -9.09 18.49
C GLY A 202 -40.15 -9.79 17.17
N ASP A 203 -39.85 -11.07 17.09
CA ASP A 203 -40.02 -11.83 15.86
C ASP A 203 -41.17 -12.84 15.95
N GLY A 204 -41.86 -12.89 17.08
CA GLY A 204 -42.87 -13.92 17.26
C GLY A 204 -42.30 -15.32 17.26
N GLN A 205 -41.14 -15.51 17.90
CA GLN A 205 -40.51 -16.82 17.95
C GLN A 205 -40.06 -17.23 19.34
N PHE A 206 -40.05 -16.32 20.30
CA PHE A 206 -39.67 -16.65 21.67
C PHE A 206 -40.53 -15.85 22.64
N PHE A 207 -40.79 -16.45 23.80
CA PHE A 207 -41.58 -15.78 24.81
C PHE A 207 -41.05 -16.14 26.18
N ALA A 208 -41.09 -15.17 27.08
CA ALA A 208 -40.51 -15.29 28.42
C ALA A 208 -41.59 -15.09 29.48
N VAL A 209 -41.57 -15.95 30.48
CA VAL A 209 -42.45 -15.89 31.63
C VAL A 209 -41.64 -15.45 32.84
N SER A 210 -42.29 -14.73 33.75
CA SER A 210 -41.66 -14.14 34.92
C SER A 210 -42.47 -14.41 36.17
N VAL A 211 -42.83 -15.67 36.37
CA VAL A 211 -43.58 -16.04 37.57
C VAL A 211 -42.70 -15.85 38.80
N VAL A 212 -43.33 -15.46 39.90
CA VAL A 212 -42.63 -15.42 41.18
C VAL A 212 -42.40 -16.85 41.65
N CYS A 213 -41.19 -17.14 42.10
CA CYS A 213 -40.86 -18.50 42.51
C CYS A 213 -41.53 -18.82 43.84
N PRO A 214 -42.41 -19.81 43.89
CA PRO A 214 -42.99 -20.20 45.18
C PRO A 214 -42.01 -20.89 46.09
N GLU A 215 -41.02 -21.59 45.53
CA GLU A 215 -40.08 -22.35 46.35
C GLU A 215 -39.09 -21.43 47.05
N THR A 216 -38.33 -20.67 46.28
CA THR A 216 -37.37 -19.75 46.86
C THR A 216 -38.02 -18.48 47.40
N GLY A 217 -39.29 -18.25 47.13
CA GLY A 217 -39.91 -17.00 47.52
C GLY A 217 -39.36 -15.80 46.79
N ALA A 218 -38.71 -16.02 45.65
CA ALA A 218 -38.12 -14.95 44.86
C ALA A 218 -38.78 -14.94 43.48
N ARG A 219 -38.22 -14.14 42.58
CA ARG A 219 -38.73 -14.04 41.22
C ARG A 219 -37.86 -14.88 40.29
N LYS A 220 -38.51 -15.55 39.35
CA LYS A 220 -37.82 -16.39 38.37
C LYS A 220 -38.38 -16.12 36.98
N VAL A 221 -37.54 -16.37 35.98
CA VAL A 221 -37.90 -16.12 34.59
C VAL A 221 -37.43 -17.30 33.74
N ARG A 222 -38.29 -17.76 32.85
CA ARG A 222 -37.91 -18.77 31.87
C ARG A 222 -38.33 -18.30 30.49
N VAL A 223 -37.71 -18.87 29.47
CA VAL A 223 -37.97 -18.48 28.09
C VAL A 223 -38.13 -19.73 27.24
N TRP A 224 -39.06 -19.66 26.29
CA TRP A 224 -39.43 -20.76 25.42
C TRP A 224 -39.42 -20.28 23.99
N ASN A 225 -39.30 -21.24 23.07
CA ASN A 225 -39.22 -20.96 21.65
C ASN A 225 -40.63 -20.89 21.05
N ARG A 226 -40.68 -20.63 19.75
CA ARG A 226 -41.95 -20.66 19.03
C ARG A 226 -42.57 -22.05 19.08
N GLU A 227 -41.75 -23.09 19.08
CA GLU A 227 -42.25 -24.45 19.18
C GLU A 227 -42.87 -24.76 20.53
N PHE A 228 -42.69 -23.88 21.52
CA PHE A 228 -43.04 -24.17 22.92
C PHE A 228 -42.15 -25.27 23.48
N ALA A 229 -40.84 -25.06 23.37
CA ALA A 229 -39.85 -25.86 24.07
C ALA A 229 -39.16 -24.99 25.11
N LEU A 230 -38.93 -25.55 26.29
CA LEU A 230 -38.35 -24.78 27.38
C LEU A 230 -36.90 -24.45 27.04
N GLN A 231 -36.66 -23.21 26.62
CA GLN A 231 -35.33 -22.85 26.16
C GLN A 231 -34.38 -22.60 27.32
N SER A 232 -34.69 -21.63 28.17
CA SER A 232 -33.74 -21.22 29.18
C SER A 232 -34.46 -20.76 30.45
N THR A 233 -33.68 -20.54 31.49
CA THR A 233 -34.16 -20.14 32.81
C THR A 233 -33.31 -19.01 33.34
N SER A 234 -33.90 -18.16 34.18
CA SER A 234 -33.17 -17.04 34.77
C SER A 234 -32.15 -17.55 35.78
N GLU A 235 -31.49 -16.59 36.44
CA GLU A 235 -30.42 -16.88 37.39
C GLU A 235 -30.73 -16.26 38.75
N PRO A 236 -30.21 -16.83 39.83
CA PRO A 236 -30.51 -16.29 41.17
C PRO A 236 -29.96 -14.89 41.34
N VAL A 237 -30.87 -13.92 41.47
CA VAL A 237 -30.50 -12.52 41.65
C VAL A 237 -31.40 -11.93 42.72
N ALA A 238 -30.79 -11.25 43.70
CA ALA A 238 -31.56 -10.63 44.76
C ALA A 238 -32.20 -9.33 44.28
N GLY A 239 -33.23 -8.91 45.01
CA GLY A 239 -33.87 -7.64 44.74
C GLY A 239 -34.57 -7.54 43.41
N LEU A 240 -34.92 -8.67 42.81
CA LEU A 240 -35.58 -8.65 41.51
C LEU A 240 -36.97 -8.04 41.61
N GLY A 241 -37.36 -7.34 40.55
CA GLY A 241 -38.66 -6.72 40.50
C GLY A 241 -39.67 -7.55 39.74
N PRO A 242 -40.90 -7.04 39.62
CA PRO A 242 -41.93 -7.76 38.85
C PRO A 242 -41.98 -7.33 37.39
N ALA A 243 -41.33 -6.22 37.06
CA ALA A 243 -41.41 -5.67 35.71
C ALA A 243 -40.61 -6.53 34.73
N LEU A 244 -40.98 -6.43 33.45
CA LEU A 244 -40.29 -7.15 32.39
C LEU A 244 -40.73 -6.60 31.04
N ALA A 245 -39.79 -6.48 30.11
CA ALA A 245 -40.09 -5.99 28.78
C ALA A 245 -38.98 -6.40 27.82
N TRP A 246 -39.33 -7.13 26.77
CA TRP A 246 -38.35 -7.53 25.77
C TRP A 246 -38.12 -6.40 24.78
N LYS A 247 -36.87 -6.20 24.41
CA LYS A 247 -36.55 -5.23 23.38
C LYS A 247 -37.15 -5.67 22.04
N PRO A 248 -37.83 -4.79 21.32
CA PRO A 248 -38.48 -5.21 20.07
C PRO A 248 -37.52 -5.78 19.04
N SER A 249 -36.29 -5.29 19.00
CA SER A 249 -35.31 -5.86 18.09
C SER A 249 -34.62 -7.08 18.68
N GLY A 250 -35.00 -7.50 19.88
CA GLY A 250 -34.48 -8.72 20.46
C GLY A 250 -33.15 -8.54 21.14
N SER A 251 -32.65 -9.65 21.69
CA SER A 251 -31.33 -9.78 22.29
C SER A 251 -31.25 -9.04 23.63
N LEU A 252 -32.31 -8.32 24.00
CA LEU A 252 -32.33 -7.54 25.22
C LEU A 252 -33.68 -7.69 25.89
N ILE A 253 -33.68 -7.98 27.19
CA ILE A 253 -34.89 -8.12 27.97
C ILE A 253 -34.71 -7.29 29.24
N ALA A 254 -35.61 -6.36 29.47
CA ALA A 254 -35.45 -5.41 30.56
C ALA A 254 -35.98 -5.97 31.87
N SER A 255 -35.39 -5.53 32.97
CA SER A 255 -35.87 -5.87 34.29
C SER A 255 -35.41 -4.80 35.27
N THR A 256 -36.02 -4.79 36.45
CA THR A 256 -35.66 -3.86 37.51
C THR A 256 -35.14 -4.62 38.72
N GLN A 257 -34.19 -4.03 39.42
CA GLN A 257 -33.68 -4.65 40.63
C GLN A 257 -33.25 -3.57 41.61
N ASP A 258 -33.57 -3.75 42.88
CA ASP A 258 -33.11 -2.85 43.92
C ASP A 258 -31.91 -3.45 44.62
N LYS A 259 -30.88 -2.65 44.82
CA LYS A 259 -29.66 -2.93 45.53
C LYS A 259 -29.65 -2.15 46.83
N PRO A 260 -28.83 -2.56 47.82
CA PRO A 260 -28.89 -1.96 49.16
C PRO A 260 -29.04 -0.44 49.20
N ASN A 261 -28.63 0.25 48.15
CA ASN A 261 -28.69 1.70 48.17
C ASN A 261 -29.23 2.33 46.89
N GLN A 262 -29.77 1.54 45.95
CA GLN A 262 -30.10 2.14 44.66
C GLN A 262 -31.00 1.21 43.87
N GLN A 263 -31.98 1.78 43.18
CA GLN A 263 -32.83 1.03 42.26
C GLN A 263 -32.26 1.18 40.86
N ASP A 264 -32.02 0.05 40.19
CA ASP A 264 -31.36 0.04 38.90
C ASP A 264 -32.16 -0.80 37.92
N ILE A 265 -31.84 -0.62 36.64
CA ILE A 265 -32.45 -1.36 35.55
C ILE A 265 -31.39 -2.25 34.93
N VAL A 266 -31.70 -3.54 34.81
CA VAL A 266 -30.76 -4.54 34.31
C VAL A 266 -31.33 -5.15 33.04
N PHE A 267 -30.45 -5.83 32.30
CA PHE A 267 -30.80 -6.41 31.02
C PHE A 267 -30.43 -7.89 31.01
N PHE A 268 -31.12 -8.62 30.15
CA PHE A 268 -30.87 -10.05 29.97
C PHE A 268 -30.81 -10.38 28.49
N GLU A 269 -30.10 -11.46 28.19
CA GLU A 269 -29.98 -12.00 26.85
C GLU A 269 -30.91 -13.19 26.69
N LYS A 270 -31.07 -13.64 25.45
CA LYS A 270 -31.84 -14.85 25.20
C LYS A 270 -31.24 -16.06 25.90
N ASN A 271 -29.95 -16.01 26.24
CA ASN A 271 -29.34 -17.00 27.10
C ASN A 271 -29.80 -16.87 28.55
N GLY A 272 -30.51 -15.79 28.88
CA GLY A 272 -31.01 -15.60 30.22
C GLY A 272 -29.92 -15.33 31.25
N LEU A 273 -28.93 -14.54 30.89
CA LEU A 273 -27.87 -14.13 31.80
C LEU A 273 -27.87 -12.62 31.94
N LEU A 274 -27.46 -12.16 33.12
CA LEU A 274 -27.38 -10.73 33.37
C LEU A 274 -26.29 -10.11 32.51
N HIS A 275 -26.58 -8.94 31.95
CA HIS A 275 -25.62 -8.25 31.09
C HIS A 275 -26.02 -6.78 31.02
N GLY A 276 -25.16 -5.91 31.53
CA GLY A 276 -25.40 -4.48 31.46
C GLY A 276 -26.49 -3.99 32.39
N HIS A 277 -26.42 -2.72 32.77
CA HIS A 277 -27.39 -2.12 33.67
C HIS A 277 -27.12 -0.63 33.75
N PHE A 278 -28.08 0.09 34.32
CA PHE A 278 -27.89 1.51 34.60
C PHE A 278 -28.78 1.92 35.76
N THR A 279 -28.31 2.88 36.53
CA THR A 279 -28.97 3.25 37.78
C THR A 279 -30.04 4.31 37.55
N LEU A 280 -30.72 4.65 38.62
CA LEU A 280 -31.81 5.61 38.59
C LEU A 280 -31.39 6.92 39.27
N PRO A 281 -32.03 8.03 38.90
CA PRO A 281 -31.63 9.31 39.47
C PRO A 281 -32.30 9.62 40.80
N PHE A 282 -32.88 8.61 41.44
CA PHE A 282 -33.58 8.80 42.69
C PHE A 282 -32.86 8.09 43.83
N LEU A 283 -33.29 8.41 45.05
CA LEU A 283 -32.62 7.96 46.26
C LEU A 283 -32.99 6.50 46.54
N LYS A 284 -32.59 6.01 47.71
CA LYS A 284 -32.85 4.63 48.09
C LYS A 284 -34.19 4.53 48.80
N ASP A 285 -35.07 3.66 48.29
CA ASP A 285 -36.37 3.38 48.87
C ASP A 285 -37.21 4.67 48.96
N GLU A 286 -37.55 5.20 47.79
CA GLU A 286 -38.37 6.39 47.71
C GLU A 286 -39.69 6.15 46.99
N VAL A 287 -39.66 5.50 45.83
CA VAL A 287 -40.84 5.39 44.99
C VAL A 287 -40.98 3.97 44.47
N LYS A 288 -42.21 3.63 44.09
CA LYS A 288 -42.53 2.36 43.48
C LYS A 288 -42.44 2.50 41.96
N VAL A 289 -42.12 1.40 41.29
CA VAL A 289 -41.92 1.38 39.85
C VAL A 289 -42.87 0.38 39.22
N ASN A 290 -43.38 0.72 38.04
CA ASN A 290 -44.15 -0.19 37.22
C ASN A 290 -43.30 -0.66 36.05
N ASP A 291 -43.93 -1.37 35.11
CA ASP A 291 -43.16 -2.05 34.08
C ASP A 291 -42.67 -1.06 33.03
N LEU A 292 -42.07 -1.60 31.98
CA LEU A 292 -41.30 -0.85 31.01
C LEU A 292 -41.90 -1.02 29.62
N LEU A 293 -41.88 0.06 28.85
CA LEU A 293 -42.54 0.04 27.54
C LEU A 293 -41.57 0.49 26.46
N TRP A 294 -41.54 -0.26 25.36
CA TRP A 294 -40.71 0.06 24.22
C TRP A 294 -41.52 0.75 23.13
N ASN A 295 -40.92 1.76 22.50
CA ASN A 295 -41.54 2.38 21.36
C ASN A 295 -41.49 1.42 20.17
N ALA A 296 -42.11 1.83 19.06
CA ALA A 296 -42.11 0.99 17.87
C ALA A 296 -40.72 0.90 17.26
N ASP A 297 -39.90 1.94 17.40
CA ASP A 297 -38.56 1.94 16.85
C ASP A 297 -37.63 0.96 17.55
N SER A 298 -38.04 0.40 18.68
CA SER A 298 -37.16 -0.32 19.60
C SER A 298 -36.05 0.55 20.15
N SER A 299 -36.13 1.86 19.91
CA SER A 299 -35.14 2.82 20.38
C SER A 299 -35.54 3.45 21.70
N VAL A 300 -36.66 4.15 21.74
CA VAL A 300 -37.10 4.87 22.92
C VAL A 300 -37.72 3.90 23.91
N LEU A 301 -37.47 4.14 25.20
CA LEU A 301 -38.03 3.32 26.26
C LEU A 301 -38.63 4.23 27.34
N ALA A 302 -39.72 3.77 27.93
CA ALA A 302 -40.50 4.54 28.88
C ALA A 302 -40.69 3.75 30.17
N VAL A 303 -40.61 4.47 31.29
CA VAL A 303 -40.63 3.88 32.63
C VAL A 303 -41.71 4.57 33.45
N TRP A 304 -42.44 3.78 34.23
CA TRP A 304 -43.56 4.25 35.05
C TRP A 304 -43.19 4.12 36.52
N LEU A 305 -43.18 5.24 37.24
CA LEU A 305 -42.82 5.28 38.64
C LEU A 305 -44.02 5.68 39.48
N GLU A 306 -44.14 5.08 40.65
CA GLU A 306 -45.22 5.36 41.59
C GLU A 306 -44.64 5.95 42.87
N ASP A 307 -45.13 7.12 43.26
CA ASP A 307 -44.69 7.75 44.49
C ASP A 307 -45.02 6.88 45.69
N LEU A 308 -44.00 6.32 46.33
CA LEU A 308 -44.18 5.49 47.50
C LEU A 308 -44.09 6.35 48.75
N GLN A 309 -45.02 6.13 49.68
CA GLN A 309 -45.06 6.90 50.92
C GLN A 309 -43.89 6.54 51.82
N LYS A 317 -47.76 11.24 43.88
CA LYS A 317 -46.99 11.96 42.86
C LYS A 317 -46.23 10.99 41.97
N THR A 318 -46.96 10.18 41.21
CA THR A 318 -46.36 9.27 40.26
C THR A 318 -45.64 10.05 39.16
N CYS A 319 -44.92 9.32 38.31
CA CYS A 319 -44.19 9.96 37.23
C CYS A 319 -43.96 8.96 36.11
N VAL A 320 -43.50 9.47 34.98
CA VAL A 320 -43.18 8.64 33.83
C VAL A 320 -42.05 9.31 33.05
N GLN A 321 -41.08 8.51 32.63
CA GLN A 321 -39.85 9.02 32.05
C GLN A 321 -39.53 8.32 30.74
N LEU A 322 -38.87 9.07 29.86
CA LEU A 322 -38.41 8.59 28.56
C LEU A 322 -36.90 8.61 28.57
N TRP A 323 -36.29 7.42 28.53
CA TRP A 323 -34.85 7.26 28.55
C TRP A 323 -34.32 7.09 27.13
N THR A 324 -32.99 7.13 27.00
CA THR A 324 -32.35 6.97 25.71
C THR A 324 -30.92 6.52 25.93
N VAL A 325 -30.47 5.57 25.10
CA VAL A 325 -29.10 5.10 25.13
C VAL A 325 -28.35 5.71 23.95
N GLY A 326 -27.15 6.20 24.22
CA GLY A 326 -26.30 6.73 23.17
C GLY A 326 -24.84 6.45 23.43
N ASN A 327 -24.17 5.78 22.50
CA ASN A 327 -22.78 5.38 22.66
C ASN A 327 -22.58 4.64 23.98
N TYR A 328 -23.52 3.74 24.29
CA TYR A 328 -23.53 3.00 25.54
C TYR A 328 -23.56 3.91 26.75
N HIS A 329 -24.16 5.09 26.59
CA HIS A 329 -24.49 5.97 27.70
C HIS A 329 -25.99 6.19 27.70
N TRP A 330 -26.58 6.22 28.89
CA TRP A 330 -28.02 6.30 29.04
C TRP A 330 -28.41 7.75 29.34
N TYR A 331 -29.28 8.31 28.51
CA TYR A 331 -29.72 9.68 28.63
C TYR A 331 -31.19 9.69 28.98
N LEU A 332 -31.53 10.31 30.11
CA LEU A 332 -32.93 10.46 30.50
C LEU A 332 -33.47 11.72 29.81
N LYS A 333 -33.90 11.53 28.56
CA LYS A 333 -34.22 12.66 27.71
C LYS A 333 -35.51 13.35 28.10
N GLN A 334 -36.45 12.67 28.76
CA GLN A 334 -37.69 13.36 29.08
C GLN A 334 -38.31 12.73 30.32
N SER A 335 -39.18 13.49 30.98
CA SER A 335 -39.94 12.97 32.12
C SER A 335 -41.04 13.96 32.47
N LEU A 336 -42.12 13.43 33.03
CA LEU A 336 -43.21 14.26 33.54
C LEU A 336 -44.02 13.43 34.52
N SER A 337 -44.58 14.12 35.51
CA SER A 337 -45.21 13.47 36.65
C SER A 337 -46.71 13.75 36.67
N PHE A 338 -47.37 13.19 37.69
CA PHE A 338 -48.80 13.29 37.87
C PHE A 338 -49.14 13.03 39.33
N SER A 339 -50.35 13.40 39.71
CA SER A 339 -50.83 13.24 41.08
C SER A 339 -51.64 11.96 41.21
N THR A 340 -51.52 11.32 42.36
CA THR A 340 -52.25 10.09 42.67
C THR A 340 -53.38 10.47 43.62
N CYS A 341 -54.52 10.87 43.05
CA CYS A 341 -55.67 11.30 43.84
C CYS A 341 -56.96 10.63 43.40
N GLY A 342 -56.87 9.44 42.81
CA GLY A 342 -58.08 8.74 42.39
C GLY A 342 -58.44 9.01 40.95
N LYS A 343 -59.34 9.98 40.72
CA LYS A 343 -59.77 10.28 39.35
C LYS A 343 -58.58 10.68 38.49
N SER A 344 -57.66 11.48 39.04
CA SER A 344 -56.45 11.83 38.31
C SER A 344 -55.40 10.75 38.36
N LYS A 345 -55.54 9.78 39.25
CA LYS A 345 -54.64 8.63 39.23
C LYS A 345 -54.79 7.90 37.90
N ILE A 346 -53.67 7.56 37.30
CA ILE A 346 -53.66 7.07 35.93
C ILE A 346 -54.18 5.64 35.89
N VAL A 347 -54.91 5.31 34.84
CA VAL A 347 -55.37 3.94 34.66
C VAL A 347 -54.31 3.12 33.95
N SER A 348 -53.94 3.53 32.74
CA SER A 348 -52.97 2.78 31.94
C SER A 348 -52.50 3.66 30.79
N LEU A 349 -51.70 3.06 29.91
CA LEU A 349 -51.08 3.77 28.81
C LEU A 349 -50.60 2.75 27.78
N MET A 350 -50.20 3.25 26.61
CA MET A 350 -49.79 2.37 25.54
C MET A 350 -48.98 3.12 24.50
N TRP A 351 -47.94 2.47 24.00
CA TRP A 351 -47.23 2.93 22.82
C TRP A 351 -48.09 2.76 21.59
N ASP A 352 -47.96 3.71 20.66
CA ASP A 352 -48.57 3.53 19.36
C ASP A 352 -47.82 2.46 18.60
N PRO A 353 -48.46 1.37 18.18
CA PRO A 353 -47.78 0.33 17.41
C PRO A 353 -47.52 0.68 15.96
N VAL A 354 -47.76 1.93 15.56
CA VAL A 354 -47.54 2.36 14.18
C VAL A 354 -46.47 3.43 14.15
N THR A 355 -46.74 4.56 14.81
CA THR A 355 -45.77 5.64 14.91
C THR A 355 -44.96 5.47 16.18
N PRO A 356 -43.64 5.32 16.10
CA PRO A 356 -42.85 5.04 17.31
C PRO A 356 -42.85 6.18 18.30
N TYR A 357 -43.26 7.38 17.91
CA TYR A 357 -43.21 8.55 18.79
C TYR A 357 -44.61 9.06 19.13
N ARG A 358 -45.54 8.15 19.38
CA ARG A 358 -46.91 8.48 19.70
C ARG A 358 -47.34 7.65 20.90
N LEU A 359 -48.03 8.28 21.85
CA LEU A 359 -48.43 7.63 23.08
C LEU A 359 -49.90 7.91 23.40
N HIS A 360 -50.53 6.93 24.03
CA HIS A 360 -51.90 7.04 24.51
C HIS A 360 -51.90 6.72 25.99
N VAL A 361 -52.86 7.30 26.72
CA VAL A 361 -52.89 7.17 28.16
C VAL A 361 -54.30 7.45 28.64
N LEU A 362 -54.67 6.87 29.77
CA LEU A 362 -56.01 7.08 30.31
C LEU A 362 -55.95 6.99 31.82
N CYS A 363 -56.78 7.80 32.47
CA CYS A 363 -56.82 7.94 33.91
C CYS A 363 -58.25 7.82 34.43
N GLN A 364 -58.33 7.47 35.71
CA GLN A 364 -59.55 7.00 36.38
C GLN A 364 -60.66 8.04 36.42
N GLY A 365 -60.35 9.31 36.15
CA GLY A 365 -61.41 10.29 36.04
C GLY A 365 -62.13 10.16 34.72
N TRP A 366 -62.15 8.94 34.18
CA TRP A 366 -62.66 8.64 32.85
C TRP A 366 -62.12 9.65 31.84
N HIS A 367 -60.80 9.69 31.72
CA HIS A 367 -60.16 10.63 30.82
C HIS A 367 -59.10 9.93 29.98
N TYR A 368 -58.95 10.39 28.74
CA TYR A 368 -57.96 9.87 27.81
C TYR A 368 -57.11 11.01 27.28
N LEU A 369 -55.88 10.68 26.89
CA LEU A 369 -54.92 11.68 26.45
C LEU A 369 -53.94 11.03 25.48
N ALA A 370 -53.45 11.84 24.54
CA ALA A 370 -52.52 11.39 23.52
C ALA A 370 -51.36 12.38 23.42
N TYR A 371 -50.20 11.87 23.04
CA TYR A 371 -48.98 12.65 23.01
C TYR A 371 -48.13 12.27 21.80
N ASP A 372 -47.34 13.22 21.33
CA ASP A 372 -46.47 12.99 20.19
C ASP A 372 -45.18 13.78 20.33
N TRP A 373 -44.11 13.25 19.74
CA TRP A 373 -42.82 13.92 19.73
C TRP A 373 -42.18 13.76 18.35
N HIS A 374 -41.08 14.50 18.16
CA HIS A 374 -40.24 14.35 16.99
C HIS A 374 -38.85 14.83 17.33
N TRP A 375 -37.88 14.38 16.54
CA TRP A 375 -36.48 14.67 16.81
C TRP A 375 -36.11 16.09 16.42
N THR A 376 -35.00 16.56 16.99
CA THR A 376 -34.42 17.85 16.63
C THR A 376 -33.02 17.92 17.23
N THR A 377 -32.27 18.95 16.83
CA THR A 377 -30.87 19.07 17.20
C THR A 377 -30.54 20.29 18.06
N ASP A 378 -31.36 21.34 17.99
CA ASP A 378 -31.19 22.52 18.85
C ASP A 378 -29.85 23.21 18.61
N ARG A 379 -29.68 23.70 17.37
CA ARG A 379 -28.49 24.47 17.03
C ARG A 379 -28.76 25.96 17.27
N SER A 380 -27.77 26.80 16.93
CA SER A 380 -27.91 28.23 17.11
C SER A 380 -27.19 28.94 15.97
N VAL A 381 -27.79 30.03 15.50
CA VAL A 381 -27.26 30.81 14.39
C VAL A 381 -27.39 32.28 14.72
N GLY A 382 -26.32 33.04 14.50
CA GLY A 382 -26.35 34.48 14.65
C GLY A 382 -25.51 35.17 13.60
N ASP A 383 -24.75 36.19 13.99
CA ASP A 383 -23.81 36.84 13.08
C ASP A 383 -22.58 35.95 12.96
N ASN A 384 -22.25 35.58 11.72
CA ASN A 384 -21.19 34.60 11.48
C ASN A 384 -19.86 35.04 12.08
N SER A 385 -19.55 36.34 12.02
CA SER A 385 -18.34 36.84 12.64
C SER A 385 -18.38 36.64 14.15
N SER A 386 -19.52 36.89 14.78
CA SER A 386 -19.66 36.82 16.23
C SER A 386 -20.17 35.46 16.71
N ASP A 387 -20.96 34.76 15.91
CA ASP A 387 -21.48 33.47 16.34
C ASP A 387 -20.34 32.48 16.54
N LEU A 388 -20.59 31.49 17.40
CA LEU A 388 -19.57 30.52 17.77
C LEU A 388 -19.97 29.09 17.42
N SER A 389 -21.08 28.90 16.70
CA SER A 389 -21.55 27.58 16.33
C SER A 389 -21.74 26.69 17.55
N ASN A 390 -22.30 27.28 18.60
CA ASN A 390 -22.56 26.56 19.84
C ASN A 390 -23.74 25.61 19.67
N VAL A 391 -23.67 24.48 20.37
CA VAL A 391 -24.70 23.45 20.31
C VAL A 391 -24.98 22.95 21.73
N ALA A 392 -26.25 22.78 22.04
CA ALA A 392 -26.70 22.38 23.36
C ALA A 392 -27.47 21.08 23.31
N VAL A 393 -27.23 20.21 24.30
CA VAL A 393 -27.95 18.95 24.44
C VAL A 393 -28.40 18.83 25.89
N ILE A 394 -29.55 18.17 26.07
CA ILE A 394 -30.22 18.07 27.36
C ILE A 394 -30.05 16.65 27.89
N ASP A 395 -29.71 16.52 29.17
CA ASP A 395 -29.72 15.19 29.78
C ASP A 395 -29.83 15.33 31.28
N GLY A 396 -30.79 14.63 31.88
CA GLY A 396 -30.98 14.71 33.31
C GLY A 396 -31.35 16.13 33.72
N ASN A 397 -30.90 16.50 34.92
CA ASN A 397 -31.03 17.88 35.37
C ASN A 397 -29.79 18.68 35.01
N ARG A 398 -29.37 18.60 33.76
CA ARG A 398 -28.20 19.35 33.32
C ARG A 398 -28.15 19.43 31.80
N VAL A 399 -27.39 20.41 31.32
CA VAL A 399 -27.26 20.70 29.90
C VAL A 399 -25.78 20.68 29.54
N LEU A 400 -25.46 20.01 28.45
CA LEU A 400 -24.10 19.96 27.92
C LEU A 400 -24.02 20.89 26.73
N VAL A 401 -22.98 21.73 26.70
CA VAL A 401 -22.80 22.72 25.64
C VAL A 401 -21.44 22.52 25.03
N THR A 402 -21.39 22.57 23.70
CA THR A 402 -20.14 22.47 22.96
C THR A 402 -20.08 23.59 21.94
N VAL A 403 -19.04 24.42 22.04
CA VAL A 403 -18.82 25.48 21.06
C VAL A 403 -17.91 24.93 19.97
N PHE A 404 -18.29 25.12 18.71
CA PHE A 404 -17.58 24.48 17.62
C PHE A 404 -16.75 25.44 16.78
N ARG A 405 -16.93 26.75 16.92
CA ARG A 405 -16.08 27.67 16.17
C ARG A 405 -14.61 27.46 16.50
N GLN A 406 -14.31 27.02 17.72
CA GLN A 406 -12.94 26.77 18.14
C GLN A 406 -12.66 25.34 18.50
N THR A 407 -13.64 24.59 18.99
CA THR A 407 -13.40 23.28 19.57
C THR A 407 -14.30 22.24 18.92
N VAL A 408 -13.87 20.99 19.03
CA VAL A 408 -14.63 19.85 18.50
C VAL A 408 -14.45 18.70 19.47
N VAL A 409 -15.54 18.24 20.08
CA VAL A 409 -15.46 17.12 21.02
C VAL A 409 -16.51 16.08 20.63
N PRO A 410 -16.17 14.79 20.67
CA PRO A 410 -17.12 13.76 20.28
C PRO A 410 -17.99 13.35 21.45
N PRO A 411 -19.30 13.53 21.36
CA PRO A 411 -20.21 13.08 22.41
C PRO A 411 -19.97 11.63 22.77
N PRO A 412 -19.97 11.30 24.07
CA PRO A 412 -20.31 12.12 25.24
C PRO A 412 -19.27 13.19 25.57
N MET A 413 -19.28 13.73 26.79
CA MET A 413 -18.49 14.89 27.15
C MET A 413 -18.98 16.10 26.38
N CYS A 414 -18.38 17.26 26.61
CA CYS A 414 -18.78 18.50 25.98
C CYS A 414 -17.80 19.59 26.40
N THR A 415 -17.98 20.77 25.82
CA THR A 415 -17.15 21.90 26.22
C THR A 415 -17.38 22.26 27.68
N TYR A 416 -18.64 22.44 28.07
CA TYR A 416 -18.93 22.79 29.45
C TYR A 416 -20.40 22.48 29.74
N GLN A 417 -20.69 22.29 31.02
CA GLN A 417 -22.02 21.86 31.44
C GLN A 417 -22.60 22.82 32.47
N LEU A 418 -23.93 22.90 32.45
CA LEU A 418 -24.71 23.65 33.42
C LEU A 418 -25.59 22.68 34.21
N LEU A 419 -25.57 22.82 35.53
CA LEU A 419 -26.35 21.97 36.42
C LEU A 419 -27.68 22.63 36.78
N PHE A 420 -28.58 21.82 37.31
CA PHE A 420 -29.91 22.30 37.67
C PHE A 420 -30.48 21.39 38.76
N PRO A 421 -31.40 21.89 39.58
CA PRO A 421 -31.91 21.08 40.70
C PRO A 421 -32.67 19.84 40.25
N HIS A 422 -33.66 20.04 39.39
CA HIS A 422 -34.56 18.99 38.94
C HIS A 422 -34.69 19.04 37.43
N PRO A 423 -35.10 17.93 36.79
CA PRO A 423 -34.86 17.77 35.35
C PRO A 423 -35.47 18.86 34.49
N VAL A 424 -34.70 19.28 33.49
CA VAL A 424 -35.12 20.25 32.50
C VAL A 424 -35.93 19.54 31.42
N ASN A 425 -36.74 20.29 30.67
CA ASN A 425 -37.55 19.73 29.61
C ASN A 425 -37.07 20.15 28.23
N GLN A 426 -36.99 21.45 27.95
CA GLN A 426 -36.51 21.89 26.65
C GLN A 426 -35.85 23.26 26.79
N VAL A 427 -35.00 23.58 25.82
CA VAL A 427 -34.18 24.78 25.84
C VAL A 427 -34.24 25.45 24.47
N THR A 428 -33.77 26.70 24.43
CA THR A 428 -33.73 27.44 23.18
C THR A 428 -32.71 28.57 23.31
N PHE A 429 -32.11 28.93 22.17
CA PHE A 429 -31.17 30.03 22.11
C PHE A 429 -31.89 31.34 21.86
N LEU A 430 -31.21 32.44 22.14
CA LEU A 430 -31.73 33.75 21.77
C LEU A 430 -31.69 33.92 20.25
N ALA A 431 -32.74 34.54 19.72
CA ALA A 431 -32.88 34.77 18.30
C ALA A 431 -32.35 36.14 17.88
N HIS A 432 -31.40 36.69 18.63
CA HIS A 432 -30.99 37.98 18.09
C HIS A 432 -29.67 37.85 17.34
N PRO A 433 -29.53 38.56 16.22
CA PRO A 433 -28.25 38.54 15.50
C PRO A 433 -27.14 39.12 16.37
N GLN A 434 -25.91 38.74 16.04
CA GLN A 434 -24.69 39.14 16.74
C GLN A 434 -24.81 38.90 18.24
N LYS A 435 -25.80 38.10 18.63
CA LYS A 435 -26.05 37.82 20.04
C LYS A 435 -26.42 36.37 20.27
N SER A 436 -26.40 35.52 19.24
CA SER A 436 -26.87 34.15 19.34
C SER A 436 -25.84 33.29 20.08
N ASN A 437 -25.56 33.68 21.31
CA ASN A 437 -24.68 32.91 22.17
C ASN A 437 -25.19 32.85 23.61
N ASP A 438 -26.47 33.15 23.84
CA ASP A 438 -27.09 33.06 25.15
C ASP A 438 -28.44 32.37 24.98
N LEU A 439 -28.72 31.42 25.87
CA LEU A 439 -29.85 30.52 25.72
C LEU A 439 -30.82 30.68 26.90
N ALA A 440 -31.92 29.95 26.81
CA ALA A 440 -32.93 29.92 27.86
C ALA A 440 -33.25 28.46 28.19
N VAL A 441 -33.53 28.21 29.47
CA VAL A 441 -33.72 26.86 29.98
C VAL A 441 -35.08 26.78 30.66
N LEU A 442 -35.83 25.74 30.36
CA LEU A 442 -37.16 25.52 30.97
C LEU A 442 -37.10 24.25 31.82
N ASP A 443 -37.07 24.44 33.13
CA ASP A 443 -37.04 23.32 34.05
C ASP A 443 -38.44 22.70 34.19
N ALA A 444 -38.50 21.56 34.87
CA ALA A 444 -39.75 20.83 35.02
C ALA A 444 -40.82 21.62 35.76
N SER A 445 -40.44 22.44 36.73
CA SER A 445 -41.39 23.12 37.61
C SER A 445 -41.66 24.55 37.16
N ASN A 446 -41.70 24.79 35.85
CA ASN A 446 -42.07 26.09 35.29
C ASN A 446 -41.04 27.16 35.65
N GLN A 447 -39.78 26.76 35.70
CA GLN A 447 -38.68 27.64 36.04
C GLN A 447 -37.95 28.01 34.75
N ILE A 448 -37.61 29.29 34.61
CA ILE A 448 -36.89 29.79 33.45
C ILE A 448 -35.51 30.24 33.88
N SER A 449 -34.49 29.64 33.31
CA SER A 449 -33.10 29.96 33.64
C SER A 449 -32.47 30.69 32.47
N VAL A 450 -31.80 31.80 32.78
CA VAL A 450 -31.13 32.62 31.77
C VAL A 450 -29.63 32.56 32.03
N TYR A 451 -28.86 32.28 30.99
CA TYR A 451 -27.41 32.20 31.08
C TYR A 451 -26.82 33.08 30.00
N LYS A 452 -26.09 34.12 30.41
CA LYS A 452 -25.49 35.07 29.47
C LYS A 452 -23.99 34.85 29.44
N CYS A 453 -23.44 34.81 28.22
CA CYS A 453 -22.01 34.60 28.03
C CYS A 453 -21.23 35.90 27.95
N GLY A 454 -21.72 36.95 28.60
CA GLY A 454 -21.00 38.19 28.66
C GLY A 454 -19.70 38.05 29.43
N ASP A 455 -18.91 39.13 29.44
CA ASP A 455 -17.61 39.13 30.10
C ASP A 455 -17.82 39.21 31.62
N CYS A 456 -18.37 38.13 32.15
CA CYS A 456 -18.61 38.06 33.59
C CYS A 456 -17.29 37.81 34.32
N PRO A 457 -16.93 38.63 35.30
CA PRO A 457 -15.66 38.40 36.01
C PRO A 457 -15.67 37.14 36.84
N SER A 458 -16.74 36.89 37.59
CA SER A 458 -16.85 35.73 38.46
C SER A 458 -17.89 34.77 37.91
N ALA A 459 -17.56 33.48 37.88
CA ALA A 459 -18.45 32.47 37.35
C ALA A 459 -19.22 31.78 38.47
N ASP A 460 -20.53 31.67 38.27
CA ASP A 460 -21.39 30.96 39.25
C ASP A 460 -21.00 29.49 39.24
N PRO A 461 -21.11 28.76 40.37
CA PRO A 461 -20.67 27.36 40.43
C PRO A 461 -21.44 26.42 39.51
N THR A 462 -22.57 26.87 38.96
CA THR A 462 -23.38 25.99 38.09
C THR A 462 -22.60 25.66 36.81
N VAL A 463 -21.69 26.54 36.39
CA VAL A 463 -20.90 26.32 35.19
C VAL A 463 -19.70 25.45 35.54
N LYS A 464 -19.52 24.36 34.80
CA LYS A 464 -18.34 23.52 35.00
C LYS A 464 -17.78 23.16 33.64
N LEU A 465 -16.48 22.87 33.60
CA LEU A 465 -15.78 22.59 32.36
C LEU A 465 -15.54 21.10 32.20
N GLY A 466 -15.71 20.61 30.98
CA GLY A 466 -15.58 19.20 30.70
C GLY A 466 -14.18 18.78 30.28
N ALA A 467 -14.06 18.23 29.07
CA ALA A 467 -12.79 17.69 28.61
C ALA A 467 -11.74 18.79 28.45
N VAL A 468 -12.16 20.04 28.24
CA VAL A 468 -11.21 21.12 28.07
C VAL A 468 -10.39 21.32 29.33
N GLY A 469 -11.01 21.15 30.50
CA GLY A 469 -10.32 21.30 31.75
C GLY A 469 -9.38 20.14 32.03
N GLY A 470 -8.60 20.30 33.09
CA GLY A 470 -7.63 19.28 33.47
C GLY A 470 -6.68 19.82 34.52
N SER A 471 -5.55 19.14 34.65
CA SER A 471 -4.56 19.55 35.64
C SER A 471 -3.91 20.87 35.25
N GLY A 472 -3.25 20.90 34.10
CA GLY A 472 -2.56 22.11 33.67
C GLY A 472 -3.06 22.67 32.36
N PHE A 473 -3.93 21.91 31.68
CA PHE A 473 -4.43 22.34 30.39
C PHE A 473 -5.24 23.63 30.53
N LYS A 474 -5.05 24.54 29.59
CA LYS A 474 -5.62 25.88 29.70
C LYS A 474 -6.12 26.35 28.35
N VAL A 475 -7.25 27.04 28.36
CA VAL A 475 -7.84 27.65 27.16
C VAL A 475 -8.26 29.06 27.52
N CYS A 476 -8.53 29.86 26.49
CA CYS A 476 -8.87 31.26 26.71
C CYS A 476 -10.20 31.62 26.06
N LEU A 477 -11.22 30.79 26.25
CA LEU A 477 -12.54 31.06 25.70
C LEU A 477 -13.34 31.92 26.67
N ARG A 478 -14.56 32.26 26.27
CA ARG A 478 -15.48 33.06 27.08
C ARG A 478 -16.56 32.16 27.64
N THR A 479 -16.78 32.23 28.94
CA THR A 479 -17.77 31.36 29.54
C THR A 479 -19.02 32.15 29.92
N PRO A 480 -20.17 31.48 29.98
CA PRO A 480 -21.40 32.16 30.40
C PRO A 480 -21.56 32.19 31.91
N HIS A 481 -22.65 32.79 32.37
CA HIS A 481 -22.94 32.89 33.80
C HIS A 481 -24.44 32.91 34.00
N LEU A 482 -24.87 32.56 35.21
CA LEU A 482 -26.28 32.60 35.53
C LEU A 482 -26.78 34.04 35.55
N GLU A 483 -27.95 34.25 34.95
CA GLU A 483 -28.52 35.58 34.85
C GLU A 483 -29.82 35.72 35.63
N LYS A 484 -30.83 34.89 35.34
CA LYS A 484 -32.14 35.05 35.95
C LYS A 484 -32.76 33.68 36.17
N ARG A 485 -33.66 33.61 37.15
CA ARG A 485 -34.47 32.42 37.42
C ARG A 485 -35.91 32.89 37.58
N TYR A 486 -36.61 32.99 36.46
CA TYR A 486 -37.96 33.53 36.39
C TYR A 486 -39.00 32.44 36.56
N LYS A 487 -40.22 32.88 36.82
CA LYS A 487 -41.32 31.89 36.94
C LYS A 487 -42.46 32.32 36.01
N ILE A 488 -43.61 31.70 36.16
CA ILE A 488 -44.79 31.98 35.36
C ILE A 488 -45.75 32.84 36.16
N GLN A 489 -46.47 33.72 35.48
CA GLN A 489 -47.48 34.57 36.10
C GLN A 489 -48.78 34.40 35.32
N PHE A 490 -49.67 33.55 35.82
CA PHE A 490 -50.94 33.30 35.18
C PHE A 490 -51.82 34.55 35.14
N PRO A 500 -50.61 17.94 31.95
CA PRO A 500 -50.04 18.80 32.98
C PRO A 500 -49.25 19.96 32.39
N LEU A 501 -48.89 19.83 31.11
CA LEU A 501 -48.09 20.85 30.43
C LEU A 501 -49.01 22.00 30.06
N LYS A 502 -49.01 23.04 30.90
CA LYS A 502 -49.86 24.19 30.63
C LYS A 502 -49.47 24.89 29.34
N LEU A 503 -48.22 24.76 28.93
CA LEU A 503 -47.73 25.36 27.69
C LEU A 503 -47.09 24.30 26.81
N GLY A 504 -47.01 24.60 25.52
CA GLY A 504 -46.41 23.70 24.57
C GLY A 504 -44.96 24.04 24.29
N LEU A 505 -44.61 24.13 23.01
CA LEU A 505 -43.24 24.46 22.63
C LEU A 505 -42.91 25.88 23.08
N LEU A 506 -41.63 26.10 23.36
CA LEU A 506 -41.15 27.38 23.85
C LEU A 506 -40.24 28.01 22.81
N THR A 507 -40.47 29.29 22.53
CA THR A 507 -39.61 30.06 21.63
C THR A 507 -39.23 31.36 22.32
N TRP A 508 -38.04 31.84 21.98
CA TRP A 508 -37.46 33.05 22.58
C TRP A 508 -37.18 34.03 21.46
N ILE A 509 -38.18 34.84 21.09
CA ILE A 509 -38.01 35.67 19.91
C ILE A 509 -37.00 36.77 20.17
N GLU A 510 -37.05 37.38 21.34
CA GLU A 510 -36.10 38.42 21.71
C GLU A 510 -35.94 38.41 23.21
N GLU A 511 -34.87 39.09 23.67
CA GLU A 511 -34.40 39.04 25.04
C GLU A 511 -35.51 39.10 26.08
N ASP A 512 -36.63 39.73 25.75
CA ASP A 512 -37.72 39.92 26.69
C ASP A 512 -39.01 39.22 26.30
N VAL A 513 -39.08 38.64 25.10
CA VAL A 513 -40.35 38.12 24.59
C VAL A 513 -40.19 36.63 24.30
N PHE A 514 -41.03 35.83 24.96
CA PHE A 514 -41.13 34.40 24.75
C PHE A 514 -42.52 34.09 24.20
N LEU A 515 -42.64 32.95 23.54
CA LEU A 515 -43.90 32.53 22.94
C LEU A 515 -44.10 31.03 23.16
N ALA A 516 -45.36 30.65 23.33
CA ALA A 516 -45.73 29.25 23.52
C ALA A 516 -47.10 29.03 22.89
N VAL A 517 -47.58 27.79 22.97
CA VAL A 517 -48.84 27.39 22.34
C VAL A 517 -49.61 26.50 23.30
N SER A 518 -50.92 26.72 23.38
CA SER A 518 -51.82 25.88 24.16
C SER A 518 -52.77 25.15 23.22
N HIS A 519 -53.72 24.43 23.81
CA HIS A 519 -54.67 23.63 23.04
C HIS A 519 -56.04 23.67 23.71
N SER A 520 -56.99 22.98 23.09
CA SER A 520 -58.35 22.87 23.62
C SER A 520 -58.98 21.60 23.08
N GLU A 521 -59.33 20.67 23.97
CA GLU A 521 -59.94 19.42 23.53
C GLU A 521 -61.26 19.67 22.83
N PHE A 522 -62.07 20.58 23.36
CA PHE A 522 -63.30 21.00 22.72
C PHE A 522 -62.99 22.11 21.73
N SER A 523 -63.59 22.03 20.54
CA SER A 523 -63.36 23.00 19.48
C SER A 523 -61.86 23.15 19.24
N PRO A 524 -61.22 22.15 18.62
CA PRO A 524 -59.75 22.16 18.49
C PRO A 524 -59.17 23.47 17.97
N ARG A 525 -58.33 24.09 18.79
CA ARG A 525 -57.66 25.32 18.43
C ARG A 525 -56.44 25.50 19.33
N SER A 526 -55.66 26.52 19.03
CA SER A 526 -54.46 26.83 19.80
C SER A 526 -54.48 28.30 20.19
N VAL A 527 -53.67 28.64 21.18
CA VAL A 527 -53.56 30.01 21.67
C VAL A 527 -52.10 30.38 21.79
N ILE A 528 -51.74 31.54 21.28
CA ILE A 528 -50.41 32.09 21.44
C ILE A 528 -50.37 32.91 22.72
N HIS A 529 -49.17 33.13 23.24
CA HIS A 529 -49.00 33.81 24.51
C HIS A 529 -47.85 34.81 24.40
N HIS A 530 -47.87 35.79 25.29
CA HIS A 530 -47.06 37.00 25.18
C HIS A 530 -46.32 37.28 26.47
N LEU A 531 -45.59 36.28 26.96
CA LEU A 531 -44.95 36.40 28.26
C LEU A 531 -43.82 37.42 28.21
N THR A 532 -44.16 38.68 28.44
CA THR A 532 -43.17 39.74 28.49
C THR A 532 -42.36 39.63 29.77
N ALA A 533 -41.38 40.53 29.90
CA ALA A 533 -40.48 40.52 31.05
C ALA A 533 -41.05 41.40 32.16
N ALA A 534 -41.21 40.82 33.34
CA ALA A 534 -41.53 41.59 34.53
C ALA A 534 -40.26 42.12 35.14
N SER A 535 -40.29 43.40 35.54
CA SER A 535 -39.10 44.05 36.06
C SER A 535 -38.70 43.43 37.41
N SER A 536 -37.42 43.61 37.75
CA SER A 536 -36.83 42.98 38.94
C SER A 536 -37.10 43.86 40.16
N GLU A 537 -38.20 43.57 40.84
CA GLU A 537 -38.55 44.25 42.10
C GLU A 537 -38.44 43.31 43.29
N MET A 538 -37.72 42.21 43.14
CA MET A 538 -37.59 41.19 44.16
C MET A 538 -36.14 40.72 44.14
N ASP A 539 -35.87 39.56 44.75
CA ASP A 539 -34.59 38.90 44.55
C ASP A 539 -34.26 38.88 43.08
N GLU A 540 -33.19 39.59 42.71
CA GLU A 540 -32.92 39.92 41.31
C GLU A 540 -32.65 38.69 40.46
N GLU A 541 -32.68 37.50 41.08
CA GLU A 541 -32.69 36.25 40.35
C GLU A 541 -34.10 35.73 40.10
N HIS A 542 -35.12 36.55 40.37
CA HIS A 542 -36.50 36.11 40.23
C HIS A 542 -37.34 37.11 39.45
N GLY A 543 -38.65 36.87 39.41
CA GLY A 543 -39.56 37.68 38.63
C GLY A 543 -40.44 36.83 37.75
N GLN A 544 -41.76 36.98 37.91
CA GLN A 544 -42.71 36.15 37.18
C GLN A 544 -43.15 36.86 35.91
N LEU A 545 -42.92 36.21 34.77
CA LEU A 545 -43.33 36.76 33.49
C LEU A 545 -44.80 36.49 33.27
N ASN A 546 -45.54 37.53 32.90
CA ASN A 546 -46.98 37.48 32.76
C ASN A 546 -47.37 37.56 31.29
N VAL A 547 -48.58 37.08 31.00
CA VAL A 547 -49.11 37.06 29.64
C VAL A 547 -49.55 38.47 29.28
N SER A 548 -48.83 39.10 28.34
CA SER A 548 -49.28 40.38 27.82
C SER A 548 -50.56 40.22 27.03
N SER A 549 -50.64 39.15 26.23
CA SER A 549 -51.83 38.87 25.44
C SER A 549 -51.88 37.38 25.16
N SER A 550 -53.05 36.91 24.74
CA SER A 550 -53.27 35.50 24.41
C SER A 550 -53.90 35.45 23.03
N ALA A 551 -53.05 35.40 21.99
CA ALA A 551 -53.53 35.29 20.62
C ALA A 551 -54.09 33.89 20.39
N ALA A 552 -55.35 33.81 20.00
CA ALA A 552 -56.04 32.54 19.82
C ALA A 552 -56.44 32.37 18.37
N VAL A 553 -56.16 31.18 17.83
CA VAL A 553 -56.53 30.83 16.46
C VAL A 553 -57.09 29.41 16.48
N ASP A 554 -57.89 29.09 15.46
CA ASP A 554 -58.49 27.77 15.36
C ASP A 554 -57.57 26.81 14.62
N GLY A 555 -57.75 25.53 14.90
CA GLY A 555 -56.90 24.50 14.36
C GLY A 555 -55.65 24.28 15.19
N VAL A 556 -54.90 23.26 14.83
CA VAL A 556 -53.70 22.86 15.56
C VAL A 556 -52.50 23.49 14.88
N ILE A 557 -51.77 24.34 15.62
CA ILE A 557 -50.55 24.95 15.12
C ILE A 557 -49.43 23.96 15.40
N ILE A 558 -49.12 23.13 14.41
CA ILE A 558 -48.14 22.08 14.65
C ILE A 558 -46.73 22.63 14.77
N SER A 559 -46.38 23.66 14.00
CA SER A 559 -45.00 24.13 14.02
C SER A 559 -44.96 25.63 13.84
N LEU A 560 -43.77 26.20 14.05
CA LEU A 560 -43.56 27.63 13.88
C LEU A 560 -42.06 27.89 13.81
N CYS A 561 -41.69 28.97 13.12
CA CYS A 561 -40.31 29.41 13.05
C CYS A 561 -40.29 30.92 12.81
N CYS A 562 -39.09 31.47 12.79
CA CYS A 562 -38.93 32.91 12.58
C CYS A 562 -37.53 33.17 12.05
N ASN A 563 -37.36 34.36 11.50
CA ASN A 563 -36.08 34.83 11.01
C ASN A 563 -35.74 36.16 11.66
N SER A 564 -34.53 36.24 12.20
CA SER A 564 -34.07 37.46 12.86
C SER A 564 -33.75 38.55 11.86
N LYS A 565 -33.11 38.21 10.75
CA LYS A 565 -32.77 39.21 9.75
C LYS A 565 -34.03 39.87 9.21
N THR A 566 -35.06 39.09 8.93
CA THR A 566 -36.35 39.65 8.56
C THR A 566 -37.20 40.00 9.78
N LYS A 567 -36.86 39.48 10.96
CA LYS A 567 -37.64 39.68 12.18
C LYS A 567 -39.09 39.27 11.97
N SER A 568 -39.29 38.15 11.30
CA SER A 568 -40.63 37.72 10.92
C SER A 568 -40.90 36.30 11.41
N VAL A 569 -42.13 36.06 11.83
CA VAL A 569 -42.53 34.79 12.42
C VAL A 569 -43.64 34.18 11.58
N VAL A 570 -43.46 32.91 11.19
CA VAL A 570 -44.44 32.18 10.40
C VAL A 570 -44.64 30.81 11.01
N LEU A 571 -45.88 30.37 11.09
CA LEU A 571 -46.24 29.09 11.66
C LEU A 571 -46.82 28.17 10.59
N GLN A 572 -46.74 26.87 10.87
CA GLN A 572 -47.37 25.83 10.07
C GLN A 572 -48.51 25.23 10.86
N LEU A 573 -49.71 25.31 10.29
CA LEU A 573 -50.91 24.68 10.83
C LEU A 573 -50.88 23.17 10.55
N ALA A 574 -51.66 22.43 11.33
CA ALA A 574 -51.73 20.98 11.15
C ALA A 574 -52.17 20.61 9.74
N ASP A 575 -52.93 21.49 9.08
CA ASP A 575 -53.36 21.26 7.71
C ASP A 575 -52.21 21.34 6.71
N GLY A 576 -51.04 21.81 7.13
CA GLY A 576 -50.04 22.23 6.18
C GLY A 576 -50.22 23.66 5.71
N GLN A 577 -51.25 24.34 6.20
CA GLN A 577 -51.39 25.76 5.93
C GLN A 577 -50.25 26.53 6.57
N ILE A 578 -49.76 27.54 5.87
CA ILE A 578 -48.64 28.34 6.33
C ILE A 578 -49.14 29.76 6.56
N PHE A 579 -48.98 30.25 7.79
CA PHE A 579 -49.54 31.53 8.19
C PHE A 579 -48.44 32.37 8.86
N LYS A 580 -48.08 33.47 8.23
CA LYS A 580 -47.22 34.45 8.87
C LYS A 580 -48.03 35.23 9.90
N TYR A 581 -47.52 35.29 11.12
CA TYR A 581 -48.10 36.10 12.17
C TYR A 581 -47.15 37.25 12.46
N LEU A 582 -47.64 38.48 12.36
CA LEU A 582 -46.82 39.64 12.70
C LEU A 582 -46.56 39.63 14.18
N TRP A 583 -45.32 39.31 14.58
CA TRP A 583 -44.99 39.26 15.98
C TRP A 583 -45.19 40.60 16.67
N GLU A 584 -45.08 41.70 15.90
CA GLU A 584 -45.47 42.99 16.45
C GLU A 584 -46.93 43.00 16.84
N SER A 585 -47.80 42.60 15.91
CA SER A 585 -49.25 42.50 16.09
C SER A 585 -49.81 43.66 16.89
N PRO A 586 -49.83 44.87 16.33
CA PRO A 586 -50.55 45.96 17.02
C PRO A 586 -52.00 45.61 17.28
N SER A 587 -52.62 44.85 16.39
CA SER A 587 -53.92 44.24 16.66
C SER A 587 -54.00 42.93 15.89
N LEU A 588 -53.57 41.85 16.54
CA LEU A 588 -53.78 40.47 16.09
C LEU A 588 -53.60 40.31 14.59
N ALA A 589 -52.39 40.61 14.11
CA ALA A 589 -52.11 40.57 12.68
C ALA A 589 -51.80 39.14 12.26
N ILE A 590 -52.69 38.56 11.45
CA ILE A 590 -52.53 37.20 10.94
C ILE A 590 -52.68 37.23 9.44
N LYS A 591 -51.84 36.46 8.74
CA LYS A 591 -51.97 36.40 7.29
C LYS A 591 -51.42 35.09 6.79
N PRO A 592 -52.22 34.27 6.10
CA PRO A 592 -51.67 33.05 5.50
C PRO A 592 -50.53 33.38 4.56
N TRP A 593 -49.54 32.49 4.52
CA TRP A 593 -48.37 32.73 3.69
C TRP A 593 -48.77 32.81 2.22
N LYS A 594 -48.23 33.80 1.53
CA LYS A 594 -48.58 34.08 0.15
C LYS A 594 -47.53 33.52 -0.80
N ASN A 595 -47.98 33.01 -1.94
CA ASN A 595 -47.07 32.56 -2.97
C ASN A 595 -46.55 33.76 -3.77
N SER A 596 -45.75 33.48 -4.79
CA SER A 596 -45.25 34.54 -5.65
C SER A 596 -46.39 35.30 -6.32
N GLY A 597 -47.49 34.63 -6.59
CA GLY A 597 -48.68 35.27 -7.11
C GLY A 597 -49.60 35.84 -6.04
N GLY A 598 -49.13 35.94 -4.80
CA GLY A 598 -49.94 36.50 -3.74
C GLY A 598 -51.09 35.61 -3.29
N PHE A 599 -50.96 34.30 -3.44
CA PHE A 599 -52.00 33.36 -3.06
C PHE A 599 -51.45 32.37 -2.06
N PRO A 600 -52.30 31.71 -1.27
CA PRO A 600 -51.81 30.87 -0.18
C PRO A 600 -50.95 29.71 -0.67
N VAL A 601 -50.02 29.31 0.19
CA VAL A 601 -49.17 28.16 -0.03
C VAL A 601 -49.56 27.10 0.98
N ARG A 602 -50.29 26.07 0.52
CA ARG A 602 -50.78 25.02 1.40
C ARG A 602 -49.89 23.79 1.22
N PHE A 603 -49.11 23.47 2.24
CA PHE A 603 -48.18 22.37 2.14
C PHE A 603 -48.95 21.06 1.98
N PRO A 604 -48.53 20.18 1.06
CA PRO A 604 -49.28 18.94 0.85
C PRO A 604 -49.20 17.97 2.02
N TYR A 605 -48.32 18.19 2.98
CA TYR A 605 -48.15 17.26 4.08
C TYR A 605 -47.84 17.99 5.38
N PRO A 606 -47.78 17.30 6.51
CA PRO A 606 -47.24 17.92 7.74
C PRO A 606 -45.73 17.82 7.76
N CYS A 607 -45.05 18.96 7.79
CA CYS A 607 -43.61 18.99 7.84
C CYS A 607 -43.09 18.55 9.20
N THR A 608 -41.97 17.86 9.20
CA THR A 608 -41.28 17.56 10.45
C THR A 608 -40.56 18.78 11.00
N GLN A 609 -40.34 19.80 10.18
CA GLN A 609 -39.70 21.03 10.62
C GLN A 609 -40.01 22.12 9.60
N THR A 610 -39.67 23.36 9.96
CA THR A 610 -39.92 24.52 9.12
C THR A 610 -38.65 25.33 9.01
N GLU A 611 -38.57 26.17 7.97
CA GLU A 611 -37.42 27.04 7.80
C GLU A 611 -37.77 28.19 6.86
N LEU A 612 -37.09 29.32 7.07
CA LEU A 612 -37.16 30.48 6.18
C LEU A 612 -35.84 30.60 5.41
N ALA A 613 -35.94 31.12 4.19
CA ALA A 613 -34.79 31.27 3.32
C ALA A 613 -34.91 32.58 2.54
N MET A 614 -33.82 32.96 1.87
CA MET A 614 -33.68 34.26 1.21
C MET A 614 -33.32 34.08 -0.26
N ILE A 615 -33.97 33.13 -0.92
CA ILE A 615 -33.56 32.77 -2.28
C ILE A 615 -33.74 33.96 -3.22
N GLY A 616 -32.64 34.35 -3.89
CA GLY A 616 -32.66 35.59 -4.62
C GLY A 616 -33.18 36.72 -3.75
N GLU A 617 -34.34 37.25 -4.11
CA GLU A 617 -35.07 38.18 -3.25
C GLU A 617 -36.24 37.52 -2.57
N GLU A 618 -36.60 36.31 -2.97
CA GLU A 618 -37.78 35.64 -2.44
C GLU A 618 -37.53 35.15 -1.02
N GLU A 619 -38.49 35.40 -0.13
CA GLU A 619 -38.47 34.83 1.22
C GLU A 619 -39.25 33.52 1.24
N CYS A 620 -38.81 32.59 0.41
CA CYS A 620 -39.49 31.31 0.31
C CYS A 620 -39.34 30.54 1.62
N VAL A 621 -40.13 29.47 1.71
CA VAL A 621 -40.14 28.64 2.89
C VAL A 621 -39.55 27.29 2.55
N LEU A 622 -39.09 26.59 3.58
CA LEU A 622 -38.44 25.30 3.43
C LEU A 622 -39.02 24.34 4.44
N GLY A 623 -39.11 23.08 4.04
CA GLY A 623 -39.60 22.05 4.93
C GLY A 623 -39.52 20.70 4.26
N LEU A 624 -39.76 19.67 5.06
CA LEU A 624 -39.75 18.31 4.55
C LEU A 624 -40.47 17.42 5.55
N THR A 625 -40.66 16.16 5.16
CA THR A 625 -41.30 15.16 5.99
C THR A 625 -40.34 14.01 6.24
N ASP A 626 -40.78 13.10 7.11
CA ASP A 626 -40.00 11.90 7.40
C ASP A 626 -39.85 11.00 6.18
N ARG A 627 -40.66 11.21 5.14
CA ARG A 627 -40.65 10.36 3.97
C ARG A 627 -39.63 10.79 2.93
N CYS A 628 -38.61 11.53 3.33
CA CYS A 628 -37.57 12.06 2.45
C CYS A 628 -38.14 13.00 1.40
N ARG A 629 -39.42 13.33 1.48
CA ARG A 629 -40.05 14.19 0.50
C ARG A 629 -39.75 15.64 0.82
N PHE A 630 -39.31 16.38 -0.18
CA PHE A 630 -38.91 17.78 -0.02
C PHE A 630 -39.79 18.65 -0.89
N PHE A 631 -40.26 19.76 -0.34
CA PHE A 631 -41.12 20.68 -1.05
C PHE A 631 -40.67 22.11 -0.78
N ILE A 632 -40.90 22.97 -1.76
CA ILE A 632 -40.58 24.40 -1.67
C ILE A 632 -41.78 25.18 -2.17
N ASN A 633 -42.45 25.88 -1.26
CA ASN A 633 -43.62 26.70 -1.60
C ASN A 633 -44.65 25.88 -2.38
N ASP A 634 -44.86 24.64 -1.93
CA ASP A 634 -45.74 23.67 -2.57
C ASP A 634 -45.20 23.22 -3.92
N ILE A 635 -43.88 23.08 -4.05
CA ILE A 635 -43.25 22.45 -5.20
C ILE A 635 -42.33 21.36 -4.69
N GLU A 636 -42.71 20.11 -4.90
CA GLU A 636 -41.83 18.99 -4.61
C GLU A 636 -40.60 19.06 -5.50
N VAL A 637 -39.44 18.80 -4.92
CA VAL A 637 -38.19 18.87 -5.68
C VAL A 637 -37.33 17.63 -5.55
N ALA A 638 -37.44 16.84 -4.49
CA ALA A 638 -36.59 15.66 -4.35
C ALA A 638 -37.18 14.72 -3.31
N SER A 639 -36.76 13.46 -3.39
CA SER A 639 -37.28 12.42 -2.51
C SER A 639 -36.18 11.54 -1.92
N ASN A 640 -34.92 11.92 -2.04
CA ASN A 640 -33.81 11.17 -1.46
C ASN A 640 -33.19 11.87 -0.27
N ILE A 641 -33.74 12.98 0.17
CA ILE A 641 -33.11 13.81 1.19
C ILE A 641 -33.34 13.24 2.57
N THR A 642 -32.28 13.16 3.37
CA THR A 642 -32.38 12.73 4.75
C THR A 642 -32.07 13.81 5.76
N SER A 643 -31.41 14.89 5.36
CA SER A 643 -31.11 15.99 6.27
C SER A 643 -30.73 17.20 5.43
N PHE A 644 -30.77 18.37 6.07
CA PHE A 644 -30.38 19.60 5.38
C PHE A 644 -29.97 20.63 6.42
N ALA A 645 -29.34 21.69 5.93
CA ALA A 645 -28.95 22.80 6.78
C ALA A 645 -28.67 24.01 5.89
N VAL A 646 -28.67 25.19 6.50
CA VAL A 646 -28.33 26.43 5.80
C VAL A 646 -27.86 27.46 6.82
N TYR A 647 -26.68 28.04 6.57
CA TYR A 647 -26.19 29.15 7.38
C TYR A 647 -26.01 30.35 6.46
N ASP A 648 -27.14 31.04 6.22
CA ASP A 648 -27.19 32.38 5.67
C ASP A 648 -26.67 32.50 4.23
N GLU A 649 -26.03 31.47 3.69
CA GLU A 649 -25.65 31.57 2.28
C GLU A 649 -25.80 30.27 1.49
N PHE A 650 -25.73 29.11 2.10
CA PHE A 650 -25.64 27.87 1.33
C PHE A 650 -26.55 26.81 1.92
N LEU A 651 -27.15 26.02 1.04
CA LEU A 651 -28.01 24.92 1.44
C LEU A 651 -27.24 23.62 1.27
N LEU A 652 -27.18 22.83 2.32
CA LEU A 652 -26.45 21.57 2.33
C LEU A 652 -27.42 20.44 2.61
N LEU A 653 -27.23 19.33 1.92
CA LEU A 653 -28.19 18.24 1.96
C LEU A 653 -27.45 16.92 2.17
N THR A 654 -28.19 15.94 2.64
CA THR A 654 -27.69 14.56 2.78
C THR A 654 -28.64 13.65 2.02
N THR A 655 -28.24 13.27 0.81
CA THR A 655 -29.04 12.33 0.04
C THR A 655 -29.03 10.97 0.72
N HIS A 656 -30.15 10.24 0.61
CA HIS A 656 -30.15 8.85 1.02
C HIS A 656 -29.21 8.02 0.16
N SER A 657 -28.81 8.54 -1.00
CA SER A 657 -27.86 7.89 -1.88
C SER A 657 -26.41 8.19 -1.52
N HIS A 658 -26.14 8.57 -0.27
CA HIS A 658 -24.79 8.75 0.23
C HIS A 658 -24.06 9.87 -0.51
N THR A 659 -24.61 11.08 -0.50
CA THR A 659 -23.96 12.20 -1.15
C THR A 659 -24.35 13.49 -0.45
N CYS A 660 -23.50 14.50 -0.58
CA CYS A 660 -23.79 15.84 -0.12
C CYS A 660 -23.44 16.83 -1.22
N GLN A 661 -24.03 18.02 -1.14
CA GLN A 661 -23.74 19.05 -2.14
C GLN A 661 -24.18 20.40 -1.60
N CYS A 662 -23.55 21.45 -2.12
CA CYS A 662 -23.76 22.82 -1.70
C CYS A 662 -24.28 23.65 -2.85
N PHE A 663 -24.86 24.80 -2.52
CA PHE A 663 -25.37 25.74 -3.51
C PHE A 663 -25.28 27.16 -2.98
N CYS A 664 -24.87 28.08 -3.86
CA CYS A 664 -24.86 29.49 -3.53
C CYS A 664 -26.28 30.01 -3.64
N LEU A 665 -26.95 30.16 -2.50
CA LEU A 665 -28.37 30.45 -2.48
C LEU A 665 -28.70 31.90 -2.81
N ARG A 666 -27.70 32.78 -2.89
CA ARG A 666 -28.01 34.19 -3.12
C ARG A 666 -28.40 34.45 -4.57
N ASP A 667 -27.92 33.64 -5.51
CA ASP A 667 -28.04 33.93 -6.93
C ASP A 667 -28.53 32.72 -7.70
N ALA A 668 -29.61 32.12 -7.23
CA ALA A 668 -30.23 30.99 -7.92
C ALA A 668 -31.72 31.24 -8.06
N SER A 669 -32.37 30.37 -8.84
CA SER A 669 -33.80 30.48 -9.10
C SER A 669 -34.42 29.10 -9.04
N PHE A 670 -35.75 29.07 -8.91
CA PHE A 670 -36.48 27.82 -8.80
C PHE A 670 -36.11 26.87 -9.91
N LYS A 671 -36.09 27.36 -11.15
CA LYS A 671 -35.67 26.53 -12.26
C LYS A 671 -34.22 26.13 -12.12
N THR A 672 -33.36 27.09 -11.76
CA THR A 672 -31.94 26.79 -11.59
C THR A 672 -31.72 25.78 -10.48
N LEU A 673 -32.40 25.97 -9.35
CA LEU A 673 -32.23 25.06 -8.22
C LEU A 673 -32.74 23.68 -8.56
N GLN A 674 -33.91 23.59 -9.20
CA GLN A 674 -34.47 22.28 -9.54
C GLN A 674 -33.59 21.59 -10.57
N ALA A 675 -33.01 22.34 -11.50
CA ALA A 675 -32.08 21.77 -12.45
C ALA A 675 -30.85 21.22 -11.74
N GLY A 676 -30.21 22.06 -10.91
CA GLY A 676 -29.05 21.59 -10.18
C GLY A 676 -29.36 20.43 -9.26
N LEU A 677 -30.61 20.31 -8.84
CA LEU A 677 -31.02 19.20 -7.99
C LEU A 677 -31.16 17.92 -8.80
N SER A 678 -32.04 17.93 -9.80
CA SER A 678 -32.28 16.71 -10.55
C SER A 678 -31.18 16.48 -11.60
N SER A 679 -31.11 17.38 -12.59
CA SER A 679 -30.19 17.22 -13.72
C SER A 679 -30.24 15.81 -14.29
N ASN A 680 -31.42 15.21 -14.30
CA ASN A 680 -31.61 13.80 -14.67
C ASN A 680 -30.70 12.91 -13.82
N HIS A 681 -30.51 13.32 -12.56
CA HIS A 681 -29.65 12.61 -11.62
C HIS A 681 -28.23 12.45 -12.18
N VAL A 682 -27.74 13.51 -12.83
CA VAL A 682 -26.38 13.58 -13.34
C VAL A 682 -25.69 14.75 -12.70
N SER A 683 -24.54 14.50 -12.08
CA SER A 683 -23.78 15.54 -11.39
C SER A 683 -22.34 15.53 -11.88
N HIS A 684 -21.68 16.68 -11.73
CA HIS A 684 -20.32 16.85 -12.23
C HIS A 684 -19.70 18.06 -11.56
N GLY A 685 -18.44 17.93 -11.16
CA GLY A 685 -17.69 19.07 -10.69
C GLY A 685 -17.60 19.24 -9.20
N GLU A 686 -17.56 20.49 -8.76
CA GLU A 686 -17.30 20.85 -7.37
C GLU A 686 -18.53 20.77 -6.48
N VAL A 687 -19.73 20.68 -7.04
CA VAL A 687 -20.94 20.77 -6.22
C VAL A 687 -21.11 19.49 -5.40
N LEU A 688 -21.12 18.34 -6.07
CA LEU A 688 -21.34 17.09 -5.37
C LEU A 688 -20.11 16.70 -4.56
N ARG A 689 -20.32 15.80 -3.60
CA ARG A 689 -19.25 15.29 -2.76
C ARG A 689 -19.73 14.01 -2.11
N LYS A 690 -19.00 12.92 -2.33
CA LYS A 690 -19.41 11.64 -1.77
C LYS A 690 -19.26 11.65 -0.25
N VAL A 691 -20.22 11.02 0.43
CA VAL A 691 -20.23 10.89 1.87
C VAL A 691 -20.39 9.42 2.23
N GLU A 692 -20.49 9.15 3.52
CA GLU A 692 -20.54 7.79 4.03
C GLU A 692 -21.97 7.37 4.36
N ARG A 693 -22.14 6.08 4.60
CA ARG A 693 -23.45 5.53 4.90
C ARG A 693 -23.93 6.01 6.27
N GLY A 694 -25.25 6.12 6.41
CA GLY A 694 -25.84 6.53 7.67
C GLY A 694 -25.47 7.95 8.08
N SER A 695 -24.97 8.74 7.16
CA SER A 695 -24.51 10.07 7.51
C SER A 695 -25.68 10.99 7.85
N ARG A 696 -25.34 12.13 8.45
CA ARG A 696 -26.32 13.12 8.87
C ARG A 696 -25.68 14.50 8.72
N ILE A 697 -26.28 15.50 9.35
CA ILE A 697 -25.74 16.85 9.38
C ILE A 697 -25.80 17.35 10.81
N VAL A 698 -24.70 17.90 11.29
CA VAL A 698 -24.65 18.50 12.62
C VAL A 698 -24.54 20.02 12.54
N THR A 699 -23.47 20.54 11.94
CA THR A 699 -23.28 21.97 11.94
C THR A 699 -22.29 22.40 10.87
N VAL A 700 -22.61 23.48 10.18
CA VAL A 700 -21.70 24.08 9.21
C VAL A 700 -20.80 25.07 9.93
N VAL A 701 -19.60 25.27 9.41
CA VAL A 701 -18.63 26.18 10.01
C VAL A 701 -18.23 27.21 8.96
N PRO A 702 -18.96 28.31 8.84
CA PRO A 702 -18.49 29.43 8.03
C PRO A 702 -17.31 30.11 8.70
N GLN A 703 -16.62 30.94 7.92
CA GLN A 703 -15.41 31.65 8.32
C GLN A 703 -14.27 30.66 8.46
N ASP A 704 -14.58 29.38 8.33
CA ASP A 704 -13.58 28.32 8.33
C ASP A 704 -13.89 27.25 7.31
N THR A 705 -15.02 27.33 6.61
CA THR A 705 -15.37 26.43 5.52
C THR A 705 -15.27 24.97 5.94
N LYS A 706 -16.07 24.60 6.93
CA LYS A 706 -16.14 23.23 7.37
C LYS A 706 -17.58 22.78 7.48
N LEU A 707 -17.76 21.48 7.65
CA LEU A 707 -19.04 20.95 8.10
C LEU A 707 -18.77 19.73 8.96
N VAL A 708 -19.56 19.58 10.01
CA VAL A 708 -19.41 18.49 10.96
C VAL A 708 -20.73 17.72 10.97
N LEU A 709 -20.61 16.40 11.05
CA LEU A 709 -21.75 15.50 10.95
C LEU A 709 -21.51 14.29 11.83
N GLN A 710 -22.58 13.56 12.09
CA GLN A 710 -22.53 12.35 12.89
C GLN A 710 -22.97 11.16 12.05
N MET A 711 -22.30 10.04 12.27
CA MET A 711 -22.62 8.78 11.64
C MET A 711 -23.12 7.78 12.69
N PRO A 712 -23.90 6.77 12.30
CA PRO A 712 -24.70 6.03 13.28
C PRO A 712 -23.90 5.34 14.36
N ARG A 713 -22.68 4.86 14.07
CA ARG A 713 -21.92 4.13 15.07
C ARG A 713 -21.62 4.98 16.30
N GLY A 714 -21.70 6.30 16.18
CA GLY A 714 -21.56 7.16 17.33
C GLY A 714 -20.26 7.93 17.39
N ASN A 715 -19.78 8.38 16.23
CA ASN A 715 -18.59 9.21 16.17
C ASN A 715 -18.89 10.45 15.34
N LEU A 716 -17.89 11.31 15.19
CA LEU A 716 -18.06 12.57 14.50
C LEU A 716 -17.24 12.59 13.21
N GLU A 717 -17.49 13.60 12.38
CA GLU A 717 -16.72 13.75 11.16
C GLU A 717 -16.73 15.20 10.72
N VAL A 718 -15.57 15.71 10.36
CA VAL A 718 -15.40 17.10 9.90
C VAL A 718 -14.80 17.07 8.51
N VAL A 719 -15.42 17.80 7.59
CA VAL A 719 -15.01 17.80 6.19
C VAL A 719 -14.94 19.23 5.69
N HIS A 720 -14.04 19.46 4.74
CA HIS A 720 -13.96 20.73 4.01
C HIS A 720 -14.48 20.48 2.61
N HIS A 721 -15.69 20.95 2.31
CA HIS A 721 -16.20 20.81 0.96
C HIS A 721 -15.52 21.81 0.03
N ARG A 722 -15.34 21.39 -1.23
CA ARG A 722 -14.59 22.20 -2.17
C ARG A 722 -15.22 23.57 -2.36
N ALA A 723 -16.53 23.60 -2.63
CA ALA A 723 -17.18 24.80 -3.16
C ALA A 723 -16.87 26.02 -2.31
N LEU A 724 -17.03 25.89 -0.99
CA LEU A 724 -16.77 27.02 -0.11
C LEU A 724 -15.31 27.45 -0.19
N VAL A 725 -14.40 26.48 -0.20
CA VAL A 725 -12.98 26.79 -0.23
C VAL A 725 -12.64 27.55 -1.51
N LEU A 726 -13.14 27.07 -2.65
CA LEU A 726 -12.84 27.72 -3.92
C LEU A 726 -13.47 29.11 -3.97
N ALA A 727 -14.68 29.26 -3.42
CA ALA A 727 -15.31 30.57 -3.38
C ALA A 727 -14.45 31.55 -2.60
N GLN A 728 -14.00 31.15 -1.42
CA GLN A 728 -13.15 32.04 -0.63
C GLN A 728 -11.81 32.29 -1.31
N ILE A 729 -11.30 31.29 -2.04
CA ILE A 729 -10.05 31.50 -2.77
C ILE A 729 -10.24 32.56 -3.83
N ARG A 730 -11.34 32.51 -4.57
CA ARG A 730 -11.61 33.55 -5.55
C ARG A 730 -11.74 34.90 -4.87
N LYS A 731 -12.41 34.93 -3.73
CA LYS A 731 -12.51 36.17 -2.96
C LYS A 731 -11.13 36.73 -2.67
N TRP A 732 -10.24 35.89 -2.13
CA TRP A 732 -8.91 36.37 -1.76
C TRP A 732 -8.13 36.82 -2.97
N LEU A 733 -8.18 36.07 -4.07
CA LEU A 733 -7.45 36.45 -5.27
C LEU A 733 -7.92 37.79 -5.80
N ASP A 734 -9.24 38.03 -5.78
CA ASP A 734 -9.72 39.35 -6.11
C ASP A 734 -9.24 40.39 -5.10
N LYS A 735 -9.08 39.99 -3.84
CA LYS A 735 -8.64 40.89 -2.79
C LYS A 735 -7.13 40.92 -2.62
N LEU A 736 -6.40 40.10 -3.36
CA LEU A 736 -4.96 40.20 -3.64
C LEU A 736 -4.04 39.82 -2.48
N MET A 737 -4.55 39.37 -1.34
CA MET A 737 -3.65 38.85 -0.30
C MET A 737 -3.21 37.44 -0.72
N PHE A 738 -2.06 37.39 -1.41
CA PHE A 738 -1.64 36.16 -2.07
C PHE A 738 -1.21 35.10 -1.05
N LYS A 739 -0.53 35.53 0.01
CA LYS A 739 0.04 34.56 0.94
C LYS A 739 -1.04 33.76 1.65
N GLU A 740 -2.15 34.41 1.99
CA GLU A 740 -3.22 33.71 2.71
C GLU A 740 -3.81 32.61 1.85
N ALA A 741 -4.13 32.93 0.60
CA ALA A 741 -4.61 31.90 -0.32
C ALA A 741 -3.53 30.84 -0.52
N PHE A 742 -2.27 31.27 -0.63
CA PHE A 742 -1.18 30.33 -0.82
C PHE A 742 -1.14 29.29 0.28
N GLU A 743 -1.16 29.73 1.54
CA GLU A 743 -1.05 28.79 2.65
C GLU A 743 -2.32 27.96 2.79
N CYS A 744 -3.49 28.62 2.78
CA CYS A 744 -4.75 27.90 2.90
C CYS A 744 -4.94 26.90 1.78
N MET A 745 -4.25 27.10 0.67
CA MET A 745 -4.38 26.30 -0.53
C MET A 745 -3.33 25.20 -0.61
N ARG A 746 -2.14 25.43 -0.07
CA ARG A 746 -1.14 24.38 0.00
C ARG A 746 -1.47 23.38 1.11
N LYS A 747 -2.00 23.87 2.25
CA LYS A 747 -2.29 22.96 3.35
C LYS A 747 -3.35 21.94 2.97
N LEU A 748 -4.26 22.30 2.07
CA LEU A 748 -5.33 21.42 1.66
C LEU A 748 -4.97 20.56 0.46
N ARG A 749 -3.73 20.62 0.00
CA ARG A 749 -3.27 19.82 -1.13
C ARG A 749 -4.11 20.11 -2.38
N ILE A 750 -4.04 21.37 -2.82
CA ILE A 750 -4.74 21.83 -4.00
C ILE A 750 -3.72 22.33 -5.01
N ASN A 751 -4.05 22.24 -6.29
CA ASN A 751 -3.11 22.59 -7.35
C ASN A 751 -2.71 24.06 -7.25
N LEU A 752 -1.40 24.30 -7.37
CA LEU A 752 -0.90 25.67 -7.30
C LEU A 752 -1.15 26.43 -8.60
N ASN A 753 -1.13 25.74 -9.73
CA ASN A 753 -1.19 26.41 -11.03
C ASN A 753 -2.41 27.30 -11.16
N LEU A 754 -3.48 26.99 -10.43
CA LEU A 754 -4.69 27.78 -10.50
C LEU A 754 -4.43 29.25 -10.22
N ILE A 755 -3.42 29.56 -9.39
CA ILE A 755 -3.14 30.96 -9.08
C ILE A 755 -2.81 31.73 -10.35
N TYR A 756 -2.09 31.10 -11.27
CA TYR A 756 -1.89 31.71 -12.58
C TYR A 756 -3.13 31.57 -13.43
N ASP A 757 -3.80 30.42 -13.33
CA ASP A 757 -4.92 30.12 -14.23
C ASP A 757 -6.09 31.06 -14.02
N HIS A 758 -6.29 31.55 -12.79
CA HIS A 758 -7.46 32.37 -12.51
C HIS A 758 -7.45 33.65 -13.32
N ASN A 759 -6.29 34.29 -13.42
CA ASN A 759 -6.13 35.51 -14.22
C ASN A 759 -4.68 35.62 -14.66
N PRO A 760 -4.31 34.89 -15.71
CA PRO A 760 -2.91 34.93 -16.17
C PRO A 760 -2.44 36.33 -16.52
N LYS A 761 -3.32 37.16 -17.08
CA LYS A 761 -2.89 38.47 -17.55
C LYS A 761 -2.55 39.39 -16.38
N VAL A 762 -3.52 39.63 -15.51
CA VAL A 762 -3.32 40.57 -14.40
C VAL A 762 -2.27 40.03 -13.43
N PHE A 763 -2.24 38.70 -13.22
CA PHE A 763 -1.26 38.11 -12.33
C PHE A 763 0.16 38.54 -12.67
N LEU A 764 0.50 38.56 -13.96
CA LEU A 764 1.85 38.90 -14.37
C LEU A 764 2.21 40.33 -14.02
N GLY A 765 1.23 41.21 -13.85
CA GLY A 765 1.51 42.58 -13.50
C GLY A 765 1.77 42.83 -12.04
N ASN A 766 1.86 41.78 -11.22
CA ASN A 766 2.03 41.93 -9.78
C ASN A 766 3.09 40.98 -9.24
N VAL A 767 4.10 40.69 -10.04
CA VAL A 767 5.07 39.65 -9.69
C VAL A 767 5.85 40.03 -8.46
N GLU A 768 6.35 41.27 -8.41
CA GLU A 768 7.15 41.69 -7.26
C GLU A 768 6.33 41.69 -5.99
N THR A 769 5.08 42.13 -6.08
CA THR A 769 4.19 42.10 -4.92
C THR A 769 3.96 40.67 -4.46
N PHE A 770 3.78 39.75 -5.41
CA PHE A 770 3.63 38.35 -5.05
C PHE A 770 4.87 37.81 -4.34
N ILE A 771 6.05 38.16 -4.85
CA ILE A 771 7.28 37.68 -4.23
C ILE A 771 7.41 38.21 -2.82
N LYS A 772 7.17 39.51 -2.64
CA LYS A 772 7.20 40.09 -1.30
C LYS A 772 6.15 39.45 -0.40
N GLN A 773 5.02 39.05 -0.99
CA GLN A 773 4.00 38.35 -0.23
C GLN A 773 4.52 37.01 0.27
N ILE A 774 5.26 36.28 -0.56
CA ILE A 774 5.77 34.98 -0.16
C ILE A 774 7.01 35.16 0.71
N ASP A 775 8.06 35.71 0.12
CA ASP A 775 9.32 36.02 0.81
C ASP A 775 9.81 34.84 1.65
N SER A 776 10.05 33.72 0.95
CA SER A 776 10.58 32.52 1.59
C SER A 776 11.11 31.59 0.52
N VAL A 777 12.40 31.23 0.63
CA VAL A 777 13.07 30.50 -0.44
C VAL A 777 12.44 29.13 -0.64
N ASN A 778 12.13 28.43 0.44
CA ASN A 778 11.57 27.09 0.33
C ASN A 778 10.24 27.11 -0.40
N HIS A 779 9.40 28.11 -0.09
CA HIS A 779 8.09 28.21 -0.74
C HIS A 779 8.24 28.47 -2.23
N ILE A 780 9.17 29.35 -2.60
CA ILE A 780 9.40 29.61 -4.02
C ILE A 780 9.90 28.36 -4.72
N ASN A 781 10.79 27.62 -4.06
CA ASN A 781 11.31 26.39 -4.63
C ASN A 781 10.19 25.38 -4.87
N LEU A 782 9.33 25.20 -3.88
CA LEU A 782 8.20 24.30 -4.04
C LEU A 782 7.25 24.78 -5.11
N PHE A 783 7.07 26.11 -5.22
CA PHE A 783 6.21 26.65 -6.26
C PHE A 783 6.75 26.32 -7.63
N PHE A 784 8.06 26.53 -7.84
CA PHE A 784 8.67 26.15 -9.11
C PHE A 784 8.53 24.68 -9.40
N THR A 785 8.76 23.83 -8.42
CA THR A 785 8.84 22.42 -8.77
C THR A 785 7.52 21.84 -9.21
N GLU A 786 6.43 22.60 -9.35
CA GLU A 786 5.16 22.02 -9.74
C GLU A 786 4.46 22.80 -10.85
N LEU A 787 5.17 23.62 -11.62
CA LEU A 787 4.56 24.28 -12.76
C LEU A 787 4.14 23.26 -13.80
N LYS A 788 3.00 23.52 -14.44
CA LYS A 788 2.51 22.68 -15.52
C LYS A 788 1.81 23.53 -16.57
N GLU A 789 1.83 23.05 -17.80
CA GLU A 789 1.32 23.84 -18.92
C GLU A 789 -0.20 23.93 -18.90
N GLU A 790 -0.87 22.80 -18.70
CA GLU A 790 -2.32 22.75 -18.84
C GLU A 790 -3.01 23.57 -17.75
N ASP A 791 -4.19 24.09 -18.10
CA ASP A 791 -4.99 24.88 -17.18
C ASP A 791 -6.09 23.99 -16.59
N VAL A 792 -6.06 23.85 -15.27
CA VAL A 792 -7.04 23.00 -14.59
C VAL A 792 -8.39 23.68 -14.43
N THR A 793 -8.43 25.02 -14.48
CA THR A 793 -9.73 25.69 -14.46
C THR A 793 -10.57 25.27 -15.64
N LYS A 794 -9.94 24.90 -16.74
CA LYS A 794 -10.63 24.27 -17.86
C LYS A 794 -10.56 22.75 -17.81
N THR A 795 -9.77 22.19 -16.90
CA THR A 795 -9.59 20.74 -16.82
C THR A 795 -10.07 20.15 -15.51
N MET A 796 -9.60 20.66 -14.38
CA MET A 796 -9.90 20.08 -13.07
C MET A 796 -10.88 20.91 -12.26
N TYR A 797 -10.87 22.22 -12.39
CA TYR A 797 -11.69 23.12 -11.59
C TYR A 797 -12.51 24.01 -12.51
N PRO A 798 -13.55 23.46 -13.12
CA PRO A 798 -14.38 24.27 -14.02
C PRO A 798 -15.05 25.42 -13.28
N ALA A 799 -15.16 26.55 -13.96
CA ALA A 799 -15.83 27.71 -13.37
C ALA A 799 -17.32 27.40 -13.22
N PRO A 800 -17.93 27.74 -12.09
CA PRO A 800 -19.35 27.46 -11.89
C PRO A 800 -20.28 28.50 -12.49
N VAL A 801 -19.73 29.55 -13.12
CA VAL A 801 -20.53 30.62 -13.69
C VAL A 801 -21.40 30.10 -14.84
N GLY A 813 3.59 26.47 -23.75
CA GLY A 813 5.04 26.41 -23.69
C GLY A 813 5.66 27.74 -23.30
N ASN A 814 5.21 28.81 -23.96
CA ASN A 814 5.74 30.13 -23.71
C ASN A 814 5.47 30.61 -22.29
N LYS A 815 4.34 30.17 -21.71
CA LYS A 815 3.92 30.73 -20.43
C LYS A 815 4.92 30.42 -19.32
N ILE A 816 5.37 29.17 -19.23
CA ILE A 816 6.21 28.79 -18.09
C ILE A 816 7.54 29.53 -18.13
N ASP A 817 8.21 29.52 -19.29
CA ASP A 817 9.47 30.23 -19.41
C ASP A 817 9.28 31.72 -19.24
N LEU A 818 8.19 32.24 -19.80
CA LEU A 818 7.90 33.67 -19.70
C LEU A 818 7.80 34.10 -18.24
N VAL A 819 6.96 33.42 -17.47
CA VAL A 819 6.78 33.80 -16.07
C VAL A 819 8.06 33.54 -15.29
N CYS A 820 8.77 32.45 -15.60
CA CYS A 820 9.99 32.12 -14.89
C CYS A 820 11.01 33.25 -15.03
N ASP A 821 11.30 33.66 -16.26
CA ASP A 821 12.28 34.71 -16.47
C ASP A 821 11.77 36.05 -15.95
N ALA A 822 10.47 36.33 -16.13
CA ALA A 822 9.93 37.60 -15.68
C ALA A 822 10.10 37.78 -14.19
N MET A 823 9.81 36.74 -13.41
CA MET A 823 10.00 36.87 -11.98
C MET A 823 11.46 36.79 -11.59
N ARG A 824 12.25 35.98 -12.29
CA ARG A 824 13.65 35.82 -11.95
C ARG A 824 14.40 37.12 -12.10
N ALA A 825 14.07 37.92 -13.12
CA ALA A 825 14.76 39.18 -13.31
C ALA A 825 14.62 40.10 -12.10
N VAL A 826 13.37 40.34 -11.68
CA VAL A 826 13.14 41.25 -10.56
C VAL A 826 13.65 40.65 -9.25
N MET A 827 13.53 39.33 -9.08
CA MET A 827 13.95 38.71 -7.84
C MET A 827 15.48 38.70 -7.71
N GLU A 828 16.18 38.48 -8.82
CA GLU A 828 17.62 38.67 -8.82
C GLU A 828 17.98 40.13 -8.56
N SER A 829 17.22 41.05 -9.14
CA SER A 829 17.49 42.47 -8.95
C SER A 829 17.43 42.84 -7.46
N ILE A 830 16.37 42.39 -6.77
CA ILE A 830 16.25 42.71 -5.36
C ILE A 830 17.32 41.99 -4.54
N ASN A 831 17.51 40.70 -4.79
CA ASN A 831 18.62 40.02 -4.13
C ASN A 831 19.04 38.77 -4.87
N PRO A 832 20.24 38.74 -5.42
CA PRO A 832 20.77 37.48 -5.97
C PRO A 832 21.49 36.65 -4.92
N HIS A 833 22.03 37.31 -3.91
CA HIS A 833 22.98 36.66 -3.00
C HIS A 833 22.30 35.55 -2.20
N LYS A 834 21.19 35.87 -1.54
CA LYS A 834 20.49 34.91 -0.71
C LYS A 834 19.36 34.21 -1.44
N TYR A 835 19.19 34.51 -2.73
CA TYR A 835 18.22 33.82 -3.57
C TYR A 835 18.90 33.16 -4.76
N CYS A 836 20.17 32.80 -4.59
CA CYS A 836 20.90 32.16 -5.69
C CYS A 836 20.28 30.83 -6.08
N LEU A 837 19.90 30.03 -5.09
CA LEU A 837 19.29 28.73 -5.38
C LEU A 837 17.99 28.89 -6.16
N SER A 838 17.27 29.98 -5.90
CA SER A 838 16.03 30.25 -6.67
C SER A 838 16.41 30.46 -8.14
N ILE A 839 17.44 31.28 -8.40
CA ILE A 839 17.89 31.47 -9.78
C ILE A 839 18.28 30.13 -10.40
N LEU A 840 19.02 29.32 -9.64
CA LEU A 840 19.45 28.03 -10.14
C LEU A 840 18.27 27.18 -10.58
N THR A 841 17.29 27.04 -9.68
CA THR A 841 16.10 26.20 -10.00
C THR A 841 15.35 26.83 -11.19
N SER A 842 15.20 28.15 -11.21
CA SER A 842 14.46 28.80 -12.27
C SER A 842 15.07 28.51 -13.63
N HIS A 843 16.39 28.59 -13.73
CA HIS A 843 17.03 28.27 -15.00
C HIS A 843 17.01 26.76 -15.27
N VAL A 844 17.04 25.94 -14.21
CA VAL A 844 16.98 24.50 -14.40
C VAL A 844 15.63 24.09 -14.97
N LYS A 845 14.55 24.66 -14.42
CA LYS A 845 13.19 24.24 -14.78
C LYS A 845 12.66 24.95 -16.02
N LYS A 846 13.55 25.45 -16.88
CA LYS A 846 13.11 25.99 -18.15
C LYS A 846 12.60 24.87 -19.05
N THR A 847 12.08 25.24 -20.22
CA THR A 847 11.60 24.22 -21.16
C THR A 847 12.73 23.29 -21.57
N THR A 848 13.88 23.84 -21.89
CA THR A 848 15.06 23.04 -22.16
C THR A 848 16.07 23.23 -21.04
N PRO A 849 16.80 22.19 -20.67
CA PRO A 849 17.78 22.30 -19.58
C PRO A 849 19.05 23.01 -20.05
N GLU A 850 19.21 24.26 -19.64
CA GLU A 850 20.43 25.01 -19.92
C GLU A 850 21.43 24.77 -18.79
N LEU A 851 21.90 23.52 -18.73
CA LEU A 851 22.81 23.13 -17.66
C LEU A 851 24.15 23.84 -17.76
N GLU A 852 24.55 24.23 -18.97
CA GLU A 852 25.87 24.83 -19.16
C GLU A 852 26.01 26.13 -18.38
N ILE A 853 25.02 27.02 -18.49
CA ILE A 853 25.12 28.30 -17.80
C ILE A 853 25.04 28.10 -16.29
N VAL A 854 24.24 27.13 -15.84
CA VAL A 854 24.16 26.85 -14.41
C VAL A 854 25.50 26.37 -13.89
N LEU A 855 26.15 25.47 -14.63
CA LEU A 855 27.49 25.02 -14.24
C LEU A 855 28.46 26.19 -14.26
N GLN A 856 28.29 27.12 -15.19
CA GLN A 856 29.12 28.31 -15.21
C GLN A 856 28.96 29.12 -13.94
N LYS A 857 27.71 29.31 -13.50
CA LYS A 857 27.47 30.04 -12.26
C LYS A 857 28.07 29.32 -11.07
N VAL A 858 27.93 27.99 -11.02
CA VAL A 858 28.50 27.23 -9.92
C VAL A 858 30.01 27.40 -9.90
N HIS A 859 30.65 27.29 -11.06
CA HIS A 859 32.10 27.39 -11.11
C HIS A 859 32.58 28.80 -10.74
N GLU A 860 31.87 29.83 -11.21
CA GLU A 860 32.29 31.19 -10.89
C GLU A 860 32.09 31.49 -9.41
N LEU A 861 31.02 30.96 -8.80
CA LEU A 861 30.87 31.08 -7.36
C LEU A 861 31.99 30.35 -6.64
N GLN A 862 32.38 29.18 -7.15
CA GLN A 862 33.49 28.45 -6.57
C GLN A 862 34.77 29.29 -6.62
N GLY A 863 35.03 29.95 -7.74
CA GLY A 863 36.17 30.83 -7.82
C GLY A 863 36.04 32.01 -6.88
N ASN A 864 34.84 32.58 -6.77
CA ASN A 864 34.61 33.69 -5.86
C ASN A 864 34.70 33.23 -4.41
N ALA A 865 35.00 34.16 -3.52
CA ALA A 865 35.06 33.86 -2.10
C ALA A 865 33.92 34.57 -1.34
N ASP A 870 26.52 35.73 3.82
CA ASP A 870 25.38 36.33 3.15
C ASP A 870 24.94 35.49 1.95
N ALA A 871 25.74 35.53 0.89
CA ALA A 871 25.43 34.80 -0.33
C ALA A 871 25.60 33.30 -0.11
N VAL A 872 25.02 32.53 -1.04
CA VAL A 872 25.12 31.08 -0.99
C VAL A 872 26.56 30.64 -1.24
N SER A 873 26.98 29.59 -0.55
CA SER A 873 28.33 29.05 -0.70
C SER A 873 28.36 27.94 -1.76
N ALA A 874 29.57 27.46 -2.04
CA ALA A 874 29.77 26.53 -3.14
C ALA A 874 29.08 25.20 -2.87
N GLU A 875 29.47 24.53 -1.79
CA GLU A 875 28.90 23.22 -1.48
C GLU A 875 27.39 23.29 -1.29
N GLU A 876 26.89 24.41 -0.78
CA GLU A 876 25.46 24.58 -0.61
C GLU A 876 24.72 24.38 -1.92
N ALA A 877 25.01 25.23 -2.91
CA ALA A 877 24.39 25.08 -4.22
C ALA A 877 24.74 23.74 -4.85
N LEU A 878 25.95 23.23 -4.59
CA LEU A 878 26.35 21.95 -5.15
C LEU A 878 25.37 20.86 -4.74
N LYS A 879 25.14 20.70 -3.44
CA LYS A 879 24.15 19.73 -2.98
C LYS A 879 22.75 20.09 -3.45
N TYR A 880 22.45 21.40 -3.47
CA TYR A 880 21.09 21.87 -3.86
C TYR A 880 20.77 21.45 -5.31
N LEU A 881 21.80 21.20 -6.11
CA LEU A 881 21.57 20.72 -7.47
C LEU A 881 21.83 19.23 -7.64
N LEU A 882 22.68 18.61 -6.82
CA LEU A 882 23.02 17.20 -7.02
C LEU A 882 21.78 16.33 -6.98
N HIS A 883 20.97 16.45 -5.93
CA HIS A 883 19.72 15.72 -5.87
C HIS A 883 18.81 16.09 -7.02
N LEU A 884 18.87 17.34 -7.46
CA LEU A 884 17.99 17.84 -8.50
C LEU A 884 18.33 17.29 -9.88
N VAL A 885 19.57 16.86 -10.11
CA VAL A 885 20.03 16.57 -11.46
C VAL A 885 20.39 15.11 -11.70
N ASP A 886 20.66 14.32 -10.65
CA ASP A 886 21.14 12.94 -10.83
C ASP A 886 22.45 12.93 -11.64
N VAL A 887 23.50 13.37 -10.94
CA VAL A 887 24.71 13.98 -11.49
C VAL A 887 25.19 13.39 -12.82
N ASN A 888 25.23 12.06 -12.95
CA ASN A 888 25.95 11.45 -14.08
C ASN A 888 25.53 12.04 -15.43
N GLU A 889 24.24 12.29 -15.61
CA GLU A 889 23.80 12.95 -16.84
C GLU A 889 24.38 14.35 -16.93
N LEU A 890 24.49 15.06 -15.80
CA LEU A 890 25.08 16.39 -15.81
C LEU A 890 26.58 16.32 -16.08
N TYR A 891 27.24 15.26 -15.62
CA TYR A 891 28.63 15.02 -15.98
C TYR A 891 28.78 14.86 -17.48
N ASP A 892 27.91 14.08 -18.09
CA ASP A 892 27.93 13.94 -19.55
C ASP A 892 27.66 15.27 -20.23
N HIS A 893 26.73 16.04 -19.69
CA HIS A 893 26.45 17.36 -20.24
C HIS A 893 27.66 18.27 -20.13
N SER A 894 28.39 18.18 -19.02
CA SER A 894 29.62 18.96 -18.85
C SER A 894 30.65 18.56 -19.89
N LEU A 895 30.80 17.26 -20.14
CA LEU A 895 31.61 16.82 -21.26
C LEU A 895 31.16 17.51 -22.54
N GLY A 896 29.85 17.59 -22.75
CA GLY A 896 29.34 18.26 -23.93
C GLY A 896 29.63 19.75 -23.96
N THR A 897 29.75 20.37 -22.77
CA THR A 897 29.91 21.81 -22.69
C THR A 897 31.27 22.29 -23.20
N TYR A 898 32.19 21.36 -23.48
CA TYR A 898 33.47 21.69 -24.11
C TYR A 898 34.34 22.52 -23.16
N ASP A 899 34.41 22.08 -21.90
CA ASP A 899 35.32 22.64 -20.92
C ASP A 899 35.77 21.53 -19.98
N PHE A 900 37.07 21.44 -19.77
CA PHE A 900 37.59 20.38 -18.90
C PHE A 900 37.32 20.67 -17.43
N ASP A 901 37.51 21.91 -16.99
CA ASP A 901 37.46 22.23 -15.57
C ASP A 901 36.10 21.87 -14.98
N LEU A 902 35.04 22.16 -15.71
CA LEU A 902 33.70 21.79 -15.28
C LEU A 902 33.61 20.28 -15.10
N VAL A 903 34.14 19.53 -16.06
CA VAL A 903 34.15 18.08 -15.97
C VAL A 903 34.92 17.63 -14.73
N LEU A 904 36.00 18.35 -14.42
CA LEU A 904 36.82 18.00 -13.23
C LEU A 904 35.96 18.06 -11.97
N MET A 905 35.39 19.23 -11.68
CA MET A 905 34.60 19.39 -10.43
C MET A 905 33.50 18.32 -10.37
N VAL A 906 32.65 18.23 -11.41
CA VAL A 906 31.52 17.27 -11.37
C VAL A 906 32.07 15.87 -11.17
N ALA A 907 33.15 15.51 -11.88
CA ALA A 907 33.61 14.15 -11.74
C ALA A 907 34.25 13.90 -10.37
N GLU A 908 34.58 14.97 -9.65
CA GLU A 908 35.06 14.79 -8.28
C GLU A 908 34.10 13.94 -7.46
N LYS A 909 32.81 14.12 -7.65
CA LYS A 909 31.79 13.38 -6.92
C LYS A 909 31.29 12.17 -7.69
N SER A 910 31.82 11.91 -8.88
CA SER A 910 31.32 10.82 -9.71
C SER A 910 31.70 9.44 -9.18
N GLN A 911 32.58 9.36 -8.18
CA GLN A 911 33.02 8.13 -7.53
C GLN A 911 33.83 7.21 -8.45
N LYS A 912 34.04 7.60 -9.70
CA LYS A 912 34.83 6.77 -10.60
C LYS A 912 36.32 6.95 -10.32
N ASP A 913 37.09 5.93 -10.64
CA ASP A 913 38.52 5.96 -10.38
C ASP A 913 39.20 6.96 -11.30
N PRO A 914 39.91 7.95 -10.76
CA PRO A 914 40.70 8.84 -11.64
C PRO A 914 41.72 8.08 -12.46
N LYS A 915 42.21 6.96 -11.97
CA LYS A 915 43.11 6.12 -12.77
C LYS A 915 42.44 5.70 -14.07
N GLU A 916 41.10 5.67 -14.10
CA GLU A 916 40.39 5.28 -15.31
C GLU A 916 40.25 6.45 -16.28
N TYR A 917 39.56 7.51 -15.86
CA TYR A 917 39.20 8.55 -16.81
C TYR A 917 40.31 9.57 -17.00
N LEU A 918 41.11 9.84 -15.97
CA LEU A 918 42.13 10.86 -16.06
C LEU A 918 43.11 10.63 -17.22
N PRO A 919 43.69 9.43 -17.40
CA PRO A 919 44.49 9.23 -18.60
C PRO A 919 43.69 9.40 -19.88
N PHE A 920 42.46 8.89 -19.89
CA PHE A 920 41.58 9.10 -21.04
C PHE A 920 41.29 10.57 -21.25
N LEU A 921 41.03 11.30 -20.16
CA LEU A 921 40.74 12.72 -20.30
C LEU A 921 41.93 13.48 -20.85
N ASN A 922 43.13 13.16 -20.37
CA ASN A 922 44.33 13.81 -20.90
C ASN A 922 44.54 13.48 -22.37
N THR A 923 44.32 12.21 -22.74
CA THR A 923 44.42 11.82 -24.14
C THR A 923 43.47 12.63 -25.00
N LEU A 924 42.23 12.77 -24.55
CA LEU A 924 41.27 13.59 -25.26
C LEU A 924 41.74 15.04 -25.33
N LYS A 925 42.34 15.55 -24.25
CA LYS A 925 42.78 16.93 -24.22
C LYS A 925 43.88 17.19 -25.26
N LYS A 926 44.81 16.26 -25.39
CA LYS A 926 45.97 16.49 -26.26
C LYS A 926 45.54 16.62 -27.72
N MET A 927 44.64 15.77 -28.17
CA MET A 927 44.27 15.66 -29.57
C MET A 927 43.44 16.87 -30.03
N GLU A 928 43.28 16.98 -31.35
CA GLU A 928 43.01 18.25 -32.02
C GLU A 928 41.64 18.82 -31.65
N THR A 929 41.56 20.16 -31.69
CA THR A 929 40.39 20.91 -31.23
C THR A 929 39.12 20.49 -31.97
N ASN A 930 39.09 20.71 -33.29
CA ASN A 930 37.91 20.28 -34.05
C ASN A 930 37.75 18.78 -33.99
N TYR A 931 38.87 18.06 -33.96
CA TYR A 931 38.80 16.62 -33.79
C TYR A 931 38.34 16.26 -32.39
N GLN A 932 38.70 17.07 -31.39
CA GLN A 932 38.08 16.95 -30.06
C GLN A 932 36.57 17.05 -30.16
N ARG A 933 36.10 18.06 -30.89
CA ARG A 933 34.66 18.27 -31.03
C ARG A 933 33.99 17.06 -31.66
N PHE A 934 34.56 16.58 -32.77
CA PHE A 934 33.98 15.42 -33.44
C PHE A 934 33.96 14.21 -32.52
N THR A 935 35.07 13.96 -31.82
CA THR A 935 35.15 12.78 -30.97
C THR A 935 34.21 12.88 -29.78
N ILE A 936 34.04 14.07 -29.20
CA ILE A 936 33.13 14.19 -28.07
C ILE A 936 31.69 14.04 -28.53
N ASP A 937 31.35 14.57 -29.71
CA ASP A 937 29.99 14.40 -30.21
C ASP A 937 29.70 12.94 -30.51
N LYS A 938 30.65 12.26 -31.16
CA LYS A 938 30.44 10.84 -31.45
C LYS A 938 30.42 10.01 -30.18
N TYR A 939 31.16 10.42 -29.16
CA TYR A 939 31.06 9.76 -27.87
C TYR A 939 29.75 10.07 -27.18
N LEU A 940 29.18 11.25 -27.45
CA LEU A 940 27.89 11.64 -26.91
C LEU A 940 26.76 11.42 -27.90
N LYS A 941 27.00 10.69 -28.98
CA LYS A 941 26.00 10.29 -29.97
C LYS A 941 25.46 11.47 -30.75
N ARG A 942 25.95 12.69 -30.50
CA ARG A 942 25.52 13.88 -31.22
C ARG A 942 26.15 13.87 -32.61
N TYR A 943 25.68 12.92 -33.42
CA TYR A 943 26.33 12.65 -34.69
C TYR A 943 26.26 13.84 -35.63
N GLU A 944 25.19 14.63 -35.55
CA GLU A 944 25.09 15.82 -36.39
C GLU A 944 26.26 16.78 -36.14
N LYS A 945 26.54 17.05 -34.85
CA LYS A 945 27.66 17.92 -34.53
C LYS A 945 28.99 17.25 -34.85
N ALA A 946 29.07 15.93 -34.66
CA ALA A 946 30.30 15.22 -35.00
C ALA A 946 30.64 15.38 -36.48
N ILE A 947 29.64 15.21 -37.34
CA ILE A 947 29.87 15.34 -38.78
C ILE A 947 30.14 16.80 -39.14
N GLY A 948 29.42 17.73 -38.53
CA GLY A 948 29.68 19.14 -38.78
C GLY A 948 31.10 19.52 -38.45
N HIS A 949 31.61 19.04 -37.31
CA HIS A 949 32.98 19.33 -36.93
C HIS A 949 33.98 18.64 -37.86
N LEU A 950 33.76 17.36 -38.13
CA LEU A 950 34.72 16.61 -38.93
C LEU A 950 34.75 17.06 -40.38
N SER A 951 33.68 17.69 -40.86
CA SER A 951 33.69 18.23 -42.22
C SER A 951 34.75 19.30 -42.37
N LYS A 952 34.83 20.23 -41.41
CA LYS A 952 35.86 21.25 -41.44
C LYS A 952 37.17 20.78 -40.82
N CYS A 953 37.17 19.64 -40.13
CA CYS A 953 38.37 19.14 -39.49
C CYS A 953 39.40 18.61 -40.48
N GLY A 954 39.04 18.46 -41.74
CA GLY A 954 39.96 18.00 -42.75
C GLY A 954 39.29 17.10 -43.78
N PRO A 955 39.52 17.40 -45.06
CA PRO A 955 38.93 16.56 -46.11
C PRO A 955 39.39 15.12 -46.08
N GLU A 956 40.56 14.85 -45.51
CA GLU A 956 41.12 13.51 -45.52
C GLU A 956 40.23 12.53 -44.76
N TYR A 957 39.54 13.01 -43.74
CA TYR A 957 38.64 12.17 -42.97
C TYR A 957 37.26 12.06 -43.58
N PHE A 958 37.00 12.74 -44.70
CA PHE A 958 35.68 12.69 -45.33
C PHE A 958 35.19 11.29 -45.62
N PRO A 959 35.97 10.37 -46.21
CA PRO A 959 35.44 9.02 -46.42
C PRO A 959 34.99 8.35 -45.14
N GLU A 960 35.75 8.54 -44.07
CA GLU A 960 35.37 7.97 -42.77
C GLU A 960 34.04 8.54 -42.32
N CYS A 961 33.87 9.86 -42.45
CA CYS A 961 32.57 10.48 -42.21
C CYS A 961 31.49 9.74 -42.98
N LEU A 962 31.77 9.46 -44.27
CA LEU A 962 30.81 8.73 -45.09
C LEU A 962 30.36 7.47 -44.39
N ASN A 963 31.34 6.68 -43.90
CA ASN A 963 31.00 5.44 -43.21
C ASN A 963 30.01 5.71 -42.09
N LEU A 964 30.32 6.70 -41.24
CA LEU A 964 29.38 7.03 -40.17
C LEU A 964 28.03 7.39 -40.74
N ILE A 965 27.98 8.32 -41.70
CA ILE A 965 26.70 8.73 -42.27
C ILE A 965 26.17 7.70 -43.24
N LYS A 966 26.93 6.65 -43.52
CA LYS A 966 26.36 5.47 -44.15
C LYS A 966 25.96 4.41 -43.13
N ASP A 967 26.63 4.39 -41.97
CA ASP A 967 26.20 3.50 -40.90
C ASP A 967 24.99 4.07 -40.17
N LYS A 968 24.97 5.39 -39.95
CA LYS A 968 23.86 6.06 -39.30
C LYS A 968 22.92 6.71 -40.29
N ASN A 969 23.14 6.50 -41.58
CA ASN A 969 22.18 6.85 -42.62
C ASN A 969 21.96 8.36 -42.70
N LEU A 970 22.99 9.12 -42.34
CA LEU A 970 22.90 10.57 -42.23
C LEU A 970 23.23 11.28 -43.54
N TYR A 971 22.96 10.62 -44.67
CA TYR A 971 23.23 11.20 -45.98
C TYR A 971 22.59 12.57 -46.12
N ASN A 972 21.29 12.65 -45.82
CA ASN A 972 20.54 13.89 -46.01
C ASN A 972 21.17 15.02 -45.22
N GLU A 973 21.60 14.74 -43.98
CA GLU A 973 22.25 15.75 -43.17
C GLU A 973 23.49 16.28 -43.86
N ALA A 974 24.38 15.37 -44.30
CA ALA A 974 25.60 15.80 -44.96
C ALA A 974 25.33 16.52 -46.27
N LEU A 975 24.15 16.31 -46.87
CA LEU A 975 23.82 17.04 -48.09
C LEU A 975 23.91 18.54 -47.88
N LYS A 976 23.56 19.02 -46.69
CA LYS A 976 23.69 20.45 -46.41
C LYS A 976 25.13 20.83 -46.13
N LEU A 977 25.92 19.93 -45.52
CA LEU A 977 27.30 20.27 -45.17
C LEU A 977 28.13 20.55 -46.40
N TYR A 978 28.00 19.73 -47.44
CA TYR A 978 28.77 19.92 -48.65
C TYR A 978 27.93 20.69 -49.68
N SER A 979 28.58 21.04 -50.78
CA SER A 979 28.03 21.96 -51.76
C SER A 979 28.11 21.34 -53.14
N PRO A 980 27.27 21.83 -54.08
CA PRO A 980 27.40 21.38 -55.48
C PRO A 980 28.79 21.58 -56.03
N SER A 981 29.08 20.95 -57.17
CA SER A 981 30.40 20.93 -57.81
C SER A 981 31.45 20.24 -56.96
N SER A 982 31.05 19.54 -55.90
CA SER A 982 31.98 18.78 -55.07
C SER A 982 31.88 17.31 -55.44
N GLN A 983 33.03 16.68 -55.66
CA GLN A 983 33.04 15.23 -55.85
C GLN A 983 32.49 14.53 -54.62
N GLN A 984 32.79 15.06 -53.43
CA GLN A 984 32.17 14.56 -52.21
C GLN A 984 30.66 14.65 -52.29
N TYR A 985 30.15 15.75 -52.85
CA TYR A 985 28.71 15.94 -52.95
C TYR A 985 28.08 14.87 -53.85
N GLN A 986 28.67 14.63 -55.02
CA GLN A 986 28.11 13.63 -55.93
C GLN A 986 28.25 12.22 -55.36
N ASP A 987 29.39 11.94 -54.73
CA ASP A 987 29.59 10.63 -54.11
C ASP A 987 28.57 10.39 -53.01
N ILE A 988 28.32 11.40 -52.18
CA ILE A 988 27.36 11.20 -51.10
C ILE A 988 25.95 11.13 -51.66
N SER A 989 25.68 11.81 -52.77
CA SER A 989 24.38 11.68 -53.41
C SER A 989 24.14 10.25 -53.88
N ILE A 990 25.11 9.68 -54.59
CA ILE A 990 24.94 8.32 -55.07
C ILE A 990 24.90 7.33 -53.90
N ALA A 991 25.65 7.61 -52.84
CA ALA A 991 25.57 6.79 -51.64
C ALA A 991 24.17 6.82 -51.06
N TYR A 992 23.57 8.02 -50.99
CA TYR A 992 22.19 8.14 -50.52
C TYR A 992 21.25 7.32 -51.38
N GLY A 993 21.37 7.46 -52.70
CA GLY A 993 20.44 6.77 -53.58
C GLY A 993 20.61 5.27 -53.61
N GLU A 994 21.79 4.76 -53.24
CA GLU A 994 22.04 3.34 -53.31
C GLU A 994 21.89 2.65 -51.96
N HIS A 995 22.66 3.09 -50.97
CA HIS A 995 22.80 2.31 -49.74
C HIS A 995 21.50 2.24 -48.96
N LEU A 996 20.84 3.40 -48.77
CA LEU A 996 19.59 3.40 -48.02
C LEU A 996 18.48 2.69 -48.77
N MET A 997 18.54 2.67 -50.10
CA MET A 997 17.49 2.10 -50.92
C MET A 997 17.66 0.61 -51.14
N GLN A 998 18.39 -0.06 -50.26
CA GLN A 998 18.45 -1.52 -50.30
C GLN A 998 17.02 -2.06 -50.21
N GLU A 999 16.71 -3.01 -51.08
CA GLU A 999 15.37 -3.53 -51.32
C GLU A 999 14.47 -2.47 -51.95
N HIS A 1000 15.00 -1.29 -52.29
CA HIS A 1000 14.21 -0.22 -52.88
C HIS A 1000 14.92 0.34 -54.11
N MET A 1001 15.40 -0.54 -54.98
CA MET A 1001 15.91 -0.12 -56.28
C MET A 1001 14.74 0.27 -57.17
N TYR A 1002 14.02 1.33 -56.78
CA TYR A 1002 12.80 1.72 -57.46
C TYR A 1002 12.88 3.18 -57.89
N GLU A 1003 11.73 3.76 -58.25
CA GLU A 1003 11.66 5.12 -58.80
C GLU A 1003 12.56 6.13 -58.10
N PRO A 1004 12.57 6.27 -56.78
CA PRO A 1004 13.48 7.26 -56.18
C PRO A 1004 14.94 6.96 -56.42
N ALA A 1005 15.36 5.71 -56.20
CA ALA A 1005 16.78 5.35 -56.32
C ALA A 1005 17.31 5.67 -57.71
N GLY A 1006 16.78 4.97 -58.72
CA GLY A 1006 17.23 5.21 -60.08
C GLY A 1006 16.93 6.61 -60.56
N LEU A 1007 15.81 7.19 -60.11
CA LEU A 1007 15.47 8.56 -60.46
C LEU A 1007 16.60 9.51 -60.09
N MET A 1008 16.90 9.62 -58.80
CA MET A 1008 17.94 10.55 -58.41
C MET A 1008 19.33 10.05 -58.80
N PHE A 1009 19.48 8.78 -59.16
CA PHE A 1009 20.70 8.33 -59.82
C PHE A 1009 20.89 9.04 -61.15
N ALA A 1010 19.87 9.00 -62.00
CA ALA A 1010 19.90 9.80 -63.22
C ALA A 1010 19.95 11.29 -62.90
N ARG A 1011 19.66 11.65 -61.66
CA ARG A 1011 19.79 13.02 -61.18
C ARG A 1011 21.07 13.26 -60.40
N CYS A 1012 21.70 12.19 -59.87
CA CYS A 1012 22.84 12.30 -58.97
C CYS A 1012 22.53 13.24 -57.82
N GLY A 1013 21.31 13.13 -57.29
CA GLY A 1013 20.89 13.99 -56.20
C GLY A 1013 19.85 15.02 -56.60
N ALA A 1014 19.91 16.19 -55.99
CA ALA A 1014 18.97 17.26 -56.31
C ALA A 1014 19.16 17.82 -57.70
N HIS A 1015 20.34 17.64 -58.31
CA HIS A 1015 20.57 18.09 -59.66
C HIS A 1015 19.69 17.32 -60.64
N GLU A 1016 19.31 17.99 -61.73
CA GLU A 1016 18.35 17.40 -62.66
C GLU A 1016 18.93 16.15 -63.33
N LYS A 1017 20.10 16.27 -63.95
CA LYS A 1017 20.67 15.20 -64.77
C LYS A 1017 22.17 15.07 -64.54
N ALA A 1018 22.60 15.08 -63.28
CA ALA A 1018 24.03 15.06 -62.99
C ALA A 1018 24.68 13.69 -63.15
N LEU A 1019 23.90 12.66 -63.49
CA LEU A 1019 24.46 11.33 -63.71
C LEU A 1019 23.56 10.59 -64.69
N SER A 1020 24.11 9.54 -65.31
CA SER A 1020 23.35 8.68 -66.20
C SER A 1020 23.95 7.29 -66.14
N ALA A 1021 23.61 6.47 -67.13
CA ALA A 1021 24.18 5.14 -67.30
C ALA A 1021 23.91 4.23 -66.09
N PHE A 1022 22.70 4.33 -65.53
CA PHE A 1022 22.28 3.39 -64.51
C PHE A 1022 20.77 3.42 -64.39
N LEU A 1023 20.14 2.27 -64.54
CA LEU A 1023 18.71 2.13 -64.35
C LEU A 1023 18.43 0.80 -63.67
N THR A 1024 17.52 0.81 -62.69
CA THR A 1024 17.25 -0.39 -61.91
C THR A 1024 16.26 -1.30 -62.63
N CYS A 1025 15.03 -0.82 -62.83
CA CYS A 1025 13.99 -1.61 -63.47
C CYS A 1025 13.45 -0.98 -64.75
N GLY A 1026 13.54 0.35 -64.86
CA GLY A 1026 13.06 1.02 -66.05
C GLY A 1026 11.56 1.00 -66.19
N ASN A 1027 10.86 1.71 -65.30
CA ASN A 1027 9.39 1.72 -65.34
C ASN A 1027 8.90 2.71 -66.39
N TRP A 1028 9.40 2.57 -67.62
CA TRP A 1028 8.95 3.31 -68.79
C TRP A 1028 9.38 4.78 -68.73
N LYS A 1029 9.90 5.22 -67.61
CA LYS A 1029 10.36 6.59 -67.48
C LYS A 1029 11.85 6.69 -67.21
N GLN A 1030 12.35 6.05 -66.15
CA GLN A 1030 13.78 6.06 -65.90
C GLN A 1030 14.53 5.30 -66.99
N ALA A 1031 13.87 4.32 -67.62
CA ALA A 1031 14.51 3.60 -68.71
C ALA A 1031 14.78 4.52 -69.89
N LEU A 1032 13.76 5.23 -70.37
CA LEU A 1032 13.95 6.12 -71.51
C LEU A 1032 14.76 7.34 -71.11
N CYS A 1033 14.65 7.77 -69.85
CA CYS A 1033 15.51 8.86 -69.38
C CYS A 1033 16.97 8.47 -69.45
N VAL A 1034 17.31 7.25 -69.02
CA VAL A 1034 18.69 6.77 -69.10
C VAL A 1034 19.11 6.63 -70.56
N ALA A 1035 18.25 6.03 -71.39
CA ALA A 1035 18.63 5.71 -72.75
C ALA A 1035 18.82 6.96 -73.60
N ALA A 1036 17.86 7.88 -73.54
CA ALA A 1036 17.90 9.04 -74.41
C ALA A 1036 18.87 10.10 -73.90
N GLN A 1037 18.70 10.54 -72.65
CA GLN A 1037 19.68 11.43 -72.05
C GLN A 1037 21.03 10.72 -71.99
N LEU A 1038 22.07 11.41 -72.46
CA LEU A 1038 23.39 10.81 -72.62
C LEU A 1038 23.27 9.50 -73.39
N ASN A 1039 22.82 9.63 -74.63
CA ASN A 1039 22.41 8.47 -75.41
C ASN A 1039 23.53 7.46 -75.56
N PHE A 1040 23.37 6.30 -74.91
CA PHE A 1040 24.35 5.22 -74.99
C PHE A 1040 24.02 4.28 -76.14
N THR A 1041 22.84 3.68 -76.10
CA THR A 1041 22.36 2.79 -77.14
C THR A 1041 21.03 3.31 -77.66
N LYS A 1042 20.91 3.40 -78.98
CA LYS A 1042 19.66 3.81 -79.59
C LYS A 1042 18.69 2.64 -79.64
N ASP A 1043 17.46 2.90 -80.11
CA ASP A 1043 16.52 1.82 -80.28
C ASP A 1043 16.92 0.86 -81.38
N GLN A 1044 17.93 1.22 -82.20
CA GLN A 1044 18.59 0.22 -83.02
C GLN A 1044 19.11 -0.91 -82.16
N LEU A 1045 19.62 -0.59 -80.98
CA LEU A 1045 19.84 -1.58 -79.93
C LEU A 1045 18.50 -1.77 -79.22
N VAL A 1046 17.68 -2.63 -79.81
CA VAL A 1046 16.25 -2.70 -79.52
C VAL A 1046 16.01 -3.49 -78.24
N GLY A 1047 17.08 -3.96 -77.61
CA GLY A 1047 16.94 -4.70 -76.37
C GLY A 1047 16.18 -3.93 -75.31
N LEU A 1048 16.32 -2.59 -75.30
CA LEU A 1048 15.53 -1.77 -74.40
C LEU A 1048 14.04 -1.93 -74.66
N GLY A 1049 13.64 -1.91 -75.94
CA GLY A 1049 12.24 -2.10 -76.26
C GLY A 1049 11.74 -3.46 -75.83
N ARG A 1050 12.55 -4.50 -76.01
CA ARG A 1050 12.16 -5.84 -75.61
C ARG A 1050 11.96 -5.91 -74.09
N THR A 1051 12.91 -5.36 -73.33
CA THR A 1051 12.81 -5.39 -71.88
C THR A 1051 11.59 -4.61 -71.41
N LEU A 1052 11.37 -3.42 -71.97
CA LEU A 1052 10.23 -2.61 -71.56
C LEU A 1052 8.92 -3.32 -71.87
N ALA A 1053 8.79 -3.85 -73.09
CA ALA A 1053 7.57 -4.56 -73.45
C ALA A 1053 7.32 -5.74 -72.51
N GLY A 1054 8.33 -6.58 -72.33
CA GLY A 1054 8.14 -7.74 -71.46
C GLY A 1054 7.74 -7.34 -70.05
N LYS A 1055 8.50 -6.42 -69.46
CA LYS A 1055 8.24 -6.00 -68.09
C LYS A 1055 6.83 -5.45 -67.95
N LEU A 1056 6.52 -4.36 -68.67
CA LEU A 1056 5.26 -3.68 -68.42
C LEU A 1056 4.06 -4.50 -68.89
N VAL A 1057 4.19 -5.28 -69.97
CA VAL A 1057 3.11 -6.17 -70.35
C VAL A 1057 2.86 -7.19 -69.25
N GLU A 1058 3.94 -7.75 -68.68
CA GLU A 1058 3.79 -8.60 -67.50
C GLU A 1058 3.12 -7.85 -66.36
N GLN A 1059 3.29 -6.53 -66.32
CA GLN A 1059 2.60 -5.69 -65.36
C GLN A 1059 1.22 -5.25 -65.86
N ARG A 1060 0.63 -6.01 -66.78
CA ARG A 1060 -0.74 -5.79 -67.24
C ARG A 1060 -0.93 -4.41 -67.85
N LYS A 1061 0.10 -3.90 -68.53
CA LYS A 1061 0.01 -2.60 -69.15
C LYS A 1061 -0.41 -2.71 -70.62
N HIS A 1062 0.38 -3.41 -71.42
CA HIS A 1062 0.13 -3.73 -72.82
C HIS A 1062 0.17 -2.50 -73.72
N ILE A 1063 0.33 -1.30 -73.15
CA ILE A 1063 0.53 -0.10 -73.94
C ILE A 1063 2.01 0.20 -74.11
N ASP A 1064 2.87 -0.37 -73.25
CA ASP A 1064 4.31 -0.21 -73.36
C ASP A 1064 4.79 -0.59 -74.75
N ALA A 1065 4.43 -1.80 -75.20
CA ALA A 1065 4.80 -2.24 -76.54
C ALA A 1065 4.16 -1.35 -77.58
N ALA A 1066 2.89 -0.99 -77.39
CA ALA A 1066 2.17 -0.17 -78.36
C ALA A 1066 2.88 1.15 -78.63
N MET A 1067 3.68 1.63 -77.68
CA MET A 1067 4.44 2.85 -77.88
C MET A 1067 5.88 2.57 -78.33
N VAL A 1068 6.58 1.66 -77.66
CA VAL A 1068 7.99 1.47 -77.94
C VAL A 1068 8.20 0.82 -79.30
N LEU A 1069 7.37 -0.18 -79.66
CA LEU A 1069 7.55 -0.85 -80.93
C LEU A 1069 7.35 0.09 -82.10
N GLU A 1070 6.63 1.20 -81.90
CA GLU A 1070 6.58 2.23 -82.93
C GLU A 1070 7.99 2.74 -83.25
N GLU A 1071 8.80 2.96 -82.22
CA GLU A 1071 10.19 3.31 -82.41
C GLU A 1071 11.06 2.12 -82.80
N CYS A 1072 10.58 0.91 -82.49
CA CYS A 1072 11.36 -0.32 -82.77
C CYS A 1072 11.05 -0.86 -84.16
N ALA A 1073 11.18 -2.17 -84.37
CA ALA A 1073 10.93 -2.77 -85.70
C ALA A 1073 9.42 -2.82 -85.97
N GLN A 1074 9.04 -3.15 -87.21
CA GLN A 1074 7.60 -3.19 -87.59
C GLN A 1074 6.98 -4.50 -87.08
N ASP A 1075 6.98 -4.72 -85.76
CA ASP A 1075 6.31 -5.91 -85.18
C ASP A 1075 4.87 -5.53 -84.85
N TYR A 1076 4.38 -4.44 -85.46
CA TYR A 1076 3.01 -3.94 -85.19
C TYR A 1076 2.04 -5.10 -84.96
N GLU A 1077 2.19 -6.21 -85.70
CA GLU A 1077 1.19 -7.26 -85.54
C GLU A 1077 1.20 -7.82 -84.12
N GLU A 1078 2.38 -7.98 -83.54
CA GLU A 1078 2.47 -8.37 -82.14
C GLU A 1078 1.81 -7.33 -81.24
N ALA A 1079 1.98 -6.05 -81.59
CA ALA A 1079 1.31 -4.99 -80.85
C ALA A 1079 -0.20 -5.12 -80.99
N VAL A 1080 -0.68 -5.44 -82.20
CA VAL A 1080 -2.11 -5.67 -82.40
C VAL A 1080 -2.60 -6.79 -81.48
N LEU A 1081 -1.82 -7.88 -81.43
CA LEU A 1081 -2.17 -9.00 -80.57
C LEU A 1081 -2.25 -8.58 -79.11
N LEU A 1082 -1.27 -7.80 -78.65
CA LEU A 1082 -1.27 -7.34 -77.27
C LEU A 1082 -2.45 -6.43 -77.00
N LEU A 1083 -2.80 -5.57 -77.95
CA LEU A 1083 -3.96 -4.70 -77.79
C LEU A 1083 -5.23 -5.51 -77.68
N LEU A 1084 -5.38 -6.54 -78.52
CA LEU A 1084 -6.55 -7.39 -78.44
C LEU A 1084 -6.61 -8.11 -77.11
N GLU A 1085 -5.47 -8.58 -76.61
CA GLU A 1085 -5.43 -9.19 -75.28
C GLU A 1085 -5.85 -8.19 -74.22
N GLY A 1086 -5.40 -6.95 -74.35
CA GLY A 1086 -5.80 -5.86 -73.48
C GLY A 1086 -7.03 -5.12 -73.93
N ALA A 1087 -7.78 -5.66 -74.89
CA ALA A 1087 -9.05 -5.12 -75.36
C ALA A 1087 -8.92 -3.76 -76.03
N ALA A 1088 -7.70 -3.36 -76.42
CA ALA A 1088 -7.50 -2.10 -77.11
C ALA A 1088 -7.82 -2.32 -78.58
N TRP A 1089 -9.08 -2.07 -78.94
CA TRP A 1089 -9.57 -2.41 -80.27
C TRP A 1089 -9.10 -1.39 -81.30
N GLU A 1090 -9.45 -0.12 -81.10
CA GLU A 1090 -9.21 0.88 -82.14
C GLU A 1090 -7.73 1.06 -82.42
N GLU A 1091 -6.85 0.78 -81.45
CA GLU A 1091 -5.43 0.85 -81.75
C GLU A 1091 -5.01 -0.28 -82.69
N ALA A 1092 -5.54 -1.48 -82.48
CA ALA A 1092 -5.32 -2.55 -83.44
C ALA A 1092 -5.85 -2.17 -84.80
N LEU A 1093 -6.99 -1.47 -84.83
CA LEU A 1093 -7.55 -1.00 -86.10
C LEU A 1093 -6.62 0.01 -86.77
N ARG A 1094 -6.03 0.91 -85.97
CA ARG A 1094 -5.07 1.87 -86.53
C ARG A 1094 -3.88 1.15 -87.12
N LEU A 1095 -3.36 0.15 -86.41
CA LEU A 1095 -2.19 -0.57 -86.90
C LEU A 1095 -2.52 -1.34 -88.17
N VAL A 1096 -3.68 -1.99 -88.21
CA VAL A 1096 -4.03 -2.79 -89.40
C VAL A 1096 -4.28 -1.89 -90.60
N TYR A 1097 -4.89 -0.72 -90.39
CA TYR A 1097 -5.21 0.15 -91.50
C TYR A 1097 -4.07 1.10 -91.87
N LYS A 1098 -3.02 1.16 -91.06
CA LYS A 1098 -1.81 1.90 -91.43
C LYS A 1098 -0.75 1.02 -92.05
N TYR A 1099 -0.55 -0.19 -91.51
CA TYR A 1099 0.40 -1.14 -92.06
C TYR A 1099 -0.21 -2.04 -93.13
N ASN A 1100 -1.50 -1.87 -93.42
CA ASN A 1100 -2.19 -2.65 -94.45
C ASN A 1100 -2.13 -4.15 -94.17
N ARG A 1101 -2.29 -4.51 -92.90
CA ARG A 1101 -2.33 -5.92 -92.49
C ARG A 1101 -3.77 -6.44 -92.49
N LEU A 1102 -4.48 -6.20 -93.60
CA LEU A 1102 -5.92 -6.42 -93.62
C LEU A 1102 -6.30 -7.89 -93.49
N ASP A 1103 -5.36 -8.80 -93.80
CA ASP A 1103 -5.67 -10.23 -93.74
C ASP A 1103 -6.14 -10.65 -92.36
N ILE A 1104 -5.66 -9.97 -91.31
CA ILE A 1104 -5.98 -10.34 -89.94
C ILE A 1104 -7.18 -9.53 -89.42
N ILE A 1105 -7.97 -8.94 -90.32
CA ILE A 1105 -9.10 -8.14 -89.89
C ILE A 1105 -10.13 -8.99 -89.15
N GLU A 1106 -10.32 -10.24 -89.58
CA GLU A 1106 -11.32 -11.10 -88.95
C GLU A 1106 -10.82 -12.46 -88.51
N THR A 1107 -9.56 -12.81 -88.78
CA THR A 1107 -9.09 -14.17 -88.51
C THR A 1107 -9.15 -14.50 -87.03
N ASN A 1108 -8.76 -13.57 -86.16
CA ASN A 1108 -8.62 -13.86 -84.75
C ASN A 1108 -9.42 -12.95 -83.85
N VAL A 1109 -9.55 -11.67 -84.19
CA VAL A 1109 -10.20 -10.72 -83.29
C VAL A 1109 -11.68 -11.03 -83.15
N LYS A 1110 -12.35 -11.40 -84.24
CA LYS A 1110 -13.78 -11.66 -84.19
C LYS A 1110 -14.12 -12.83 -83.27
N PRO A 1111 -13.52 -14.03 -83.42
CA PRO A 1111 -13.79 -15.09 -82.44
C PRO A 1111 -13.32 -14.72 -81.05
N SER A 1112 -12.24 -13.94 -80.93
CA SER A 1112 -11.75 -13.56 -79.62
C SER A 1112 -12.76 -12.71 -78.87
N ILE A 1113 -13.37 -11.74 -79.55
CA ILE A 1113 -14.35 -10.90 -78.87
C ILE A 1113 -15.64 -11.66 -78.64
N LEU A 1114 -16.01 -12.58 -79.52
CA LEU A 1114 -17.17 -13.42 -79.23
C LEU A 1114 -16.94 -14.25 -77.96
N GLU A 1115 -15.76 -14.84 -77.84
CA GLU A 1115 -15.40 -15.55 -76.62
C GLU A 1115 -15.35 -14.61 -75.42
N ALA A 1116 -14.96 -13.36 -75.65
CA ALA A 1116 -14.99 -12.38 -74.57
C ALA A 1116 -16.41 -12.18 -74.05
N GLN A 1117 -17.37 -12.07 -74.96
CA GLN A 1117 -18.77 -11.97 -74.55
C GLN A 1117 -19.20 -13.22 -73.79
N LYS A 1118 -18.77 -14.40 -74.27
CA LYS A 1118 -19.16 -15.64 -73.60
C LYS A 1118 -18.60 -15.71 -72.18
N ASN A 1119 -17.33 -15.35 -72.01
CA ASN A 1119 -16.74 -15.39 -70.67
C ASN A 1119 -17.29 -14.27 -69.80
N TYR A 1120 -17.72 -13.17 -70.41
CA TYR A 1120 -18.47 -12.16 -69.67
C TYR A 1120 -19.74 -12.76 -69.08
N MET A 1121 -20.46 -13.53 -69.89
CA MET A 1121 -21.65 -14.22 -69.41
C MET A 1121 -21.30 -15.19 -68.28
N ALA A 1122 -20.22 -15.95 -68.44
CA ALA A 1122 -19.82 -16.90 -67.41
C ALA A 1122 -19.53 -16.19 -66.09
N PHE A 1123 -18.74 -15.12 -66.16
CA PHE A 1123 -18.38 -14.38 -64.95
C PHE A 1123 -19.60 -13.72 -64.32
N LEU A 1124 -20.48 -13.17 -65.14
CA LEU A 1124 -21.68 -12.51 -64.61
C LEU A 1124 -22.58 -13.52 -63.92
N ASP A 1125 -22.74 -14.70 -64.51
CA ASP A 1125 -23.55 -15.75 -63.87
C ASP A 1125 -22.92 -16.18 -62.55
N SER A 1126 -21.59 -16.33 -62.54
CA SER A 1126 -20.91 -16.70 -61.29
C SER A 1126 -21.13 -15.63 -60.23
N GLN A 1127 -21.02 -14.35 -60.62
CA GLN A 1127 -21.25 -13.26 -59.68
C GLN A 1127 -22.66 -13.30 -59.12
N THR A 1128 -23.65 -13.51 -59.99
CA THR A 1128 -25.04 -13.58 -59.54
C THR A 1128 -25.23 -14.72 -58.55
N ALA A 1129 -24.70 -15.90 -58.88
CA ALA A 1129 -24.88 -17.06 -58.02
C ALA A 1129 -24.22 -16.85 -56.67
N THR A 1130 -22.97 -16.37 -56.67
CA THR A 1130 -22.26 -16.16 -55.42
C THR A 1130 -22.93 -15.09 -54.57
N PHE A 1131 -23.38 -14.01 -55.21
CA PHE A 1131 -24.08 -12.95 -54.48
C PHE A 1131 -25.33 -13.50 -53.81
N SER A 1132 -26.15 -14.24 -54.57
CA SER A 1132 -27.36 -14.78 -53.98
C SER A 1132 -27.05 -15.76 -52.85
N ARG A 1133 -26.05 -16.62 -53.05
CA ARG A 1133 -25.69 -17.59 -52.03
C ARG A 1133 -25.25 -16.91 -50.74
N HIS A 1134 -24.33 -15.95 -50.84
CA HIS A 1134 -23.83 -15.30 -49.64
C HIS A 1134 -24.87 -14.39 -49.01
N LYS A 1135 -25.74 -13.78 -49.81
CA LYS A 1135 -26.83 -12.99 -49.27
C LYS A 1135 -27.77 -13.87 -48.46
N LYS A 1136 -28.11 -15.05 -48.98
CA LYS A 1136 -28.97 -15.97 -48.23
C LYS A 1136 -28.27 -16.46 -46.97
N ARG A 1137 -26.96 -16.73 -47.06
CA ARG A 1137 -26.22 -17.15 -45.88
C ARG A 1137 -26.24 -16.08 -44.80
N LEU A 1138 -26.09 -14.81 -45.20
CA LEU A 1138 -26.23 -13.72 -44.25
C LEU A 1138 -27.63 -13.66 -43.67
N LEU A 1139 -28.64 -13.85 -44.51
CA LEU A 1139 -30.02 -13.82 -44.05
C LEU A 1139 -30.33 -14.99 -43.12
N VAL A 1140 -29.50 -16.03 -43.13
CA VAL A 1140 -29.71 -17.15 -42.21
C VAL A 1140 -29.74 -16.68 -40.77
N VAL A 1141 -28.79 -15.83 -40.41
CA VAL A 1141 -28.74 -15.28 -39.06
C VAL A 1141 -29.46 -13.95 -39.00
N GLU A 1220 -21.63 -8.25 -45.53
CA GLU A 1220 -20.23 -8.04 -45.14
C GLU A 1220 -19.34 -8.04 -46.37
N ALA A 1221 -19.23 -9.19 -47.03
CA ALA A 1221 -18.49 -9.31 -48.27
C ALA A 1221 -19.36 -9.08 -49.51
N LEU A 1222 -20.67 -8.94 -49.34
CA LEU A 1222 -21.56 -8.73 -50.48
C LEU A 1222 -21.23 -7.42 -51.20
N SER A 1223 -20.97 -6.36 -50.44
CA SER A 1223 -20.63 -5.08 -51.03
C SER A 1223 -19.41 -5.19 -51.93
N GLU A 1224 -18.47 -6.07 -51.59
CA GLU A 1224 -17.29 -6.27 -52.42
C GLU A 1224 -17.67 -6.74 -53.81
N VAL A 1225 -18.49 -7.78 -53.88
CA VAL A 1225 -18.95 -8.29 -55.18
C VAL A 1225 -19.78 -7.23 -55.90
N VAL A 1226 -20.59 -6.50 -55.16
CA VAL A 1226 -21.40 -5.44 -55.76
C VAL A 1226 -20.50 -4.44 -56.47
N GLN A 1227 -19.48 -3.94 -55.77
CA GLN A 1227 -18.57 -2.99 -56.38
C GLN A 1227 -17.78 -3.61 -57.52
N ASN A 1228 -17.49 -4.92 -57.44
CA ASN A 1228 -16.88 -5.60 -58.57
C ASN A 1228 -17.76 -5.55 -59.81
N THR A 1229 -19.09 -5.58 -59.62
CA THR A 1229 -20.00 -5.64 -60.79
C THR A 1229 -20.10 -4.30 -61.54
N GLU A 1230 -19.95 -3.17 -60.84
CA GLU A 1230 -20.17 -1.89 -61.50
C GLU A 1230 -18.99 -1.40 -62.33
N ASN A 1231 -17.87 -2.14 -62.35
CA ASN A 1231 -16.68 -1.60 -62.98
C ASN A 1231 -16.70 -1.73 -64.50
N LEU A 1232 -17.57 -2.59 -65.04
CA LEU A 1232 -17.47 -3.00 -66.43
C LEU A 1232 -18.48 -2.30 -67.34
N LYS A 1233 -19.08 -1.21 -66.88
CA LYS A 1233 -20.15 -0.56 -67.64
C LYS A 1233 -19.68 -0.11 -69.02
N ASP A 1234 -18.76 0.84 -69.08
CA ASP A 1234 -18.33 1.34 -70.38
C ASP A 1234 -17.47 0.35 -71.12
N GLU A 1235 -16.83 -0.58 -70.41
CA GLU A 1235 -16.14 -1.68 -71.07
C GLU A 1235 -17.12 -2.45 -71.95
N VAL A 1236 -18.21 -2.90 -71.35
CA VAL A 1236 -19.29 -3.54 -72.10
C VAL A 1236 -19.80 -2.61 -73.18
N TYR A 1237 -19.95 -1.32 -72.85
CA TYR A 1237 -20.51 -0.36 -73.79
C TYR A 1237 -19.72 -0.33 -75.09
N HIS A 1238 -18.40 -0.15 -75.00
CA HIS A 1238 -17.60 -0.06 -76.21
C HIS A 1238 -17.46 -1.42 -76.88
N ILE A 1239 -17.40 -2.50 -76.09
CA ILE A 1239 -17.35 -3.84 -76.69
C ILE A 1239 -18.60 -4.08 -77.53
N LEU A 1240 -19.73 -3.51 -77.12
CA LEU A 1240 -20.97 -3.68 -77.88
C LEU A 1240 -20.81 -3.14 -79.31
N LYS A 1241 -20.36 -1.90 -79.44
CA LYS A 1241 -20.19 -1.33 -80.77
C LYS A 1241 -19.08 -2.05 -81.54
N VAL A 1242 -18.02 -2.44 -80.83
CA VAL A 1242 -16.94 -3.17 -81.49
C VAL A 1242 -17.47 -4.44 -82.14
N LEU A 1243 -18.30 -5.19 -81.40
CA LEU A 1243 -18.94 -6.37 -81.97
C LEU A 1243 -19.90 -5.98 -83.08
N PHE A 1244 -20.59 -4.85 -82.94
CA PHE A 1244 -21.66 -4.49 -83.88
C PHE A 1244 -21.14 -4.18 -85.27
N LEU A 1245 -19.87 -3.78 -85.41
CA LEU A 1245 -19.31 -3.61 -86.73
C LEU A 1245 -19.36 -4.92 -87.51
N PHE A 1246 -19.07 -6.02 -86.83
CA PHE A 1246 -19.26 -7.36 -87.40
C PHE A 1246 -20.69 -7.84 -87.29
N GLU A 1247 -21.59 -6.98 -86.77
CA GLU A 1247 -23.02 -7.26 -86.66
C GLU A 1247 -23.27 -8.48 -85.78
N PHE A 1248 -22.79 -8.37 -84.53
CA PHE A 1248 -23.09 -9.34 -83.47
C PHE A 1248 -24.12 -8.79 -82.50
N ASP A 1249 -25.13 -8.09 -83.01
CA ASP A 1249 -26.07 -7.39 -82.14
C ASP A 1249 -26.82 -8.34 -81.22
N GLU A 1250 -26.97 -9.61 -81.61
CA GLU A 1250 -27.72 -10.54 -80.77
C GLU A 1250 -26.92 -10.95 -79.54
N GLN A 1251 -25.64 -11.27 -79.73
CA GLN A 1251 -24.79 -11.63 -78.60
C GLN A 1251 -24.61 -10.43 -77.65
N GLY A 1252 -24.41 -9.25 -78.22
CA GLY A 1252 -24.32 -8.06 -77.40
C GLY A 1252 -25.63 -7.76 -76.68
N ARG A 1253 -26.75 -8.06 -77.33
CA ARG A 1253 -28.05 -7.89 -76.69
C ARG A 1253 -28.20 -8.84 -75.52
N GLU A 1254 -27.76 -10.08 -75.68
CA GLU A 1254 -27.70 -11.01 -74.56
C GLU A 1254 -26.85 -10.46 -73.43
N LEU A 1255 -25.68 -9.92 -73.78
CA LEU A 1255 -24.79 -9.32 -72.78
C LEU A 1255 -25.50 -8.20 -72.02
N GLN A 1256 -26.15 -7.29 -72.76
CA GLN A 1256 -26.84 -6.19 -72.13
C GLN A 1256 -27.97 -6.67 -71.24
N LYS A 1257 -28.73 -7.66 -71.70
CA LYS A 1257 -29.84 -8.17 -70.92
C LYS A 1257 -29.35 -8.79 -69.61
N ALA A 1258 -28.30 -9.61 -69.68
CA ALA A 1258 -27.77 -10.23 -68.48
C ALA A 1258 -27.24 -9.18 -67.51
N PHE A 1259 -26.52 -8.19 -68.04
CA PHE A 1259 -26.01 -7.12 -67.18
C PHE A 1259 -27.14 -6.34 -66.53
N GLU A 1260 -28.19 -6.06 -67.30
CA GLU A 1260 -29.32 -5.31 -66.76
C GLU A 1260 -30.04 -6.10 -65.67
N ASP A 1261 -30.23 -7.40 -65.87
CA ASP A 1261 -30.89 -8.22 -64.87
C ASP A 1261 -30.07 -8.27 -63.58
N THR A 1262 -28.76 -8.46 -63.70
CA THR A 1262 -27.91 -8.46 -62.51
C THR A 1262 -27.94 -7.08 -61.82
N LEU A 1263 -27.89 -6.01 -62.62
CA LEU A 1263 -27.96 -4.67 -62.08
C LEU A 1263 -29.24 -4.46 -61.28
N GLN A 1264 -30.36 -4.91 -61.82
CA GLN A 1264 -31.62 -4.80 -61.11
C GLN A 1264 -31.63 -5.66 -59.85
N LEU A 1265 -31.01 -6.84 -59.92
CA LEU A 1265 -30.94 -7.70 -58.74
C LEU A 1265 -30.23 -7.00 -57.59
N MET A 1266 -29.01 -6.50 -57.85
CA MET A 1266 -28.31 -5.80 -56.78
C MET A 1266 -29.00 -4.49 -56.40
N GLU A 1267 -29.61 -3.81 -57.37
CA GLU A 1267 -30.31 -2.56 -57.09
C GLU A 1267 -31.44 -2.78 -56.10
N ARG A 1268 -32.22 -3.84 -56.30
CA ARG A 1268 -33.33 -4.13 -55.41
C ARG A 1268 -32.86 -4.75 -54.11
N SER A 1269 -31.74 -5.45 -54.11
CA SER A 1269 -31.22 -6.02 -52.86
C SER A 1269 -30.56 -4.95 -51.99
N LEU A 1270 -30.12 -3.84 -52.56
CA LEU A 1270 -29.44 -2.81 -51.78
C LEU A 1270 -30.29 -2.27 -50.63
N PRO A 1271 -31.54 -1.87 -50.82
CA PRO A 1271 -32.34 -1.47 -49.66
C PRO A 1271 -32.56 -2.59 -48.67
N GLU A 1272 -32.58 -3.84 -49.15
CA GLU A 1272 -32.78 -4.98 -48.26
C GLU A 1272 -31.64 -5.08 -47.25
N ILE A 1273 -30.39 -4.93 -47.72
CA ILE A 1273 -29.24 -5.05 -46.84
C ILE A 1273 -29.22 -3.88 -45.84
N TRP A 1274 -29.49 -2.68 -46.32
CA TRP A 1274 -29.47 -1.50 -45.47
C TRP A 1274 -30.70 -0.63 -45.72
N PRO A 1317 -21.98 -0.13 -46.93
CA PRO A 1317 -23.14 0.30 -47.71
C PRO A 1317 -22.81 1.39 -48.73
N PRO A 1318 -22.01 1.05 -49.75
CA PRO A 1318 -21.62 2.06 -50.73
C PRO A 1318 -22.76 2.42 -51.66
N LYS A 1319 -22.64 3.60 -52.26
CA LYS A 1319 -23.59 4.07 -53.26
C LYS A 1319 -22.93 4.04 -54.63
N ILE A 1320 -23.59 3.40 -55.60
CA ILE A 1320 -23.08 3.29 -56.96
C ILE A 1320 -23.43 4.56 -57.72
N ASN A 1321 -22.82 4.74 -58.89
CA ASN A 1321 -23.12 5.88 -59.74
C ASN A 1321 -24.21 5.52 -60.73
N ARG A 1322 -25.12 6.46 -60.96
CA ARG A 1322 -26.23 6.28 -61.89
C ARG A 1322 -25.96 6.94 -63.23
N ARG A 1323 -24.73 7.37 -63.49
CA ARG A 1323 -24.40 8.00 -64.76
C ARG A 1323 -23.33 7.20 -65.48
N THR A 1324 -23.53 5.88 -65.53
CA THR A 1324 -22.67 4.98 -66.29
C THR A 1324 -23.45 4.50 -67.51
N GLN A 1325 -22.91 4.74 -68.70
CA GLN A 1325 -23.58 4.41 -69.94
C GLN A 1325 -23.04 3.10 -70.49
N TRP A 1326 -23.93 2.12 -70.67
CA TRP A 1326 -23.54 0.83 -71.24
C TRP A 1326 -24.58 0.29 -72.21
N LYS A 1327 -25.41 1.14 -72.78
CA LYS A 1327 -26.49 0.73 -73.67
C LYS A 1327 -26.41 1.49 -74.98
N LEU A 1328 -26.80 0.83 -76.07
CA LEU A 1328 -26.78 1.41 -77.41
C LEU A 1328 -28.15 1.28 -78.04
N SER A 1329 -28.54 2.29 -78.82
CA SER A 1329 -29.84 2.29 -79.46
C SER A 1329 -29.96 1.14 -80.46
N LEU A 1330 -28.95 0.94 -81.30
CA LEU A 1330 -28.93 -0.22 -82.17
C LEU A 1330 -28.90 -1.51 -81.36
N LEU A 1331 -28.14 -1.52 -80.27
CA LEU A 1331 -28.20 -2.63 -79.34
C LEU A 1331 -29.62 -2.80 -78.79
N ASP A 1332 -30.25 -1.68 -78.44
CA ASP A 1332 -31.60 -1.71 -77.90
C ASP A 1332 -32.62 -1.89 -79.02
N VAL B 5 54.50 -26.21 44.11
CA VAL B 5 55.09 -27.33 43.38
C VAL B 5 54.13 -27.76 42.27
N LEU B 6 53.22 -26.86 41.92
CA LEU B 6 52.25 -27.09 40.86
C LEU B 6 52.71 -26.45 39.56
N GLU B 7 52.55 -27.18 38.46
CA GLU B 7 52.96 -26.71 37.15
C GLU B 7 51.85 -26.98 36.14
N THR B 8 51.55 -25.97 35.33
CA THR B 8 50.56 -26.14 34.28
C THR B 8 51.08 -27.11 33.21
N SER B 9 50.16 -27.87 32.63
CA SER B 9 50.48 -28.84 31.59
C SER B 9 49.79 -28.53 30.27
N HIS B 10 48.48 -28.27 30.30
CA HIS B 10 47.73 -28.01 29.08
C HIS B 10 46.60 -27.04 29.37
N VAL B 11 46.33 -26.19 28.40
CA VAL B 11 45.26 -25.20 28.49
C VAL B 11 44.54 -25.16 27.15
N PHE B 12 43.21 -25.06 27.20
CA PHE B 12 42.39 -25.10 25.99
C PHE B 12 41.39 -23.95 26.05
N CYS B 13 41.37 -23.13 25.01
CA CYS B 13 40.55 -21.92 25.03
C CYS B 13 40.38 -21.40 23.61
N CYS B 14 39.57 -20.37 23.48
CA CYS B 14 39.30 -19.69 22.22
C CYS B 14 39.24 -18.20 22.48
N PRO B 15 39.47 -17.38 21.44
CA PRO B 15 39.41 -15.93 21.63
C PRO B 15 37.97 -15.46 21.79
N ASN B 16 37.83 -14.19 22.13
CA ASN B 16 36.52 -13.57 22.23
C ASN B 16 35.95 -13.36 20.83
N ARG B 17 34.76 -12.77 20.77
CA ARG B 17 34.05 -12.63 19.51
C ARG B 17 34.20 -11.26 18.86
N VAL B 18 34.50 -10.22 19.64
CA VAL B 18 34.58 -8.88 19.08
C VAL B 18 35.82 -8.75 18.20
N ARG B 19 35.80 -7.79 17.30
CA ARG B 19 36.87 -7.60 16.33
C ARG B 19 38.16 -7.13 17.03
N GLY B 20 39.28 -7.37 16.35
CA GLY B 20 40.57 -6.89 16.81
C GLY B 20 41.05 -7.49 18.12
N VAL B 21 40.97 -8.80 18.24
CA VAL B 21 41.38 -9.49 19.46
C VAL B 21 42.56 -10.42 19.20
N LEU B 22 43.29 -10.22 18.12
CA LEU B 22 44.41 -11.09 17.77
C LEU B 22 45.55 -10.27 17.21
N ASN B 23 46.78 -10.69 17.52
CA ASN B 23 47.92 -9.96 16.98
C ASN B 23 49.16 -10.85 16.99
N TRP B 24 50.14 -10.46 16.17
CA TRP B 24 51.44 -11.10 16.12
C TRP B 24 52.52 -10.11 16.49
N SER B 25 53.48 -10.55 17.31
CA SER B 25 54.67 -9.75 17.52
C SER B 25 55.49 -9.70 16.23
N SER B 26 55.96 -8.52 15.88
CA SER B 26 56.58 -8.29 14.57
C SER B 26 58.01 -8.81 14.48
N GLY B 27 58.62 -9.20 15.60
CA GLY B 27 59.98 -9.69 15.58
C GLY B 27 60.05 -11.13 15.15
N PRO B 28 61.25 -11.59 14.78
CA PRO B 28 61.40 -12.98 14.32
C PRO B 28 60.93 -13.96 15.38
N ARG B 29 60.33 -15.05 14.91
CA ARG B 29 59.56 -15.96 15.77
C ARG B 29 58.44 -15.20 16.47
N GLY B 30 57.64 -14.51 15.67
CA GLY B 30 56.57 -13.68 16.18
C GLY B 30 55.55 -14.43 17.01
N LEU B 31 55.33 -13.97 18.24
CA LEU B 31 54.40 -14.64 19.12
C LEU B 31 52.97 -14.19 18.84
N LEU B 32 52.03 -15.06 19.20
CA LEU B 32 50.62 -14.85 18.93
C LEU B 32 49.91 -14.47 20.22
N ALA B 33 49.15 -13.37 20.19
CA ALA B 33 48.48 -12.89 21.38
C ALA B 33 47.01 -12.72 21.09
N PHE B 34 46.17 -13.17 22.03
CA PHE B 34 44.74 -12.96 21.87
C PHE B 34 44.05 -12.92 23.22
N GLY B 35 42.87 -12.32 23.25
CA GLY B 35 42.14 -12.13 24.48
C GLY B 35 41.19 -13.27 24.79
N THR B 36 40.57 -13.17 25.96
CA THR B 36 39.62 -14.16 26.45
C THR B 36 38.61 -13.43 27.34
N SER B 37 37.90 -14.18 28.17
CA SER B 37 36.93 -13.60 29.10
C SER B 37 37.47 -12.37 29.81
N CYS B 38 38.55 -12.53 30.56
CA CYS B 38 39.19 -11.39 31.22
C CYS B 38 40.70 -11.37 31.13
N SER B 39 41.35 -12.48 30.77
CA SER B 39 42.80 -12.56 30.77
C SER B 39 43.33 -12.33 29.34
N VAL B 40 44.62 -12.53 29.16
CA VAL B 40 45.25 -12.49 27.85
C VAL B 40 46.05 -13.78 27.69
N VAL B 41 46.18 -14.26 26.46
CA VAL B 41 46.85 -15.51 26.19
C VAL B 41 47.94 -15.29 25.15
N LEU B 42 49.14 -15.76 25.46
CA LEU B 42 50.27 -15.77 24.55
C LEU B 42 50.55 -17.20 24.14
N TYR B 43 50.71 -17.42 22.84
CA TYR B 43 50.74 -18.75 22.25
C TYR B 43 51.66 -18.73 21.05
N ASP B 44 52.36 -19.84 20.83
CA ASP B 44 53.24 -19.82 19.67
C ASP B 44 52.70 -20.72 18.57
N PRO B 45 52.99 -20.42 17.30
CA PRO B 45 52.67 -21.33 16.22
C PRO B 45 53.79 -22.31 15.90
N LEU B 46 54.97 -22.14 16.50
CA LEU B 46 56.09 -23.02 16.21
C LEU B 46 55.77 -24.45 16.62
N LYS B 47 55.58 -24.69 17.91
CA LYS B 47 55.15 -25.97 18.42
C LYS B 47 53.67 -26.00 18.72
N ARG B 48 52.96 -24.91 18.42
CA ARG B 48 51.51 -24.81 18.64
C ARG B 48 51.17 -25.02 20.11
N VAL B 49 51.82 -24.26 20.97
CA VAL B 49 51.63 -24.35 22.41
C VAL B 49 51.43 -22.96 22.97
N VAL B 50 50.44 -22.82 23.86
CA VAL B 50 50.23 -21.55 24.54
C VAL B 50 51.46 -21.20 25.33
N VAL B 51 52.01 -20.01 25.08
CA VAL B 51 53.19 -19.57 25.83
C VAL B 51 52.84 -19.40 27.30
N THR B 52 51.90 -18.52 27.59
CA THR B 52 51.49 -18.23 28.96
C THR B 52 50.20 -17.42 28.92
N ASN B 53 49.80 -16.91 30.09
CA ASN B 53 48.64 -16.05 30.19
C ASN B 53 48.96 -14.87 31.11
N LEU B 54 48.20 -13.81 30.93
CA LEU B 54 48.27 -12.61 31.78
C LEU B 54 46.92 -12.49 32.47
N ASN B 55 46.93 -12.63 33.79
CA ASN B 55 45.70 -12.58 34.59
C ASN B 55 45.54 -11.16 35.16
N GLY B 56 45.29 -10.24 34.24
CA GLY B 56 45.23 -8.84 34.57
C GLY B 56 43.82 -8.27 34.60
N HIS B 57 43.43 -7.65 33.49
CA HIS B 57 42.19 -6.91 33.35
C HIS B 57 40.98 -7.69 33.85
N THR B 58 39.94 -6.99 34.29
CA THR B 58 38.81 -7.58 34.99
C THR B 58 37.51 -7.34 34.24
N ALA B 59 37.52 -7.54 32.93
CA ALA B 59 36.31 -7.43 32.12
C ALA B 59 36.58 -8.10 30.78
N ARG B 60 35.59 -8.06 29.90
CA ARG B 60 35.78 -8.59 28.56
C ARG B 60 36.84 -7.78 27.85
N VAL B 61 38.00 -8.38 27.58
CA VAL B 61 39.06 -7.65 26.90
C VAL B 61 38.60 -7.33 25.48
N ASN B 62 38.74 -6.07 25.10
CA ASN B 62 38.22 -5.61 23.81
C ASN B 62 39.27 -5.66 22.71
N CYS B 63 40.39 -4.95 22.91
CA CYS B 63 41.36 -4.80 21.84
C CYS B 63 42.78 -4.82 22.39
N ILE B 64 43.62 -5.65 21.79
CA ILE B 64 45.01 -5.73 22.15
C ILE B 64 45.82 -5.00 21.09
N GLN B 65 47.07 -4.70 21.42
CA GLN B 65 47.96 -4.00 20.49
C GLN B 65 49.39 -4.33 20.82
N TRP B 66 50.14 -4.80 19.83
CA TRP B 66 51.55 -5.04 19.99
C TRP B 66 52.31 -3.72 19.95
N ILE B 67 53.63 -3.79 20.08
CA ILE B 67 54.47 -2.60 20.07
C ILE B 67 55.43 -2.67 18.90
N CYS B 68 55.64 -1.55 18.24
CA CYS B 68 56.53 -1.49 17.10
C CYS B 68 57.98 -1.60 17.54
N LYS B 69 58.75 -2.40 16.83
CA LYS B 69 60.18 -2.57 17.06
C LYS B 69 60.90 -2.12 15.79
N GLN B 70 61.23 -0.82 15.75
CA GLN B 70 61.81 -0.25 14.54
C GLN B 70 63.13 -0.91 14.19
N ASP B 71 63.85 -1.44 15.20
CA ASP B 71 65.06 -2.18 14.93
C ASP B 71 64.77 -3.48 14.19
N GLY B 72 63.62 -4.09 14.43
CA GLY B 72 63.29 -5.36 13.82
C GLY B 72 63.65 -6.54 14.70
N SER B 73 63.19 -6.51 15.94
CA SER B 73 63.46 -7.54 16.92
C SER B 73 62.16 -7.91 17.62
N PRO B 74 62.11 -9.08 18.26
CA PRO B 74 60.87 -9.48 18.95
C PRO B 74 60.43 -8.43 19.95
N SER B 75 59.12 -8.14 19.93
CA SER B 75 58.56 -7.12 20.80
C SER B 75 58.49 -7.61 22.24
N THR B 76 58.48 -6.66 23.18
CA THR B 76 58.37 -7.00 24.59
C THR B 76 57.41 -6.07 25.33
N GLU B 77 56.53 -5.39 24.62
CA GLU B 77 55.57 -4.48 25.23
C GLU B 77 54.20 -4.69 24.61
N LEU B 78 53.17 -4.49 25.42
CA LEU B 78 51.81 -4.81 24.98
C LEU B 78 50.83 -3.82 25.56
N VAL B 79 49.73 -3.62 24.84
CA VAL B 79 48.66 -2.73 25.28
C VAL B 79 47.36 -3.50 25.24
N SER B 80 46.58 -3.40 26.31
CA SER B 80 45.29 -4.09 26.41
C SER B 80 44.21 -3.11 26.79
N GLY B 81 43.08 -3.16 26.08
CA GLY B 81 41.93 -2.36 26.44
C GLY B 81 40.70 -3.24 26.58
N GLY B 82 40.11 -3.25 27.77
CA GLY B 82 39.03 -4.15 28.11
C GLY B 82 37.67 -3.50 28.07
N SER B 83 36.75 -4.08 28.84
CA SER B 83 35.35 -3.68 28.77
C SER B 83 34.93 -2.66 29.82
N ASP B 84 35.70 -2.49 30.89
CA ASP B 84 35.36 -1.48 31.89
C ASP B 84 36.49 -0.45 31.93
N ASN B 85 36.45 0.49 30.98
CA ASN B 85 37.23 1.73 30.96
C ASN B 85 38.60 1.59 31.60
N GLN B 86 39.33 0.55 31.24
CA GLN B 86 40.63 0.27 31.85
C GLN B 86 41.60 -0.18 30.77
N VAL B 87 42.71 0.53 30.62
CA VAL B 87 43.73 0.20 29.64
C VAL B 87 45.03 -0.06 30.39
N ILE B 88 45.71 -1.14 29.99
CA ILE B 88 46.86 -1.65 30.74
C ILE B 88 48.03 -1.80 29.78
N HIS B 89 49.19 -1.29 30.19
CA HIS B 89 50.44 -1.58 29.50
C HIS B 89 51.09 -2.78 30.16
N TRP B 90 51.89 -3.51 29.37
CA TRP B 90 52.52 -4.73 29.84
C TRP B 90 53.96 -4.77 29.35
N GLU B 91 54.88 -5.01 30.27
CA GLU B 91 56.31 -5.11 29.97
C GLU B 91 56.67 -6.60 29.90
N ILE B 92 56.82 -7.10 28.70
CA ILE B 92 57.14 -8.51 28.53
C ILE B 92 58.62 -8.72 28.75
N GLU B 93 58.96 -9.87 29.34
CA GLU B 93 60.35 -10.22 29.60
C GLU B 93 60.46 -11.72 29.69
N ASP B 94 61.42 -12.30 28.98
CA ASP B 94 61.74 -13.73 29.06
C ASP B 94 60.49 -14.59 29.16
N ASN B 95 59.46 -14.26 28.39
CA ASN B 95 58.15 -14.90 28.42
C ASN B 95 57.38 -14.62 29.70
N GLN B 96 57.73 -13.57 30.42
CA GLN B 96 57.05 -13.19 31.66
C GLN B 96 56.80 -11.68 31.65
N LEU B 97 56.19 -11.20 32.72
CA LEU B 97 55.84 -9.80 32.88
C LEU B 97 56.73 -9.13 33.92
N LEU B 98 57.13 -7.90 33.64
CA LEU B 98 57.81 -7.09 34.65
C LEU B 98 56.80 -6.35 35.53
N LYS B 99 55.97 -5.51 34.92
CA LYS B 99 54.95 -4.79 35.66
C LYS B 99 53.92 -4.27 34.67
N ALA B 100 52.79 -3.82 35.20
CA ALA B 100 51.70 -3.30 34.41
C ALA B 100 51.25 -1.97 34.97
N VAL B 101 50.82 -1.08 34.08
CA VAL B 101 50.34 0.25 34.46
C VAL B 101 48.88 0.36 34.09
N HIS B 102 48.07 0.84 35.03
CA HIS B 102 46.62 0.88 34.88
C HIS B 102 46.19 2.33 34.72
N LEU B 103 46.06 2.75 33.46
CA LEU B 103 45.63 4.12 33.17
C LEU B 103 44.16 4.27 33.50
N GLN B 104 43.79 5.45 33.99
CA GLN B 104 42.42 5.72 34.39
C GLN B 104 41.95 7.03 33.79
N GLY B 105 40.64 7.16 33.67
CA GLY B 105 40.05 8.37 33.13
C GLY B 105 38.88 8.08 32.21
N HIS B 106 38.92 6.94 31.54
CA HIS B 106 37.82 6.54 30.68
C HIS B 106 36.61 6.14 31.52
N GLU B 107 35.43 6.21 30.90
CA GLU B 107 34.18 5.85 31.56
C GLU B 107 33.54 4.62 30.93
N GLY B 108 33.27 4.66 29.63
CA GLY B 108 32.70 3.54 28.94
C GLY B 108 33.75 2.52 28.58
N PRO B 109 33.34 1.41 27.99
CA PRO B 109 34.32 0.42 27.53
C PRO B 109 35.26 1.02 26.50
N VAL B 110 36.50 0.55 26.52
CA VAL B 110 37.53 1.02 25.61
C VAL B 110 37.67 0.00 24.49
N TYR B 111 37.70 0.48 23.25
CA TYR B 111 37.77 -0.40 22.09
C TYR B 111 38.80 0.00 21.06
N ALA B 112 39.39 1.20 21.17
CA ALA B 112 40.45 1.63 20.26
C ALA B 112 41.70 1.91 21.07
N VAL B 113 42.80 1.27 20.69
CA VAL B 113 44.09 1.50 21.32
C VAL B 113 45.16 1.54 20.23
N HIS B 114 46.15 2.40 20.41
CA HIS B 114 47.34 2.33 19.57
C HIS B 114 48.49 2.99 20.30
N ALA B 115 49.62 2.30 20.37
CA ALA B 115 50.81 2.78 21.05
C ALA B 115 51.97 2.83 20.07
N VAL B 116 52.75 3.90 20.13
CA VAL B 116 53.93 4.03 19.29
C VAL B 116 55.16 4.19 20.16
N TYR B 117 56.18 3.40 19.84
CA TYR B 117 57.50 3.43 20.46
C TYR B 117 58.22 4.65 19.88
N GLN B 118 58.15 5.75 20.62
CA GLN B 118 58.59 7.03 20.11
C GLN B 118 60.09 7.03 19.80
N ARG B 119 60.50 7.91 18.90
CA ARG B 119 61.92 8.10 18.60
C ARG B 119 62.29 9.57 18.74
N LEU B 126 62.16 5.78 27.50
CA LEU B 126 61.50 6.34 26.32
C LEU B 126 60.09 6.82 26.64
N CYS B 127 59.73 7.97 26.09
CA CYS B 127 58.38 8.51 26.23
C CYS B 127 57.52 7.95 25.10
N THR B 128 57.04 6.72 25.30
CA THR B 128 56.13 6.11 24.35
C THR B 128 54.80 6.85 24.36
N LEU B 129 54.11 6.80 23.23
CA LEU B 129 52.87 7.53 23.04
C LEU B 129 51.68 6.57 22.99
N ILE B 130 50.60 6.94 23.66
CA ILE B 130 49.40 6.13 23.74
C ILE B 130 48.21 6.95 23.25
N VAL B 131 47.37 6.34 22.42
CA VAL B 131 46.09 6.93 22.06
C VAL B 131 45.01 5.88 22.24
N SER B 132 43.89 6.27 22.84
CA SER B 132 42.84 5.31 23.10
C SER B 132 41.49 6.00 23.12
N ALA B 133 40.55 5.48 22.32
CA ALA B 133 39.19 5.99 22.25
C ALA B 133 38.25 5.01 22.92
N ALA B 134 37.43 5.51 23.84
CA ALA B 134 36.50 4.68 24.59
C ALA B 134 35.08 4.85 24.06
N ALA B 135 34.18 4.03 24.59
CA ALA B 135 32.77 4.07 24.17
C ALA B 135 32.06 5.33 24.62
N ASP B 136 32.72 6.23 25.32
CA ASP B 136 32.10 7.46 25.80
C ASP B 136 32.26 8.62 24.82
N SER B 137 32.37 8.32 23.52
CA SER B 137 32.53 9.35 22.50
C SER B 137 33.73 10.24 22.79
N ALA B 138 34.81 9.63 23.28
CA ALA B 138 35.98 10.38 23.69
C ALA B 138 37.23 9.57 23.42
N VAL B 139 38.35 10.29 23.32
CA VAL B 139 39.66 9.71 23.09
C VAL B 139 40.66 10.43 23.99
N ARG B 140 41.72 9.73 24.36
CA ARG B 140 42.73 10.30 25.24
C ARG B 140 44.12 9.93 24.74
N LEU B 141 45.07 10.81 25.05
CA LEU B 141 46.44 10.73 24.58
C LEU B 141 47.35 10.79 25.79
N TRP B 142 48.33 9.89 25.84
CA TRP B 142 49.08 9.62 27.06
C TRP B 142 50.56 9.57 26.74
N SER B 143 51.37 10.17 27.61
CA SER B 143 52.81 10.04 27.59
C SER B 143 53.24 9.03 28.64
N LYS B 144 54.08 8.09 28.25
CA LYS B 144 54.62 7.09 29.17
C LYS B 144 56.13 7.13 29.08
N LYS B 145 56.77 7.78 30.04
CA LYS B 145 58.23 7.84 30.13
C LYS B 145 58.62 7.06 31.39
N GLY B 146 59.03 5.81 31.20
CA GLY B 146 59.36 4.95 32.31
C GLY B 146 58.18 4.80 33.25
N PRO B 147 58.46 4.86 34.55
CA PRO B 147 57.36 4.84 35.53
C PRO B 147 56.42 6.01 35.41
N GLU B 148 56.88 7.13 34.83
CA GLU B 148 56.02 8.29 34.64
C GLU B 148 54.95 7.98 33.60
N VAL B 149 53.70 8.24 33.97
CA VAL B 149 52.57 8.09 33.06
C VAL B 149 51.65 9.29 33.25
N MET B 150 51.11 9.79 32.14
CA MET B 150 50.13 10.86 32.24
C MET B 150 49.30 10.91 30.98
N CYS B 151 48.15 11.58 31.08
CA CYS B 151 47.26 11.78 29.94
C CYS B 151 47.61 13.11 29.30
N LEU B 152 48.23 13.06 28.13
CA LEU B 152 48.63 14.29 27.44
C LEU B 152 47.43 15.13 27.07
N GLN B 153 46.38 14.50 26.56
CA GLN B 153 45.27 15.27 26.03
C GLN B 153 44.00 14.45 26.11
N THR B 154 42.86 15.12 26.16
CA THR B 154 41.57 14.48 26.03
C THR B 154 40.76 15.21 24.96
N LEU B 155 40.08 14.45 24.12
CA LEU B 155 39.30 15.02 23.03
C LEU B 155 38.00 14.23 22.90
N ASN B 156 37.00 14.87 22.30
CA ASN B 156 35.70 14.23 22.16
C ASN B 156 35.01 14.78 20.93
N PHE B 157 33.90 14.15 20.58
CA PHE B 157 33.07 14.56 19.46
C PHE B 157 31.74 15.09 19.97
N GLY B 158 31.03 15.79 19.10
CA GLY B 158 29.67 16.21 19.45
C GLY B 158 28.77 15.03 19.72
N ASN B 159 28.86 14.01 18.88
CA ASN B 159 28.13 12.77 19.06
C ASN B 159 28.90 11.65 18.34
N GLY B 160 28.28 10.49 18.24
CA GLY B 160 28.89 9.39 17.54
C GLY B 160 30.14 8.87 18.25
N PHE B 161 30.89 8.06 17.51
CA PHE B 161 32.08 7.43 18.06
C PHE B 161 33.15 7.36 16.98
N ALA B 162 34.39 7.24 17.42
CA ALA B 162 35.50 6.89 16.54
C ALA B 162 35.75 5.40 16.63
N LEU B 163 36.19 4.81 15.52
CA LEU B 163 36.36 3.37 15.45
C LEU B 163 37.73 3.01 14.90
N ALA B 164 38.33 3.90 14.11
CA ALA B 164 39.59 3.67 13.45
C ALA B 164 40.65 4.59 14.04
N LEU B 165 41.75 4.01 14.51
CA LEU B 165 42.83 4.77 15.11
C LEU B 165 44.16 4.17 14.69
N CYS B 166 45.04 4.99 14.12
CA CYS B 166 46.39 4.54 13.83
C CYS B 166 47.30 5.77 13.70
N LEU B 167 48.44 5.73 14.39
CA LEU B 167 49.36 6.84 14.49
C LEU B 167 50.41 6.79 13.39
N SER B 168 51.08 7.93 13.19
CA SER B 168 52.09 8.03 12.16
C SER B 168 53.00 9.23 12.45
N PHE B 169 54.18 9.18 11.85
CA PHE B 169 55.13 10.29 11.88
C PHE B 169 55.20 10.96 10.51
N LEU B 170 55.45 12.26 10.52
CA LEU B 170 55.70 12.95 9.28
C LEU B 170 56.97 12.40 8.64
N PRO B 171 57.02 12.31 7.31
CA PRO B 171 58.19 11.71 6.66
C PRO B 171 59.48 12.48 6.94
N ASN B 172 60.57 11.75 7.07
CA ASN B 172 61.91 12.32 7.24
C ASN B 172 61.99 13.19 8.49
N THR B 173 61.20 12.89 9.50
CA THR B 173 61.22 13.62 10.76
C THR B 173 60.42 12.83 11.78
N ASP B 174 60.44 13.30 13.04
CA ASP B 174 59.76 12.66 14.14
C ASP B 174 58.38 13.23 14.41
N VAL B 175 57.94 14.20 13.62
CA VAL B 175 56.69 14.90 13.90
C VAL B 175 55.54 13.90 13.81
N PRO B 176 54.78 13.73 14.90
CA PRO B 176 53.71 12.73 14.91
C PRO B 176 52.39 13.26 14.37
N ILE B 177 51.68 12.39 13.67
CA ILE B 177 50.41 12.74 13.06
C ILE B 177 49.46 11.56 13.17
N LEU B 178 48.19 11.85 13.41
CA LEU B 178 47.17 10.84 13.63
C LEU B 178 46.02 11.02 12.66
N ALA B 179 45.51 9.91 12.14
CA ALA B 179 44.25 9.90 11.41
C ALA B 179 43.24 9.06 12.20
N CYS B 180 42.05 9.61 12.38
CA CYS B 180 40.98 8.95 13.10
C CYS B 180 39.76 8.84 12.19
N GLY B 181 39.12 7.68 12.24
CA GLY B 181 37.90 7.46 11.49
C GLY B 181 36.71 7.31 12.40
N ASN B 182 35.85 8.32 12.42
CA ASN B 182 34.67 8.27 13.27
C ASN B 182 33.54 7.54 12.55
N ASP B 183 32.34 7.62 13.10
CA ASP B 183 31.16 7.03 12.48
C ASP B 183 30.48 7.98 11.51
N ASP B 184 31.01 9.19 11.31
CA ASP B 184 30.38 10.20 10.49
C ASP B 184 30.81 10.13 9.03
N CYS B 185 31.26 8.97 8.56
CA CYS B 185 31.54 8.73 7.14
C CYS B 185 32.64 9.64 6.60
N ARG B 186 33.60 10.01 7.44
CA ARG B 186 34.71 10.82 6.99
C ARG B 186 35.85 10.71 7.98
N ILE B 187 37.06 11.05 7.51
CA ILE B 187 38.28 10.88 8.30
C ILE B 187 38.73 12.24 8.80
N HIS B 188 39.43 12.25 9.94
CA HIS B 188 39.98 13.47 10.50
C HIS B 188 41.47 13.26 10.78
N ILE B 189 42.24 14.34 10.71
CA ILE B 189 43.69 14.25 10.85
C ILE B 189 44.14 15.28 11.88
N PHE B 190 45.25 14.97 12.57
CA PHE B 190 45.73 15.77 13.68
C PHE B 190 47.25 15.77 13.67
N ALA B 191 47.83 16.96 13.85
CA ALA B 191 49.28 17.13 13.86
C ALA B 191 49.70 17.72 15.20
N GLN B 192 50.73 17.12 15.80
CA GLN B 192 51.16 17.45 17.15
C GLN B 192 52.05 18.70 17.21
N GLN B 193 52.01 19.54 16.17
CA GLN B 193 52.79 20.77 16.18
C GLN B 193 52.42 21.62 17.39
N ASN B 194 53.38 22.42 17.85
CA ASN B 194 53.23 23.20 19.07
C ASN B 194 52.88 22.30 20.26
N ASP B 195 53.41 21.07 20.24
CA ASP B 195 53.26 20.10 21.31
C ASP B 195 51.83 19.58 21.41
N GLN B 196 50.93 20.11 20.60
CA GLN B 196 49.52 19.78 20.69
C GLN B 196 48.99 19.31 19.33
N PHE B 197 48.21 18.24 19.35
CA PHE B 197 47.62 17.75 18.11
C PHE B 197 46.52 18.69 17.65
N GLN B 198 46.63 19.15 16.41
CA GLN B 198 45.71 20.13 15.84
C GLN B 198 44.95 19.50 14.70
N LYS B 199 43.62 19.66 14.71
CA LYS B 199 42.79 19.20 13.61
C LYS B 199 43.21 19.92 12.33
N VAL B 200 43.77 19.18 11.38
CA VAL B 200 44.33 19.78 10.18
C VAL B 200 43.41 19.60 8.99
N LEU B 201 42.95 18.38 8.72
CA LEU B 201 42.15 18.13 7.53
C LEU B 201 41.15 17.02 7.79
N SER B 202 40.21 16.88 6.86
CA SER B 202 39.23 15.81 6.87
C SER B 202 39.11 15.24 5.46
N LEU B 203 38.85 13.94 5.40
CA LEU B 203 38.63 13.23 4.15
C LEU B 203 37.16 12.88 4.03
N CYS B 204 36.49 13.47 3.04
CA CYS B 204 35.09 13.19 2.75
C CYS B 204 34.99 12.13 1.66
N GLY B 205 35.39 10.92 2.02
CA GLY B 205 35.41 9.82 1.09
C GLY B 205 34.10 9.08 0.98
N HIS B 206 34.12 7.78 1.23
CA HIS B 206 32.93 6.95 1.14
C HIS B 206 31.91 7.35 2.21
N GLU B 207 30.76 6.68 2.19
CA GLU B 207 29.64 7.01 3.08
C GLU B 207 29.25 5.77 3.85
N ASP B 208 29.90 5.57 5.00
CA ASP B 208 29.59 4.48 5.93
C ASP B 208 30.49 4.68 7.14
N TRP B 209 30.33 3.80 8.13
CA TRP B 209 31.23 3.80 9.27
C TRP B 209 32.63 3.41 8.83
N ILE B 210 33.63 4.07 9.40
CA ILE B 210 35.01 3.69 9.14
C ILE B 210 35.33 2.45 9.95
N ARG B 211 35.82 1.42 9.29
CA ARG B 211 36.07 0.14 9.93
C ARG B 211 37.56 -0.20 9.95
N GLY B 212 38.41 0.82 9.82
CA GLY B 212 39.84 0.59 9.94
C GLY B 212 40.71 1.48 9.07
N VAL B 213 41.87 1.87 9.59
CA VAL B 213 42.83 2.69 8.85
C VAL B 213 44.22 2.10 9.04
N GLU B 214 45.07 2.26 8.03
CA GLU B 214 46.40 1.67 8.07
C GLU B 214 47.39 2.54 7.29
N TRP B 215 48.47 2.94 7.95
CA TRP B 215 49.54 3.66 7.27
C TRP B 215 50.51 2.69 6.60
N ALA B 216 51.26 3.22 5.63
CA ALA B 216 52.32 2.45 4.98
C ALA B 216 53.34 3.44 4.45
N ALA B 217 54.52 3.46 5.08
CA ALA B 217 55.59 4.36 4.65
C ALA B 217 56.32 3.73 3.47
N PHE B 218 56.03 4.21 2.27
CA PHE B 218 56.72 3.77 1.06
C PHE B 218 57.70 4.86 0.66
N GLY B 219 58.98 4.63 0.97
CA GLY B 219 60.00 5.60 0.63
C GLY B 219 59.70 6.95 1.25
N ARG B 220 59.73 7.99 0.42
CA ARG B 220 59.46 9.34 0.87
C ARG B 220 57.97 9.59 1.14
N ASP B 221 57.09 8.72 0.67
CA ASP B 221 55.65 8.97 0.73
C ASP B 221 55.01 8.02 1.73
N LEU B 222 53.74 8.29 2.06
CA LEU B 222 52.99 7.48 3.02
C LEU B 222 51.61 7.20 2.47
N PHE B 223 51.36 5.96 2.07
CA PHE B 223 50.06 5.55 1.58
C PHE B 223 49.15 5.11 2.72
N LEU B 224 47.85 5.12 2.45
CA LEU B 224 46.85 4.87 3.47
C LEU B 224 45.83 3.86 2.97
N ALA B 225 45.45 2.93 3.83
CA ALA B 225 44.44 1.93 3.53
C ALA B 225 43.24 2.12 4.46
N SER B 226 42.04 1.89 3.92
CA SER B 226 40.79 2.12 4.64
C SER B 226 39.83 0.98 4.34
N CYS B 227 39.80 -0.03 5.22
CA CYS B 227 38.82 -1.12 5.11
C CYS B 227 37.49 -0.58 5.59
N SER B 228 36.70 -0.05 4.66
CA SER B 228 35.48 0.65 4.98
C SER B 228 34.32 -0.30 5.16
N GLN B 229 33.33 0.14 5.93
CA GLN B 229 32.05 -0.55 6.04
C GLN B 229 31.20 -0.37 4.78
N ASP B 230 31.53 0.61 3.96
CA ASP B 230 30.81 0.92 2.72
C ASP B 230 31.04 -0.10 1.64
N CYS B 231 31.68 -1.23 1.97
CA CYS B 231 32.00 -2.30 1.04
C CYS B 231 32.98 -1.85 -0.03
N LEU B 232 33.73 -0.78 0.24
CA LEU B 232 34.70 -0.22 -0.69
C LEU B 232 36.03 -0.05 0.03
N ILE B 233 37.08 0.15 -0.77
CA ILE B 233 38.42 0.45 -0.25
C ILE B 233 38.95 1.66 -1.00
N ARG B 234 39.40 2.66 -0.27
CA ARG B 234 39.95 3.88 -0.85
C ARG B 234 41.34 4.12 -0.28
N ILE B 235 42.29 4.43 -1.16
CA ILE B 235 43.68 4.59 -0.77
C ILE B 235 44.15 5.97 -1.22
N TRP B 236 44.58 6.79 -0.26
CA TRP B 236 45.24 8.07 -0.47
C TRP B 236 46.73 7.92 -0.17
N LYS B 237 47.46 9.03 -0.30
CA LYS B 237 48.87 9.03 0.05
C LYS B 237 49.32 10.46 0.31
N LEU B 238 50.10 10.62 1.37
CA LEU B 238 50.73 11.88 1.72
C LEU B 238 52.14 11.96 1.14
N TYR B 239 52.46 13.15 0.63
CA TYR B 239 53.81 13.39 0.11
C TYR B 239 54.20 14.80 0.56
N ILE B 240 55.36 15.28 0.12
CA ILE B 240 55.86 16.60 0.50
C ILE B 240 55.81 17.53 -0.69
N LYS B 241 55.47 18.79 -0.43
CA LYS B 241 55.65 19.87 -1.38
C LYS B 241 56.90 20.66 -1.08
N ILE B 253 46.71 17.23 -17.61
CA ILE B 253 45.77 17.89 -16.71
C ILE B 253 45.70 17.11 -15.41
N ARG B 254 45.76 17.83 -14.29
CA ARG B 254 45.89 17.22 -12.97
C ARG B 254 44.77 17.73 -12.07
N LEU B 255 44.32 16.86 -11.16
CA LEU B 255 43.20 17.17 -10.28
C LEU B 255 43.64 18.13 -9.17
N LYS B 256 42.72 18.41 -8.26
CA LYS B 256 42.99 19.30 -7.12
C LYS B 256 43.30 18.44 -5.90
N GLU B 257 44.59 18.43 -5.54
CA GLU B 257 45.02 17.68 -4.34
C GLU B 257 44.89 18.60 -3.12
N ASN B 258 44.81 18.01 -1.93
CA ASN B 258 44.64 18.76 -0.70
C ASN B 258 45.99 18.84 0.01
N THR B 259 46.48 20.05 0.21
CA THR B 259 47.80 20.26 0.80
C THR B 259 47.71 21.28 1.92
N PHE B 260 48.80 21.38 2.67
CA PHE B 260 48.87 22.34 3.77
C PHE B 260 50.34 22.55 4.12
N THR B 261 50.57 23.43 5.08
CA THR B 261 51.90 23.71 5.59
C THR B 261 51.90 23.52 7.10
N ILE B 262 52.97 22.93 7.62
CA ILE B 262 53.10 22.61 9.03
C ILE B 262 54.39 23.23 9.54
N GLU B 263 54.36 23.71 10.79
CA GLU B 263 55.52 24.34 11.39
C GLU B 263 56.47 23.27 11.96
N ASN B 264 57.76 23.47 11.70
CA ASN B 264 58.79 22.54 12.14
C ASN B 264 60.10 23.34 12.24
N GLU B 265 60.49 23.67 13.47
CA GLU B 265 61.64 24.53 13.78
C GLU B 265 61.72 25.72 12.82
N SER B 266 60.68 26.54 12.87
CA SER B 266 60.58 27.77 12.07
C SER B 266 60.59 27.48 10.57
N VAL B 267 60.16 26.29 10.17
CA VAL B 267 60.11 25.90 8.77
C VAL B 267 58.69 25.46 8.45
N LYS B 268 58.08 26.10 7.45
CA LYS B 268 56.72 25.73 7.04
C LYS B 268 56.83 24.70 5.93
N ILE B 269 56.87 23.43 6.32
CA ILE B 269 56.99 22.34 5.36
C ILE B 269 55.61 22.01 4.82
N ALA B 270 55.49 21.96 3.49
CA ALA B 270 54.21 21.75 2.83
C ALA B 270 54.07 20.28 2.45
N PHE B 271 52.91 19.71 2.80
CA PHE B 271 52.60 18.32 2.50
C PHE B 271 51.30 18.26 1.72
N ALA B 272 51.25 17.37 0.73
CA ALA B 272 50.10 17.21 -0.15
C ALA B 272 49.62 15.78 -0.12
N VAL B 273 48.29 15.61 -0.12
CA VAL B 273 47.65 14.31 -0.10
C VAL B 273 46.54 14.32 -1.14
N THR B 274 46.31 13.17 -1.76
CA THR B 274 45.17 12.99 -2.65
C THR B 274 44.91 11.49 -2.77
N LEU B 275 43.78 11.16 -3.40
CA LEU B 275 43.40 9.78 -3.60
C LEU B 275 44.39 9.09 -4.54
N GLU B 276 44.74 7.85 -4.22
CA GLU B 276 45.57 7.04 -5.09
C GLU B 276 44.75 6.02 -5.88
N THR B 277 43.89 5.28 -5.21
CA THR B 277 43.13 4.26 -5.92
C THR B 277 41.84 3.93 -5.18
N VAL B 278 40.92 3.32 -5.92
CA VAL B 278 39.63 2.88 -5.38
C VAL B 278 39.50 1.40 -5.76
N LEU B 279 39.64 0.52 -4.78
CA LEU B 279 39.54 -0.91 -4.99
C LEU B 279 38.23 -1.42 -4.42
N ALA B 280 37.59 -2.35 -5.14
CA ALA B 280 36.30 -2.88 -4.72
C ALA B 280 36.16 -4.30 -5.25
N GLY B 281 36.17 -5.28 -4.35
CA GLY B 281 36.02 -6.66 -4.74
C GLY B 281 35.22 -7.50 -3.77
N HIS B 282 34.63 -6.86 -2.76
CA HIS B 282 33.83 -7.55 -1.76
C HIS B 282 32.38 -7.11 -1.83
N GLU B 283 31.53 -7.90 -1.19
CA GLU B 283 30.09 -7.68 -1.18
C GLU B 283 29.59 -7.18 0.16
N ASN B 284 29.96 -7.84 1.25
CA ASN B 284 29.59 -7.42 2.58
C ASN B 284 30.58 -6.37 3.09
N TRP B 285 30.48 -6.04 4.38
CA TRP B 285 31.32 -4.99 4.92
C TRP B 285 32.77 -5.47 5.02
N VAL B 286 33.70 -4.57 4.74
CA VAL B 286 35.11 -4.86 4.89
C VAL B 286 35.50 -4.59 6.34
N ASN B 287 36.16 -5.56 6.97
CA ASN B 287 36.44 -5.50 8.39
C ASN B 287 37.89 -5.09 8.68
N ALA B 288 38.87 -5.79 8.12
CA ALA B 288 40.26 -5.56 8.48
C ALA B 288 41.14 -5.56 7.24
N VAL B 289 42.18 -4.74 7.29
CA VAL B 289 43.24 -4.75 6.29
C VAL B 289 44.59 -4.67 7.00
N HIS B 290 45.58 -5.36 6.46
CA HIS B 290 46.92 -5.38 7.02
C HIS B 290 47.94 -5.31 5.90
N TRP B 291 48.84 -4.34 5.98
CA TRP B 291 49.94 -4.29 5.04
C TRP B 291 50.87 -5.46 5.28
N GLN B 292 51.63 -5.83 4.26
CA GLN B 292 52.70 -6.78 4.46
C GLN B 292 53.76 -6.12 5.34
N PRO B 293 54.09 -6.68 6.49
CA PRO B 293 55.15 -6.08 7.31
C PRO B 293 56.50 -6.25 6.66
N VAL B 294 57.38 -5.27 6.87
CA VAL B 294 58.71 -5.34 6.31
C VAL B 294 59.58 -6.26 7.17
N PHE B 295 60.65 -6.77 6.57
CA PHE B 295 61.57 -7.68 7.24
C PHE B 295 62.89 -7.68 6.48
N TYR B 296 63.82 -8.48 6.95
CA TYR B 296 65.20 -8.45 6.48
C TYR B 296 65.48 -9.61 5.53
N LYS B 297 66.00 -9.29 4.35
CA LYS B 297 66.59 -10.29 3.48
C LYS B 297 68.08 -10.41 3.81
N ASP B 298 68.35 -10.97 4.98
CA ASP B 298 69.68 -11.00 5.56
C ASP B 298 70.25 -9.59 5.68
N GLY B 299 69.55 -8.78 6.46
CA GLY B 299 69.91 -7.39 6.61
C GLY B 299 69.38 -6.48 5.53
N VAL B 300 68.59 -7.00 4.58
CA VAL B 300 68.05 -6.21 3.49
C VAL B 300 66.59 -5.92 3.81
N LEU B 301 66.26 -4.65 4.00
CA LEU B 301 64.92 -4.24 4.39
C LEU B 301 64.13 -3.88 3.15
N GLN B 302 63.46 -4.87 2.58
CA GLN B 302 62.58 -4.63 1.45
C GLN B 302 61.30 -3.95 1.92
N GLN B 303 60.54 -3.42 0.96
CA GLN B 303 59.30 -2.69 1.23
C GLN B 303 58.20 -3.27 0.35
N PRO B 304 57.72 -4.46 0.66
CA PRO B 304 56.71 -5.10 -0.18
C PRO B 304 55.40 -4.32 -0.16
N VAL B 305 54.50 -4.71 -1.07
CA VAL B 305 53.22 -4.03 -1.20
C VAL B 305 52.08 -5.04 -1.12
N ARG B 306 52.35 -6.21 -0.56
CA ARG B 306 51.30 -7.19 -0.36
C ARG B 306 50.29 -6.68 0.66
N LEU B 307 49.01 -6.86 0.36
CA LEU B 307 47.94 -6.35 1.18
C LEU B 307 46.92 -7.45 1.43
N LEU B 308 46.25 -7.38 2.57
CA LEU B 308 45.29 -8.39 2.99
C LEU B 308 43.96 -7.73 3.30
N SER B 309 42.87 -8.44 2.99
CA SER B 309 41.53 -7.93 3.23
C SER B 309 40.66 -9.04 3.81
N ALA B 310 39.59 -8.62 4.50
CA ALA B 310 38.65 -9.54 5.10
C ALA B 310 37.27 -8.89 5.12
N SER B 311 36.23 -9.70 4.95
CA SER B 311 34.87 -9.20 4.95
C SER B 311 33.95 -10.23 5.59
N MET B 312 32.68 -9.85 5.74
CA MET B 312 31.70 -10.71 6.38
C MET B 312 31.45 -11.99 5.58
N ASP B 313 31.35 -11.87 4.26
CA ASP B 313 30.88 -12.98 3.45
C ASP B 313 31.98 -13.98 3.11
N LYS B 314 32.72 -14.42 4.13
CA LYS B 314 33.64 -15.55 4.04
C LYS B 314 34.54 -15.45 2.80
N THR B 315 35.20 -14.30 2.67
CA THR B 315 35.94 -14.00 1.45
C THR B 315 37.27 -13.35 1.80
N MET B 316 38.36 -14.00 1.41
CA MET B 316 39.71 -13.46 1.54
C MET B 316 40.20 -13.01 0.17
N ILE B 317 40.63 -11.74 0.08
CA ILE B 317 41.21 -11.20 -1.14
C ILE B 317 42.50 -10.50 -0.78
N LEU B 318 43.62 -11.02 -1.27
CA LEU B 318 44.91 -10.35 -1.10
C LEU B 318 45.17 -9.53 -2.34
N TRP B 319 44.91 -8.23 -2.23
CA TRP B 319 45.09 -7.34 -3.37
C TRP B 319 46.56 -7.07 -3.61
N ALA B 320 46.90 -6.74 -4.85
CA ALA B 320 48.27 -6.43 -5.21
C ALA B 320 48.26 -5.63 -6.51
N PRO B 321 49.18 -4.69 -6.67
CA PRO B 321 49.29 -4.00 -7.96
C PRO B 321 50.14 -4.81 -8.92
N ASP B 322 50.42 -4.24 -10.09
CA ASP B 322 51.35 -4.87 -11.03
C ASP B 322 52.22 -3.78 -11.63
N GLU B 323 53.07 -4.16 -12.58
CA GLU B 323 54.00 -3.20 -13.16
C GLU B 323 53.29 -2.04 -13.83
N GLU B 324 52.05 -2.25 -14.29
CA GLU B 324 51.26 -1.19 -14.90
C GLU B 324 49.82 -1.22 -14.41
N SER B 325 49.54 -2.00 -13.36
CA SER B 325 48.13 -2.16 -12.89
C SER B 325 47.71 -0.94 -12.06
N GLY B 326 47.23 0.12 -12.71
CA GLY B 326 46.72 1.28 -11.98
C GLY B 326 45.65 0.90 -10.99
N VAL B 327 44.80 -0.06 -11.35
CA VAL B 327 43.87 -0.70 -10.43
C VAL B 327 44.51 -2.02 -10.01
N TRP B 328 44.71 -2.19 -8.70
CA TRP B 328 45.45 -3.34 -8.21
C TRP B 328 44.78 -4.65 -8.59
N LEU B 329 45.60 -5.65 -8.87
CA LEU B 329 45.14 -6.94 -9.34
C LEU B 329 44.91 -7.87 -8.16
N GLU B 330 43.72 -8.46 -8.08
CA GLU B 330 43.43 -9.41 -7.03
C GLU B 330 44.21 -10.70 -7.27
N GLN B 331 44.09 -11.62 -6.33
CA GLN B 331 44.80 -12.88 -6.37
C GLN B 331 43.93 -13.95 -5.71
N VAL B 332 44.54 -15.07 -5.35
CA VAL B 332 43.82 -16.26 -4.88
C VAL B 332 42.81 -15.91 -3.79
N ARG B 333 41.53 -16.12 -4.08
CA ARG B 333 40.45 -15.80 -3.15
C ARG B 333 40.03 -17.04 -2.37
N VAL B 334 41.00 -17.62 -1.67
CA VAL B 334 40.73 -18.80 -0.86
C VAL B 334 39.99 -18.38 0.41
N GLY B 335 38.90 -19.06 0.71
CA GLY B 335 38.07 -18.72 1.85
C GLY B 335 36.59 -18.79 1.57
N PHE B 344 35.05 -13.79 12.27
CA PHE B 344 35.54 -13.57 10.91
C PHE B 344 35.72 -12.09 10.65
N TYR B 345 36.01 -11.37 11.73
CA TYR B 345 36.18 -9.93 11.68
C TYR B 345 37.60 -9.50 11.34
N ASP B 346 38.56 -10.42 11.31
CA ASP B 346 39.94 -10.04 11.03
C ASP B 346 40.71 -11.25 10.55
N CYS B 347 41.69 -10.98 9.69
CA CYS B 347 42.65 -11.98 9.22
C CYS B 347 44.05 -11.41 9.41
N GLN B 348 44.83 -12.05 10.28
CA GLN B 348 46.17 -11.60 10.58
C GLN B 348 47.20 -12.23 9.65
N PHE B 349 48.31 -11.51 9.49
CA PHE B 349 49.29 -11.75 8.45
C PHE B 349 50.66 -12.00 9.06
N ASN B 350 51.42 -12.89 8.45
CA ASN B 350 52.74 -13.23 8.97
C ASN B 350 53.75 -12.13 8.63
N GLU B 351 54.88 -12.17 9.32
CA GLU B 351 55.97 -11.24 9.05
C GLU B 351 56.43 -11.36 7.60
N ASP B 352 56.96 -12.53 7.25
CA ASP B 352 57.37 -12.77 5.87
C ASP B 352 56.16 -12.79 4.94
N GLY B 353 55.03 -13.29 5.44
CA GLY B 353 53.83 -13.46 4.63
C GLY B 353 53.53 -14.89 4.27
N SER B 354 54.43 -15.82 4.57
CA SER B 354 54.19 -17.23 4.26
C SER B 354 52.99 -17.75 5.05
N MET B 355 52.95 -17.48 6.35
CA MET B 355 51.80 -17.85 7.15
C MET B 355 50.68 -16.84 6.99
N ILE B 356 49.48 -17.25 7.39
CA ILE B 356 48.32 -16.36 7.43
C ILE B 356 47.28 -17.04 8.30
N ILE B 357 46.51 -16.25 9.05
CA ILE B 357 45.55 -16.81 9.98
C ILE B 357 44.33 -15.92 10.03
N ALA B 358 43.22 -16.47 10.51
CA ALA B 358 42.02 -15.70 10.75
C ALA B 358 41.17 -16.47 11.73
N HIS B 359 40.21 -15.77 12.34
CA HIS B 359 39.27 -16.41 13.24
C HIS B 359 37.93 -16.58 12.54
N ALA B 360 37.24 -17.66 12.89
CA ALA B 360 35.88 -17.81 12.41
C ALA B 360 34.99 -16.76 13.04
N PHE B 361 33.72 -16.75 12.61
CA PHE B 361 32.75 -15.87 13.27
C PHE B 361 32.64 -16.18 14.75
N HIS B 362 32.89 -17.43 15.13
CA HIS B 362 32.77 -17.85 16.52
C HIS B 362 33.66 -19.07 16.73
N GLY B 363 33.94 -19.35 17.99
CA GLY B 363 34.64 -20.56 18.36
C GLY B 363 36.01 -20.74 17.74
N ALA B 364 36.10 -21.65 16.78
CA ALA B 364 37.39 -22.02 16.22
C ALA B 364 37.92 -20.93 15.28
N LEU B 365 39.03 -21.25 14.62
CA LEU B 365 39.70 -20.31 13.73
C LEU B 365 40.43 -21.11 12.67
N HIS B 366 40.78 -20.43 11.57
CA HIS B 366 41.41 -21.06 10.43
C HIS B 366 42.84 -20.56 10.29
N LEU B 367 43.75 -21.47 9.95
CA LEU B 367 45.17 -21.17 9.83
C LEU B 367 45.69 -21.75 8.54
N TRP B 368 46.13 -20.88 7.63
CA TRP B 368 46.63 -21.27 6.32
C TRP B 368 48.10 -20.92 6.20
N LYS B 369 48.81 -21.72 5.39
CA LYS B 369 50.21 -21.45 5.11
C LYS B 369 50.45 -21.62 3.62
N GLN B 370 51.24 -20.72 3.05
CA GLN B 370 51.60 -20.82 1.64
C GLN B 370 52.62 -21.94 1.46
N ASN B 371 52.61 -22.53 0.26
CA ASN B 371 53.52 -23.62 -0.07
C ASN B 371 54.47 -23.19 -1.16
N THR B 372 55.72 -23.61 -1.04
CA THR B 372 56.78 -23.13 -1.92
C THR B 372 56.53 -23.53 -3.37
N VAL B 373 55.99 -24.74 -3.58
CA VAL B 373 55.89 -25.29 -4.93
C VAL B 373 55.11 -24.36 -5.85
N ASN B 374 53.97 -23.87 -5.37
CA ASN B 374 53.15 -22.97 -6.16
C ASN B 374 52.93 -21.68 -5.40
N PRO B 375 53.18 -20.51 -6.01
CA PRO B 375 52.81 -19.25 -5.36
C PRO B 375 51.33 -19.14 -5.08
N ARG B 376 50.50 -19.91 -5.77
CA ARG B 376 49.06 -19.93 -5.55
C ARG B 376 48.62 -21.11 -4.68
N GLU B 377 49.50 -21.59 -3.81
CA GLU B 377 49.28 -22.81 -3.04
C GLU B 377 49.16 -22.49 -1.56
N TRP B 378 48.16 -23.07 -0.91
CA TRP B 378 47.90 -22.83 0.51
C TRP B 378 47.34 -24.10 1.13
N THR B 379 47.73 -24.33 2.39
CA THR B 379 47.30 -25.51 3.13
C THR B 379 46.84 -25.11 4.52
N PRO B 380 45.70 -25.61 4.98
CA PRO B 380 45.28 -25.35 6.36
C PRO B 380 46.19 -26.03 7.35
N GLU B 381 46.25 -25.48 8.56
CA GLU B 381 47.13 -25.96 9.60
C GLU B 381 46.38 -26.11 10.91
N ILE B 382 46.84 -27.07 11.73
CA ILE B 382 46.19 -27.38 13.00
C ILE B 382 46.24 -26.18 13.93
N VAL B 383 45.13 -25.94 14.65
CA VAL B 383 45.08 -24.91 15.68
C VAL B 383 44.23 -25.42 16.83
N ILE B 384 44.51 -24.91 18.03
CA ILE B 384 43.81 -25.31 19.25
C ILE B 384 42.49 -24.56 19.34
N SER B 385 41.60 -25.00 20.22
CA SER B 385 40.28 -24.38 20.37
C SER B 385 39.78 -24.62 21.79
N GLY B 386 38.53 -24.21 22.03
CA GLY B 386 37.92 -24.36 23.34
C GLY B 386 36.43 -24.11 23.26
N HIS B 387 35.76 -24.27 24.41
CA HIS B 387 34.31 -24.12 24.47
C HIS B 387 33.86 -22.68 24.27
N PHE B 388 34.77 -21.72 24.47
CA PHE B 388 34.62 -20.31 24.10
C PHE B 388 33.39 -19.62 24.71
N ASP B 389 32.61 -20.33 25.51
CA ASP B 389 31.56 -19.70 26.30
C ASP B 389 31.68 -19.99 27.79
N GLY B 390 31.84 -21.25 28.16
CA GLY B 390 31.94 -21.66 29.55
C GLY B 390 31.63 -23.12 29.71
N VAL B 391 32.41 -23.83 30.52
CA VAL B 391 32.29 -25.27 30.70
C VAL B 391 31.67 -25.54 32.06
N GLN B 392 30.81 -26.55 32.13
CA GLN B 392 30.11 -26.86 33.37
C GLN B 392 30.48 -28.22 33.95
N ASP B 393 30.95 -29.15 33.15
CA ASP B 393 31.25 -30.48 33.64
C ASP B 393 32.35 -31.11 32.80
N LEU B 394 32.98 -32.13 33.36
CA LEU B 394 34.01 -32.89 32.66
C LEU B 394 34.19 -34.21 33.38
N VAL B 395 35.04 -35.06 32.82
CA VAL B 395 35.21 -36.42 33.32
C VAL B 395 36.62 -36.91 33.04
N TRP B 396 37.07 -37.85 33.86
CA TRP B 396 38.32 -38.56 33.65
C TRP B 396 37.98 -39.98 33.21
N ASP B 397 38.51 -40.38 32.06
CA ASP B 397 38.34 -41.76 31.64
C ASP B 397 39.11 -42.69 32.56
N PRO B 398 38.58 -43.89 32.84
CA PRO B 398 39.30 -44.82 33.72
C PRO B 398 40.66 -45.22 33.18
N GLU B 399 40.80 -45.30 31.86
CA GLU B 399 42.08 -45.70 31.27
C GLU B 399 43.09 -44.56 31.32
N GLY B 400 42.63 -43.32 31.29
CA GLY B 400 43.50 -42.18 31.54
C GLY B 400 44.14 -41.55 30.33
N GLU B 401 43.54 -41.64 29.14
CA GLU B 401 44.13 -41.07 27.94
C GLU B 401 43.20 -40.10 27.22
N PHE B 402 42.06 -39.75 27.81
CA PHE B 402 41.12 -38.88 27.10
C PHE B 402 40.05 -38.42 28.09
N ILE B 403 39.70 -37.14 27.99
CA ILE B 403 38.73 -36.55 28.91
C ILE B 403 37.64 -35.86 28.10
N ILE B 404 36.40 -35.98 28.57
CA ILE B 404 35.25 -35.44 27.88
C ILE B 404 34.70 -34.29 28.71
N THR B 405 34.37 -33.19 28.03
CA THR B 405 33.88 -31.99 28.68
C THR B 405 32.64 -31.47 27.97
N VAL B 406 31.82 -30.76 28.73
CA VAL B 406 30.58 -30.18 28.23
C VAL B 406 30.47 -28.75 28.74
N GLY B 407 29.96 -27.86 27.89
CA GLY B 407 29.83 -26.46 28.22
C GLY B 407 28.47 -25.92 27.82
N THR B 408 28.25 -24.65 28.15
CA THR B 408 27.01 -23.97 27.79
C THR B 408 26.90 -23.70 26.30
N ASP B 409 27.96 -23.95 25.53
CA ASP B 409 27.90 -23.82 24.08
C ASP B 409 27.05 -24.89 23.41
N GLN B 410 26.39 -25.74 24.20
CA GLN B 410 25.56 -26.82 23.68
C GLN B 410 26.39 -27.81 22.86
N THR B 411 27.65 -27.97 23.23
CA THR B 411 28.56 -28.91 22.56
C THR B 411 29.14 -29.87 23.59
N THR B 412 29.85 -30.86 23.06
CA THR B 412 30.59 -31.82 23.88
C THR B 412 31.90 -32.09 23.17
N ARG B 413 32.99 -32.14 23.91
CA ARG B 413 34.30 -32.32 23.30
C ARG B 413 35.10 -33.39 24.03
N LEU B 414 35.95 -34.07 23.28
CA LEU B 414 36.84 -35.08 23.82
C LEU B 414 38.28 -34.70 23.51
N PHE B 415 39.15 -34.84 24.50
CA PHE B 415 40.55 -34.45 24.37
C PHE B 415 41.45 -35.64 24.66
N ALA B 416 42.50 -35.79 23.85
CA ALA B 416 43.46 -36.87 23.98
C ALA B 416 44.83 -36.34 23.57
N PRO B 417 45.91 -36.94 24.08
CA PRO B 417 47.25 -36.52 23.65
C PRO B 417 47.53 -36.98 22.23
N TRP B 418 48.41 -36.23 21.56
CA TRP B 418 48.81 -36.54 20.20
C TRP B 418 50.32 -36.75 20.14
N LYS B 419 50.74 -37.67 19.29
CA LYS B 419 52.14 -38.06 19.17
C LYS B 419 52.76 -37.39 17.94
N ARG B 420 54.03 -37.73 17.69
CA ARG B 420 54.75 -37.19 16.54
C ARG B 420 55.90 -38.09 16.15
N VAL B 426 54.89 -34.65 23.36
CA VAL B 426 53.48 -35.01 23.25
C VAL B 426 52.62 -33.81 23.60
N THR B 427 51.56 -33.61 22.81
CA THR B 427 50.65 -32.48 23.00
C THR B 427 49.21 -32.98 22.90
N TRP B 428 48.41 -32.62 23.90
CA TRP B 428 47.00 -33.00 23.90
C TRP B 428 46.22 -32.14 22.94
N HIS B 429 45.19 -32.73 22.35
CA HIS B 429 44.37 -32.03 21.36
C HIS B 429 42.95 -32.54 21.43
N GLU B 430 41.99 -31.63 21.22
CA GLU B 430 40.60 -32.03 21.07
C GLU B 430 40.45 -32.84 19.80
N ILE B 431 39.74 -33.96 19.88
CA ILE B 431 39.66 -34.89 18.76
C ILE B 431 38.24 -35.11 18.27
N ALA B 432 37.22 -34.95 19.11
CA ALA B 432 35.87 -35.29 18.69
C ALA B 432 34.85 -34.39 19.38
N ARG B 433 33.74 -34.17 18.68
CA ARG B 433 32.60 -33.41 19.20
C ARG B 433 31.37 -34.29 19.08
N PRO B 434 31.19 -35.24 20.01
CA PRO B 434 30.24 -36.34 19.78
C PRO B 434 28.83 -35.89 19.42
N GLN B 435 28.36 -34.78 19.95
CA GLN B 435 27.00 -34.34 19.66
C GLN B 435 26.91 -32.83 19.70
N ILE B 436 25.90 -32.31 19.00
CA ILE B 436 25.47 -30.92 19.09
C ILE B 436 24.00 -30.94 19.46
N HIS B 437 23.63 -30.14 20.47
CA HIS B 437 22.29 -30.20 21.04
C HIS B 437 21.60 -28.85 20.91
N GLY B 438 20.28 -28.89 20.73
CA GLY B 438 19.52 -27.67 20.58
C GLY B 438 19.48 -26.84 21.85
N TYR B 439 19.28 -27.49 23.00
CA TYR B 439 19.26 -26.82 24.29
C TYR B 439 20.60 -26.94 24.98
N ASP B 440 20.75 -26.16 26.06
CA ASP B 440 21.98 -26.15 26.82
C ASP B 440 22.15 -27.46 27.60
N LEU B 441 23.41 -27.83 27.82
CA LEU B 441 23.78 -29.04 28.55
C LEU B 441 24.53 -28.65 29.80
N LYS B 442 24.13 -29.24 30.93
CA LYS B 442 24.77 -28.89 32.20
C LYS B 442 24.99 -30.10 33.12
N CYS B 443 24.79 -31.32 32.64
CA CYS B 443 25.02 -32.50 33.45
C CYS B 443 25.73 -33.55 32.60
N LEU B 444 26.54 -34.36 33.26
CA LEU B 444 27.33 -35.37 32.55
C LEU B 444 27.68 -36.50 33.49
N ALA B 445 27.66 -37.72 32.97
CA ALA B 445 28.07 -38.89 33.73
C ALA B 445 28.58 -39.95 32.77
N MET B 446 29.44 -40.83 33.29
CA MET B 446 30.08 -41.86 32.50
C MET B 446 29.39 -43.20 32.72
N ILE B 447 29.36 -44.03 31.68
CA ILE B 447 28.67 -45.30 31.75
C ILE B 447 29.65 -46.45 31.57
N ASN B 448 30.32 -46.50 30.42
CA ASN B 448 31.23 -47.60 30.13
C ASN B 448 32.34 -47.10 29.23
N ARG B 449 33.04 -48.03 28.58
CA ARG B 449 34.26 -47.69 27.84
C ARG B 449 34.00 -46.66 26.75
N PHE B 450 32.77 -46.63 26.20
CA PHE B 450 32.42 -45.64 25.19
C PHE B 450 31.05 -45.03 25.43
N GLN B 451 30.42 -45.33 26.57
CA GLN B 451 29.05 -44.95 26.83
C GLN B 451 28.99 -43.89 27.92
N PHE B 452 28.08 -42.94 27.75
CA PHE B 452 27.91 -41.87 28.72
C PHE B 452 26.50 -41.32 28.64
N VAL B 453 26.14 -40.53 29.64
CA VAL B 453 24.83 -39.91 29.75
C VAL B 453 25.03 -38.43 30.03
N SER B 454 24.25 -37.59 29.35
CA SER B 454 24.32 -36.15 29.52
C SER B 454 22.97 -35.62 29.98
N GLY B 455 23.01 -34.48 30.67
CA GLY B 455 21.81 -33.81 31.13
C GLY B 455 21.67 -32.44 30.52
N ALA B 456 20.44 -32.10 30.12
CA ALA B 456 20.19 -30.87 29.39
C ALA B 456 19.01 -30.09 29.97
N ASP B 457 18.57 -29.06 29.26
CA ASP B 457 17.49 -28.19 29.68
C ASP B 457 16.11 -28.80 29.46
N GLU B 458 16.03 -30.10 29.19
CA GLU B 458 14.76 -30.78 29.00
C GLU B 458 14.49 -31.71 30.18
N LYS B 459 13.37 -32.43 30.09
CA LYS B 459 13.02 -33.46 31.06
C LYS B 459 13.37 -34.85 30.55
N VAL B 460 14.45 -34.96 29.78
CA VAL B 460 14.82 -36.19 29.11
C VAL B 460 16.26 -36.54 29.48
N LEU B 461 16.58 -37.81 29.40
CA LEU B 461 17.94 -38.31 29.61
C LEU B 461 18.39 -39.06 28.36
N ARG B 462 19.58 -38.74 27.87
CA ARG B 462 20.12 -39.27 26.64
C ARG B 462 21.36 -40.10 26.91
N VAL B 463 21.55 -41.14 26.10
CA VAL B 463 22.64 -42.09 26.28
C VAL B 463 23.39 -42.22 24.97
N PHE B 464 24.70 -42.01 25.00
CA PHE B 464 25.51 -42.08 23.79
C PHE B 464 26.60 -43.12 23.93
N SER B 465 26.92 -43.76 22.80
CA SER B 465 28.04 -44.69 22.70
C SER B 465 28.84 -44.35 21.46
N ALA B 466 30.13 -44.62 21.52
CA ALA B 466 31.02 -44.23 20.44
C ALA B 466 30.77 -45.06 19.19
N PRO B 467 30.60 -44.43 18.03
CA PRO B 467 30.54 -45.20 16.78
C PRO B 467 31.88 -45.85 16.48
N ARG B 468 31.83 -46.91 15.68
CA ARG B 468 33.01 -47.72 15.42
C ARG B 468 34.11 -46.91 14.75
N ASN B 469 33.76 -46.16 13.69
CA ASN B 469 34.75 -45.44 12.91
C ASN B 469 35.63 -44.57 13.78
N PHE B 470 35.02 -43.83 14.72
CA PHE B 470 35.79 -43.04 15.65
C PHE B 470 36.73 -43.90 16.49
N VAL B 471 36.24 -45.08 16.91
CA VAL B 471 37.06 -45.95 17.75
C VAL B 471 38.31 -46.40 17.00
N GLU B 472 38.14 -46.83 15.74
CA GLU B 472 39.30 -47.25 14.97
C GLU B 472 40.23 -46.07 14.67
N ASN B 473 39.68 -44.90 14.35
CA ASN B 473 40.54 -43.75 14.09
C ASN B 473 41.34 -43.38 15.33
N PHE B 474 40.73 -43.50 16.51
CA PHE B 474 41.43 -43.20 17.76
C PHE B 474 42.50 -44.23 18.06
N CYS B 475 42.18 -45.52 17.92
CA CYS B 475 43.16 -46.56 18.20
C CYS B 475 44.33 -46.48 17.23
N ALA B 476 44.09 -45.99 16.01
CA ALA B 476 45.18 -45.76 15.09
C ALA B 476 46.14 -44.70 15.61
N ILE B 477 45.61 -43.61 16.14
CA ILE B 477 46.47 -42.54 16.65
C ILE B 477 47.22 -42.99 17.89
N THR B 478 46.51 -43.62 18.83
CA THR B 478 47.15 -44.06 20.06
C THR B 478 47.93 -45.36 19.90
N GLY B 479 47.80 -46.03 18.76
CA GLY B 479 48.50 -47.29 18.53
C GLY B 479 47.82 -48.47 19.20
N PRO B 545 45.34 -36.23 13.81
CA PRO B 545 45.36 -34.76 13.69
C PRO B 545 44.15 -34.23 12.95
N PRO B 546 42.99 -34.24 13.59
CA PRO B 546 41.78 -33.72 12.93
C PRO B 546 41.92 -32.24 12.64
N THR B 547 41.28 -31.81 11.55
CA THR B 547 41.31 -30.42 11.15
C THR B 547 40.04 -29.71 11.61
N GLU B 548 39.95 -28.42 11.27
CA GLU B 548 38.88 -27.57 11.79
C GLU B 548 37.53 -28.00 11.26
N ASP B 549 37.40 -28.15 9.95
CA ASP B 549 36.09 -28.38 9.34
C ASP B 549 35.70 -29.84 9.29
N HIS B 550 36.65 -30.75 9.06
CA HIS B 550 36.33 -32.17 8.99
C HIS B 550 35.71 -32.67 10.29
N LEU B 551 36.04 -32.03 11.41
CA LEU B 551 35.55 -32.49 12.70
C LEU B 551 34.02 -32.48 12.75
N LEU B 552 33.42 -31.30 12.58
CA LEU B 552 31.98 -31.18 12.70
C LEU B 552 31.24 -32.06 11.69
N GLN B 553 31.89 -32.43 10.59
CA GLN B 553 31.25 -33.29 9.60
C GLN B 553 31.20 -34.75 10.04
N ASN B 554 32.25 -35.23 10.70
CA ASN B 554 32.40 -36.66 10.96
C ASN B 554 32.82 -36.92 12.40
N THR B 555 32.13 -36.28 13.35
CA THR B 555 32.32 -36.58 14.77
C THR B 555 30.98 -36.73 15.47
N LEU B 556 30.02 -37.35 14.80
CA LEU B 556 28.69 -37.54 15.39
C LEU B 556 28.59 -38.91 16.03
N TRP B 557 27.64 -39.03 16.96
CA TRP B 557 27.45 -40.24 17.74
C TRP B 557 25.99 -40.68 17.68
N PRO B 558 25.73 -41.97 17.87
CA PRO B 558 24.35 -42.45 17.90
C PRO B 558 23.74 -42.32 19.29
N GLU B 559 22.41 -42.33 19.30
CA GLU B 559 21.63 -42.30 20.54
C GLU B 559 20.91 -43.64 20.70
N VAL B 560 20.95 -44.20 21.90
CA VAL B 560 20.40 -45.52 22.15
C VAL B 560 19.18 -45.50 23.06
N GLN B 561 19.09 -44.55 23.99
CA GLN B 561 18.01 -44.53 24.95
C GLN B 561 17.32 -43.17 24.95
N LYS B 562 16.24 -43.08 25.72
CA LYS B 562 15.55 -41.80 25.92
C LYS B 562 14.70 -41.94 27.17
N LEU B 563 15.06 -41.21 28.23
CA LEU B 563 14.45 -41.41 29.53
C LEU B 563 13.64 -40.19 29.95
N TYR B 564 12.62 -40.44 30.76
CA TYR B 564 11.67 -39.41 31.18
C TYR B 564 11.46 -39.54 32.69
N GLY B 565 10.46 -38.82 33.21
CA GLY B 565 10.03 -39.05 34.58
C GLY B 565 10.12 -37.83 35.48
N HIS B 566 11.18 -37.05 35.35
CA HIS B 566 11.31 -35.86 36.17
C HIS B 566 10.31 -34.80 35.73
N GLY B 567 9.65 -34.19 36.71
CA GLY B 567 8.63 -33.19 36.42
C GLY B 567 9.19 -31.89 35.87
N TYR B 568 10.50 -31.68 35.98
CA TYR B 568 11.13 -30.48 35.47
C TYR B 568 12.50 -30.85 34.91
N GLU B 569 13.25 -29.83 34.51
CA GLU B 569 14.55 -30.04 33.89
C GLU B 569 15.53 -30.64 34.89
N ILE B 570 16.36 -31.56 34.40
CA ILE B 570 17.34 -32.22 35.26
C ILE B 570 18.35 -31.19 35.76
N PHE B 571 18.94 -31.47 36.92
CA PHE B 571 19.92 -30.57 37.52
C PHE B 571 21.20 -31.24 37.96
N CYS B 572 21.21 -32.54 38.20
CA CYS B 572 22.43 -33.24 38.57
C CYS B 572 22.32 -34.69 38.14
N VAL B 573 23.47 -35.35 38.03
CA VAL B 573 23.52 -36.74 37.61
C VAL B 573 24.81 -37.35 38.12
N THR B 574 24.76 -38.63 38.46
CA THR B 574 25.95 -39.36 38.87
C THR B 574 25.70 -40.85 38.72
N CYS B 575 26.79 -41.62 38.67
CA CYS B 575 26.72 -43.06 38.53
C CYS B 575 27.64 -43.71 39.54
N ASN B 576 27.27 -44.91 39.98
CA ASN B 576 28.05 -45.63 40.97
C ASN B 576 29.30 -46.23 40.35
N SER B 577 30.29 -46.48 41.20
CA SER B 577 31.56 -47.03 40.73
C SER B 577 31.37 -48.40 40.11
N SER B 578 30.56 -49.26 40.73
CA SER B 578 30.31 -50.58 40.17
C SER B 578 29.42 -50.54 38.94
N LYS B 579 28.96 -49.35 38.54
CA LYS B 579 28.17 -49.16 37.31
C LYS B 579 26.90 -50.00 37.35
N THR B 580 26.12 -49.78 38.41
CA THR B 580 24.87 -50.51 38.62
C THR B 580 23.66 -49.60 38.70
N LEU B 581 23.75 -48.47 39.39
CA LEU B 581 22.64 -47.56 39.55
C LEU B 581 23.14 -46.14 39.34
N LEU B 582 22.22 -45.25 39.01
CA LEU B 582 22.54 -43.85 38.80
C LEU B 582 21.55 -42.98 39.57
N ALA B 583 22.01 -41.79 39.93
CA ALA B 583 21.19 -40.82 40.64
C ALA B 583 21.02 -39.57 39.79
N SER B 584 19.81 -39.01 39.84
CA SER B 584 19.48 -37.81 39.08
C SER B 584 18.33 -37.10 39.78
N ALA B 585 18.27 -35.78 39.63
CA ALA B 585 17.24 -34.99 40.28
C ALA B 585 16.98 -33.72 39.50
N CYS B 586 15.71 -33.38 39.35
CA CYS B 586 15.31 -32.14 38.70
C CYS B 586 15.25 -31.03 39.73
N LYS B 587 14.70 -29.88 39.35
CA LYS B 587 14.54 -28.77 40.28
C LYS B 587 13.32 -28.97 41.18
N ALA B 594 11.42 -31.92 43.11
CA ALA B 594 11.48 -32.24 44.53
C ALA B 594 11.37 -33.75 44.75
N ALA B 595 12.13 -34.51 43.96
CA ALA B 595 12.09 -35.97 44.06
C ALA B 595 13.40 -36.54 43.54
N ILE B 596 13.65 -37.79 43.89
CA ILE B 596 14.85 -38.51 43.48
C ILE B 596 14.44 -39.73 42.68
N ILE B 597 15.06 -39.91 41.52
CA ILE B 597 14.76 -41.03 40.62
C ILE B 597 16.05 -41.80 40.38
N LEU B 598 15.98 -43.12 40.54
CA LEU B 598 17.13 -44.00 40.41
C LEU B 598 16.88 -44.99 39.28
N TRP B 599 17.89 -45.21 38.44
CA TRP B 599 17.74 -45.97 37.21
C TRP B 599 18.71 -47.13 37.18
N ASN B 600 18.20 -48.32 36.87
CA ASN B 600 19.07 -49.45 36.60
C ASN B 600 19.77 -49.25 35.26
N THR B 601 20.99 -49.78 35.15
CA THR B 601 21.77 -49.62 33.94
C THR B 601 21.12 -50.35 32.77
N THR B 602 20.98 -51.68 32.88
CA THR B 602 20.45 -52.45 31.76
C THR B 602 18.95 -52.22 31.59
N SER B 603 18.20 -52.15 32.68
CA SER B 603 16.75 -52.01 32.59
C SER B 603 16.34 -50.61 32.15
N TRP B 604 17.11 -49.59 32.52
CA TRP B 604 16.81 -48.20 32.24
C TRP B 604 15.47 -47.79 32.84
N LYS B 605 15.13 -48.37 33.99
CA LYS B 605 13.84 -48.17 34.63
C LYS B 605 14.05 -47.82 36.10
N GLN B 606 12.98 -47.32 36.71
CA GLN B 606 13.06 -46.90 38.10
C GLN B 606 13.35 -48.09 39.01
N VAL B 607 14.13 -47.83 40.06
CA VAL B 607 14.44 -48.81 41.09
C VAL B 607 13.85 -48.40 42.42
N GLN B 608 14.06 -47.15 42.81
CA GLN B 608 13.45 -46.59 44.01
C GLN B 608 13.37 -45.09 43.82
N ASN B 609 12.31 -44.49 44.38
CA ASN B 609 12.09 -43.06 44.30
C ASN B 609 12.11 -42.47 45.69
N LEU B 610 12.85 -41.39 45.87
CA LEU B 610 12.96 -40.71 47.16
C LEU B 610 12.43 -39.28 47.03
N VAL B 611 11.52 -38.92 47.94
CA VAL B 611 11.00 -37.56 48.04
C VAL B 611 11.20 -37.14 49.49
N PHE B 612 12.33 -36.53 49.79
CA PHE B 612 12.62 -36.20 51.17
C PHE B 612 12.89 -34.72 51.39
N HIS B 613 13.65 -34.08 50.50
CA HIS B 613 13.98 -32.68 50.69
C HIS B 613 12.82 -31.78 50.25
N SER B 614 12.96 -30.49 50.56
CA SER B 614 11.95 -29.50 50.20
C SER B 614 12.40 -28.58 49.07
N LEU B 615 13.69 -28.33 48.93
CA LEU B 615 14.21 -27.43 47.92
C LEU B 615 14.99 -28.22 46.87
N THR B 616 15.62 -27.48 45.95
CA THR B 616 16.30 -28.09 44.82
C THR B 616 17.51 -28.89 45.29
N VAL B 617 17.70 -30.06 44.68
CA VAL B 617 18.88 -30.88 44.93
C VAL B 617 20.11 -30.19 44.35
N THR B 618 21.26 -30.36 45.00
CA THR B 618 22.50 -29.79 44.50
C THR B 618 23.49 -30.84 44.03
N GLN B 619 23.87 -31.80 44.88
CA GLN B 619 24.90 -32.73 44.48
C GLN B 619 24.73 -34.07 45.18
N MET B 620 25.11 -35.13 44.47
CA MET B 620 25.07 -36.50 44.94
C MET B 620 26.48 -37.03 45.13
N ALA B 621 26.58 -38.14 45.87
CA ALA B 621 27.88 -38.77 46.08
C ALA B 621 27.67 -40.25 46.37
N PHE B 622 28.00 -41.10 45.40
CA PHE B 622 28.05 -42.53 45.65
C PHE B 622 29.24 -42.85 46.56
N SER B 623 28.99 -43.65 47.59
CA SER B 623 30.08 -44.06 48.46
C SER B 623 31.08 -44.89 47.67
N PRO B 624 32.38 -44.63 47.81
CA PRO B 624 33.36 -45.38 47.01
C PRO B 624 33.29 -46.88 47.20
N ASN B 625 33.00 -47.34 48.41
CA ASN B 625 32.83 -48.76 48.68
C ASN B 625 31.43 -49.25 48.34
N GLU B 626 30.60 -48.39 47.76
CA GLU B 626 29.22 -48.74 47.39
C GLU B 626 28.44 -49.22 48.62
N LYS B 627 28.46 -48.40 49.67
CA LYS B 627 27.75 -48.71 50.90
C LYS B 627 26.79 -47.62 51.35
N PHE B 628 26.93 -46.40 50.82
CA PHE B 628 26.05 -45.30 51.19
C PHE B 628 25.85 -44.40 49.97
N LEU B 629 25.07 -43.34 50.15
CA LEU B 629 24.79 -42.40 49.09
C LEU B 629 24.47 -41.06 49.72
N LEU B 630 25.43 -40.14 49.70
CA LEU B 630 25.22 -38.83 50.30
C LEU B 630 24.49 -37.91 49.34
N ALA B 631 23.63 -37.06 49.90
CA ALA B 631 22.82 -36.13 49.13
C ALA B 631 22.91 -34.76 49.80
N VAL B 632 23.37 -33.75 49.07
CA VAL B 632 23.39 -32.38 49.57
C VAL B 632 22.48 -31.54 48.69
N SER B 633 21.61 -30.78 49.36
CA SER B 633 20.61 -30.02 48.58
C SER B 633 20.77 -28.52 48.82
N ARG B 634 19.78 -27.76 48.40
CA ARG B 634 19.79 -26.30 48.49
C ARG B 634 19.14 -25.78 49.77
N ASP B 635 18.49 -26.66 50.54
CA ASP B 635 17.76 -26.23 51.76
C ASP B 635 18.65 -26.31 53.01
N ARG B 636 19.97 -26.14 52.83
CA ARG B 636 20.92 -26.10 53.96
C ARG B 636 20.89 -27.39 54.76
N THR B 637 20.45 -28.49 54.15
CA THR B 637 20.39 -29.78 54.83
C THR B 637 20.95 -30.86 53.92
N TRP B 638 21.39 -31.94 54.55
CA TRP B 638 21.92 -33.09 53.84
C TRP B 638 21.14 -34.33 54.25
N SER B 639 21.27 -35.37 53.43
CA SER B 639 20.61 -36.63 53.70
C SER B 639 21.56 -37.78 53.39
N LEU B 640 21.42 -38.85 54.16
CA LEU B 640 22.16 -40.09 53.91
C LEU B 640 21.18 -41.25 53.89
N TRP B 641 21.37 -42.15 52.93
CA TRP B 641 20.48 -43.28 52.74
C TRP B 641 21.30 -44.55 52.70
N LYS B 642 20.84 -45.58 53.40
CA LYS B 642 21.59 -46.82 53.58
C LYS B 642 20.97 -47.93 52.75
N LYS B 643 21.77 -48.49 51.84
CA LYS B 643 21.36 -49.69 51.13
C LYS B 643 21.24 -50.86 52.08
N GLN B 644 20.22 -51.68 51.90
CA GLN B 644 20.02 -52.85 52.73
C GLN B 644 20.69 -54.06 52.10
N ASP B 645 20.39 -55.24 52.61
CA ASP B 645 20.93 -56.48 52.05
C ASP B 645 20.21 -56.83 50.76
N GLU B 652 17.34 -55.32 44.46
CA GLU B 652 17.40 -53.88 44.64
C GLU B 652 17.12 -53.49 46.09
N PRO B 653 18.14 -53.54 46.94
CA PRO B 653 17.95 -53.14 48.34
C PRO B 653 17.51 -51.70 48.44
N VAL B 654 16.63 -51.44 49.40
CA VAL B 654 16.07 -50.11 49.61
C VAL B 654 17.14 -49.25 50.28
N PHE B 655 16.89 -47.96 50.37
CA PHE B 655 17.88 -47.01 50.84
C PHE B 655 17.35 -46.23 52.02
N SER B 656 16.86 -46.94 53.04
CA SER B 656 16.40 -46.33 54.26
C SER B 656 17.39 -45.28 54.76
N LEU B 657 16.86 -44.13 55.18
CA LEU B 657 17.70 -43.03 55.65
C LEU B 657 18.47 -43.44 56.90
N PHE B 658 19.79 -43.60 56.76
CA PHE B 658 20.61 -43.96 57.90
C PHE B 658 20.67 -42.81 58.91
N ALA B 659 20.89 -41.59 58.42
CA ALA B 659 20.93 -40.42 59.27
C ALA B 659 20.70 -39.19 58.41
N PHE B 660 20.39 -38.08 59.07
CA PHE B 660 20.10 -36.84 58.37
C PHE B 660 20.24 -35.69 59.35
N THR B 661 19.95 -34.48 58.88
CA THR B 661 20.04 -33.28 59.70
C THR B 661 18.76 -32.47 59.57
N ASN B 662 18.44 -31.74 60.64
CA ASN B 662 17.34 -30.79 60.60
C ASN B 662 17.89 -29.42 60.23
N LYS B 663 17.07 -28.38 60.38
CA LYS B 663 17.51 -27.03 60.11
C LYS B 663 18.53 -26.53 61.13
N ILE B 664 18.68 -27.23 62.26
CA ILE B 664 19.56 -26.81 63.33
C ILE B 664 20.82 -27.67 63.40
N THR B 665 20.67 -28.99 63.28
CA THR B 665 21.83 -29.88 63.35
C THR B 665 22.80 -29.65 62.20
N SER B 666 22.33 -29.05 61.10
CA SER B 666 23.23 -28.72 60.00
C SER B 666 24.21 -27.65 60.43
N VAL B 667 25.48 -27.82 60.04
CA VAL B 667 26.52 -26.91 60.50
C VAL B 667 26.57 -25.65 59.67
N HIS B 668 26.47 -25.77 58.35
CA HIS B 668 26.60 -24.62 57.48
C HIS B 668 25.38 -23.71 57.60
N SER B 669 25.63 -22.40 57.61
CA SER B 669 24.58 -21.40 57.74
C SER B 669 24.03 -20.95 56.39
N ARG B 670 24.60 -21.42 55.28
CA ARG B 670 24.14 -21.00 53.96
C ARG B 670 24.13 -22.23 53.05
N ILE B 671 23.88 -21.99 51.76
CA ILE B 671 23.65 -23.07 50.82
C ILE B 671 24.94 -23.87 50.62
N ILE B 672 24.83 -25.18 50.73
CA ILE B 672 25.94 -26.07 50.42
C ILE B 672 26.16 -26.10 48.91
N TRP B 673 27.37 -26.42 48.49
CA TRP B 673 27.64 -26.50 47.07
C TRP B 673 28.31 -27.80 46.65
N SER B 674 29.20 -28.34 47.47
CA SER B 674 30.00 -29.50 47.08
C SER B 674 30.07 -30.49 48.22
N CYS B 675 30.32 -31.75 47.86
CA CYS B 675 30.47 -32.82 48.83
C CYS B 675 31.36 -33.89 48.23
N ASP B 676 32.03 -34.63 49.11
CA ASP B 676 32.92 -35.70 48.66
C ASP B 676 33.13 -36.68 49.80
N TRP B 677 33.50 -37.90 49.43
CA TRP B 677 33.66 -39.01 50.37
C TRP B 677 35.11 -39.09 50.83
N SER B 678 35.44 -40.19 51.48
CA SER B 678 36.80 -40.60 51.81
C SER B 678 37.24 -41.72 50.89
N PRO B 679 38.55 -41.87 50.67
CA PRO B 679 39.01 -42.96 49.79
C PRO B 679 38.55 -44.34 50.22
N ASP B 680 38.45 -44.57 51.53
CA ASP B 680 37.87 -45.79 52.07
C ASP B 680 36.49 -45.54 52.67
N SER B 681 35.83 -44.47 52.22
CA SER B 681 34.44 -44.15 52.57
C SER B 681 34.27 -43.88 54.06
N LYS B 682 35.34 -43.52 54.77
CA LYS B 682 35.24 -43.33 56.21
C LYS B 682 34.46 -42.07 56.54
N TYR B 683 34.77 -40.95 55.87
CA TYR B 683 34.21 -39.67 56.24
C TYR B 683 33.85 -38.88 54.99
N PHE B 684 32.86 -38.00 55.14
CA PHE B 684 32.45 -37.10 54.07
C PHE B 684 32.74 -35.66 54.48
N PHE B 685 32.75 -34.78 53.49
CA PHE B 685 33.23 -33.42 53.67
C PHE B 685 32.40 -32.50 52.78
N THR B 686 31.95 -31.38 53.35
CA THR B 686 31.03 -30.49 52.66
C THR B 686 31.55 -29.06 52.67
N GLY B 687 31.39 -28.39 51.55
CA GLY B 687 31.71 -26.97 51.44
C GLY B 687 30.48 -26.19 51.02
N SER B 688 30.37 -24.97 51.54
CA SER B 688 29.19 -24.16 51.21
C SER B 688 29.61 -22.72 50.95
N ARG B 689 28.66 -21.90 50.52
CA ARG B 689 28.94 -20.51 50.18
C ARG B 689 29.41 -19.71 51.38
N ASP B 690 29.13 -20.20 52.60
CA ASP B 690 29.50 -19.47 53.84
C ASP B 690 30.96 -19.72 54.21
N LYS B 691 31.79 -20.20 53.28
CA LYS B 691 33.24 -20.38 53.47
C LYS B 691 33.54 -21.23 54.70
N LYS B 692 32.74 -22.27 54.92
CA LYS B 692 32.94 -23.20 56.01
C LYS B 692 33.33 -24.56 55.47
N VAL B 693 34.32 -25.18 56.11
CA VAL B 693 34.80 -26.51 55.75
C VAL B 693 34.67 -27.41 56.96
N VAL B 694 34.09 -28.58 56.77
CA VAL B 694 33.80 -29.51 57.87
C VAL B 694 34.23 -30.92 57.48
N VAL B 695 34.45 -31.73 58.51
CA VAL B 695 34.89 -33.12 58.35
C VAL B 695 33.96 -34.00 59.17
N TRP B 696 33.59 -35.15 58.62
CA TRP B 696 32.67 -36.05 59.30
C TRP B 696 33.20 -37.47 59.34
N GLY B 711 30.07 -39.12 62.04
CA GLY B 711 29.84 -37.88 62.76
C GLY B 711 30.98 -36.89 62.59
N PRO B 712 30.72 -35.63 62.92
CA PRO B 712 31.77 -34.60 62.75
C PRO B 712 32.93 -34.86 63.70
N CYS B 713 34.15 -34.73 63.18
CA CYS B 713 35.34 -35.03 63.95
C CYS B 713 36.47 -34.03 63.69
N SER B 714 36.13 -32.79 63.41
CA SER B 714 37.14 -31.76 63.16
C SER B 714 36.55 -30.39 63.39
N SER B 715 37.43 -29.41 63.57
CA SER B 715 37.01 -28.03 63.70
C SER B 715 36.72 -27.44 62.32
N VAL B 716 36.11 -26.25 62.32
CA VAL B 716 35.83 -25.56 61.07
C VAL B 716 37.15 -25.15 60.43
N LEU B 717 37.40 -25.65 59.23
CA LEU B 717 38.64 -25.36 58.52
C LEU B 717 38.43 -24.20 57.54
N ASP B 718 38.10 -23.04 58.12
CA ASP B 718 37.74 -21.87 57.33
C ASP B 718 38.94 -21.38 56.52
N VAL B 719 38.63 -20.80 55.35
CA VAL B 719 39.66 -20.28 54.46
C VAL B 719 39.35 -18.83 54.12
N GLY B 720 38.17 -18.35 54.52
CA GLY B 720 37.77 -16.99 54.26
C GLY B 720 37.24 -16.72 52.87
N GLY B 721 37.17 -17.73 52.02
CA GLY B 721 36.63 -17.55 50.69
C GLY B 721 35.53 -18.56 50.42
N ALA B 722 34.53 -18.11 49.66
CA ALA B 722 33.38 -18.95 49.35
C ALA B 722 33.82 -20.21 48.64
N VAL B 723 33.30 -21.34 49.11
CA VAL B 723 33.68 -22.65 48.59
C VAL B 723 32.79 -22.99 47.40
N THR B 724 33.42 -23.35 46.28
CA THR B 724 32.69 -23.78 45.10
C THR B 724 32.91 -25.24 44.75
N ALA B 725 34.09 -25.79 45.02
CA ALA B 725 34.34 -27.20 44.73
C ALA B 725 35.33 -27.76 45.75
N VAL B 726 35.26 -29.07 45.95
CA VAL B 726 36.15 -29.75 46.88
C VAL B 726 36.38 -31.16 46.38
N SER B 727 37.59 -31.68 46.60
CA SER B 727 37.91 -33.04 46.20
C SER B 727 39.09 -33.53 47.01
N VAL B 728 39.31 -34.84 46.94
CA VAL B 728 40.26 -35.53 47.81
C VAL B 728 41.20 -36.38 46.95
N CYS B 729 42.34 -36.72 47.53
CA CYS B 729 43.27 -37.62 46.87
C CYS B 729 42.65 -39.01 46.74
N PRO B 730 42.81 -39.66 45.59
CA PRO B 730 42.34 -41.06 45.46
C PRO B 730 43.03 -42.01 46.42
N VAL B 731 44.31 -41.79 46.71
CA VAL B 731 45.08 -42.65 47.60
C VAL B 731 45.69 -41.78 48.68
N LEU B 732 45.95 -42.40 49.84
CA LEU B 732 46.41 -41.71 51.02
C LEU B 732 47.87 -42.07 51.32
N HIS B 733 48.60 -41.09 51.86
CA HIS B 733 49.98 -41.33 52.26
C HIS B 733 50.04 -42.35 53.40
N PRO B 734 51.14 -43.10 53.49
CA PRO B 734 51.37 -43.89 54.71
C PRO B 734 51.50 -43.03 55.95
N SER B 735 51.78 -41.73 55.79
CA SER B 735 51.69 -40.79 56.90
C SER B 735 50.25 -40.50 57.29
N GLN B 736 49.28 -40.97 56.51
CA GLN B 736 47.85 -40.77 56.76
C GLN B 736 47.46 -39.30 56.70
N ARG B 737 48.34 -38.45 56.18
CA ARG B 737 48.05 -37.02 56.07
C ARG B 737 47.15 -36.80 54.85
N TYR B 738 45.85 -36.74 55.12
CA TYR B 738 44.87 -36.56 54.06
C TYR B 738 45.03 -35.18 53.42
N VAL B 739 44.97 -35.14 52.09
CA VAL B 739 45.12 -33.89 51.35
C VAL B 739 43.83 -33.61 50.60
N VAL B 740 43.53 -32.32 50.42
CA VAL B 740 42.27 -31.87 49.84
C VAL B 740 42.54 -30.71 48.91
N ALA B 741 41.85 -30.73 47.77
CA ALA B 741 41.86 -29.62 46.82
C ALA B 741 40.55 -28.86 46.92
N VAL B 742 40.65 -27.54 47.06
CA VAL B 742 39.50 -26.67 47.27
C VAL B 742 39.51 -25.61 46.19
N GLY B 743 38.42 -25.52 45.43
CA GLY B 743 38.26 -24.51 44.42
C GLY B 743 37.31 -23.43 44.91
N LEU B 744 37.85 -22.21 45.02
CA LEU B 744 37.14 -21.08 45.57
C LEU B 744 36.29 -20.40 44.50
N GLU B 745 35.62 -19.32 44.89
CA GLU B 745 34.70 -18.62 44.01
C GLU B 745 35.34 -17.50 43.20
N CYS B 746 36.60 -17.16 43.48
CA CYS B 746 37.26 -16.05 42.82
C CYS B 746 38.46 -16.51 42.01
N GLY B 747 38.37 -17.67 41.37
CA GLY B 747 39.44 -18.19 40.56
C GLY B 747 40.61 -18.74 41.33
N LYS B 748 40.80 -18.33 42.57
CA LYS B 748 41.91 -18.84 43.37
C LYS B 748 41.69 -20.32 43.67
N ILE B 749 42.77 -21.08 43.65
CA ILE B 749 42.74 -22.52 43.89
C ILE B 749 43.80 -22.82 44.94
N CYS B 750 43.39 -22.88 46.20
CA CYS B 750 44.28 -23.26 47.28
C CYS B 750 44.05 -24.72 47.64
N LEU B 751 45.07 -25.32 48.25
CA LEU B 751 45.01 -26.71 48.67
C LEU B 751 45.36 -26.81 50.14
N TYR B 752 44.78 -27.80 50.81
CA TYR B 752 44.99 -27.98 52.24
C TYR B 752 45.21 -29.45 52.52
N THR B 753 45.46 -29.74 53.80
CA THR B 753 45.69 -31.15 54.22
C THR B 753 45.22 -31.28 55.68
N TRP B 754 44.50 -32.36 56.00
CA TRP B 754 43.99 -32.53 57.36
C TRP B 754 43.99 -34.02 57.68
N LYS B 755 45.06 -34.47 58.34
CA LYS B 755 45.09 -35.78 58.95
C LYS B 755 44.31 -35.74 60.27
N LYS B 756 43.77 -36.91 60.65
CA LYS B 756 43.03 -37.00 61.90
C LYS B 756 43.87 -36.53 63.07
N THR B 757 43.28 -35.67 63.90
CA THR B 757 43.99 -35.10 65.04
C THR B 757 43.42 -35.61 66.37
N THR B 767 45.32 -27.98 57.13
CA THR B 767 46.68 -27.46 57.08
C THR B 767 47.08 -27.11 55.66
N HIS B 768 47.49 -25.86 55.46
CA HIS B 768 47.89 -25.41 54.13
C HIS B 768 49.20 -26.07 53.71
N CYS B 769 49.26 -26.50 52.45
CA CYS B 769 50.47 -27.05 51.87
C CYS B 769 51.00 -26.18 50.74
N VAL B 770 50.17 -25.89 49.73
CA VAL B 770 50.59 -25.09 48.59
C VAL B 770 49.32 -24.60 47.90
N GLU B 771 49.43 -23.43 47.28
CA GLU B 771 48.31 -22.84 46.56
C GLU B 771 48.77 -22.44 45.15
N THR B 772 47.80 -22.07 44.32
CA THR B 772 48.08 -21.75 42.93
C THR B 772 48.79 -20.41 42.82
N SER B 773 49.55 -20.26 41.74
CA SER B 773 50.26 -19.02 41.48
C SER B 773 49.33 -17.99 40.84
N GLN B 774 49.83 -16.75 40.75
CA GLN B 774 49.08 -15.72 40.04
C GLN B 774 48.87 -16.10 38.58
N SER B 775 49.91 -16.64 37.95
CA SER B 775 49.77 -17.10 36.57
C SER B 775 48.78 -18.24 36.45
N GLN B 776 48.75 -19.14 37.44
CA GLN B 776 47.97 -20.37 37.36
C GLN B 776 46.61 -20.23 38.04
N SER B 777 46.01 -19.04 37.99
CA SER B 777 44.75 -18.78 38.66
C SER B 777 43.68 -18.38 37.64
N HIS B 778 42.49 -18.94 37.81
CA HIS B 778 41.36 -18.57 36.98
C HIS B 778 40.89 -17.15 37.33
N THR B 779 39.86 -16.69 36.61
CA THR B 779 39.25 -15.40 36.90
C THR B 779 37.76 -15.52 37.18
N LEU B 780 37.26 -16.74 37.41
CA LEU B 780 35.85 -16.96 37.71
C LEU B 780 35.73 -18.14 38.67
N ALA B 781 34.50 -18.44 39.04
CA ALA B 781 34.26 -19.53 39.99
C ALA B 781 34.60 -20.87 39.38
N ILE B 782 35.16 -21.75 40.21
CA ILE B 782 35.46 -23.11 39.76
C ILE B 782 34.16 -23.91 39.64
N ARG B 783 34.21 -24.98 38.85
CA ARG B 783 33.05 -25.83 38.64
C ARG B 783 33.26 -27.26 39.07
N LYS B 784 34.42 -27.85 38.78
CA LYS B 784 34.66 -29.23 39.13
C LYS B 784 36.16 -29.49 39.15
N LEU B 785 36.60 -30.28 40.14
CA LEU B 785 38.01 -30.61 40.33
C LEU B 785 38.12 -32.12 40.46
N CYS B 786 38.27 -32.81 39.33
CA CYS B 786 38.41 -34.26 39.33
C CYS B 786 39.89 -34.63 39.20
N TRP B 787 40.22 -35.83 39.67
CA TRP B 787 41.60 -36.28 39.75
C TRP B 787 41.83 -37.45 38.81
N LYS B 788 43.09 -37.60 38.41
CA LYS B 788 43.49 -38.80 37.68
C LYS B 788 43.39 -40.02 38.59
N ASN B 789 42.95 -41.14 38.02
CA ASN B 789 42.84 -42.39 38.76
C ASN B 789 43.44 -43.52 37.93
N CYS B 790 44.03 -44.49 38.63
CA CYS B 790 44.63 -45.65 37.99
C CYS B 790 44.21 -46.93 38.70
N LEU B 805 51.66 -35.89 40.20
CA LEU B 805 50.30 -36.36 40.01
C LEU B 805 49.52 -35.43 39.10
N HIS B 806 48.22 -35.66 38.94
CA HIS B 806 47.44 -34.86 38.02
C HIS B 806 46.00 -34.79 38.48
N PHE B 807 45.28 -33.82 37.93
CA PHE B 807 43.87 -33.59 38.24
C PHE B 807 43.30 -32.68 37.15
N ALA B 808 42.08 -32.21 37.34
CA ALA B 808 41.39 -31.39 36.37
C ALA B 808 40.96 -30.06 36.97
N SER B 809 41.00 -29.01 36.17
CA SER B 809 40.57 -27.67 36.58
C SER B 809 39.56 -27.17 35.55
N CYS B 810 38.28 -27.32 35.86
CA CYS B 810 37.19 -26.89 34.98
C CYS B 810 36.65 -25.57 35.52
N GLY B 811 37.21 -24.47 35.01
CA GLY B 811 36.77 -23.16 35.44
C GLY B 811 35.57 -22.65 34.66
N GLU B 812 35.07 -21.51 35.09
CA GLU B 812 34.00 -20.81 34.39
C GLU B 812 34.52 -19.87 33.32
N ASP B 813 35.85 -19.80 33.17
CA ASP B 813 36.48 -18.95 32.16
C ASP B 813 36.56 -19.65 30.80
N HIS B 814 35.70 -20.65 30.57
CA HIS B 814 35.76 -21.52 29.40
C HIS B 814 37.19 -21.91 29.06
N THR B 815 37.96 -22.25 30.09
CA THR B 815 39.31 -22.74 29.94
C THR B 815 39.43 -24.05 30.71
N VAL B 816 40.19 -24.98 30.15
CA VAL B 816 40.43 -26.27 30.77
C VAL B 816 41.92 -26.34 31.06
N LYS B 817 42.28 -26.13 32.31
CA LYS B 817 43.68 -26.19 32.74
C LYS B 817 43.94 -27.49 33.46
N ILE B 818 45.11 -28.07 33.20
CA ILE B 818 45.57 -29.28 33.87
C ILE B 818 46.84 -28.92 34.61
N HIS B 819 46.97 -29.40 35.84
CA HIS B 819 48.12 -29.08 36.66
C HIS B 819 48.70 -30.34 37.25
N ARG B 820 50.03 -30.43 37.22
CA ARG B 820 50.77 -31.55 37.78
C ARG B 820 51.52 -31.08 39.01
N VAL B 821 51.67 -31.97 39.99
CA VAL B 821 52.44 -31.70 41.19
C VAL B 821 53.47 -32.80 41.35
N ASN B 822 54.42 -32.57 42.24
CA ASN B 822 55.41 -33.59 42.56
C ASN B 822 54.72 -34.83 43.13
N LYS B 823 55.15 -35.99 42.65
CA LYS B 823 54.60 -37.24 43.16
C LYS B 823 54.93 -37.40 44.65
N CYS B 824 56.14 -37.01 45.05
CA CYS B 824 56.54 -37.14 46.44
C CYS B 824 55.87 -36.11 47.33
N ALA B 825 55.67 -34.90 46.83
CA ALA B 825 55.11 -33.81 47.64
C ALA B 825 53.68 -34.12 48.07
N SER C 10 25.59 -31.59 -19.78
CA SER C 10 24.66 -31.35 -18.69
C SER C 10 23.64 -30.28 -19.05
N PRO C 11 22.38 -30.52 -18.70
CA PRO C 11 21.37 -29.47 -18.90
C PRO C 11 21.66 -28.21 -18.11
N ALA C 12 22.26 -28.34 -16.92
CA ALA C 12 22.41 -27.19 -16.03
C ALA C 12 23.22 -26.09 -16.71
N GLU C 13 24.35 -26.43 -17.30
CA GLU C 13 25.12 -25.43 -18.03
C GLU C 13 24.32 -24.88 -19.21
N LEU C 14 23.42 -25.68 -19.77
CA LEU C 14 22.60 -25.20 -20.88
C LEU C 14 21.65 -24.11 -20.41
N MET C 15 20.98 -24.32 -19.27
CA MET C 15 20.17 -23.26 -18.70
C MET C 15 21.03 -22.06 -18.32
N MET C 16 22.24 -22.30 -17.85
CA MET C 16 23.14 -21.19 -17.54
C MET C 16 23.43 -20.36 -18.79
N LEU C 17 23.67 -21.04 -19.91
CA LEU C 17 23.91 -20.33 -21.17
C LEU C 17 22.68 -19.54 -21.58
N THR C 18 21.50 -20.12 -21.41
CA THR C 18 20.27 -19.37 -21.68
C THR C 18 20.18 -18.13 -20.80
N ILE C 19 20.56 -18.27 -19.53
CA ILE C 19 20.54 -17.15 -18.61
C ILE C 19 21.46 -16.05 -19.10
N GLY C 20 22.68 -16.43 -19.47
CA GLY C 20 23.62 -15.44 -19.97
C GLY C 20 23.13 -14.76 -21.24
N ASP C 21 22.50 -15.54 -22.12
CA ASP C 21 21.94 -14.96 -23.34
C ASP C 21 20.86 -13.94 -22.99
N VAL C 22 19.97 -14.31 -22.08
CA VAL C 22 18.93 -13.38 -21.65
C VAL C 22 19.56 -12.13 -21.07
N ILE C 23 20.61 -12.30 -20.27
CA ILE C 23 21.26 -11.16 -19.63
C ILE C 23 21.81 -10.21 -20.68
N LYS C 24 22.56 -10.73 -21.64
CA LYS C 24 23.14 -9.86 -22.65
C LYS C 24 22.06 -9.19 -23.47
N GLN C 25 21.00 -9.92 -23.83
CA GLN C 25 19.91 -9.31 -24.59
C GLN C 25 19.29 -8.16 -23.80
N LEU C 26 19.01 -8.37 -22.52
CA LEU C 26 18.30 -7.35 -21.76
C LEU C 26 19.19 -6.15 -21.47
N ILE C 27 20.48 -6.38 -21.20
CA ILE C 27 21.37 -5.24 -21.00
C ILE C 27 21.52 -4.45 -22.29
N GLU C 28 21.59 -5.14 -23.43
CA GLU C 28 21.63 -4.45 -24.71
C GLU C 28 20.38 -3.62 -24.90
N ALA C 29 19.21 -4.18 -24.58
CA ALA C 29 17.97 -3.41 -24.67
C ALA C 29 18.02 -2.19 -23.76
N HIS C 30 18.57 -2.35 -22.57
CA HIS C 30 18.66 -1.24 -21.63
C HIS C 30 19.55 -0.13 -22.17
N GLU C 31 20.66 -0.48 -22.82
CA GLU C 31 21.61 0.52 -23.27
C GLU C 31 20.96 1.53 -24.21
N GLN C 32 20.15 1.05 -25.14
CA GLN C 32 19.40 1.93 -26.02
C GLN C 32 18.00 2.22 -25.51
N GLY C 33 17.67 1.76 -24.30
CA GLY C 33 16.33 1.97 -23.78
C GLY C 33 15.25 1.21 -24.52
N LYS C 34 15.54 -0.02 -24.93
CA LYS C 34 14.55 -0.86 -25.59
C LYS C 34 13.79 -1.68 -24.55
N ASP C 35 12.48 -1.83 -24.76
CA ASP C 35 11.61 -2.53 -23.84
C ASP C 35 11.27 -3.90 -24.40
N ILE C 36 11.41 -4.93 -23.57
CA ILE C 36 11.25 -6.31 -24.00
C ILE C 36 10.50 -7.10 -22.94
N ASP C 37 9.62 -7.99 -23.38
CA ASP C 37 8.93 -8.89 -22.47
C ASP C 37 9.88 -9.99 -22.01
N LEU C 38 9.97 -10.17 -20.68
CA LEU C 38 10.82 -11.21 -20.12
C LEU C 38 10.35 -12.59 -20.55
N ASN C 39 9.05 -12.84 -20.51
CA ASN C 39 8.55 -14.16 -20.83
C ASN C 39 8.79 -14.52 -22.30
N LYS C 40 8.71 -13.52 -23.18
CA LYS C 40 8.93 -13.78 -24.60
C LYS C 40 10.35 -14.28 -24.85
N VAL C 41 11.35 -13.56 -24.32
CA VAL C 41 12.73 -13.98 -24.51
C VAL C 41 12.99 -15.28 -23.77
N LYS C 42 12.34 -15.47 -22.61
CA LYS C 42 12.45 -16.74 -21.92
C LYS C 42 12.03 -17.89 -22.83
N THR C 43 10.86 -17.77 -23.43
CA THR C 43 10.35 -18.81 -24.32
C THR C 43 11.29 -19.02 -25.50
N LYS C 44 11.73 -17.94 -26.13
CA LYS C 44 12.56 -18.07 -27.32
C LYS C 44 13.90 -18.73 -26.99
N THR C 45 14.54 -18.30 -25.91
CA THR C 45 15.81 -18.90 -25.52
C THR C 45 15.63 -20.35 -25.12
N ALA C 46 14.56 -20.67 -24.39
CA ALA C 46 14.31 -22.06 -24.00
C ALA C 46 14.13 -22.94 -25.23
N ALA C 47 13.36 -22.46 -26.22
CA ALA C 47 13.15 -23.24 -27.43
C ALA C 47 14.45 -23.41 -28.21
N LYS C 48 15.18 -22.32 -28.42
CA LYS C 48 16.38 -22.38 -29.26
C LYS C 48 17.49 -23.21 -28.62
N TYR C 49 17.43 -23.45 -27.32
CA TYR C 49 18.42 -24.28 -26.65
C TYR C 49 17.87 -25.65 -26.26
N GLY C 50 16.81 -26.09 -26.70
CA GLY C 50 16.23 -27.39 -26.41
C GLY C 50 15.89 -27.59 -24.95
N LEU C 51 15.26 -26.59 -24.33
CA LEU C 51 14.82 -26.69 -22.95
C LEU C 51 13.38 -27.17 -22.88
N SER C 52 13.10 -28.07 -21.95
CA SER C 52 11.76 -28.57 -21.75
C SER C 52 10.96 -27.80 -20.71
N ALA C 53 11.62 -26.92 -19.94
CA ALA C 53 10.96 -26.20 -18.87
C ALA C 53 11.48 -24.78 -18.81
N GLN C 54 10.53 -23.81 -18.28
CA GLN C 54 10.88 -22.40 -18.19
C GLN C 54 12.01 -22.20 -17.18
N PRO C 55 12.76 -21.11 -17.30
CA PRO C 55 13.77 -20.79 -16.29
C PRO C 55 13.18 -20.02 -15.12
N ARG C 56 13.70 -20.31 -13.92
CA ARG C 56 13.21 -19.66 -12.71
C ARG C 56 13.73 -18.23 -12.61
N LEU C 57 12.86 -17.33 -12.16
CA LEU C 57 13.24 -15.92 -12.05
C LEU C 57 14.29 -15.71 -10.97
N VAL C 58 14.31 -16.56 -9.94
CA VAL C 58 15.30 -16.41 -8.87
C VAL C 58 16.70 -16.50 -9.43
N ASP C 59 16.97 -17.53 -10.24
CA ASP C 59 18.27 -17.66 -10.87
C ASP C 59 18.54 -16.51 -11.83
N ILE C 60 17.49 -15.94 -12.42
CA ILE C 60 17.66 -14.78 -13.28
C ILE C 60 18.23 -13.62 -12.49
N ILE C 61 17.68 -13.37 -11.29
CA ILE C 61 18.23 -12.32 -10.46
C ILE C 61 19.61 -12.69 -9.94
N ALA C 62 19.86 -13.99 -9.75
CA ALA C 62 21.09 -14.48 -9.14
C ALA C 62 22.34 -14.27 -10.00
N ALA C 63 22.32 -13.60 -11.15
CA ALA C 63 23.54 -13.47 -11.94
C ALA C 63 23.78 -12.06 -12.47
N VAL C 64 22.91 -11.10 -12.18
CA VAL C 64 23.10 -9.74 -12.71
C VAL C 64 24.35 -9.13 -12.09
N PRO C 65 25.19 -8.47 -12.88
CA PRO C 65 26.34 -7.75 -12.30
C PRO C 65 25.89 -6.46 -11.63
N PRO C 66 26.60 -6.02 -10.58
CA PRO C 66 26.09 -4.89 -9.78
C PRO C 66 25.86 -3.62 -10.56
N GLN C 67 26.77 -3.28 -11.48
CA GLN C 67 26.63 -2.10 -12.31
C GLN C 67 25.38 -2.16 -13.17
N TYR C 68 24.66 -3.27 -13.15
CA TYR C 68 23.35 -3.38 -13.76
C TYR C 68 22.25 -3.64 -12.75
N ARG C 69 22.53 -4.37 -11.66
CA ARG C 69 21.56 -4.50 -10.59
C ARG C 69 21.13 -3.15 -10.04
N LYS C 70 21.97 -2.12 -10.21
CA LYS C 70 21.60 -0.79 -9.78
C LYS C 70 20.28 -0.34 -10.38
N VAL C 71 20.03 -0.67 -11.64
CA VAL C 71 18.87 -0.15 -12.37
C VAL C 71 17.96 -1.22 -12.91
N LEU C 72 18.34 -2.49 -12.86
CA LEU C 72 17.53 -3.55 -13.43
C LEU C 72 16.48 -4.08 -12.47
N MET C 73 16.65 -3.87 -11.17
CA MET C 73 15.66 -4.30 -10.19
C MET C 73 14.25 -3.79 -10.48
N PRO C 74 14.04 -2.53 -10.91
CA PRO C 74 12.67 -2.11 -11.23
C PRO C 74 11.92 -3.05 -12.15
N LYS C 75 12.64 -3.82 -12.98
CA LYS C 75 12.02 -4.81 -13.85
C LYS C 75 12.31 -6.22 -13.39
N LEU C 76 12.74 -6.41 -12.15
CA LEU C 76 13.21 -7.71 -11.71
C LEU C 76 12.71 -8.16 -10.35
N LYS C 77 12.11 -7.27 -9.55
CA LYS C 77 11.68 -7.65 -8.21
C LYS C 77 10.56 -8.69 -8.27
N ALA C 78 10.54 -9.57 -7.28
CA ALA C 78 9.58 -10.65 -7.21
C ALA C 78 8.67 -10.47 -6.00
N LYS C 79 7.37 -10.70 -6.21
CA LYS C 79 6.35 -10.56 -5.18
C LYS C 79 6.43 -9.17 -4.56
N PRO C 80 6.05 -8.14 -5.30
CA PRO C 80 6.21 -6.77 -4.79
C PRO C 80 5.40 -6.48 -3.55
N ILE C 81 4.37 -7.29 -3.28
CA ILE C 81 3.48 -7.00 -2.16
C ILE C 81 4.20 -7.04 -0.83
N ARG C 82 5.35 -7.74 -0.77
CA ARG C 82 6.13 -7.77 0.46
C ARG C 82 6.56 -6.37 0.88
N THR C 83 6.58 -5.42 -0.05
CA THR C 83 6.81 -4.01 0.29
C THR C 83 5.66 -3.12 -0.14
N ALA C 84 4.51 -3.70 -0.49
CA ALA C 84 3.37 -2.89 -0.91
C ALA C 84 2.77 -2.09 0.24
N SER C 85 3.16 -2.37 1.48
CA SER C 85 2.71 -1.55 2.60
C SER C 85 3.55 -0.28 2.71
N GLY C 86 4.87 -0.44 2.82
CA GLY C 86 5.75 0.70 2.91
C GLY C 86 6.92 0.47 3.84
N ILE C 87 6.86 -0.62 4.61
CA ILE C 87 7.88 -0.92 5.60
C ILE C 87 8.18 -2.41 5.55
N ALA C 88 9.47 -2.76 5.56
CA ALA C 88 9.86 -4.15 5.59
C ALA C 88 9.54 -4.77 6.95
N VAL C 89 9.30 -6.08 6.96
CA VAL C 89 8.88 -6.79 8.15
C VAL C 89 9.80 -7.98 8.36
N VAL C 90 10.29 -8.15 9.58
CA VAL C 90 11.12 -9.28 9.96
C VAL C 90 10.55 -9.91 11.21
N ALA C 91 10.39 -11.23 11.18
CA ALA C 91 9.85 -11.99 12.29
C ALA C 91 10.95 -12.82 12.93
N VAL C 92 10.91 -12.93 14.25
CA VAL C 92 11.90 -13.67 15.01
C VAL C 92 11.20 -14.59 15.99
N MET C 93 11.94 -15.60 16.44
CA MET C 93 11.39 -16.65 17.29
C MET C 93 12.11 -16.67 18.63
N CYS C 94 11.34 -16.84 19.71
CA CYS C 94 11.89 -16.96 21.04
C CYS C 94 12.18 -18.43 21.37
N LYS C 95 12.82 -18.64 22.51
CA LYS C 95 13.06 -19.99 22.98
C LYS C 95 11.78 -20.58 23.57
N PRO C 96 11.50 -21.86 23.33
CA PRO C 96 10.32 -22.48 23.93
C PRO C 96 10.40 -22.48 25.46
N HIS C 97 9.24 -22.35 26.09
CA HIS C 97 9.17 -22.23 27.54
C HIS C 97 7.76 -22.63 27.97
N ARG C 98 7.39 -22.30 29.21
CA ARG C 98 6.08 -22.60 29.75
C ARG C 98 5.32 -21.31 30.06
N CYS C 99 4.01 -21.35 29.84
CA CYS C 99 3.15 -20.25 30.25
C CYS C 99 3.03 -20.25 31.77
N PRO C 100 2.71 -19.09 32.38
CA PRO C 100 2.72 -19.01 33.84
C PRO C 100 1.54 -19.70 34.52
N HIS C 101 0.33 -19.50 33.98
CA HIS C 101 -0.88 -20.02 34.65
C HIS C 101 -0.72 -21.48 35.09
N ILE C 102 0.03 -22.29 34.34
CA ILE C 102 0.12 -23.71 34.68
C ILE C 102 0.51 -23.90 36.13
N SER C 103 0.90 -22.83 36.82
CA SER C 103 1.24 -22.93 38.24
C SER C 103 0.09 -23.52 39.06
N PHE C 104 -1.14 -23.32 38.61
CA PHE C 104 -2.28 -23.90 39.32
C PHE C 104 -2.45 -25.37 38.98
N THR C 105 -2.70 -25.68 37.71
CA THR C 105 -2.93 -27.04 37.26
C THR C 105 -2.25 -27.24 35.91
N GLY C 106 -2.28 -28.46 35.41
CA GLY C 106 -1.72 -28.76 34.10
C GLY C 106 -2.62 -28.31 32.98
N ASN C 107 -2.91 -27.01 32.93
CA ASN C 107 -3.79 -26.44 31.92
C ASN C 107 -3.10 -25.23 31.30
N ILE C 108 -2.81 -25.32 30.00
CA ILE C 108 -2.25 -24.20 29.25
C ILE C 108 -3.40 -23.31 28.79
N CYS C 109 -4.29 -23.87 27.98
CA CYS C 109 -5.57 -23.33 27.55
C CYS C 109 -6.32 -24.47 26.87
N VAL C 110 -7.65 -24.45 27.00
CA VAL C 110 -8.45 -25.57 26.49
C VAL C 110 -8.30 -25.71 24.98
N TYR C 111 -8.06 -24.61 24.28
CA TYR C 111 -7.93 -24.64 22.82
C TYR C 111 -6.51 -24.43 22.34
N CYS C 112 -5.54 -24.31 23.24
CA CYS C 112 -4.18 -24.03 22.81
C CYS C 112 -3.52 -25.29 22.26
N PRO C 113 -2.73 -25.17 21.19
CA PRO C 113 -2.03 -26.33 20.64
C PRO C 113 -0.88 -26.79 21.52
N GLY C 114 -0.09 -27.75 21.01
CA GLY C 114 1.01 -28.32 21.75
C GLY C 114 2.01 -27.32 22.27
N GLY C 115 2.37 -27.46 23.55
CA GLY C 115 3.31 -26.57 24.17
C GLY C 115 4.69 -27.20 24.28
N PRO C 116 5.42 -26.85 25.34
CA PRO C 116 6.79 -27.37 25.51
C PRO C 116 6.86 -28.88 25.63
N ASP C 117 5.86 -29.52 26.23
CA ASP C 117 5.91 -30.95 26.51
C ASP C 117 4.72 -31.70 25.94
N SER C 118 4.11 -31.20 24.86
CA SER C 118 2.90 -31.80 24.31
C SER C 118 3.25 -32.58 23.05
N ASP C 119 3.72 -33.81 23.25
CA ASP C 119 3.97 -34.81 22.20
C ASP C 119 4.62 -34.24 20.95
N PHE C 120 5.53 -33.28 21.11
CA PHE C 120 6.27 -32.70 20.00
C PHE C 120 7.75 -32.69 20.35
N GLU C 121 8.59 -33.12 19.41
CA GLU C 121 10.03 -33.08 19.65
C GLU C 121 10.50 -31.66 19.91
N TYR C 122 10.41 -30.80 18.90
CA TYR C 122 10.65 -29.37 19.07
C TYR C 122 9.39 -28.64 18.62
N SER C 123 8.91 -27.72 19.44
CA SER C 123 7.72 -26.95 19.14
C SER C 123 7.66 -25.77 20.09
N THR C 124 6.55 -25.04 20.07
CA THR C 124 6.32 -23.93 20.98
C THR C 124 4.84 -23.85 21.27
N GLN C 125 4.50 -23.24 22.40
CA GLN C 125 3.09 -23.07 22.76
C GLN C 125 2.37 -22.32 21.66
N SER C 126 1.19 -22.84 21.28
CA SER C 126 0.39 -22.29 20.20
C SER C 126 1.16 -22.28 18.88
N TYR C 127 1.95 -23.33 18.65
CA TYR C 127 2.70 -23.46 17.40
C TYR C 127 3.04 -24.92 17.19
N THR C 128 2.56 -25.49 16.08
CA THR C 128 2.86 -26.89 15.78
C THR C 128 4.34 -27.11 15.58
N GLY C 129 4.99 -26.22 14.85
CA GLY C 129 6.40 -26.37 14.56
C GLY C 129 6.71 -26.58 13.09
N TYR C 130 5.68 -26.46 12.25
CA TYR C 130 5.84 -26.67 10.81
C TYR C 130 5.74 -25.38 10.01
N GLU C 131 5.71 -24.23 10.68
CA GLU C 131 5.72 -22.97 9.96
C GLU C 131 7.11 -22.71 9.40
N PRO C 132 7.21 -22.03 8.25
CA PRO C 132 8.54 -21.70 7.73
C PRO C 132 9.39 -20.94 8.72
N THR C 133 8.78 -20.03 9.47
CA THR C 133 9.48 -19.38 10.58
C THR C 133 9.93 -20.41 11.60
N SER C 134 9.11 -21.45 11.83
CA SER C 134 9.49 -22.48 12.78
C SER C 134 10.72 -23.25 12.33
N MET C 135 10.77 -23.66 11.06
CA MET C 135 11.97 -24.35 10.58
C MET C 135 13.17 -23.43 10.58
N ARG C 136 12.97 -22.15 10.26
CA ARG C 136 14.08 -21.20 10.34
C ARG C 136 14.65 -21.13 11.75
N ALA C 137 13.77 -21.04 12.75
CA ALA C 137 14.24 -21.02 14.14
C ALA C 137 14.92 -22.33 14.51
N ILE C 138 14.35 -23.45 14.05
CA ILE C 138 14.93 -24.76 14.39
C ILE C 138 16.35 -24.86 13.87
N ARG C 139 16.56 -24.48 12.61
CA ARG C 139 17.92 -24.47 12.08
C ARG C 139 18.80 -23.50 12.86
N ALA C 140 18.26 -22.33 13.18
CA ALA C 140 19.01 -21.32 13.92
C ALA C 140 19.25 -21.72 15.37
N ARG C 141 18.61 -22.79 15.86
CA ARG C 141 18.63 -23.15 17.27
C ARG C 141 18.13 -22.00 18.13
N TYR C 142 17.14 -21.26 17.60
CA TYR C 142 16.54 -20.09 18.24
C TYR C 142 17.52 -18.97 18.50
N ASP C 143 18.72 -19.03 17.94
CA ASP C 143 19.64 -17.91 18.07
C ASP C 143 19.08 -16.70 17.35
N PRO C 144 19.03 -15.55 17.99
CA PRO C 144 18.48 -14.36 17.33
C PRO C 144 19.30 -13.89 16.15
N PHE C 145 20.60 -13.70 16.39
CA PHE C 145 21.46 -13.07 15.39
C PHE C 145 21.53 -13.89 14.12
N LEU C 146 21.76 -15.20 14.25
CA LEU C 146 21.87 -16.05 13.06
C LEU C 146 20.60 -15.97 12.23
N GLN C 147 19.44 -16.15 12.86
CA GLN C 147 18.21 -16.22 12.09
C GLN C 147 17.88 -14.86 11.48
N THR C 148 18.14 -13.76 12.19
CA THR C 148 17.82 -12.47 11.61
C THR C 148 18.72 -12.17 10.41
N ARG C 149 20.02 -12.48 10.52
CA ARG C 149 20.90 -12.29 9.37
C ARG C 149 20.46 -13.14 8.20
N HIS C 150 20.16 -14.41 8.46
CA HIS C 150 19.73 -15.30 7.39
C HIS C 150 18.47 -14.78 6.70
N ARG C 151 17.49 -14.34 7.51
CA ARG C 151 16.22 -13.90 6.94
C ARG C 151 16.40 -12.61 6.15
N ILE C 152 17.17 -11.66 6.67
CA ILE C 152 17.33 -10.41 5.93
C ILE C 152 18.09 -10.66 4.63
N GLU C 153 19.08 -11.55 4.67
CA GLU C 153 19.78 -11.91 3.44
C GLU C 153 18.83 -12.54 2.43
N GLN C 154 17.99 -13.46 2.88
CA GLN C 154 17.05 -14.11 1.99
C GLN C 154 16.09 -13.10 1.38
N LEU C 155 15.61 -12.16 2.19
CA LEU C 155 14.73 -11.12 1.67
C LEU C 155 15.44 -10.24 0.64
N LYS C 156 16.69 -9.85 0.94
CA LYS C 156 17.44 -9.03 0.00
C LYS C 156 17.75 -9.78 -1.29
N GLN C 157 17.76 -11.11 -1.24
CA GLN C 157 17.95 -11.88 -2.47
C GLN C 157 16.93 -11.51 -3.53
N LEU C 158 15.72 -11.14 -3.12
CA LEU C 158 14.66 -10.76 -4.03
C LEU C 158 14.77 -9.31 -4.47
N GLY C 159 15.93 -8.68 -4.29
CA GLY C 159 16.14 -7.33 -4.76
C GLY C 159 15.22 -6.31 -4.13
N HIS C 160 15.10 -6.34 -2.81
CA HIS C 160 14.23 -5.42 -2.08
C HIS C 160 15.07 -4.55 -1.16
N SER C 161 14.80 -3.24 -1.19
CA SER C 161 15.51 -2.32 -0.33
C SER C 161 15.23 -2.60 1.14
N VAL C 162 16.26 -2.48 1.98
CA VAL C 162 16.14 -2.73 3.40
C VAL C 162 16.42 -1.44 4.15
N ASP C 163 16.07 -0.31 3.54
CA ASP C 163 16.36 0.99 4.16
C ASP C 163 15.64 1.15 5.49
N LYS C 164 14.40 0.69 5.57
CA LYS C 164 13.60 0.78 6.79
C LYS C 164 13.08 -0.59 7.13
N VAL C 165 13.29 -1.03 8.38
CA VAL C 165 12.98 -2.38 8.80
C VAL C 165 12.29 -2.33 10.16
N GLU C 166 11.58 -3.41 10.48
CA GLU C 166 10.89 -3.53 11.76
C GLU C 166 10.92 -4.99 12.21
N PHE C 167 10.77 -5.18 13.52
CA PHE C 167 10.89 -6.50 14.13
C PHE C 167 9.62 -6.89 14.85
N ILE C 168 9.20 -8.14 14.66
CA ILE C 168 8.11 -8.75 15.39
C ILE C 168 8.65 -10.01 16.05
N VAL C 169 8.27 -10.25 17.29
CA VAL C 169 8.77 -11.37 18.07
C VAL C 169 7.67 -12.40 18.26
N MET C 170 7.98 -13.66 17.95
CA MET C 170 7.07 -14.76 18.21
C MET C 170 7.27 -15.23 19.66
N GLY C 171 6.72 -16.38 19.98
CA GLY C 171 6.89 -16.95 21.30
C GLY C 171 5.59 -16.95 22.09
N GLY C 172 5.50 -17.89 23.03
CA GLY C 172 4.32 -17.99 23.87
C GLY C 172 4.15 -16.82 24.79
N THR C 173 5.06 -16.66 25.75
CA THR C 173 5.03 -15.55 26.68
C THR C 173 6.43 -14.98 26.82
N PHE C 174 6.53 -13.65 26.87
CA PHE C 174 7.81 -12.97 26.95
C PHE C 174 8.04 -12.28 28.28
N MET C 175 7.00 -11.65 28.83
CA MET C 175 7.14 -10.97 30.11
C MET C 175 7.51 -11.94 31.23
N ALA C 176 7.17 -13.22 31.07
CA ALA C 176 7.35 -14.21 32.13
C ALA C 176 8.68 -14.94 32.04
N LEU C 177 9.71 -14.29 31.52
CA LEU C 177 11.01 -14.91 31.35
C LEU C 177 12.06 -14.24 32.21
N PRO C 178 13.11 -14.95 32.60
CA PRO C 178 14.17 -14.33 33.41
C PRO C 178 14.78 -13.14 32.69
N GLU C 179 15.09 -12.11 33.47
CA GLU C 179 15.42 -10.81 32.90
C GLU C 179 16.71 -10.85 32.08
N GLU C 180 17.76 -11.46 32.65
CA GLU C 180 19.05 -11.48 31.97
C GLU C 180 18.93 -12.08 30.58
N TYR C 181 18.12 -13.12 30.42
CA TYR C 181 17.94 -13.75 29.13
C TYR C 181 17.34 -12.78 28.12
N ARG C 182 16.29 -12.06 28.54
CA ARG C 182 15.64 -11.13 27.61
C ARG C 182 16.54 -9.95 27.28
N ASP C 183 17.36 -9.50 28.23
CA ASP C 183 18.30 -8.43 27.92
C ASP C 183 19.33 -8.91 26.90
N TYR C 184 19.89 -10.10 27.12
CA TYR C 184 20.79 -10.69 26.14
C TYR C 184 20.12 -10.75 24.77
N PHE C 185 18.88 -11.19 24.74
CA PHE C 185 18.16 -11.32 23.47
C PHE C 185 18.04 -9.97 22.77
N ILE C 186 17.60 -8.95 23.51
CA ILE C 186 17.36 -7.64 22.89
C ILE C 186 18.67 -7.03 22.40
N ARG C 187 19.74 -7.14 23.19
CA ARG C 187 21.00 -6.56 22.73
C ARG C 187 21.53 -7.30 21.51
N ASN C 188 21.31 -8.62 21.45
CA ASN C 188 21.69 -9.36 20.25
C ASN C 188 20.92 -8.86 19.03
N LEU C 189 19.61 -8.64 19.18
CA LEU C 189 18.82 -8.10 18.09
C LEU C 189 19.38 -6.75 17.63
N HIS C 190 19.66 -5.86 18.57
CA HIS C 190 20.12 -4.53 18.16
C HIS C 190 21.49 -4.60 17.51
N ASP C 191 22.37 -5.47 18.02
CA ASP C 191 23.68 -5.62 17.41
C ASP C 191 23.58 -6.22 16.02
N ALA C 192 22.53 -6.99 15.75
CA ALA C 192 22.36 -7.56 14.43
C ALA C 192 22.32 -6.47 13.36
N LEU C 193 21.59 -5.39 13.63
CA LEU C 193 21.55 -4.27 12.68
C LEU C 193 22.72 -3.32 12.86
N SER C 194 23.13 -3.05 14.10
CA SER C 194 24.23 -2.12 14.31
C SER C 194 25.55 -2.69 13.82
N GLY C 195 25.74 -4.00 13.97
CA GLY C 195 27.02 -4.61 13.67
C GLY C 195 28.08 -4.36 14.70
N HIS C 196 27.73 -3.77 15.84
CA HIS C 196 28.67 -3.42 16.90
C HIS C 196 28.42 -4.29 18.12
N THR C 197 29.43 -5.05 18.52
CA THR C 197 29.33 -5.85 19.74
C THR C 197 29.24 -4.94 20.94
N SER C 198 28.33 -5.26 21.86
CA SER C 198 28.10 -4.42 23.03
C SER C 198 28.21 -5.22 24.33
N ASN C 199 27.86 -4.59 25.45
CA ASN C 199 27.87 -5.25 26.75
C ASN C 199 26.55 -5.20 27.49
N ASN C 200 25.74 -4.16 27.32
CA ASN C 200 24.45 -4.09 27.98
C ASN C 200 23.41 -3.66 26.95
N ILE C 201 22.20 -3.40 27.44
CA ILE C 201 21.16 -2.85 26.59
C ILE C 201 21.49 -1.42 26.19
N TYR C 202 21.91 -0.61 27.15
CA TYR C 202 22.07 0.82 26.91
C TYR C 202 23.15 1.11 25.88
N GLU C 203 24.27 0.38 25.95
CA GLU C 203 25.33 0.55 24.96
C GLU C 203 24.82 0.23 23.56
N ALA C 204 24.08 -0.87 23.42
CA ALA C 204 23.53 -1.22 22.12
C ALA C 204 22.56 -0.16 21.64
N VAL C 205 21.78 0.43 22.55
CA VAL C 205 20.85 1.48 22.18
C VAL C 205 21.60 2.68 21.63
N LYS C 206 22.61 3.13 22.36
CA LYS C 206 23.36 4.30 21.92
C LYS C 206 24.02 4.05 20.58
N TYR C 207 24.53 2.84 20.36
CA TYR C 207 25.20 2.56 19.10
C TYR C 207 24.20 2.46 17.96
N SER C 208 23.08 1.74 18.16
CA SER C 208 22.05 1.65 17.14
C SER C 208 21.42 2.99 16.82
N GLU C 209 21.54 3.96 17.73
CA GLU C 209 21.07 5.30 17.43
C GLU C 209 21.68 5.83 16.14
N ARG C 210 22.99 5.61 15.96
CA ARG C 210 23.70 6.16 14.81
C ARG C 210 23.86 5.15 13.67
N SER C 211 23.25 3.97 13.77
CA SER C 211 23.33 3.01 12.70
C SER C 211 22.57 3.50 11.47
N LEU C 212 22.72 2.78 10.37
CA LEU C 212 22.08 3.14 9.12
C LEU C 212 20.94 2.21 8.72
N THR C 213 20.81 1.05 9.38
CA THR C 213 19.66 0.18 9.10
C THR C 213 18.35 0.88 9.43
N LYS C 214 18.37 1.82 10.37
CA LYS C 214 17.22 2.66 10.70
C LYS C 214 16.03 1.82 11.16
N CYS C 215 16.23 1.14 12.29
CA CYS C 215 15.13 0.40 12.91
C CYS C 215 14.08 1.38 13.43
N ILE C 216 12.81 0.97 13.35
CA ILE C 216 11.70 1.85 13.66
C ILE C 216 10.77 1.29 14.73
N GLY C 217 11.12 0.17 15.36
CA GLY C 217 10.32 -0.30 16.47
C GLY C 217 10.16 -1.79 16.59
N ILE C 218 9.57 -2.24 17.69
CA ILE C 218 9.30 -3.65 17.95
C ILE C 218 7.92 -3.75 18.59
N THR C 219 7.27 -4.90 18.39
CA THR C 219 6.00 -5.20 19.04
C THR C 219 6.08 -6.58 19.69
N ILE C 220 5.43 -6.71 20.83
CA ILE C 220 5.47 -7.95 21.61
C ILE C 220 4.05 -8.35 22.00
N GLU C 221 3.85 -9.65 22.16
CA GLU C 221 2.63 -10.20 22.73
C GLU C 221 2.74 -10.24 24.26
N THR C 222 1.60 -10.32 24.91
CA THR C 222 1.53 -10.43 26.37
C THR C 222 0.11 -10.80 26.76
N ARG C 223 -0.13 -10.84 28.06
CA ARG C 223 -1.44 -11.08 28.65
C ARG C 223 -1.63 -10.11 29.81
N PRO C 224 -2.88 -9.81 30.16
CA PRO C 224 -3.13 -8.68 31.08
C PRO C 224 -2.49 -8.83 32.45
N ASP C 225 -2.10 -10.04 32.84
CA ASP C 225 -1.44 -10.20 34.14
C ASP C 225 -0.17 -9.35 34.21
N TYR C 226 0.60 -9.34 33.13
CA TYR C 226 1.81 -8.54 33.05
C TYR C 226 1.52 -7.24 32.29
N CYS C 227 0.75 -6.38 32.96
CA CYS C 227 0.39 -5.09 32.37
C CYS C 227 0.49 -3.95 33.37
N MET C 228 1.04 -4.19 34.55
CA MET C 228 1.25 -3.11 35.51
C MET C 228 2.31 -2.14 34.98
N LYS C 229 2.30 -0.94 35.56
CA LYS C 229 3.14 0.14 35.07
C LYS C 229 4.62 -0.20 35.14
N ARG C 230 5.01 -1.14 36.00
CA ARG C 230 6.40 -1.57 36.05
C ARG C 230 6.83 -2.17 34.71
N HIS C 231 6.05 -3.12 34.20
CA HIS C 231 6.38 -3.74 32.93
C HIS C 231 6.30 -2.74 31.77
N LEU C 232 5.36 -1.79 31.85
CA LEU C 232 5.29 -0.77 30.82
C LEU C 232 6.54 0.08 30.81
N SER C 233 7.02 0.48 31.98
CA SER C 233 8.26 1.23 32.04
C SER C 233 9.42 0.38 31.52
N ASP C 234 9.44 -0.90 31.85
CA ASP C 234 10.46 -1.79 31.33
C ASP C 234 10.46 -1.79 29.80
N MET C 235 9.28 -1.92 29.20
CA MET C 235 9.18 -1.94 27.75
C MET C 235 9.55 -0.60 27.15
N LEU C 236 9.30 0.49 27.86
CA LEU C 236 9.75 1.80 27.41
C LEU C 236 11.24 1.81 27.16
N THR C 237 12.00 1.02 27.92
CA THR C 237 13.43 0.92 27.73
C THR C 237 13.83 0.13 26.50
N TYR C 238 12.88 -0.57 25.87
CA TYR C 238 13.19 -1.40 24.72
C TYR C 238 12.76 -0.78 23.40
N GLY C 239 12.01 0.32 23.43
CA GLY C 239 11.51 0.91 22.22
C GLY C 239 10.32 0.20 21.61
N CYS C 240 9.67 -0.69 22.34
CA CYS C 240 8.51 -1.38 21.83
C CYS C 240 7.38 -0.40 21.54
N THR C 241 6.55 -0.73 20.57
CA THR C 241 5.48 0.16 20.13
C THR C 241 4.10 -0.41 20.28
N ARG C 242 3.87 -1.64 19.84
CA ARG C 242 2.54 -2.24 19.86
C ARG C 242 2.57 -3.54 20.65
N LEU C 243 1.39 -3.96 21.08
CA LEU C 243 1.26 -5.09 21.98
C LEU C 243 0.13 -6.00 21.54
N GLU C 244 0.23 -7.25 21.98
CA GLU C 244 -0.79 -8.27 21.75
C GLU C 244 -1.27 -8.80 23.09
N ILE C 245 -2.58 -9.00 23.20
CA ILE C 245 -3.16 -9.40 24.46
C ILE C 245 -3.85 -10.75 24.32
N GLY C 246 -4.88 -10.81 23.50
CA GLY C 246 -5.69 -12.01 23.38
C GLY C 246 -6.94 -11.89 24.22
N VAL C 247 -8.05 -11.54 23.58
CA VAL C 247 -9.30 -11.23 24.28
C VAL C 247 -10.25 -12.41 24.27
N GLN C 248 -10.44 -13.01 23.10
CA GLN C 248 -11.12 -14.30 22.92
C GLN C 248 -12.62 -14.22 23.19
N SER C 249 -13.10 -13.09 23.74
CA SER C 249 -14.50 -12.97 24.12
C SER C 249 -14.84 -11.56 24.58
N VAL C 250 -16.09 -11.38 25.01
CA VAL C 250 -16.53 -10.10 25.62
C VAL C 250 -17.40 -10.52 26.80
N TYR C 251 -17.41 -11.82 27.12
CA TYR C 251 -18.23 -12.35 28.20
C TYR C 251 -17.35 -13.02 29.24
N GLU C 252 -17.48 -12.59 30.50
CA GLU C 252 -16.60 -13.06 31.56
C GLU C 252 -16.73 -14.56 31.75
N ASP C 253 -17.96 -15.07 31.73
CA ASP C 253 -18.18 -16.49 31.97
C ASP C 253 -17.34 -17.36 31.04
N VAL C 254 -17.21 -16.94 29.79
CA VAL C 254 -16.46 -17.73 28.81
C VAL C 254 -15.04 -17.96 29.27
N ALA C 255 -14.44 -16.95 29.92
CA ALA C 255 -13.05 -17.07 30.37
C ALA C 255 -12.87 -18.28 31.27
N ARG C 256 -13.70 -18.39 32.31
CA ARG C 256 -13.63 -19.57 33.17
C ARG C 256 -14.08 -20.82 32.43
N ASP C 257 -15.01 -20.67 31.49
CA ASP C 257 -15.37 -21.80 30.63
C ASP C 257 -14.17 -22.25 29.81
N THR C 258 -13.41 -21.30 29.28
CA THR C 258 -12.20 -21.60 28.53
C THR C 258 -10.99 -21.81 29.43
N ASN C 259 -11.16 -21.71 30.74
CA ASN C 259 -10.06 -21.85 31.69
C ASN C 259 -8.97 -20.83 31.39
N ARG C 260 -9.38 -19.64 30.95
CA ARG C 260 -8.42 -18.60 30.62
C ARG C 260 -7.62 -18.17 31.84
N GLY C 261 -8.28 -18.06 32.99
CA GLY C 261 -7.60 -17.76 34.22
C GLY C 261 -7.42 -16.29 34.52
N HIS C 262 -8.36 -15.44 34.15
CA HIS C 262 -8.32 -14.02 34.46
C HIS C 262 -9.71 -13.45 34.19
N THR C 263 -9.83 -12.13 34.30
CA THR C 263 -11.09 -11.44 34.09
C THR C 263 -10.98 -10.48 32.91
N VAL C 264 -12.11 -10.30 32.22
CA VAL C 264 -12.18 -9.33 31.14
C VAL C 264 -11.96 -7.93 31.68
N LYS C 265 -12.31 -7.68 32.94
CA LYS C 265 -12.07 -6.38 33.53
C LYS C 265 -10.59 -6.04 33.45
N ALA C 266 -9.73 -6.92 33.94
CA ALA C 266 -8.29 -6.67 33.91
C ALA C 266 -7.83 -6.33 32.51
N VAL C 267 -8.44 -6.97 31.50
CA VAL C 267 -8.18 -6.58 30.12
C VAL C 267 -8.57 -5.14 29.88
N CYS C 268 -9.73 -4.73 30.40
CA CYS C 268 -10.19 -3.37 30.15
C CYS C 268 -9.27 -2.34 30.78
N GLU C 269 -8.87 -2.55 32.04
CA GLU C 269 -7.94 -1.60 32.63
C GLU C 269 -6.58 -1.66 31.96
N SER C 270 -6.15 -2.83 31.48
CA SER C 270 -4.91 -2.90 30.73
C SER C 270 -5.00 -2.03 29.48
N PHE C 271 -6.13 -2.12 28.77
CA PHE C 271 -6.33 -1.27 27.59
C PHE C 271 -6.25 0.19 27.98
N HIS C 272 -6.97 0.58 29.02
CA HIS C 272 -7.01 1.99 29.42
C HIS C 272 -5.60 2.48 29.77
N LEU C 273 -4.89 1.72 30.59
CA LEU C 273 -3.57 2.13 31.04
C LEU C 273 -2.59 2.21 29.86
N ALA C 274 -2.59 1.19 28.99
CA ALA C 274 -1.67 1.19 27.86
C ALA C 274 -1.95 2.35 26.93
N LYS C 275 -3.23 2.61 26.65
CA LYS C 275 -3.57 3.74 25.80
C LYS C 275 -3.14 5.05 26.44
N ASP C 276 -3.27 5.16 27.76
CA ASP C 276 -2.79 6.35 28.45
C ASP C 276 -1.28 6.50 28.26
N SER C 277 -0.55 5.38 28.36
CA SER C 277 0.90 5.45 28.21
C SER C 277 1.29 5.90 26.81
N GLY C 278 0.70 5.29 25.78
CA GLY C 278 0.97 5.71 24.43
C GLY C 278 1.37 4.60 23.48
N PHE C 279 1.20 3.35 23.89
CA PHE C 279 1.45 2.24 22.99
C PHE C 279 0.25 2.01 22.08
N LYS C 280 0.44 1.12 21.12
CA LYS C 280 -0.65 0.59 20.30
C LYS C 280 -0.95 -0.84 20.70
N VAL C 281 -2.17 -1.28 20.40
CA VAL C 281 -2.68 -2.56 20.87
C VAL C 281 -3.43 -3.24 19.74
N VAL C 282 -3.24 -4.55 19.62
CA VAL C 282 -3.97 -5.37 18.67
C VAL C 282 -4.63 -6.50 19.43
N ALA C 283 -5.93 -6.69 19.20
CA ALA C 283 -6.71 -7.69 19.90
C ALA C 283 -6.85 -8.95 19.04
N HIS C 284 -7.22 -10.04 19.72
CA HIS C 284 -7.47 -11.32 19.08
C HIS C 284 -8.92 -11.71 19.32
N MET C 285 -9.64 -12.05 18.25
CA MET C 285 -11.03 -12.43 18.34
C MET C 285 -11.18 -13.89 17.91
N MET C 286 -12.11 -14.59 18.56
CA MET C 286 -12.18 -16.05 18.55
C MET C 286 -13.60 -16.50 18.28
N PRO C 287 -14.03 -16.49 17.03
CA PRO C 287 -15.40 -16.87 16.70
C PRO C 287 -15.64 -18.36 16.84
N ASP C 288 -16.92 -18.72 16.91
CA ASP C 288 -17.38 -20.11 16.98
C ASP C 288 -16.78 -20.84 18.18
N LEU C 289 -17.17 -20.37 19.35
CA LEU C 289 -16.69 -20.95 20.59
C LEU C 289 -17.78 -21.80 21.23
N PRO C 290 -17.40 -22.73 22.12
CA PRO C 290 -18.41 -23.53 22.81
C PRO C 290 -19.37 -22.65 23.60
N ASN C 291 -20.62 -23.10 23.68
CA ASN C 291 -21.70 -22.38 24.35
C ASN C 291 -21.95 -21.02 23.74
N VAL C 292 -21.64 -20.85 22.46
CA VAL C 292 -21.81 -19.56 21.79
C VAL C 292 -22.62 -19.80 20.52
N GLY C 293 -23.79 -19.18 20.45
CA GLY C 293 -24.56 -19.21 19.23
C GLY C 293 -24.01 -18.25 18.20
N LEU C 294 -24.48 -18.42 16.97
CA LEU C 294 -24.08 -17.51 15.90
C LEU C 294 -24.52 -16.09 16.22
N GLU C 295 -25.76 -15.93 16.68
CA GLU C 295 -26.24 -14.62 17.09
C GLU C 295 -25.41 -14.07 18.24
N ARG C 296 -24.95 -14.94 19.14
CA ARG C 296 -24.03 -14.49 20.19
C ARG C 296 -22.77 -13.90 19.58
N ASP C 297 -22.20 -14.56 18.57
CA ASP C 297 -21.01 -14.05 17.92
C ASP C 297 -21.28 -12.70 17.27
N ILE C 298 -22.40 -12.57 16.57
CA ILE C 298 -22.72 -11.32 15.91
C ILE C 298 -22.86 -10.20 16.95
N GLU C 299 -23.59 -10.48 18.02
CA GLU C 299 -23.81 -9.46 19.04
C GLU C 299 -22.51 -9.04 19.70
N GLN C 300 -21.66 -10.01 20.03
CA GLN C 300 -20.41 -9.66 20.71
C GLN C 300 -19.48 -8.89 19.77
N PHE C 301 -19.44 -9.26 18.49
CA PHE C 301 -18.61 -8.53 17.56
C PHE C 301 -19.10 -7.11 17.36
N THR C 302 -20.42 -6.93 17.30
CA THR C 302 -20.97 -5.57 17.24
C THR C 302 -20.61 -4.80 18.51
N GLU C 303 -20.75 -5.43 19.66
CA GLU C 303 -20.37 -4.80 20.93
C GLU C 303 -18.92 -4.35 20.91
N PHE C 304 -18.06 -5.13 20.25
CA PHE C 304 -16.63 -4.85 20.28
C PHE C 304 -16.30 -3.46 19.77
N PHE C 305 -17.16 -2.88 18.93
CA PHE C 305 -16.98 -1.51 18.47
C PHE C 305 -18.02 -0.54 19.00
N GLU C 306 -19.22 -1.03 19.32
CA GLU C 306 -20.24 -0.11 19.84
C GLU C 306 -19.86 0.43 21.21
N ASN C 307 -19.20 -0.38 22.02
CA ASN C 307 -18.83 0.05 23.37
C ASN C 307 -17.66 1.01 23.31
N PRO C 308 -17.76 2.21 23.91
CA PRO C 308 -16.58 3.04 24.09
C PRO C 308 -15.54 2.42 24.99
N ALA C 309 -15.85 1.30 25.64
CA ALA C 309 -14.89 0.66 26.53
C ALA C 309 -13.67 0.17 25.79
N PHE C 310 -13.85 -0.37 24.58
CA PHE C 310 -12.78 -1.07 23.91
C PHE C 310 -12.22 -0.31 22.71
N ARG C 311 -13.06 -0.04 21.70
CA ARG C 311 -12.71 0.68 20.48
C ARG C 311 -11.25 0.49 20.06
N PRO C 312 -10.77 -0.75 19.92
CA PRO C 312 -9.32 -0.95 19.77
C PRO C 312 -8.77 -0.46 18.45
N ASP C 313 -7.46 -0.60 18.26
CA ASP C 313 -6.77 -0.11 17.07
C ASP C 313 -6.45 -1.23 16.09
N GLY C 314 -5.76 -2.26 16.55
CA GLY C 314 -5.39 -3.39 15.71
C GLY C 314 -6.32 -4.56 15.97
N LEU C 315 -6.70 -5.26 14.91
CA LEU C 315 -7.61 -6.39 15.01
C LEU C 315 -7.01 -7.61 14.33
N LYS C 316 -7.15 -8.77 14.97
CA LYS C 316 -6.81 -10.03 14.35
C LYS C 316 -7.89 -11.04 14.71
N LEU C 317 -8.21 -11.92 13.77
CA LEU C 317 -9.29 -12.88 13.91
C LEU C 317 -8.76 -14.28 13.71
N TYR C 318 -9.23 -15.22 14.53
CA TYR C 318 -8.83 -16.61 14.35
C TYR C 318 -9.99 -17.55 14.61
N PRO C 319 -10.52 -18.18 13.58
CA PRO C 319 -11.64 -19.09 13.76
C PRO C 319 -11.22 -20.33 14.56
N THR C 320 -12.20 -20.91 15.23
CA THR C 320 -11.94 -22.09 16.04
C THR C 320 -11.44 -23.24 15.19
N LEU C 321 -10.53 -24.03 15.74
CA LEU C 321 -9.94 -25.16 15.03
C LEU C 321 -9.70 -26.27 16.05
N VAL C 322 -10.54 -27.31 16.02
CA VAL C 322 -10.35 -28.43 16.93
C VAL C 322 -9.14 -29.24 16.48
N ILE C 323 -8.24 -29.50 17.42
CA ILE C 323 -6.96 -30.15 17.13
C ILE C 323 -6.71 -31.21 18.19
N ARG C 324 -6.12 -32.33 17.77
CA ARG C 324 -5.86 -33.43 18.68
C ARG C 324 -4.92 -32.99 19.81
N GLY C 325 -5.18 -33.52 21.01
CA GLY C 325 -4.34 -33.23 22.16
C GLY C 325 -5.05 -32.43 23.23
N THR C 326 -5.85 -31.45 22.81
CA THR C 326 -6.55 -30.59 23.75
C THR C 326 -7.80 -31.28 24.27
N GLY C 327 -8.36 -30.69 25.33
CA GLY C 327 -9.65 -31.18 25.82
C GLY C 327 -10.75 -31.01 24.80
N LEU C 328 -10.73 -29.91 24.07
CA LEU C 328 -11.72 -29.69 23.02
C LEU C 328 -11.68 -30.79 21.98
N TYR C 329 -10.51 -31.40 21.77
CA TYR C 329 -10.42 -32.53 20.86
C TYR C 329 -11.36 -33.65 21.28
N GLU C 330 -11.34 -33.99 22.57
CA GLU C 330 -12.25 -35.03 23.06
C GLU C 330 -13.69 -34.53 23.12
N LEU C 331 -13.88 -33.25 23.43
CA LEU C 331 -15.24 -32.71 23.50
C LEU C 331 -15.94 -32.85 22.15
N TRP C 332 -15.29 -32.40 21.08
CA TRP C 332 -15.82 -32.65 19.74
C TRP C 332 -15.87 -34.14 19.43
N LYS C 333 -14.83 -34.88 19.83
CA LYS C 333 -14.80 -36.31 19.60
C LYS C 333 -15.96 -37.01 20.27
N SER C 334 -16.35 -36.54 21.45
CA SER C 334 -17.57 -37.02 22.08
C SER C 334 -18.83 -36.55 21.36
N GLY C 335 -18.68 -35.84 20.24
CA GLY C 335 -19.83 -35.36 19.50
C GLY C 335 -20.63 -34.32 20.24
N ARG C 336 -19.96 -33.44 20.99
CA ARG C 336 -20.65 -32.47 21.81
C ARG C 336 -20.27 -31.03 21.49
N TYR C 337 -19.19 -30.86 20.70
CA TYR C 337 -18.82 -29.51 20.21
C TYR C 337 -18.85 -29.55 18.68
N LYS C 338 -19.76 -28.82 18.05
CA LYS C 338 -19.93 -28.86 16.60
C LYS C 338 -19.59 -27.50 16.01
N SER C 339 -19.01 -27.52 14.81
CA SER C 339 -18.62 -26.32 14.11
C SER C 339 -19.76 -25.86 13.20
N TYR C 340 -19.46 -24.91 12.33
CA TYR C 340 -20.41 -24.42 11.33
C TYR C 340 -20.08 -25.01 9.97
N SER C 341 -21.02 -24.88 9.04
CA SER C 341 -20.70 -25.19 7.66
C SER C 341 -19.88 -24.05 7.06
N PRO C 342 -19.10 -24.33 6.03
CA PRO C 342 -18.26 -23.26 5.44
C PRO C 342 -19.06 -22.06 5.00
N SER C 343 -20.26 -22.26 4.48
CA SER C 343 -21.11 -21.14 4.10
C SER C 343 -21.42 -20.27 5.30
N ASP C 344 -21.68 -20.88 6.45
CA ASP C 344 -21.93 -20.10 7.66
C ASP C 344 -20.75 -19.23 8.00
N LEU C 345 -19.54 -19.79 7.93
CA LEU C 345 -18.34 -19.01 8.23
C LEU C 345 -18.19 -17.86 7.24
N VAL C 346 -18.46 -18.12 5.97
CA VAL C 346 -18.37 -17.07 4.96
C VAL C 346 -19.33 -15.93 5.29
N GLU C 347 -20.58 -16.27 5.62
CA GLU C 347 -21.54 -15.24 5.97
C GLU C 347 -21.12 -14.48 7.21
N LEU C 348 -20.62 -15.20 8.22
CA LEU C 348 -20.17 -14.55 9.44
C LEU C 348 -19.09 -13.52 9.14
N VAL C 349 -18.08 -13.93 8.39
CA VAL C 349 -16.97 -13.04 8.07
C VAL C 349 -17.47 -11.85 7.26
N ALA C 350 -18.33 -12.12 6.28
CA ALA C 350 -18.83 -11.03 5.44
C ALA C 350 -19.59 -10.00 6.26
N ARG C 351 -20.42 -10.47 7.19
CA ARG C 351 -21.13 -9.54 8.06
C ARG C 351 -20.16 -8.76 8.93
N ILE C 352 -19.15 -9.45 9.47
CA ILE C 352 -18.20 -8.79 10.36
C ILE C 352 -17.47 -7.68 9.64
N LEU C 353 -17.00 -7.95 8.42
CA LEU C 353 -16.24 -6.96 7.68
C LEU C 353 -17.04 -5.70 7.39
N ALA C 354 -18.36 -5.81 7.30
CA ALA C 354 -19.20 -4.63 7.11
C ALA C 354 -19.25 -3.75 8.34
N LEU C 355 -18.74 -4.20 9.48
CA LEU C 355 -18.90 -3.49 10.74
C LEU C 355 -17.64 -2.79 11.22
N VAL C 356 -16.49 -3.05 10.59
CA VAL C 356 -15.23 -2.51 11.11
C VAL C 356 -15.23 -1.00 10.97
N PRO C 357 -14.93 -0.25 12.03
CA PRO C 357 -14.83 1.19 11.90
C PRO C 357 -13.66 1.55 10.99
N PRO C 358 -13.73 2.70 10.32
CA PRO C 358 -12.69 3.04 9.33
C PRO C 358 -11.28 3.09 9.90
N TRP C 359 -11.09 3.55 11.14
CA TRP C 359 -9.73 3.70 11.65
C TRP C 359 -9.07 2.35 11.91
N THR C 360 -9.84 1.34 12.31
CA THR C 360 -9.27 0.04 12.62
C THR C 360 -8.69 -0.61 11.37
N ARG C 361 -7.58 -1.31 11.53
CA ARG C 361 -6.93 -2.03 10.44
C ARG C 361 -6.85 -3.51 10.77
N VAL C 362 -7.31 -4.33 9.84
CA VAL C 362 -7.21 -5.77 9.98
C VAL C 362 -5.84 -6.22 9.47
N TYR C 363 -5.20 -7.13 10.20
CA TYR C 363 -3.88 -7.60 9.83
C TYR C 363 -3.86 -9.00 9.24
N ARG C 364 -4.60 -9.94 9.80
CA ARG C 364 -4.58 -11.30 9.28
C ARG C 364 -5.93 -11.95 9.53
N VAL C 365 -6.23 -12.96 8.71
CA VAL C 365 -7.40 -13.79 8.87
C VAL C 365 -6.95 -15.25 8.78
N GLN C 366 -7.56 -16.10 9.61
CA GLN C 366 -7.30 -17.54 9.61
C GLN C 366 -5.90 -17.88 10.10
N ARG C 367 -5.74 -19.08 10.64
CA ARG C 367 -4.44 -19.53 11.10
C ARG C 367 -3.64 -20.14 9.95
N ASP C 368 -2.36 -20.43 10.22
CA ASP C 368 -1.46 -20.98 9.23
C ASP C 368 -1.11 -22.44 9.53
N ILE C 369 -1.96 -23.14 10.28
CA ILE C 369 -1.65 -24.52 10.67
C ILE C 369 -1.64 -25.41 9.44
N PRO C 370 -0.75 -26.40 9.36
CA PRO C 370 -0.78 -27.33 8.24
C PRO C 370 -2.11 -28.07 8.15
N MET C 371 -2.54 -28.33 6.91
CA MET C 371 -3.86 -28.89 6.67
C MET C 371 -4.10 -30.24 7.33
N PRO C 372 -3.24 -31.28 7.14
CA PRO C 372 -3.61 -32.64 7.57
C PRO C 372 -3.46 -32.87 9.07
N LEU C 373 -3.93 -31.91 9.86
CA LEU C 373 -3.89 -32.03 11.32
C LEU C 373 -5.17 -31.61 12.02
N VAL C 374 -6.01 -30.80 11.41
CA VAL C 374 -7.17 -30.23 12.08
C VAL C 374 -8.39 -31.11 11.81
N SER C 375 -9.12 -31.42 12.88
CA SER C 375 -10.33 -32.23 12.74
C SER C 375 -11.51 -31.44 12.21
N SER C 376 -11.42 -30.10 12.18
CA SER C 376 -12.48 -29.29 11.58
C SER C 376 -11.92 -28.16 10.73
N GLY C 377 -10.72 -28.33 10.17
CA GLY C 377 -10.13 -27.27 9.38
C GLY C 377 -10.87 -27.08 8.07
N VAL C 378 -11.17 -25.81 7.75
CA VAL C 378 -11.83 -25.52 6.48
C VAL C 378 -10.89 -25.85 5.34
N GLU C 379 -11.48 -26.25 4.20
CA GLU C 379 -10.67 -26.55 3.02
C GLU C 379 -9.89 -25.32 2.56
N HIS C 380 -10.53 -24.16 2.55
CA HIS C 380 -9.94 -22.98 1.93
C HIS C 380 -8.82 -22.43 2.79
N GLY C 381 -7.60 -22.44 2.25
CA GLY C 381 -6.56 -21.63 2.84
C GLY C 381 -6.79 -20.16 2.65
N ASN C 382 -7.57 -19.78 1.64
CA ASN C 382 -7.94 -18.40 1.39
C ASN C 382 -9.39 -18.15 1.80
N LEU C 383 -9.58 -17.16 2.65
CA LEU C 383 -10.91 -16.82 3.13
C LEU C 383 -11.30 -15.38 2.85
N ARG C 384 -10.37 -14.45 2.93
CA ARG C 384 -10.66 -13.06 2.62
C ARG C 384 -11.28 -12.93 1.24
N GLU C 385 -10.79 -13.71 0.28
CA GLU C 385 -11.35 -13.69 -1.06
C GLU C 385 -12.79 -14.18 -1.08
N LEU C 386 -13.07 -15.25 -0.34
CA LEU C 386 -14.44 -15.76 -0.28
C LEU C 386 -15.36 -14.73 0.34
N ALA C 387 -14.91 -14.09 1.41
CA ALA C 387 -15.70 -13.03 2.03
C ALA C 387 -15.92 -11.88 1.06
N LEU C 388 -14.90 -11.54 0.27
CA LEU C 388 -15.04 -10.49 -0.72
C LEU C 388 -16.08 -10.85 -1.77
N ALA C 389 -16.05 -12.11 -2.22
CA ALA C 389 -17.08 -12.57 -3.15
C ALA C 389 -18.46 -12.45 -2.54
N ARG C 390 -18.60 -12.87 -1.28
CA ARG C 390 -19.91 -12.85 -0.63
C ARG C 390 -20.42 -11.42 -0.46
N MET C 391 -19.54 -10.49 -0.10
CA MET C 391 -19.94 -9.10 0.09
C MET C 391 -20.16 -8.37 -1.23
N LYS C 392 -19.51 -8.81 -2.31
CA LYS C 392 -19.99 -8.40 -3.64
C LYS C 392 -21.40 -8.92 -3.91
N ASP C 393 -21.66 -10.16 -3.53
CA ASP C 393 -23.01 -10.71 -3.72
C ASP C 393 -24.04 -9.90 -2.96
N LEU C 394 -23.72 -9.52 -1.73
CA LEU C 394 -24.63 -8.71 -0.93
C LEU C 394 -24.56 -7.22 -1.27
N GLY C 395 -23.60 -6.82 -2.09
CA GLY C 395 -23.50 -5.43 -2.50
C GLY C 395 -23.25 -4.46 -1.37
N ILE C 396 -22.43 -4.86 -0.39
CA ILE C 396 -22.07 -4.01 0.73
C ILE C 396 -20.54 -4.06 0.89
N GLN C 397 -19.94 -2.90 1.09
CA GLN C 397 -18.49 -2.74 1.04
C GLN C 397 -17.89 -2.57 2.43
N CYS C 398 -16.60 -2.88 2.53
CA CYS C 398 -15.84 -2.70 3.76
C CYS C 398 -14.89 -1.51 3.62
N ARG C 399 -14.42 -1.02 4.77
CA ARG C 399 -13.61 0.20 4.81
C ARG C 399 -12.33 0.00 5.59
N ASP C 400 -11.76 -1.20 5.57
CA ASP C 400 -10.55 -1.47 6.32
C ASP C 400 -9.39 -0.66 5.77
N VAL C 401 -8.43 -0.35 6.65
CA VAL C 401 -7.26 0.43 6.25
C VAL C 401 -6.44 -0.33 5.22
N ARG C 402 -6.17 -1.61 5.49
CA ARG C 402 -5.35 -2.39 4.57
C ARG C 402 -5.97 -2.48 3.19
N THR C 403 -7.30 -2.37 3.11
CA THR C 403 -8.00 -2.49 1.84
C THR C 403 -8.21 -1.15 1.16
N ARG C 404 -7.68 -0.06 1.70
CA ARG C 404 -7.85 1.25 1.08
C ARG C 404 -6.54 2.04 1.02
N GLU C 405 -5.43 1.41 1.36
CA GLU C 405 -4.12 2.03 1.14
C GLU C 405 -3.76 1.96 -0.35
N VAL C 406 -2.81 2.80 -0.74
CA VAL C 406 -2.45 2.89 -2.16
C VAL C 406 -1.84 1.58 -2.65
N GLY C 407 -1.02 0.93 -1.83
CA GLY C 407 -0.28 -0.22 -2.31
C GLY C 407 -1.20 -1.36 -2.71
N ILE C 408 -2.05 -1.81 -1.79
CA ILE C 408 -2.92 -2.94 -2.07
C ILE C 408 -3.93 -2.58 -3.15
N GLN C 409 -4.49 -1.37 -3.08
CA GLN C 409 -5.50 -0.97 -4.04
C GLN C 409 -4.92 -0.94 -5.45
N GLU C 410 -3.69 -0.45 -5.61
CA GLU C 410 -3.07 -0.46 -6.93
C GLU C 410 -2.71 -1.88 -7.36
N ILE C 411 -2.14 -2.68 -6.46
CA ILE C 411 -1.68 -4.00 -6.86
C ILE C 411 -2.84 -4.92 -7.18
N HIS C 412 -4.04 -4.63 -6.68
CA HIS C 412 -5.18 -5.51 -6.94
C HIS C 412 -6.21 -4.91 -7.88
N HIS C 413 -6.21 -3.59 -8.08
CA HIS C 413 -7.18 -2.96 -8.96
C HIS C 413 -6.58 -1.92 -9.90
N LYS C 414 -5.34 -1.49 -9.67
CA LYS C 414 -4.62 -0.59 -10.57
C LYS C 414 -5.38 0.74 -10.72
N VAL C 415 -5.55 1.41 -9.59
CA VAL C 415 -6.30 2.67 -9.53
C VAL C 415 -5.38 3.76 -9.01
N ARG C 416 -5.28 4.84 -9.75
CA ARG C 416 -4.38 5.95 -9.44
C ARG C 416 -5.12 7.05 -8.70
N PRO C 417 -4.61 7.48 -7.54
CA PRO C 417 -5.21 8.63 -6.86
C PRO C 417 -5.16 9.87 -7.74
N TYR C 418 -6.19 10.70 -7.62
CA TYR C 418 -6.32 11.86 -8.48
C TYR C 418 -6.51 13.15 -7.67
N GLN C 419 -7.22 13.05 -6.55
CA GLN C 419 -7.55 14.23 -5.75
C GLN C 419 -7.53 13.82 -4.28
N VAL C 420 -6.43 14.10 -3.60
CA VAL C 420 -6.24 13.73 -2.21
C VAL C 420 -6.46 14.94 -1.34
N GLU C 421 -7.23 14.76 -0.26
CA GLU C 421 -7.54 15.83 0.67
C GLU C 421 -7.41 15.30 2.09
N LEU C 422 -7.64 16.19 3.04
CA LEU C 422 -7.56 15.90 4.46
C LEU C 422 -8.89 15.41 4.99
N VAL C 423 -8.83 14.73 6.13
CA VAL C 423 -10.02 14.26 6.82
C VAL C 423 -9.69 14.14 8.30
N ARG C 424 -10.64 14.55 9.14
CA ARG C 424 -10.47 14.58 10.59
C ARG C 424 -11.65 13.88 11.25
N ARG C 425 -11.35 13.09 12.28
CA ARG C 425 -12.41 12.47 13.06
C ARG C 425 -11.93 12.29 14.50
N ASP C 426 -12.88 12.02 15.38
CA ASP C 426 -12.55 11.82 16.78
C ASP C 426 -13.66 11.01 17.44
N TYR C 427 -13.32 10.42 18.57
CA TYR C 427 -14.25 9.58 19.31
C TYR C 427 -13.78 9.51 20.76
N VAL C 428 -14.34 8.58 21.52
CA VAL C 428 -13.98 8.39 22.91
C VAL C 428 -13.68 6.91 23.13
N ALA C 429 -12.60 6.63 23.85
CA ALA C 429 -12.23 5.24 24.14
C ALA C 429 -11.44 5.22 25.45
N ASN C 430 -11.85 4.36 26.37
CA ASN C 430 -11.17 4.21 27.66
C ASN C 430 -11.00 5.55 28.35
N GLY C 431 -11.95 6.45 28.17
CA GLY C 431 -11.88 7.78 28.73
C GLY C 431 -11.03 8.75 27.95
N GLY C 432 -10.40 8.32 26.87
CA GLY C 432 -9.55 9.20 26.10
C GLY C 432 -10.30 9.99 25.05
N TRP C 433 -9.77 11.18 24.76
CA TRP C 433 -10.29 12.01 23.67
C TRP C 433 -9.43 11.78 22.43
N GLU C 434 -9.65 10.63 21.81
CA GLU C 434 -8.86 10.24 20.65
C GLU C 434 -9.13 11.17 19.48
N THR C 435 -8.22 11.14 18.51
CA THR C 435 -8.31 11.98 17.34
C THR C 435 -7.50 11.35 16.21
N PHE C 436 -8.09 11.33 15.02
CA PHE C 436 -7.56 10.62 13.87
C PHE C 436 -7.53 11.57 12.68
N LEU C 437 -6.38 11.65 12.02
CA LEU C 437 -6.18 12.54 10.89
C LEU C 437 -5.71 11.74 9.69
N SER C 438 -6.07 12.18 8.49
CA SER C 438 -5.60 11.45 7.32
C SER C 438 -5.61 12.34 6.09
N TYR C 439 -4.72 11.99 5.15
CA TYR C 439 -4.83 12.38 3.76
C TYR C 439 -5.19 11.17 2.92
N GLU C 440 -6.16 11.36 2.04
CA GLU C 440 -6.72 10.27 1.24
C GLU C 440 -7.54 10.86 0.10
N ASP C 441 -7.76 10.04 -0.93
CA ASP C 441 -8.63 10.43 -2.03
C ASP C 441 -9.98 9.76 -1.83
N PRO C 442 -11.05 10.53 -1.62
CA PRO C 442 -12.33 9.91 -1.23
C PRO C 442 -13.06 9.26 -2.40
N ASP C 443 -12.93 9.83 -3.60
CA ASP C 443 -13.72 9.36 -4.73
C ASP C 443 -13.45 7.90 -5.03
N GLN C 444 -12.19 7.49 -4.98
CA GLN C 444 -11.84 6.08 -5.01
C GLN C 444 -11.64 5.51 -3.61
N ASP C 445 -11.83 6.33 -2.57
CA ASP C 445 -11.66 5.90 -1.18
C ASP C 445 -10.28 5.31 -0.93
N ILE C 446 -9.28 5.84 -1.61
CA ILE C 446 -7.91 5.39 -1.45
C ILE C 446 -7.20 6.33 -0.48
N LEU C 447 -6.37 5.76 0.39
CA LEU C 447 -5.76 6.49 1.49
C LEU C 447 -4.25 6.47 1.34
N ILE C 448 -3.61 7.56 1.78
CA ILE C 448 -2.16 7.69 1.67
C ILE C 448 -1.50 7.88 3.03
N GLY C 449 -2.03 8.73 3.89
CA GLY C 449 -1.33 9.06 5.12
C GLY C 449 -2.28 9.18 6.29
N LEU C 450 -1.77 8.86 7.49
CA LEU C 450 -2.62 8.81 8.66
C LEU C 450 -1.85 9.26 9.90
N LEU C 451 -2.60 9.60 10.94
CA LEU C 451 -2.03 10.04 12.20
C LEU C 451 -3.02 9.81 13.33
N ARG C 452 -2.49 9.38 14.48
CA ARG C 452 -3.28 9.11 15.67
C ARG C 452 -2.73 9.92 16.83
N LEU C 453 -3.55 10.86 17.34
CA LEU C 453 -3.19 11.81 18.38
C LEU C 453 -4.38 12.01 19.32
N ARG C 454 -4.10 12.16 20.61
CA ARG C 454 -5.15 12.31 21.62
C ARG C 454 -4.64 13.18 22.76
N LYS C 455 -5.55 13.48 23.68
CA LYS C 455 -5.19 14.10 24.95
C LYS C 455 -4.94 13.01 25.98
N CYS C 456 -3.90 13.20 26.79
CA CYS C 456 -3.62 12.25 27.84
C CYS C 456 -4.71 12.31 28.92
N SER C 457 -4.93 11.17 29.57
CA SER C 457 -5.94 11.10 30.62
C SER C 457 -5.48 11.87 31.85
N GLU C 458 -6.44 12.20 32.71
CA GLU C 458 -6.11 12.90 33.95
C GLU C 458 -5.20 12.05 34.83
N GLU C 459 -5.48 10.76 34.91
CA GLU C 459 -4.62 9.82 35.62
C GLU C 459 -3.57 9.29 34.65
N THR C 460 -2.30 9.32 35.07
CA THR C 460 -1.20 8.87 34.23
C THR C 460 -0.17 8.16 35.11
N PHE C 461 0.71 7.43 34.44
CA PHE C 461 1.85 6.79 35.10
C PHE C 461 3.14 7.55 34.88
N ARG C 462 3.36 8.10 33.70
CA ARG C 462 4.60 8.83 33.40
C ARG C 462 4.42 10.28 33.82
N PHE C 463 5.18 10.69 34.84
CA PHE C 463 5.13 12.06 35.32
C PHE C 463 5.56 13.07 34.27
N GLU C 464 6.35 12.64 33.29
CA GLU C 464 6.77 13.55 32.22
C GLU C 464 5.58 14.11 31.48
N LEU C 465 4.44 13.43 31.55
CA LEU C 465 3.23 13.86 30.89
C LEU C 465 2.32 14.68 31.80
N GLY C 466 2.74 14.95 33.03
CA GLY C 466 1.91 15.67 33.96
C GLY C 466 1.66 17.11 33.59
N GLY C 467 0.44 17.41 33.14
CA GLY C 467 0.04 18.79 32.91
C GLY C 467 0.42 19.32 31.54
N GLY C 468 -0.58 19.81 30.79
CA GLY C 468 -0.32 20.44 29.52
C GLY C 468 0.40 19.57 28.52
N VAL C 469 0.06 18.28 28.49
CA VAL C 469 0.76 17.30 27.66
C VAL C 469 -0.27 16.55 26.83
N SER C 470 -0.01 16.47 25.53
CA SER C 470 -0.79 15.64 24.61
C SER C 470 0.16 14.72 23.86
N ILE C 471 -0.16 13.44 23.83
CA ILE C 471 0.71 12.42 23.27
C ILE C 471 0.24 12.05 21.88
N VAL C 472 1.19 11.92 20.94
CA VAL C 472 0.84 11.46 19.56
C VAL C 472 1.23 9.99 19.49
N ARG C 473 0.26 9.08 19.55
CA ARG C 473 0.58 7.62 19.63
C ARG C 473 1.38 7.16 18.40
N GLU C 474 0.95 7.50 17.19
CA GLU C 474 1.66 6.95 16.00
C GLU C 474 1.40 7.78 14.74
N LEU C 475 2.31 7.69 13.76
CA LEU C 475 2.12 8.40 12.46
C LEU C 475 2.71 7.50 11.35
N HIS C 476 2.11 7.50 10.17
CA HIS C 476 2.57 6.60 9.11
C HIS C 476 1.93 6.98 7.78
N VAL C 477 2.73 6.82 6.73
CA VAL C 477 2.28 6.94 5.35
C VAL C 477 2.62 5.63 4.64
N TYR C 478 1.63 5.05 3.97
CA TYR C 478 1.81 3.76 3.34
C TYR C 478 2.41 3.91 1.95
N GLY C 479 2.66 2.79 1.29
CA GLY C 479 3.31 2.80 0.00
C GLY C 479 4.33 1.69 -0.16
N SER C 480 5.58 2.07 -0.41
CA SER C 480 6.67 1.12 -0.59
C SER C 480 7.97 1.76 -0.10
N VAL C 481 8.99 0.93 0.06
CA VAL C 481 10.23 1.40 0.66
C VAL C 481 10.94 2.35 -0.30
N VAL C 482 11.35 3.50 0.21
CA VAL C 482 12.14 4.46 -0.54
C VAL C 482 13.40 4.77 0.28
N PRO C 483 14.59 4.55 -0.26
CA PRO C 483 15.81 4.82 0.52
C PRO C 483 15.88 6.27 0.97
N VAL C 484 16.44 6.45 2.17
CA VAL C 484 16.40 7.76 2.85
C VAL C 484 17.11 8.82 2.04
N SER C 485 18.06 8.43 1.20
CA SER C 485 18.74 9.39 0.33
C SER C 485 17.93 9.69 -0.92
N SER C 486 17.29 8.69 -1.49
CA SER C 486 16.48 8.87 -2.69
C SER C 486 15.28 9.78 -2.40
N ARG C 487 14.87 10.53 -3.41
CA ARG C 487 13.85 11.55 -3.23
C ARG C 487 12.54 11.21 -3.94
N ASP C 488 12.57 10.98 -5.25
CA ASP C 488 11.34 10.76 -6.01
C ASP C 488 11.51 9.69 -7.08
N PRO C 489 11.14 8.46 -6.79
CA PRO C 489 10.82 7.48 -7.83
C PRO C 489 9.35 7.57 -8.22
N THR C 490 8.93 8.77 -8.61
CA THR C 490 7.51 9.15 -8.65
C THR C 490 6.98 8.87 -7.24
N LYS C 491 5.84 8.20 -7.09
CA LYS C 491 5.40 7.66 -5.81
C LYS C 491 5.14 8.79 -4.80
N PHE C 492 4.89 8.45 -3.52
CA PHE C 492 4.27 9.40 -2.60
C PHE C 492 4.89 9.35 -1.20
N GLN C 493 6.18 9.05 -1.08
CA GLN C 493 6.75 8.85 0.25
C GLN C 493 7.72 9.95 0.69
N HIS C 494 8.00 10.95 -0.14
CA HIS C 494 8.90 12.00 0.30
C HIS C 494 8.47 13.39 -0.16
N GLN C 495 7.19 13.61 -0.40
CA GLN C 495 6.72 14.89 -0.89
C GLN C 495 6.48 15.90 0.22
N GLY C 496 7.02 15.67 1.41
CA GLY C 496 6.80 16.59 2.49
C GLY C 496 5.46 16.45 3.19
N PHE C 497 4.76 15.33 2.94
CA PHE C 497 3.40 15.18 3.46
C PHE C 497 3.40 15.19 4.98
N GLY C 498 4.36 14.50 5.61
CA GLY C 498 4.37 14.40 7.05
C GLY C 498 4.49 15.76 7.74
N MET C 499 5.16 16.70 7.10
CA MET C 499 5.38 18.01 7.69
C MET C 499 4.06 18.72 7.98
N LEU C 500 3.14 18.68 7.01
CA LEU C 500 1.84 19.31 7.20
C LEU C 500 1.10 18.68 8.36
N LEU C 501 1.13 17.35 8.44
CA LEU C 501 0.43 16.67 9.52
C LEU C 501 1.02 17.06 10.87
N MET C 502 2.35 17.11 10.97
CA MET C 502 2.98 17.52 12.22
C MET C 502 2.55 18.92 12.61
N GLU C 503 2.64 19.87 11.69
CA GLU C 503 2.33 21.24 12.06
C GLU C 503 0.86 21.40 12.43
N GLU C 504 -0.04 20.72 11.71
CA GLU C 504 -1.45 20.83 12.02
C GLU C 504 -1.78 20.18 13.36
N ALA C 505 -1.20 19.01 13.63
CA ALA C 505 -1.42 18.36 14.91
C ALA C 505 -0.91 19.22 16.05
N GLU C 506 0.26 19.83 15.86
CA GLU C 506 0.79 20.74 16.86
C GLU C 506 -0.17 21.90 17.09
N ARG C 507 -0.69 22.49 16.02
CA ARG C 507 -1.60 23.61 16.18
C ARG C 507 -2.85 23.20 16.94
N ILE C 508 -3.39 22.03 16.61
CA ILE C 508 -4.58 21.54 17.31
C ILE C 508 -4.30 21.35 18.78
N ALA C 509 -3.17 20.71 19.11
CA ALA C 509 -2.83 20.48 20.50
C ALA C 509 -2.63 21.78 21.25
N ARG C 510 -2.02 22.77 20.60
CA ARG C 510 -1.82 24.06 21.24
C ARG C 510 -3.15 24.75 21.51
N GLU C 511 -4.09 24.70 20.56
CA GLU C 511 -5.34 25.42 20.74
C GLU C 511 -6.44 24.54 21.33
N GLU C 512 -6.83 23.48 20.62
CA GLU C 512 -7.99 22.72 21.03
C GLU C 512 -7.70 21.90 22.28
N HIS C 513 -6.58 21.20 22.32
CA HIS C 513 -6.21 20.49 23.54
C HIS C 513 -5.92 21.46 24.67
N GLY C 514 -5.41 22.64 24.35
CA GLY C 514 -5.02 23.59 25.38
C GLY C 514 -3.89 23.09 26.25
N SER C 515 -2.99 22.30 25.70
CA SER C 515 -1.87 21.75 26.44
C SER C 515 -0.70 22.75 26.40
N GLY C 516 0.47 22.33 26.86
CA GLY C 516 1.61 23.22 26.89
C GLY C 516 2.91 22.60 26.41
N LYS C 517 2.89 21.31 26.11
CA LYS C 517 4.10 20.60 25.73
C LYS C 517 3.70 19.32 25.02
N ILE C 518 4.34 19.02 23.90
CA ILE C 518 3.97 17.87 23.09
C ILE C 518 5.05 16.80 23.23
N ALA C 519 4.62 15.58 23.55
CA ALA C 519 5.51 14.44 23.63
C ALA C 519 5.10 13.42 22.57
N VAL C 520 6.03 12.53 22.25
CA VAL C 520 5.79 11.53 21.22
C VAL C 520 6.74 10.36 21.44
N ILE C 521 6.25 9.17 21.18
CA ILE C 521 7.06 7.96 21.14
C ILE C 521 7.63 7.83 19.73
N SER C 522 8.77 7.16 19.62
CA SER C 522 9.41 7.02 18.32
C SER C 522 10.31 5.80 18.30
N GLY C 523 10.61 5.35 17.10
CA GLY C 523 11.64 4.34 16.93
C GLY C 523 13.01 4.90 17.20
N VAL C 524 13.96 4.00 17.45
CA VAL C 524 15.28 4.43 17.89
C VAL C 524 15.94 5.32 16.85
N GLY C 525 15.89 4.92 15.58
CA GLY C 525 16.45 5.78 14.53
C GLY C 525 15.62 7.01 14.29
N THR C 526 14.30 6.83 14.21
CA THR C 526 13.40 7.90 13.81
C THR C 526 13.58 9.18 14.62
N ARG C 527 14.20 9.09 15.80
CA ARG C 527 14.44 10.27 16.60
C ARG C 527 15.13 11.36 15.79
N ASN C 528 16.14 10.97 15.01
CA ASN C 528 16.87 11.97 14.22
C ASN C 528 15.92 12.76 13.33
N TYR C 529 14.91 12.09 12.78
CA TYR C 529 13.91 12.77 11.98
C TYR C 529 13.32 13.95 12.73
N TYR C 530 12.85 13.71 13.95
CA TYR C 530 12.26 14.79 14.73
C TYR C 530 13.28 15.85 15.09
N ARG C 531 14.56 15.50 15.12
CA ARG C 531 15.59 16.50 15.34
C ARG C 531 15.54 17.57 14.27
N LYS C 532 15.16 17.20 13.05
CA LYS C 532 15.04 18.16 11.97
C LYS C 532 13.94 19.19 12.23
N ILE C 533 12.98 18.86 13.10
CA ILE C 533 11.88 19.77 13.40
C ILE C 533 12.13 20.50 14.72
N GLY C 534 13.29 20.27 15.34
CA GLY C 534 13.59 20.92 16.60
C GLY C 534 13.03 20.20 17.81
N TYR C 535 12.85 18.89 17.71
CA TYR C 535 12.42 18.09 18.83
C TYR C 535 13.62 17.55 19.59
N ARG C 536 13.54 17.58 20.91
CA ARG C 536 14.66 17.14 21.74
C ARG C 536 14.24 15.94 22.59
N LEU C 537 15.22 15.14 22.98
CA LEU C 537 14.95 13.93 23.72
C LEU C 537 14.73 14.22 25.20
N GLN C 538 13.97 13.34 25.85
CA GLN C 538 13.78 13.38 27.29
C GLN C 538 13.30 12.01 27.72
N GLY C 539 14.09 11.32 28.53
CA GLY C 539 13.83 9.93 28.81
C GLY C 539 13.79 9.14 27.52
N PRO C 540 12.83 8.24 27.39
CA PRO C 540 12.60 7.56 26.11
C PRO C 540 11.63 8.28 25.17
N TYR C 541 11.29 9.53 25.45
CA TYR C 541 10.26 10.25 24.70
C TYR C 541 10.85 11.44 23.98
N MET C 542 10.51 11.61 22.72
CA MET C 542 10.83 12.84 22.03
C MET C 542 9.81 13.89 22.46
N VAL C 543 10.24 15.15 22.53
CA VAL C 543 9.38 16.18 23.11
C VAL C 543 9.74 17.53 22.53
N LYS C 544 8.74 18.40 22.45
CA LYS C 544 8.91 19.79 22.06
C LYS C 544 8.05 20.68 22.94
N MET C 545 8.65 21.77 23.39
CA MET C 545 7.91 22.78 24.12
C MET C 545 6.96 23.51 23.17
N LEU C 546 5.81 23.94 23.71
CA LEU C 546 4.77 24.47 22.85
C LEU C 546 4.70 25.99 22.82
N LYS C 547 5.27 26.67 23.82
CA LYS C 547 5.24 28.13 23.81
C LYS C 547 6.23 28.70 22.82
N TYR D 931 -51.75 -3.11 -101.83
CA TYR D 931 -53.11 -2.75 -102.23
C TYR D 931 -54.15 -3.35 -101.30
N GLN D 932 -55.02 -4.19 -101.86
CA GLN D 932 -56.21 -4.64 -101.13
C GLN D 932 -55.85 -5.17 -99.76
N ARG D 933 -55.01 -6.21 -99.71
CA ARG D 933 -54.57 -6.74 -98.43
C ARG D 933 -53.79 -5.69 -97.64
N PHE D 934 -52.94 -4.92 -98.34
CA PHE D 934 -52.21 -3.85 -97.67
C PHE D 934 -53.14 -2.77 -97.13
N THR D 935 -54.19 -2.45 -97.88
CA THR D 935 -55.18 -1.50 -97.37
C THR D 935 -55.84 -2.03 -96.10
N ILE D 936 -56.22 -3.30 -96.10
CA ILE D 936 -56.83 -3.88 -94.91
C ILE D 936 -55.84 -3.85 -93.74
N ASP D 937 -54.56 -4.08 -94.03
CA ASP D 937 -53.55 -3.99 -92.99
C ASP D 937 -53.48 -2.59 -92.39
N LYS D 938 -53.41 -1.58 -93.25
CA LYS D 938 -53.23 -0.22 -92.75
C LYS D 938 -54.48 0.31 -92.07
N TYR D 939 -55.67 -0.21 -92.43
CA TYR D 939 -56.88 0.23 -91.76
C TYR D 939 -56.95 -0.30 -90.33
N LEU D 940 -56.60 -1.57 -90.13
CA LEU D 940 -56.55 -2.14 -88.79
C LEU D 940 -55.22 -1.85 -88.10
N LYS D 941 -54.33 -1.10 -88.77
CA LYS D 941 -53.04 -0.70 -88.24
C LYS D 941 -52.05 -1.85 -88.17
N ARG D 942 -52.16 -2.81 -89.09
CA ARG D 942 -51.16 -3.87 -89.23
C ARG D 942 -49.97 -3.35 -90.04
N TYR D 943 -49.39 -2.25 -89.52
CA TYR D 943 -48.35 -1.56 -90.25
C TYR D 943 -47.13 -2.43 -90.48
N GLU D 944 -46.77 -3.28 -89.51
CA GLU D 944 -45.72 -4.25 -89.73
C GLU D 944 -46.12 -5.24 -90.82
N LYS D 945 -47.33 -5.77 -90.75
CA LYS D 945 -47.80 -6.65 -91.81
C LYS D 945 -48.03 -5.88 -93.10
N ALA D 946 -48.42 -4.61 -92.99
CA ALA D 946 -48.58 -3.78 -94.19
C ALA D 946 -47.26 -3.65 -94.94
N ILE D 947 -46.19 -3.32 -94.22
CA ILE D 947 -44.89 -3.15 -94.87
C ILE D 947 -44.34 -4.51 -95.32
N GLY D 948 -44.68 -5.59 -94.62
CA GLY D 948 -44.33 -6.91 -95.11
C GLY D 948 -44.99 -7.20 -96.45
N HIS D 949 -46.28 -6.87 -96.57
CA HIS D 949 -46.98 -7.03 -97.84
C HIS D 949 -46.35 -6.16 -98.92
N LEU D 950 -46.00 -4.91 -98.58
CA LEU D 950 -45.37 -4.03 -99.54
C LEU D 950 -44.04 -4.58 -100.03
N SER D 951 -43.21 -5.07 -99.11
CA SER D 951 -41.90 -5.60 -99.49
C SER D 951 -42.04 -6.87 -100.32
N LYS D 952 -42.94 -7.78 -99.93
CA LYS D 952 -43.09 -9.02 -100.67
C LYS D 952 -43.89 -8.86 -101.95
N CYS D 953 -44.53 -7.71 -102.17
CA CYS D 953 -45.35 -7.48 -103.35
C CYS D 953 -44.58 -6.81 -104.48
N GLY D 954 -43.29 -6.54 -104.30
CA GLY D 954 -42.47 -6.01 -105.35
C GLY D 954 -41.87 -4.65 -105.04
N PRO D 955 -40.97 -4.19 -105.92
CA PRO D 955 -40.32 -2.89 -105.71
C PRO D 955 -41.21 -1.70 -106.04
N GLU D 956 -42.41 -1.93 -106.58
CA GLU D 956 -43.32 -0.83 -106.84
C GLU D 956 -43.74 -0.12 -105.57
N TYR D 957 -43.54 -0.76 -104.42
CA TYR D 957 -43.94 -0.25 -103.12
C TYR D 957 -42.76 0.27 -102.32
N PHE D 958 -41.54 -0.03 -102.76
CA PHE D 958 -40.35 0.40 -102.03
C PHE D 958 -40.27 1.91 -101.83
N PRO D 959 -40.56 2.77 -102.81
CA PRO D 959 -40.66 4.21 -102.49
C PRO D 959 -41.70 4.49 -101.43
N GLU D 960 -42.92 3.98 -101.60
CA GLU D 960 -43.97 4.20 -100.61
C GLU D 960 -43.62 3.56 -99.27
N CYS D 961 -43.03 2.36 -99.31
CA CYS D 961 -42.64 1.70 -98.06
C CYS D 961 -41.59 2.51 -97.32
N LEU D 962 -40.60 3.04 -98.04
CA LEU D 962 -39.58 3.87 -97.42
C LEU D 962 -40.20 5.14 -96.87
N ASN D 963 -41.14 5.75 -97.61
CA ASN D 963 -41.85 6.91 -97.10
C ASN D 963 -42.52 6.60 -95.78
N LEU D 964 -43.27 5.50 -95.74
CA LEU D 964 -43.99 5.15 -94.53
C LEU D 964 -43.04 4.88 -93.37
N ILE D 965 -41.92 4.20 -93.62
CA ILE D 965 -41.07 3.79 -92.52
C ILE D 965 -40.17 4.94 -92.04
N LYS D 966 -39.82 5.90 -92.90
CA LYS D 966 -38.93 6.96 -92.46
C LYS D 966 -39.64 8.26 -92.10
N ASP D 967 -40.84 8.49 -92.63
CA ASP D 967 -41.62 9.63 -92.17
C ASP D 967 -42.00 9.45 -90.70
N LYS D 968 -42.36 8.23 -90.31
CA LYS D 968 -42.75 7.91 -88.95
C LYS D 968 -41.63 7.21 -88.19
N ASN D 969 -40.41 7.18 -88.74
CA ASN D 969 -39.25 6.57 -88.09
C ASN D 969 -39.51 5.11 -87.75
N LEU D 970 -40.23 4.41 -88.63
CA LEU D 970 -40.50 2.99 -88.47
C LEU D 970 -39.52 2.12 -89.25
N TYR D 971 -38.52 2.73 -89.89
CA TYR D 971 -37.53 1.96 -90.64
C TYR D 971 -36.71 1.04 -89.74
N ASN D 972 -36.60 1.36 -88.45
CA ASN D 972 -35.82 0.51 -87.55
C ASN D 972 -36.42 -0.88 -87.43
N GLU D 973 -37.72 -0.95 -87.13
CA GLU D 973 -38.38 -2.24 -87.04
C GLU D 973 -38.45 -2.90 -88.41
N ALA D 974 -38.59 -2.11 -89.48
CA ALA D 974 -38.61 -2.68 -90.83
C ALA D 974 -37.31 -3.41 -91.13
N LEU D 975 -36.17 -2.76 -90.87
CA LEU D 975 -34.88 -3.38 -91.14
C LEU D 975 -34.60 -4.53 -90.18
N LYS D 976 -35.07 -4.42 -88.93
CA LYS D 976 -34.95 -5.55 -88.02
C LYS D 976 -35.72 -6.76 -88.55
N LEU D 977 -36.93 -6.53 -89.06
CA LEU D 977 -37.66 -7.58 -89.75
C LEU D 977 -36.97 -7.95 -91.05
N TYR D 978 -36.44 -6.96 -91.77
CA TYR D 978 -35.77 -7.22 -93.03
C TYR D 978 -34.43 -7.91 -92.77
N SER D 979 -33.82 -8.37 -93.86
CA SER D 979 -32.54 -9.04 -93.77
C SER D 979 -31.51 -8.38 -94.68
N PRO D 980 -30.23 -8.38 -94.30
CA PRO D 980 -29.21 -7.77 -95.15
C PRO D 980 -28.98 -8.59 -96.41
N SER D 981 -29.91 -8.51 -97.36
CA SER D 981 -29.86 -9.33 -98.56
C SER D 981 -30.14 -8.52 -99.82
N SER D 982 -30.14 -7.19 -99.74
CA SER D 982 -30.39 -6.36 -100.90
C SER D 982 -29.87 -4.95 -100.62
N GLN D 983 -29.79 -4.15 -101.67
CA GLN D 983 -29.44 -2.75 -101.53
C GLN D 983 -30.46 -1.99 -100.67
N GLN D 984 -31.71 -2.45 -100.65
CA GLN D 984 -32.72 -1.80 -99.82
C GLN D 984 -32.30 -1.78 -98.35
N TYR D 985 -31.66 -2.85 -97.89
CA TYR D 985 -31.20 -2.90 -96.50
C TYR D 985 -30.21 -1.79 -96.22
N GLN D 986 -29.23 -1.60 -97.11
CA GLN D 986 -28.26 -0.54 -96.92
C GLN D 986 -28.90 0.83 -97.05
N ASP D 987 -29.88 0.98 -97.95
CA ASP D 987 -30.58 2.24 -98.06
C ASP D 987 -31.31 2.60 -96.77
N ILE D 988 -31.99 1.62 -96.17
CA ILE D 988 -32.66 1.85 -94.90
C ILE D 988 -31.65 2.16 -93.81
N SER D 989 -30.50 1.48 -93.84
CA SER D 989 -29.46 1.76 -92.84
C SER D 989 -28.94 3.18 -92.97
N ILE D 990 -28.72 3.66 -94.20
CA ILE D 990 -28.24 5.02 -94.41
C ILE D 990 -29.30 6.02 -93.98
N ALA D 991 -30.57 5.74 -94.29
CA ALA D 991 -31.64 6.63 -93.82
C ALA D 991 -31.66 6.69 -92.30
N TYR D 992 -31.53 5.54 -91.64
CA TYR D 992 -31.48 5.52 -90.18
C TYR D 992 -30.32 6.34 -89.65
N GLY D 993 -29.13 6.16 -90.24
CA GLY D 993 -27.98 6.91 -89.78
C GLY D 993 -28.15 8.41 -89.94
N GLU D 994 -28.61 8.83 -91.14
CA GLU D 994 -28.76 10.25 -91.39
C GLU D 994 -29.82 10.88 -90.49
N HIS D 995 -30.92 10.16 -90.24
CA HIS D 995 -31.91 10.68 -89.31
C HIS D 995 -31.38 10.72 -87.88
N LEU D 996 -30.53 9.77 -87.52
CA LEU D 996 -29.92 9.77 -86.20
C LEU D 996 -28.66 10.62 -86.14
N MET D 997 -28.16 11.11 -87.27
CA MET D 997 -26.98 11.97 -87.25
C MET D 997 -27.32 13.42 -86.92
N GLN D 998 -28.60 13.76 -86.79
CA GLN D 998 -29.00 15.13 -86.49
C GLN D 998 -28.73 15.43 -85.01
N GLU D 999 -27.67 16.21 -84.76
CA GLU D 999 -27.38 16.77 -83.44
C GLU D 999 -26.86 15.70 -82.48
N HIS D 1000 -26.94 14.43 -82.89
CA HIS D 1000 -26.59 13.32 -82.02
C HIS D 1000 -25.11 13.01 -82.15
N MET D 1001 -24.38 13.13 -81.04
CA MET D 1001 -23.01 12.64 -80.97
C MET D 1001 -22.94 11.13 -80.98
N TYR D 1002 -24.10 10.47 -81.04
CA TYR D 1002 -24.20 9.02 -80.96
C TYR D 1002 -23.33 8.35 -82.02
N GLU D 1003 -22.30 7.64 -81.55
CA GLU D 1003 -21.35 7.02 -82.47
C GLU D 1003 -21.97 6.03 -83.46
N PRO D 1004 -22.93 5.18 -83.08
CA PRO D 1004 -23.54 4.31 -84.10
C PRO D 1004 -24.32 5.08 -85.16
N ALA D 1005 -24.79 6.29 -84.88
CA ALA D 1005 -25.38 7.09 -85.95
C ALA D 1005 -24.36 7.38 -87.03
N GLY D 1006 -23.16 7.80 -86.63
CA GLY D 1006 -22.08 7.98 -87.58
C GLY D 1006 -21.69 6.67 -88.25
N LEU D 1007 -21.71 5.58 -87.50
CA LEU D 1007 -21.37 4.28 -88.07
C LEU D 1007 -22.36 3.88 -89.16
N MET D 1008 -23.66 4.08 -88.91
CA MET D 1008 -24.67 3.74 -89.90
C MET D 1008 -24.58 4.65 -91.12
N PHE D 1009 -24.40 5.96 -90.91
CA PHE D 1009 -24.17 6.83 -92.05
C PHE D 1009 -22.88 6.45 -92.79
N ALA D 1010 -21.95 5.81 -92.10
CA ALA D 1010 -20.69 5.40 -92.69
C ALA D 1010 -20.74 4.00 -93.30
N ARG D 1011 -21.82 3.26 -93.10
CA ARG D 1011 -21.91 1.92 -93.69
C ARG D 1011 -21.83 1.96 -95.21
N CYS D 1012 -22.15 3.08 -95.82
CA CYS D 1012 -21.99 3.29 -97.25
C CYS D 1012 -20.76 4.17 -97.50
N GLY D 1013 -20.60 4.60 -98.74
CA GLY D 1013 -19.56 5.56 -99.09
C GLY D 1013 -18.38 4.92 -99.81
N ALA D 1014 -17.41 5.77 -100.12
CA ALA D 1014 -16.19 5.30 -100.76
C ALA D 1014 -15.47 4.28 -99.89
N HIS D 1015 -15.55 4.46 -98.57
CA HIS D 1015 -15.06 3.47 -97.62
C HIS D 1015 -16.17 3.11 -96.65
N GLU D 1016 -15.83 2.39 -95.60
CA GLU D 1016 -16.77 2.19 -94.51
C GLU D 1016 -16.88 3.43 -93.62
N LYS D 1017 -16.38 4.55 -94.14
CA LYS D 1017 -16.36 5.83 -93.45
C LYS D 1017 -17.20 6.87 -94.18
N ALA D 1018 -18.35 6.43 -94.71
CA ALA D 1018 -19.34 7.29 -95.34
C ALA D 1018 -18.85 7.92 -96.64
N LEU D 1019 -19.78 8.37 -97.47
CA LEU D 1019 -19.41 9.13 -98.65
C LEU D 1019 -18.82 10.48 -98.26
N SER D 1020 -19.27 11.03 -97.14
CA SER D 1020 -18.79 12.31 -96.64
C SER D 1020 -18.06 12.11 -95.32
N ALA D 1021 -17.60 13.22 -94.76
CA ALA D 1021 -16.89 13.22 -93.48
C ALA D 1021 -17.93 13.19 -92.37
N PHE D 1022 -18.29 11.97 -91.93
CA PHE D 1022 -19.34 11.85 -90.93
C PHE D 1022 -18.91 12.42 -89.59
N LEU D 1023 -17.59 12.54 -89.34
CA LEU D 1023 -17.12 13.26 -88.17
C LEU D 1023 -17.56 14.71 -88.17
N THR D 1024 -17.95 15.23 -89.33
CA THR D 1024 -18.48 16.63 -89.36
C THR D 1024 -19.72 16.70 -88.47
N CYS D 1025 -20.38 15.57 -88.20
CA CYS D 1025 -21.51 15.62 -87.29
C CYS D 1025 -21.15 16.25 -85.96
N GLY D 1026 -19.85 16.38 -85.67
CA GLY D 1026 -19.37 16.96 -84.43
C GLY D 1026 -18.88 15.96 -83.41
N ASN D 1027 -19.02 14.67 -83.67
CA ASN D 1027 -18.58 13.64 -82.74
C ASN D 1027 -17.10 13.37 -82.97
N TRP D 1028 -16.28 13.62 -81.95
CA TRP D 1028 -14.85 13.35 -82.05
C TRP D 1028 -14.56 11.87 -82.17
N LYS D 1029 -15.45 10.99 -81.70
CA LYS D 1029 -15.24 9.56 -81.88
C LYS D 1029 -15.27 9.19 -83.36
N GLN D 1030 -16.16 9.83 -84.13
CA GLN D 1030 -16.17 9.62 -85.56
C GLN D 1030 -14.86 10.08 -86.19
N ALA D 1031 -14.32 11.20 -85.71
CA ALA D 1031 -13.03 11.67 -86.17
C ALA D 1031 -11.93 10.67 -85.86
N LEU D 1032 -11.95 10.12 -84.65
CA LEU D 1032 -10.96 9.12 -84.25
C LEU D 1032 -11.07 7.87 -85.10
N CYS D 1033 -12.29 7.45 -85.42
CA CYS D 1033 -12.49 6.32 -86.31
C CYS D 1033 -11.93 6.62 -87.71
N VAL D 1034 -12.23 7.81 -88.24
CA VAL D 1034 -11.74 8.18 -89.56
C VAL D 1034 -10.22 8.14 -89.60
N ALA D 1035 -9.58 8.82 -88.64
CA ALA D 1035 -8.13 8.81 -88.58
C ALA D 1035 -7.58 7.46 -88.17
N ALA D 1036 -8.43 6.56 -87.71
CA ALA D 1036 -8.01 5.27 -87.17
C ALA D 1036 -8.19 4.12 -88.15
N GLN D 1037 -8.97 4.30 -89.21
CA GLN D 1037 -9.15 3.25 -90.20
C GLN D 1037 -9.17 3.87 -91.59
N LEU D 1038 -8.52 3.20 -92.55
CA LEU D 1038 -8.61 3.50 -93.97
C LEU D 1038 -7.95 4.80 -94.36
N ASN D 1039 -7.47 4.87 -95.61
CA ASN D 1039 -6.97 6.10 -96.19
C ASN D 1039 -8.11 6.86 -96.85
N PHE D 1040 -7.91 8.15 -97.06
CA PHE D 1040 -8.96 9.01 -97.60
C PHE D 1040 -8.41 9.97 -98.63
N THR D 1041 -7.59 9.44 -99.54
CA THR D 1041 -7.17 10.12 -100.77
C THR D 1041 -6.26 11.31 -100.52
N LYS D 1042 -6.00 11.63 -99.25
CA LYS D 1042 -4.99 12.63 -98.95
C LYS D 1042 -3.75 11.96 -98.40
N ASP D 1043 -2.58 12.41 -98.85
CA ASP D 1043 -1.33 11.83 -98.37
C ASP D 1043 -1.20 11.96 -96.87
N GLN D 1044 -1.58 13.11 -96.31
CA GLN D 1044 -1.47 13.35 -94.88
C GLN D 1044 -2.79 13.70 -94.21
N LEU D 1045 -3.84 13.99 -94.97
CA LEU D 1045 -5.12 14.41 -94.41
C LEU D 1045 -4.94 15.63 -93.50
N VAL D 1046 -4.18 16.61 -94.02
CA VAL D 1046 -3.71 17.72 -93.19
C VAL D 1046 -4.88 18.47 -92.56
N GLY D 1047 -5.88 18.81 -93.36
CA GLY D 1047 -7.04 19.49 -92.82
C GLY D 1047 -7.76 18.65 -91.78
N LEU D 1048 -7.81 17.34 -92.00
CA LEU D 1048 -8.39 16.45 -91.01
C LEU D 1048 -7.64 16.53 -89.69
N GLY D 1049 -6.31 16.52 -89.73
CA GLY D 1049 -5.53 16.61 -88.52
C GLY D 1049 -5.71 17.94 -87.80
N ARG D 1050 -5.79 19.03 -88.57
CA ARG D 1050 -6.00 20.33 -87.94
C ARG D 1050 -7.37 20.42 -87.29
N THR D 1051 -8.41 19.94 -87.97
CA THR D 1051 -9.73 19.92 -87.36
C THR D 1051 -9.75 19.00 -86.14
N LEU D 1052 -9.03 17.89 -86.20
CA LEU D 1052 -8.94 16.97 -85.08
C LEU D 1052 -8.31 17.64 -83.87
N ALA D 1053 -7.20 18.35 -84.09
CA ALA D 1053 -6.56 19.07 -83.00
C ALA D 1053 -7.46 20.16 -82.44
N GLY D 1054 -8.15 20.88 -83.33
CA GLY D 1054 -9.07 21.92 -82.88
C GLY D 1054 -10.18 21.37 -82.02
N LYS D 1055 -10.78 20.25 -82.45
CA LYS D 1055 -11.83 19.62 -81.66
C LYS D 1055 -11.29 19.13 -80.32
N LEU D 1056 -10.11 18.51 -80.33
CA LEU D 1056 -9.52 18.02 -79.10
C LEU D 1056 -9.27 19.15 -78.12
N VAL D 1057 -8.78 20.29 -78.61
CA VAL D 1057 -8.63 21.46 -77.74
C VAL D 1057 -9.98 21.93 -77.23
N GLU D 1058 -10.98 21.98 -78.11
CA GLU D 1058 -12.31 22.38 -77.69
C GLU D 1058 -12.89 21.41 -76.67
N GLN D 1059 -12.53 20.14 -76.75
CA GLN D 1059 -13.04 19.14 -75.83
C GLN D 1059 -12.14 18.92 -74.64
N ARG D 1060 -11.02 19.65 -74.55
CA ARG D 1060 -10.07 19.53 -73.45
C ARG D 1060 -9.57 18.10 -73.28
N LYS D 1061 -9.26 17.45 -74.39
CA LYS D 1061 -8.72 16.10 -74.39
C LYS D 1061 -7.29 16.17 -74.91
N HIS D 1062 -6.33 15.88 -74.04
CA HIS D 1062 -4.91 15.99 -74.39
C HIS D 1062 -4.35 14.69 -74.93
N ILE D 1063 -5.05 14.13 -75.93
CA ILE D 1063 -4.52 12.99 -76.68
C ILE D 1063 -4.06 13.42 -78.07
N ASP D 1064 -4.26 14.69 -78.44
CA ASP D 1064 -3.71 15.18 -79.70
C ASP D 1064 -2.19 15.00 -79.75
N ALA D 1065 -1.54 14.97 -78.59
CA ALA D 1065 -0.10 14.71 -78.55
C ALA D 1065 0.14 13.23 -78.86
N ALA D 1066 -0.18 12.83 -80.08
CA ALA D 1066 -0.10 11.46 -80.53
C ALA D 1066 -0.05 11.49 -82.06
N MET D 1067 -0.34 10.35 -82.68
CA MET D 1067 -0.48 10.31 -84.13
C MET D 1067 -1.41 11.40 -84.64
N VAL D 1068 -2.32 11.88 -83.79
CA VAL D 1068 -3.21 12.97 -84.16
C VAL D 1068 -2.41 14.17 -84.65
N LEU D 1069 -1.41 14.57 -83.86
CA LEU D 1069 -0.50 15.63 -84.24
C LEU D 1069 0.83 15.11 -84.78
N GLU D 1070 1.01 13.80 -84.82
CA GLU D 1070 2.19 13.22 -85.44
C GLU D 1070 1.94 12.86 -86.90
N GLU D 1071 0.73 13.09 -87.41
CA GLU D 1071 0.43 12.89 -88.82
C GLU D 1071 0.44 14.22 -89.58
N CYS D 1072 -0.37 15.17 -89.15
CA CYS D 1072 -0.54 16.43 -89.85
C CYS D 1072 0.32 17.54 -89.27
N ALA D 1073 1.01 17.28 -88.17
CA ALA D 1073 1.92 18.22 -87.52
C ALA D 1073 3.23 17.52 -87.20
N GLN D 1074 3.80 16.87 -88.21
CA GLN D 1074 4.97 16.00 -88.05
C GLN D 1074 6.08 16.62 -87.23
N ASP D 1075 6.15 17.95 -87.16
CA ASP D 1075 7.19 18.62 -86.39
C ASP D 1075 7.14 18.20 -84.93
N TYR D 1076 8.27 17.70 -84.41
CA TYR D 1076 8.38 17.43 -82.99
C TYR D 1076 8.21 18.71 -82.18
N GLU D 1077 8.81 19.80 -82.65
CA GLU D 1077 8.73 21.07 -81.92
C GLU D 1077 7.31 21.58 -81.83
N GLU D 1078 6.57 21.54 -82.94
CA GLU D 1078 5.19 22.00 -82.91
C GLU D 1078 4.33 21.13 -82.00
N ALA D 1079 4.53 19.81 -82.04
CA ALA D 1079 3.79 18.93 -81.16
C ALA D 1079 4.12 19.21 -79.70
N VAL D 1080 5.39 19.45 -79.40
CA VAL D 1080 5.79 19.79 -78.04
C VAL D 1080 5.11 21.07 -77.59
N LEU D 1081 5.09 22.08 -78.47
CA LEU D 1081 4.40 23.32 -78.15
C LEU D 1081 2.93 23.06 -77.84
N LEU D 1082 2.25 22.34 -78.73
CA LEU D 1082 0.83 22.10 -78.57
C LEU D 1082 0.53 21.31 -77.31
N LEU D 1083 1.44 20.41 -76.92
CA LEU D 1083 1.31 19.76 -75.62
C LEU D 1083 1.52 20.76 -74.48
N LEU D 1084 2.39 21.75 -74.70
CA LEU D 1084 2.59 22.76 -73.67
C LEU D 1084 1.32 23.56 -73.43
N GLU D 1085 0.62 23.96 -74.50
CA GLU D 1085 -0.70 24.54 -74.28
C GLU D 1085 -1.66 23.52 -73.68
N GLY D 1086 -1.51 22.25 -74.07
CA GLY D 1086 -2.23 21.19 -73.38
C GLY D 1086 -1.80 21.06 -71.94
N ALA D 1087 -0.54 21.39 -71.65
CA ALA D 1087 -0.02 21.43 -70.28
C ALA D 1087 -0.17 20.08 -69.59
N ALA D 1088 0.38 19.04 -70.23
CA ALA D 1088 0.46 17.71 -69.62
C ALA D 1088 1.89 17.37 -69.22
N TRP D 1089 2.82 18.31 -69.33
CA TRP D 1089 4.22 18.03 -69.03
C TRP D 1089 4.49 17.89 -67.54
N GLU D 1090 3.52 18.20 -66.67
CA GLU D 1090 3.71 17.94 -65.25
C GLU D 1090 4.00 16.48 -64.98
N GLU D 1091 3.57 15.59 -65.87
CA GLU D 1091 4.12 14.25 -65.99
C GLU D 1091 5.04 14.24 -67.21
N ALA D 1092 6.15 13.53 -67.10
CA ALA D 1092 7.23 13.65 -68.08
C ALA D 1092 6.84 12.94 -69.36
N LEU D 1093 6.18 13.67 -70.27
CA LEU D 1093 5.99 13.14 -71.61
C LEU D 1093 7.24 13.31 -72.47
N ARG D 1094 8.13 14.22 -72.09
CA ARG D 1094 9.50 14.31 -72.59
C ARG D 1094 9.58 14.04 -74.10
N LEU D 1095 8.70 14.67 -74.85
CA LEU D 1095 8.65 14.43 -76.29
C LEU D 1095 9.96 14.82 -76.97
N VAL D 1096 10.77 15.67 -76.35
CA VAL D 1096 12.11 15.94 -76.83
C VAL D 1096 13.08 14.84 -76.41
N TYR D 1097 12.63 13.87 -75.62
CA TYR D 1097 13.44 12.72 -75.23
C TYR D 1097 14.79 13.16 -74.68
N LYS D 1098 14.75 14.13 -73.77
CA LYS D 1098 15.95 14.67 -73.14
C LYS D 1098 16.91 15.22 -74.20
N TYR D 1099 16.45 16.29 -74.86
CA TYR D 1099 17.25 17.05 -75.83
C TYR D 1099 17.56 16.24 -77.09
N ASN D 1100 16.52 15.63 -77.67
CA ASN D 1100 16.66 15.09 -79.01
C ASN D 1100 16.68 16.20 -80.05
N ARG D 1101 15.82 17.20 -79.89
CA ARG D 1101 15.72 18.30 -80.85
C ARG D 1101 16.06 19.64 -80.22
N LEU D 1102 15.41 20.01 -79.12
CA LEU D 1102 15.60 21.35 -78.55
C LEU D 1102 15.75 21.30 -77.03
N ASP D 1103 15.83 22.47 -76.40
CA ASP D 1103 16.22 22.59 -75.01
C ASP D 1103 15.03 22.82 -74.09
N ILE D 1104 15.14 22.30 -72.86
CA ILE D 1104 14.08 22.43 -71.87
C ILE D 1104 13.81 23.90 -71.57
N ILE D 1105 14.86 24.67 -71.26
CA ILE D 1105 14.68 26.08 -70.97
C ILE D 1105 14.30 26.84 -72.24
N GLU D 1106 14.98 26.54 -73.35
CA GLU D 1106 14.69 27.23 -74.60
C GLU D 1106 13.25 26.99 -75.03
N THR D 1107 12.77 25.76 -74.89
CA THR D 1107 11.34 25.48 -75.20
C THR D 1107 10.47 25.87 -73.99
N ASN D 1108 11.05 26.55 -73.01
CA ASN D 1108 10.31 27.01 -71.84
C ASN D 1108 9.57 25.85 -71.17
N VAL D 1109 10.26 24.73 -71.03
CA VAL D 1109 9.66 23.57 -70.38
C VAL D 1109 9.76 23.75 -68.88
N LYS D 1110 10.97 23.86 -68.35
CA LYS D 1110 11.14 24.15 -66.93
C LYS D 1110 10.51 25.46 -66.50
N PRO D 1111 10.64 26.57 -67.24
CA PRO D 1111 9.93 27.80 -66.81
C PRO D 1111 8.43 27.64 -66.74
N SER D 1112 7.81 27.07 -67.77
CA SER D 1112 6.36 26.87 -67.74
C SER D 1112 5.95 25.90 -66.64
N ILE D 1113 6.77 24.87 -66.42
CA ILE D 1113 6.50 23.94 -65.32
C ILE D 1113 6.51 24.67 -63.99
N LEU D 1114 7.51 25.52 -63.77
CA LEU D 1114 7.57 26.28 -62.53
C LEU D 1114 6.38 27.21 -62.39
N GLU D 1115 5.99 27.87 -63.49
CA GLU D 1115 4.84 28.77 -63.45
C GLU D 1115 3.57 28.04 -63.06
N ALA D 1116 3.28 26.94 -63.76
CA ALA D 1116 2.06 26.18 -63.48
C ALA D 1116 2.12 25.58 -62.08
N GLN D 1117 3.28 25.07 -61.67
CA GLN D 1117 3.41 24.46 -60.36
C GLN D 1117 3.17 25.49 -59.27
N LYS D 1118 3.68 26.71 -59.43
CA LYS D 1118 3.49 27.73 -58.41
C LYS D 1118 2.05 28.26 -58.41
N ASN D 1119 1.45 28.40 -59.58
CA ASN D 1119 0.04 28.80 -59.63
C ASN D 1119 -0.85 27.78 -58.93
N TYR D 1120 -0.69 26.52 -59.31
CA TYR D 1120 -1.44 25.44 -58.66
C TYR D 1120 -1.07 25.33 -57.18
N MET D 1121 0.19 25.66 -56.85
CA MET D 1121 0.66 25.70 -55.48
C MET D 1121 -0.17 26.65 -54.65
N ALA D 1122 -0.31 27.89 -55.12
CA ALA D 1122 -1.13 28.86 -54.42
C ALA D 1122 -2.61 28.48 -54.46
N PHE D 1123 -3.05 27.84 -55.54
CA PHE D 1123 -4.46 27.49 -55.66
C PHE D 1123 -4.86 26.46 -54.61
N LEU D 1124 -4.01 25.46 -54.36
CA LEU D 1124 -4.33 24.47 -53.33
C LEU D 1124 -4.39 25.10 -51.95
N ASP D 1125 -3.49 26.03 -51.66
CA ASP D 1125 -3.56 26.74 -50.39
C ASP D 1125 -4.84 27.55 -50.29
N SER D 1126 -5.24 28.20 -51.38
CA SER D 1126 -6.50 28.94 -51.40
C SER D 1126 -7.69 28.02 -51.16
N GLN D 1127 -7.68 26.84 -51.78
CA GLN D 1127 -8.77 25.89 -51.58
C GLN D 1127 -8.81 25.40 -50.14
N THR D 1128 -7.66 25.05 -49.58
CA THR D 1128 -7.58 24.60 -48.20
C THR D 1128 -7.88 25.72 -47.21
N ALA D 1129 -7.86 26.98 -47.66
CA ALA D 1129 -8.31 28.06 -46.80
C ALA D 1129 -9.78 27.90 -46.42
N THR D 1130 -10.61 27.46 -47.37
CA THR D 1130 -12.03 27.27 -47.13
C THR D 1130 -12.31 26.09 -46.20
N PHE D 1131 -11.31 25.29 -45.88
CA PHE D 1131 -11.44 24.14 -44.99
C PHE D 1131 -12.12 24.49 -43.68
N ASN D 1228 -13.52 13.90 -53.81
CA ASN D 1228 -13.34 15.35 -53.92
C ASN D 1228 -11.88 15.67 -54.22
N THR D 1229 -11.14 16.01 -53.17
CA THR D 1229 -9.72 16.32 -53.31
C THR D 1229 -8.85 15.08 -53.41
N GLU D 1230 -9.44 13.88 -53.24
CA GLU D 1230 -8.66 12.65 -53.27
C GLU D 1230 -7.94 12.47 -54.60
N ASN D 1231 -8.45 13.09 -55.67
CA ASN D 1231 -7.77 13.03 -56.95
C ASN D 1231 -6.38 13.61 -56.85
N LEU D 1232 -6.24 14.74 -56.16
CA LEU D 1232 -4.93 15.33 -55.93
C LEU D 1232 -4.19 14.66 -54.78
N LYS D 1233 -4.82 13.69 -54.12
CA LYS D 1233 -4.17 13.00 -53.02
C LYS D 1233 -2.89 12.31 -53.46
N ASP D 1234 -2.93 11.63 -54.61
CA ASP D 1234 -1.76 10.95 -55.14
C ASP D 1234 -1.24 11.54 -56.43
N GLU D 1235 -2.11 12.17 -57.23
CA GLU D 1235 -1.70 12.71 -58.52
C GLU D 1235 -0.49 13.63 -58.36
N VAL D 1236 -0.65 14.72 -57.62
CA VAL D 1236 0.50 15.57 -57.31
C VAL D 1236 1.51 14.80 -56.49
N TYR D 1237 1.04 13.92 -55.60
CA TYR D 1237 1.96 13.10 -54.81
C TYR D 1237 2.83 12.22 -55.70
N HIS D 1238 2.42 12.02 -56.96
CA HIS D 1238 3.28 11.41 -57.95
C HIS D 1238 3.67 12.38 -59.06
N ILE D 1239 3.00 13.54 -59.15
CA ILE D 1239 3.50 14.63 -59.98
C ILE D 1239 4.51 15.49 -59.22
N LEU D 1240 4.64 15.29 -57.90
CA LEU D 1240 5.70 15.97 -57.15
C LEU D 1240 7.06 15.82 -57.83
N LYS D 1241 7.26 14.70 -58.54
CA LYS D 1241 8.54 14.45 -59.19
C LYS D 1241 8.90 15.55 -60.19
N VAL D 1242 7.91 16.13 -60.87
CA VAL D 1242 8.24 17.16 -61.86
C VAL D 1242 8.94 18.32 -61.17
N LEU D 1243 8.64 18.53 -59.89
CA LEU D 1243 9.37 19.50 -59.10
C LEU D 1243 10.60 18.90 -58.46
N PHE D 1244 10.54 17.62 -58.06
CA PHE D 1244 11.73 16.98 -57.50
C PHE D 1244 12.81 16.83 -58.57
N LEU D 1245 12.43 16.48 -59.79
CA LEU D 1245 13.42 16.31 -60.84
C LEU D 1245 14.14 17.61 -61.14
N PHE D 1246 13.59 18.75 -60.75
CA PHE D 1246 14.26 20.03 -60.84
C PHE D 1246 15.03 20.29 -59.55
N GLU D 1247 15.52 21.52 -59.39
CA GLU D 1247 16.29 21.88 -58.20
C GLU D 1247 15.43 22.30 -57.02
N PHE D 1248 14.14 22.50 -57.23
CA PHE D 1248 13.28 23.07 -56.20
C PHE D 1248 12.67 21.99 -55.31
N ASP D 1249 13.52 21.12 -54.76
CA ASP D 1249 13.03 20.07 -53.88
C ASP D 1249 12.37 20.64 -52.63
N GLU D 1250 12.94 21.71 -52.09
CA GLU D 1250 12.37 22.34 -50.90
C GLU D 1250 10.93 22.76 -51.12
N GLN D 1251 10.57 23.11 -52.35
CA GLN D 1251 9.22 23.55 -52.64
C GLN D 1251 8.20 22.43 -52.51
N GLY D 1252 8.65 21.17 -52.54
CA GLY D 1252 7.73 20.06 -52.40
C GLY D 1252 6.85 20.20 -51.17
N ARG D 1253 7.48 20.20 -49.99
CA ARG D 1253 6.74 20.45 -48.77
C ARG D 1253 6.01 21.79 -48.83
N GLU D 1254 6.63 22.77 -49.47
CA GLU D 1254 6.02 24.09 -49.59
C GLU D 1254 4.66 24.04 -50.28
N LEU D 1255 4.39 22.99 -51.05
CA LEU D 1255 3.04 22.71 -51.50
C LEU D 1255 2.40 21.54 -50.78
N GLN D 1256 3.20 20.57 -50.34
CA GLN D 1256 2.66 19.39 -49.68
C GLN D 1256 1.82 19.76 -48.47
N LYS D 1257 2.09 20.90 -47.86
CA LYS D 1257 1.29 21.38 -46.73
C LYS D 1257 -0.20 21.35 -47.06
N ALA D 1258 -0.59 21.84 -48.24
CA ALA D 1258 -1.99 21.80 -48.62
C ALA D 1258 -2.48 20.36 -48.70
N PHE D 1259 -1.71 19.50 -49.37
CA PHE D 1259 -2.02 18.07 -49.37
C PHE D 1259 -2.02 17.52 -47.95
N GLU D 1260 -1.18 18.07 -47.07
CA GLU D 1260 -1.23 17.68 -45.66
C GLU D 1260 -2.50 18.19 -45.00
N ASP D 1261 -2.93 19.41 -45.34
CA ASP D 1261 -4.03 20.04 -44.62
C ASP D 1261 -5.29 19.19 -44.69
N THR D 1262 -5.70 18.81 -45.90
CA THR D 1262 -6.91 18.03 -46.07
C THR D 1262 -6.86 16.70 -45.32
N LEU D 1263 -5.68 16.29 -44.83
CA LEU D 1263 -5.59 15.07 -44.06
C LEU D 1263 -6.38 15.15 -42.76
N GLN D 1264 -6.65 16.36 -42.28
CA GLN D 1264 -7.29 16.54 -40.97
C GLN D 1264 -8.76 16.91 -41.10
N LEU D 1265 -9.47 16.32 -42.05
CA LEU D 1265 -10.90 16.54 -42.19
C LEU D 1265 -11.68 15.46 -41.44
N1A DCA F . 15.04 9.31 9.69
C2A DCA F . 15.37 10.60 9.53
N3A DCA F . 15.03 11.26 8.39
C4A DCA F . 14.36 10.61 7.43
C5A DCA F . 14.02 9.33 7.59
C6A DCA F . 14.37 8.68 8.75
N6A DCA F . 14.18 7.34 9.25
N7A DCA F . 13.35 8.94 6.49
C8A DCA F . 13.29 9.98 5.66
N9A DCA F . 13.90 11.01 6.24
C1B DCA F . 14.08 12.31 5.73
C2B DCA F . 14.49 12.25 4.49
O2B DCA F . 15.96 12.07 4.46
C3B DCA F . 14.12 13.63 3.93
O3B DCA F . 15.15 14.45 4.09
P3B DCA F . 15.67 15.28 2.74
O7A DCA F . 15.51 16.77 2.96
O8A DCA F . 17.14 14.95 2.50
O9A DCA F . 14.85 14.85 1.55
C4B DCA F . 12.90 14.12 4.82
O4B DCA F . 12.65 13.11 5.62
C5B DCA F . 11.70 14.41 3.90
O5B DCA F . 10.64 14.98 4.65
P1A DCA F . 9.12 14.41 4.33
O1A DCA F . 8.89 14.37 2.84
O2A DCA F . 8.07 15.24 5.01
O3A DCA F . 9.04 12.85 4.90
P2A DCA F . 7.65 11.94 4.78
O4A DCA F . 7.09 12.08 3.39
O5A DCA F . 6.65 12.45 5.79
O6A DCA F . 8.07 10.36 5.10
CBP DCA F . 7.25 8.80 6.72
CCP DCA F . 7.03 9.43 5.30
CDP DCA F . 6.04 7.93 7.07
CEP DCA F . 7.38 9.94 7.74
CAP DCA F . 8.56 8.00 6.69
OAP DCA F . 9.40 8.49 7.68
C9P DCA F . 8.30 6.51 6.96
O9P DCA F . 8.12 5.77 6.05
N8P DCA F . 8.31 6.02 8.33
C7P DCA F . 8.06 4.60 8.57
C6P DCA F . 7.20 4.45 9.83
C5P DCA F . 8.09 4.78 11.08
O5P DCA F . 9.11 5.37 10.94
N4P DCA F . 7.64 4.36 12.44
C3P DCA F . 8.46 4.66 13.62
C2P DCA F . 8.09 6.07 14.16
FE1 SF4 G . -1.83 -18.04 25.11
FE2 SF4 G . -2.91 -19.90 26.80
FE3 SF4 G . -0.20 -19.54 26.73
FE4 SF4 G . -1.48 -20.71 24.62
S1 SF4 G . -1.32 -21.52 26.73
S2 SF4 G . 0.11 -19.08 24.52
S3 SF4 G . -3.45 -19.55 24.61
S4 SF4 G . -1.77 -18.02 27.39
N1 5AD H . -7.03 -22.30 18.00
C2 5AD H . -7.60 -21.12 18.25
N3 5AD H . -7.05 -20.02 18.75
C4 5AD H . -5.74 -20.20 18.99
N9 5AD H . -4.87 -19.29 19.51
C8 5AD H . -3.66 -19.91 19.57
N7 5AD H . -3.69 -21.15 19.15
C5 5AD H . -5.01 -21.35 18.78
C6 5AD H . -5.71 -22.46 18.25
N6 5AD H . -5.14 -23.64 17.99
C1' 5AD H . -5.20 -17.93 19.87
C2' 5AD H . -4.50 -17.42 21.12
C3' 5AD H . -4.43 -15.92 20.82
C4' 5AD H . -4.17 -15.90 19.32
C5' 5AD H . -2.72 -15.86 18.91
O4' 5AD H . -4.77 -17.10 18.81
O2' 5AD H . -5.22 -17.71 22.29
O3' 5AD H . -5.65 -15.25 21.12
N MET I . 0.06 -16.10 24.82
CA MET I . -0.46 -14.74 24.84
C MET I . -1.82 -14.68 25.55
O MET I . -2.10 -13.72 26.26
CB MET I . -0.58 -14.20 23.41
CG MET I . -1.67 -14.86 22.58
SD MET I . -1.39 -16.62 22.38
CE MET I . 0.10 -16.62 21.40
OXT MET I . -2.66 -15.57 25.43
#